data_2MUI
#
_entry.id   2MUI
#
_entity_poly.entity_id   1
_entity_poly.type   'polypeptide(L)'
_entity_poly.pdbx_seq_one_letter_code
;MKQSSPTYLKHHFLIAMPHMADPNFAQTVTYLVEHNEQGAMGLVINRPSGLNLAEVLEQLKPDALPPARCQHIDIYNGGP
VQTDRGFVLHPSGLSYQSTLELGELAMSTSQDVLFAIAAGTGPEKSLISLGYAGWEAGQLEAELSDNAWLTCPADPAILF
DLPPEERLSAAAARLGVNLSLLTAQAGHA
;
_entity_poly.pdbx_strand_id   A
#
# COMPACT_ATOMS: atom_id res chain seq x y z
N MET A 1 -22.69 18.40 6.61
CA MET A 1 -22.58 16.95 6.33
C MET A 1 -21.16 16.59 5.88
N LYS A 2 -20.64 15.48 6.44
CA LYS A 2 -19.29 15.00 6.11
C LYS A 2 -19.35 13.86 5.10
N GLN A 3 -18.39 13.85 4.17
CA GLN A 3 -18.30 12.81 3.15
C GLN A 3 -17.27 11.74 3.53
N SER A 4 -16.13 12.19 4.06
CA SER A 4 -15.06 11.28 4.49
C SER A 4 -15.08 11.09 6.00
N SER A 5 -14.56 9.95 6.46
CA SER A 5 -14.52 9.62 7.88
C SER A 5 -13.14 9.94 8.48
N PRO A 6 -12.96 11.13 9.13
CA PRO A 6 -11.68 11.53 9.76
C PRO A 6 -11.57 11.03 11.20
N THR A 7 -12.54 10.21 11.56
CA THR A 7 -12.65 9.63 12.90
C THR A 7 -11.90 8.30 13.04
N TYR A 8 -12.10 7.42 12.05
CA TYR A 8 -11.46 6.11 12.02
C TYR A 8 -10.27 6.08 11.07
N LEU A 9 -9.35 5.13 11.32
CA LEU A 9 -8.14 4.97 10.51
C LEU A 9 -8.35 3.93 9.40
N LYS A 10 -9.47 4.03 8.69
CA LYS A 10 -9.80 3.08 7.62
C LYS A 10 -9.26 3.57 6.26
N HIS A 11 -8.27 4.48 6.31
CA HIS A 11 -7.63 5.08 5.12
C HIS A 11 -6.63 6.16 5.55
N HIS A 12 -5.68 5.79 6.40
CA HIS A 12 -4.66 6.73 6.91
C HIS A 12 -3.25 6.12 6.87
N PHE A 13 -2.23 7.00 6.88
CA PHE A 13 -0.84 6.55 6.83
C PHE A 13 -0.20 6.49 8.21
N LEU A 14 0.51 5.39 8.45
CA LEU A 14 1.26 5.18 9.69
C LEU A 14 2.74 5.31 9.40
N ILE A 15 3.46 5.96 10.32
CA ILE A 15 4.90 6.17 10.17
C ILE A 15 5.64 5.46 11.29
N ALA A 16 6.71 4.74 10.93
CA ALA A 16 7.52 4.02 11.89
C ALA A 16 8.50 4.95 12.63
N MET A 17 8.48 4.88 13.97
CA MET A 17 9.36 5.70 14.80
C MET A 17 10.40 4.85 15.54
N PRO A 18 11.57 5.43 15.98
CA PRO A 18 12.61 4.69 16.71
C PRO A 18 12.30 4.53 18.22
N HIS A 19 11.01 4.43 18.55
CA HIS A 19 10.57 4.28 19.95
C HIS A 19 10.56 2.82 20.41
N MET A 20 10.57 1.89 19.45
CA MET A 20 10.58 0.46 19.77
C MET A 20 11.93 -0.17 19.42
N ALA A 21 11.98 -1.50 19.33
CA ALA A 21 13.22 -2.22 19.02
C ALA A 21 13.30 -2.62 17.54
N ASP A 22 12.71 -1.79 16.67
CA ASP A 22 12.72 -2.05 15.23
C ASP A 22 13.57 -1.00 14.48
N PRO A 23 14.94 -1.16 14.47
CA PRO A 23 15.85 -0.21 13.77
C PRO A 23 15.85 -0.37 12.25
N ASN A 24 15.41 -1.55 11.78
CA ASN A 24 15.35 -1.86 10.35
C ASN A 24 14.05 -1.37 9.72
N PHE A 25 12.95 -1.49 10.48
CA PHE A 25 11.61 -1.10 10.04
C PHE A 25 11.28 0.34 10.48
N ALA A 26 12.25 1.01 11.13
CA ALA A 26 12.10 2.38 11.66
C ALA A 26 11.98 3.48 10.59
N GLN A 27 11.85 3.10 9.32
CA GLN A 27 11.75 4.09 8.23
C GLN A 27 10.76 3.67 7.14
N THR A 28 9.64 3.07 7.57
CA THR A 28 8.60 2.63 6.66
C THR A 28 7.26 3.26 6.99
N VAL A 29 6.38 3.34 5.98
CA VAL A 29 5.05 3.91 6.12
C VAL A 29 4.00 2.95 5.53
N THR A 30 2.93 2.73 6.31
CA THR A 30 1.86 1.83 5.92
C THR A 30 0.56 2.58 5.67
N TYR A 31 -0.28 2.00 4.82
CA TYR A 31 -1.58 2.55 4.48
C TYR A 31 -2.65 1.69 5.14
N LEU A 32 -3.44 2.31 6.01
CA LEU A 32 -4.48 1.58 6.74
C LEU A 32 -5.76 1.45 5.91
N VAL A 33 -5.99 0.21 5.46
CA VAL A 33 -7.14 -0.17 4.64
C VAL A 33 -8.45 -0.06 5.45
N GLU A 34 -8.52 -0.82 6.55
CA GLU A 34 -9.71 -0.81 7.43
C GLU A 34 -9.27 -0.94 8.88
N HIS A 35 -9.55 0.10 9.68
CA HIS A 35 -9.20 0.10 11.10
C HIS A 35 -10.40 -0.28 11.95
N ASN A 36 -10.19 -1.26 12.84
CA ASN A 36 -11.23 -1.73 13.73
C ASN A 36 -10.66 -1.98 15.12
N GLU A 37 -11.51 -1.85 16.14
CA GLU A 37 -11.11 -2.07 17.55
C GLU A 37 -10.71 -3.53 17.80
N GLN A 38 -11.12 -4.42 16.90
CA GLN A 38 -10.82 -5.85 16.99
C GLN A 38 -9.68 -6.25 16.04
N GLY A 39 -9.11 -5.26 15.34
CA GLY A 39 -8.03 -5.52 14.38
C GLY A 39 -7.97 -4.47 13.28
N ALA A 40 -6.86 -4.47 12.52
CA ALA A 40 -6.67 -3.51 11.42
C ALA A 40 -5.89 -4.11 10.25
N MET A 41 -6.32 -3.75 9.02
CA MET A 41 -5.65 -4.20 7.80
C MET A 41 -5.12 -3.02 7.03
N GLY A 42 -3.87 -3.15 6.59
CA GLY A 42 -3.22 -2.10 5.83
C GLY A 42 -2.06 -2.60 5.01
N LEU A 43 -1.70 -1.88 3.94
CA LEU A 43 -0.58 -2.31 3.08
C LEU A 43 0.59 -1.34 3.17
N VAL A 44 1.81 -1.91 3.28
CA VAL A 44 3.06 -1.12 3.33
C VAL A 44 3.29 -0.49 1.96
N ILE A 45 3.43 0.84 1.93
CA ILE A 45 3.61 1.53 0.64
C ILE A 45 4.84 2.45 0.66
N ASN A 46 5.98 1.85 0.98
CA ASN A 46 7.26 2.56 1.01
C ASN A 46 8.43 1.64 0.58
N ARG A 47 8.13 0.36 0.34
CA ARG A 47 9.15 -0.62 -0.04
C ARG A 47 8.81 -1.46 -1.30
N PRO A 48 9.14 -0.98 -2.54
CA PRO A 48 8.93 -1.79 -3.77
C PRO A 48 9.69 -3.12 -3.73
N SER A 49 9.05 -4.18 -4.24
CA SER A 49 9.63 -5.51 -4.25
C SER A 49 10.43 -5.76 -5.53
N GLY A 50 11.36 -6.73 -5.45
CA GLY A 50 12.21 -7.08 -6.59
C GLY A 50 11.67 -8.29 -7.32
N LEU A 51 10.37 -8.25 -7.63
CA LEU A 51 9.69 -9.34 -8.31
C LEU A 51 8.83 -8.79 -9.45
N ASN A 52 8.57 -9.62 -10.45
CA ASN A 52 7.74 -9.21 -11.59
C ASN A 52 6.41 -9.98 -11.59
N LEU A 53 5.40 -9.46 -12.31
CA LEU A 53 4.07 -10.10 -12.39
C LEU A 53 4.15 -11.54 -12.94
N ALA A 54 5.19 -11.80 -13.76
CA ALA A 54 5.41 -13.13 -14.35
C ALA A 54 5.66 -14.21 -13.29
N GLU A 55 6.46 -13.88 -12.27
CA GLU A 55 6.80 -14.83 -11.19
C GLU A 55 5.56 -15.22 -10.38
N VAL A 56 4.76 -14.21 -9.97
CA VAL A 56 3.52 -14.48 -9.22
C VAL A 56 2.59 -15.31 -10.10
N LEU A 57 2.48 -14.90 -11.38
CA LEU A 57 1.66 -15.61 -12.39
C LEU A 57 2.08 -17.08 -12.49
N GLU A 58 3.40 -17.30 -12.34
CA GLU A 58 3.99 -18.64 -12.40
C GLU A 58 3.76 -19.40 -11.10
N GLN A 59 3.65 -18.64 -10.00
CA GLN A 59 3.42 -19.21 -8.67
C GLN A 59 1.95 -19.60 -8.53
N LEU A 60 1.12 -18.85 -9.25
CA LEU A 60 -0.32 -19.02 -9.28
C LEU A 60 -0.73 -20.19 -10.19
N LYS A 61 -0.13 -20.24 -11.38
CA LYS A 61 -0.41 -21.30 -12.33
C LYS A 61 0.89 -21.88 -12.91
N PRO A 62 1.14 -23.20 -12.68
CA PRO A 62 2.34 -23.90 -13.17
C PRO A 62 2.25 -24.24 -14.67
N ASP A 63 1.02 -24.50 -15.12
CA ASP A 63 0.74 -24.85 -16.51
C ASP A 63 0.64 -23.59 -17.39
N ALA A 64 0.51 -22.42 -16.75
CA ALA A 64 0.42 -21.14 -17.45
C ALA A 64 1.80 -20.60 -17.81
N LEU A 65 1.87 -19.88 -18.92
CA LEU A 65 3.12 -19.29 -19.37
C LEU A 65 3.02 -17.76 -19.41
N PRO A 66 3.90 -17.03 -18.65
CA PRO A 66 3.88 -15.56 -18.61
C PRO A 66 4.39 -14.93 -19.93
N PRO A 67 3.73 -13.83 -20.44
CA PRO A 67 4.14 -13.20 -21.71
C PRO A 67 5.17 -12.08 -21.51
N ALA A 68 5.22 -11.16 -22.47
CA ALA A 68 6.14 -10.02 -22.43
C ALA A 68 5.63 -8.92 -21.48
N ARG A 69 4.31 -8.90 -21.26
CA ARG A 69 3.66 -7.89 -20.40
C ARG A 69 4.02 -8.04 -18.92
N CYS A 70 3.98 -9.28 -18.41
CA CYS A 70 4.28 -9.58 -17.00
C CYS A 70 5.73 -9.29 -16.62
N GLN A 71 6.62 -9.48 -17.60
CA GLN A 71 8.06 -9.29 -17.43
C GLN A 71 8.44 -7.84 -17.20
N HIS A 72 7.59 -6.96 -17.70
CA HIS A 72 7.78 -5.53 -17.62
C HIS A 72 6.98 -4.93 -16.45
N ILE A 73 6.39 -5.79 -15.62
CA ILE A 73 5.59 -5.36 -14.46
C ILE A 73 6.29 -5.78 -13.17
N ASP A 74 6.28 -4.86 -12.18
CA ASP A 74 6.94 -5.09 -10.89
C ASP A 74 5.95 -5.32 -9.75
N ILE A 75 6.46 -5.87 -8.64
CA ILE A 75 5.66 -6.16 -7.43
C ILE A 75 6.09 -5.24 -6.29
N TYR A 76 5.17 -4.96 -5.34
CA TYR A 76 5.46 -4.08 -4.21
C TYR A 76 5.28 -4.86 -2.89
N ASN A 77 5.98 -4.45 -1.82
CA ASN A 77 5.86 -5.12 -0.51
C ASN A 77 4.65 -4.58 0.26
N GLY A 78 3.68 -5.46 0.57
CA GLY A 78 2.49 -5.02 1.30
C GLY A 78 2.54 -5.32 2.79
N GLY A 79 3.32 -6.32 3.19
CA GLY A 79 3.47 -6.65 4.58
C GLY A 79 3.97 -8.07 4.82
N PRO A 80 3.89 -8.56 6.09
CA PRO A 80 4.34 -9.90 6.46
C PRO A 80 3.26 -10.99 6.33
N VAL A 81 2.00 -10.58 6.10
CA VAL A 81 0.88 -11.52 5.97
C VAL A 81 0.72 -12.01 4.53
N GLN A 82 0.63 -13.35 4.37
CA GLN A 82 0.46 -14.02 3.05
C GLN A 82 1.42 -13.48 1.97
N THR A 83 2.64 -14.03 1.95
CA THR A 83 3.67 -13.63 0.98
C THR A 83 3.55 -14.41 -0.34
N ASP A 84 2.64 -15.38 -0.36
CA ASP A 84 2.40 -16.23 -1.53
C ASP A 84 1.35 -15.62 -2.48
N ARG A 85 0.76 -14.48 -2.11
CA ARG A 85 -0.26 -13.85 -2.96
C ARG A 85 -0.02 -12.34 -3.15
N GLY A 86 -0.51 -11.84 -4.30
CA GLY A 86 -0.40 -10.43 -4.62
C GLY A 86 -1.72 -9.71 -4.54
N PHE A 87 -1.69 -8.56 -3.86
CA PHE A 87 -2.87 -7.70 -3.65
C PHE A 87 -3.05 -6.74 -4.82
N VAL A 88 -4.32 -6.44 -5.17
CA VAL A 88 -4.62 -5.54 -6.27
C VAL A 88 -5.54 -4.40 -5.80
N LEU A 89 -4.96 -3.21 -5.64
CA LEU A 89 -5.72 -2.02 -5.20
C LEU A 89 -5.89 -1.04 -6.36
N HIS A 90 -7.13 -0.60 -6.60
CA HIS A 90 -7.44 0.34 -7.69
C HIS A 90 -8.22 1.59 -7.17
N PRO A 91 -8.40 2.68 -8.00
CA PRO A 91 -9.12 3.90 -7.57
C PRO A 91 -10.60 3.95 -8.03
N SER A 92 -11.11 2.79 -8.49
CA SER A 92 -12.48 2.69 -9.00
C SER A 92 -13.42 2.07 -7.98
N GLY A 93 -14.73 2.30 -8.18
CA GLY A 93 -15.74 1.75 -7.30
C GLY A 93 -16.33 0.45 -7.81
N LEU A 94 -15.58 -0.24 -8.68
CA LEU A 94 -16.02 -1.52 -9.26
C LEU A 94 -15.63 -2.69 -8.36
N SER A 95 -16.38 -3.79 -8.46
CA SER A 95 -16.11 -4.97 -7.62
C SER A 95 -15.99 -6.25 -8.44
N TYR A 96 -15.28 -7.22 -7.86
CA TYR A 96 -15.04 -8.53 -8.49
C TYR A 96 -15.39 -9.66 -7.50
N GLN A 97 -14.74 -10.83 -7.64
CA GLN A 97 -14.98 -11.98 -6.75
C GLN A 97 -14.74 -11.62 -5.28
N SER A 98 -13.61 -10.95 -5.02
CA SER A 98 -13.24 -10.53 -3.68
C SER A 98 -12.72 -9.08 -3.70
N THR A 99 -13.64 -8.12 -3.67
CA THR A 99 -13.30 -6.70 -3.70
C THR A 99 -14.01 -5.92 -2.60
N LEU A 100 -13.22 -5.14 -1.87
CA LEU A 100 -13.71 -4.29 -0.79
C LEU A 100 -13.64 -2.82 -1.22
N GLU A 101 -14.77 -2.14 -1.17
CA GLU A 101 -14.82 -0.73 -1.53
C GLU A 101 -14.41 0.14 -0.34
N LEU A 102 -13.47 1.04 -0.60
CA LEU A 102 -12.94 1.96 0.40
C LEU A 102 -13.07 3.41 -0.07
N GLY A 103 -14.26 3.72 -0.58
CA GLY A 103 -14.59 5.07 -1.07
C GLY A 103 -13.76 5.47 -2.27
N GLU A 104 -12.80 6.36 -2.03
CA GLU A 104 -11.92 6.90 -3.09
C GLU A 104 -11.09 5.79 -3.80
N LEU A 105 -11.12 4.58 -3.24
CA LEU A 105 -10.38 3.43 -3.80
C LEU A 105 -11.00 2.10 -3.37
N ALA A 106 -10.80 1.08 -4.21
CA ALA A 106 -11.30 -0.27 -3.96
C ALA A 106 -10.13 -1.24 -3.83
N MET A 107 -10.35 -2.35 -3.13
CA MET A 107 -9.31 -3.36 -2.91
C MET A 107 -9.78 -4.70 -3.47
N SER A 108 -8.96 -5.29 -4.33
CA SER A 108 -9.28 -6.57 -4.96
C SER A 108 -8.21 -7.59 -4.65
N THR A 109 -8.65 -8.74 -4.15
CA THR A 109 -7.74 -9.84 -3.78
C THR A 109 -8.01 -11.09 -4.62
N SER A 110 -8.78 -10.93 -5.70
CA SER A 110 -9.13 -12.03 -6.59
C SER A 110 -8.10 -12.22 -7.70
N GLN A 111 -7.61 -13.46 -7.82
CA GLN A 111 -6.62 -13.82 -8.85
C GLN A 111 -7.20 -13.55 -10.25
N ASP A 112 -8.53 -13.66 -10.35
CA ASP A 112 -9.28 -13.40 -11.57
C ASP A 112 -9.13 -11.92 -12.00
N VAL A 113 -9.23 -11.00 -11.02
CA VAL A 113 -9.06 -9.57 -11.30
C VAL A 113 -7.60 -9.28 -11.69
N LEU A 114 -6.64 -9.98 -11.02
CA LEU A 114 -5.22 -9.83 -11.32
C LEU A 114 -4.93 -10.16 -12.79
N PHE A 115 -5.47 -11.30 -13.25
CA PHE A 115 -5.33 -11.75 -14.65
C PHE A 115 -6.09 -10.81 -15.60
N ALA A 116 -7.29 -10.37 -15.17
CA ALA A 116 -8.14 -9.48 -15.96
C ALA A 116 -7.44 -8.15 -16.23
N ILE A 117 -6.95 -7.50 -15.17
CA ILE A 117 -6.25 -6.21 -15.29
C ILE A 117 -4.95 -6.35 -16.07
N ALA A 118 -4.20 -7.41 -15.76
CA ALA A 118 -2.95 -7.68 -16.46
C ALA A 118 -3.21 -7.80 -17.96
N ALA A 119 -4.42 -8.30 -18.29
CA ALA A 119 -4.88 -8.42 -19.69
C ALA A 119 -5.50 -7.11 -20.15
N GLY A 120 -5.88 -6.29 -19.17
CA GLY A 120 -6.45 -5.00 -19.43
C GLY A 120 -7.96 -4.94 -19.34
N THR A 121 -8.55 -5.96 -18.75
CA THR A 121 -10.00 -6.03 -18.60
C THR A 121 -10.45 -5.75 -17.16
N GLY A 122 -9.51 -5.32 -16.30
CA GLY A 122 -9.83 -5.01 -14.92
C GLY A 122 -10.09 -3.51 -14.69
N PRO A 123 -9.58 -2.92 -13.58
CA PRO A 123 -9.79 -1.49 -13.26
C PRO A 123 -8.84 -0.55 -14.02
N GLU A 124 -9.07 0.76 -13.86
CA GLU A 124 -8.28 1.82 -14.52
C GLU A 124 -6.79 1.72 -14.19
N LYS A 125 -6.52 1.71 -12.87
CA LYS A 125 -5.15 1.66 -12.34
C LYS A 125 -5.15 0.77 -11.11
N SER A 126 -4.11 -0.05 -10.96
CA SER A 126 -4.04 -0.95 -9.81
C SER A 126 -2.64 -1.00 -9.19
N LEU A 127 -2.58 -1.57 -7.98
CA LEU A 127 -1.33 -1.74 -7.24
C LEU A 127 -1.19 -3.20 -6.85
N ILE A 128 -0.17 -3.86 -7.37
CA ILE A 128 0.10 -5.27 -7.05
C ILE A 128 1.18 -5.35 -5.99
N SER A 129 0.72 -5.61 -4.76
CA SER A 129 1.59 -5.68 -3.60
C SER A 129 1.45 -7.03 -2.91
N LEU A 130 2.59 -7.72 -2.76
CA LEU A 130 2.65 -9.05 -2.13
C LEU A 130 2.33 -8.97 -0.64
N GLY A 131 1.21 -9.63 -0.27
CA GLY A 131 0.76 -9.68 1.11
C GLY A 131 0.32 -8.34 1.69
N TYR A 132 -0.24 -8.40 2.90
CA TYR A 132 -0.73 -7.21 3.61
C TYR A 132 -0.16 -7.15 5.03
N ALA A 133 -0.59 -6.13 5.75
CA ALA A 133 -0.20 -5.91 7.13
C ALA A 133 -1.44 -5.96 8.01
N GLY A 134 -1.38 -6.77 9.06
CA GLY A 134 -2.52 -6.91 9.94
C GLY A 134 -2.18 -6.73 11.40
N TRP A 135 -3.09 -6.09 12.13
CA TRP A 135 -2.93 -5.84 13.56
C TRP A 135 -4.02 -6.52 14.35
N GLU A 136 -3.63 -7.14 15.48
CA GLU A 136 -4.57 -7.85 16.36
C GLU A 136 -5.26 -6.85 17.29
N ALA A 137 -6.44 -7.25 17.82
CA ALA A 137 -7.24 -6.42 18.74
C ALA A 137 -6.44 -5.88 19.93
N GLY A 138 -5.88 -4.68 19.76
CA GLY A 138 -5.11 -4.04 20.81
C GLY A 138 -3.66 -3.77 20.42
N GLN A 139 -3.14 -4.54 19.45
CA GLN A 139 -1.75 -4.39 18.96
C GLN A 139 -1.48 -2.98 18.42
N LEU A 140 -2.42 -2.45 17.62
CA LEU A 140 -2.28 -1.11 17.03
C LEU A 140 -2.38 -0.03 18.11
N GLU A 141 -3.40 -0.14 18.98
CA GLU A 141 -3.59 0.80 20.10
C GLU A 141 -2.37 0.77 21.04
N ALA A 142 -1.71 -0.41 21.10
CA ALA A 142 -0.52 -0.62 21.91
C ALA A 142 0.69 0.15 21.34
N GLU A 143 0.92 -0.03 20.02
CA GLU A 143 2.02 0.64 19.31
C GLU A 143 1.73 2.14 19.18
N LEU A 144 0.44 2.50 19.17
CA LEU A 144 -0.01 3.88 19.08
C LEU A 144 0.19 4.62 20.40
N SER A 145 -0.06 3.91 21.52
CA SER A 145 0.13 4.46 22.87
C SER A 145 1.61 4.47 23.25
N ASP A 146 2.34 3.52 22.65
CA ASP A 146 3.79 3.36 22.87
C ASP A 146 4.59 4.32 21.98
N ASN A 147 3.87 5.11 21.17
CA ASN A 147 4.45 6.09 20.22
C ASN A 147 5.37 5.40 19.18
N ALA A 148 5.05 4.13 18.87
CA ALA A 148 5.81 3.32 17.92
C ALA A 148 5.40 3.61 16.47
N TRP A 149 4.08 3.73 16.24
CA TRP A 149 3.55 4.01 14.91
C TRP A 149 2.65 5.25 14.95
N LEU A 150 3.06 6.32 14.26
CA LEU A 150 2.28 7.57 14.24
C LEU A 150 1.21 7.55 13.14
N THR A 151 0.05 8.14 13.45
CA THR A 151 -1.08 8.21 12.51
C THR A 151 -1.19 9.60 11.89
N CYS A 152 -1.41 9.64 10.57
CA CYS A 152 -1.57 10.90 9.84
C CYS A 152 -2.47 10.71 8.61
N PRO A 153 -3.15 11.79 8.09
CA PRO A 153 -4.00 11.69 6.89
C PRO A 153 -3.21 11.22 5.67
N ALA A 154 -3.90 10.67 4.66
CA ALA A 154 -3.21 10.16 3.48
C ALA A 154 -3.82 10.64 2.17
N ASP A 155 -3.06 10.42 1.09
CA ASP A 155 -3.47 10.75 -0.27
C ASP A 155 -3.11 9.56 -1.17
N PRO A 156 -4.01 9.13 -2.09
CA PRO A 156 -3.77 7.98 -2.97
C PRO A 156 -2.76 8.26 -4.09
N ALA A 157 -2.68 9.52 -4.48
CA ALA A 157 -1.75 9.97 -5.54
C ALA A 157 -0.30 9.52 -5.26
N ILE A 158 0.11 9.60 -4.00
CA ILE A 158 1.45 9.18 -3.56
C ILE A 158 1.57 7.66 -3.60
N LEU A 159 0.46 7.01 -3.26
CA LEU A 159 0.34 5.56 -3.19
C LEU A 159 0.32 4.91 -4.58
N PHE A 160 -0.34 5.59 -5.53
CA PHE A 160 -0.48 5.11 -6.91
C PHE A 160 0.71 5.49 -7.80
N ASP A 161 1.31 6.68 -7.58
CA ASP A 161 2.46 7.11 -8.40
C ASP A 161 3.78 6.55 -7.86
N LEU A 162 4.26 7.08 -6.72
CA LEU A 162 5.53 6.63 -6.13
C LEU A 162 5.46 6.56 -4.62
N PRO A 163 5.26 5.34 -4.07
CA PRO A 163 5.28 5.14 -2.63
C PRO A 163 6.68 4.74 -2.05
N PRO A 164 7.80 4.58 -2.88
CA PRO A 164 9.13 4.16 -2.37
C PRO A 164 9.88 5.25 -1.59
N GLU A 165 10.01 6.41 -2.23
CA GLU A 165 10.72 7.56 -1.68
C GLU A 165 9.79 8.75 -1.60
N GLU A 166 8.82 8.80 -2.53
CA GLU A 166 7.83 9.86 -2.58
C GLU A 166 6.86 9.75 -1.39
N ARG A 167 6.92 8.60 -0.67
CA ARG A 167 6.09 8.38 0.52
C ARG A 167 6.68 9.16 1.69
N LEU A 168 8.02 9.15 1.78
CA LEU A 168 8.74 9.88 2.82
C LEU A 168 8.65 11.39 2.53
N SER A 169 8.98 11.77 1.28
CA SER A 169 8.90 13.17 0.83
C SER A 169 7.48 13.75 1.00
N ALA A 170 6.47 13.00 0.51
CA ALA A 170 5.07 13.42 0.62
C ALA A 170 4.63 13.48 2.09
N ALA A 171 5.06 12.49 2.89
CA ALA A 171 4.72 12.43 4.32
C ALA A 171 5.15 13.72 5.03
N ALA A 172 6.40 14.16 4.74
CA ALA A 172 6.92 15.41 5.29
C ALA A 172 6.10 16.59 4.76
N ALA A 173 5.70 16.48 3.48
CA ALA A 173 4.86 17.49 2.82
C ALA A 173 3.46 17.56 3.45
N ARG A 174 3.00 16.43 4.03
CA ARG A 174 1.70 16.34 4.71
C ARG A 174 1.77 16.97 6.09
N LEU A 175 2.90 16.73 6.78
CA LEU A 175 3.15 17.27 8.13
C LEU A 175 3.38 18.78 8.09
N GLY A 176 3.98 19.27 7.00
CA GLY A 176 4.25 20.69 6.85
C GLY A 176 5.72 21.02 6.85
N VAL A 177 6.48 20.34 5.97
CA VAL A 177 7.92 20.56 5.85
C VAL A 177 8.28 20.83 4.39
N ASN A 178 9.31 21.67 4.18
CA ASN A 178 9.76 22.01 2.83
C ASN A 178 10.82 21.03 2.34
N LEU A 179 10.35 19.86 1.91
CA LEU A 179 11.20 18.77 1.40
C LEU A 179 11.67 19.04 -0.03
N SER A 180 10.88 19.82 -0.78
CA SER A 180 11.18 20.16 -2.19
C SER A 180 12.53 20.87 -2.36
N LEU A 181 12.84 21.82 -1.45
CA LEU A 181 14.11 22.57 -1.51
C LEU A 181 15.30 21.74 -0.98
N LEU A 182 15.00 20.79 -0.06
CA LEU A 182 16.03 19.92 0.53
C LEU A 182 16.48 18.82 -0.44
N THR A 183 15.53 18.29 -1.22
CA THR A 183 15.80 17.23 -2.19
C THR A 183 16.12 17.81 -3.57
N ALA A 184 15.27 18.76 -4.03
CA ALA A 184 15.41 19.44 -5.34
C ALA A 184 15.39 18.47 -6.52
N GLN A 185 14.49 18.73 -7.47
CA GLN A 185 14.33 17.90 -8.66
C GLN A 185 15.05 18.53 -9.86
N ALA A 186 15.52 17.68 -10.78
CA ALA A 186 16.22 18.13 -11.98
C ALA A 186 15.27 18.23 -13.18
N GLY A 187 15.32 19.36 -13.88
CA GLY A 187 14.47 19.59 -15.03
C GLY A 187 14.70 20.93 -15.67
N HIS A 188 13.69 21.81 -15.59
CA HIS A 188 13.77 23.16 -16.16
C HIS A 188 14.05 24.19 -15.07
N ALA A 189 14.83 25.21 -15.42
CA ALA A 189 15.18 26.28 -14.48
C ALA A 189 14.31 27.52 -14.70
N MET A 1 -12.60 9.21 2.15
CA MET A 1 -12.82 10.67 1.91
C MET A 1 -13.17 11.39 3.19
N LYS A 2 -12.49 12.52 3.43
CA LYS A 2 -12.72 13.33 4.63
C LYS A 2 -13.61 14.53 4.32
N GLN A 3 -14.86 14.47 4.79
CA GLN A 3 -15.84 15.54 4.58
C GLN A 3 -16.68 15.79 5.83
N SER A 4 -17.16 14.70 6.47
CA SER A 4 -17.97 14.79 7.68
C SER A 4 -17.44 13.85 8.77
N SER A 5 -17.00 12.65 8.38
CA SER A 5 -16.46 11.68 9.32
C SER A 5 -14.93 11.56 9.20
N PRO A 6 -14.14 12.40 9.95
CA PRO A 6 -12.67 12.37 9.90
C PRO A 6 -12.09 11.38 10.91
N THR A 7 -12.99 10.59 11.49
CA THR A 7 -12.65 9.60 12.50
C THR A 7 -12.25 8.25 11.88
N TYR A 8 -11.70 7.36 12.74
CA TYR A 8 -11.23 6.00 12.35
C TYR A 8 -10.05 6.04 11.37
N LEU A 9 -9.21 5.01 11.45
CA LEU A 9 -8.01 4.89 10.60
C LEU A 9 -8.25 3.88 9.47
N LYS A 10 -9.38 4.01 8.78
CA LYS A 10 -9.73 3.08 7.69
C LYS A 10 -9.20 3.59 6.34
N HIS A 11 -8.22 4.51 6.39
CA HIS A 11 -7.59 5.13 5.20
C HIS A 11 -6.57 6.21 5.63
N HIS A 12 -5.60 5.79 6.46
CA HIS A 12 -4.57 6.73 6.98
C HIS A 12 -3.17 6.11 6.90
N PHE A 13 -2.14 6.98 6.92
CA PHE A 13 -0.75 6.53 6.85
C PHE A 13 -0.10 6.45 8.22
N LEU A 14 0.61 5.34 8.44
CA LEU A 14 1.36 5.11 9.67
C LEU A 14 2.84 5.23 9.37
N ILE A 15 3.58 5.89 10.26
CA ILE A 15 5.01 6.08 10.07
C ILE A 15 5.76 5.45 11.25
N ALA A 16 6.80 4.68 10.94
CA ALA A 16 7.61 4.01 11.96
C ALA A 16 8.52 4.99 12.70
N MET A 17 8.44 4.97 14.03
CA MET A 17 9.26 5.85 14.88
C MET A 17 10.33 5.06 15.65
N PRO A 18 11.45 5.72 16.12
CA PRO A 18 12.52 5.03 16.87
C PRO A 18 12.18 4.81 18.36
N HIS A 19 10.89 4.84 18.69
CA HIS A 19 10.41 4.64 20.08
C HIS A 19 10.32 3.16 20.46
N MET A 20 10.26 2.29 19.43
CA MET A 20 10.16 0.84 19.65
C MET A 20 11.54 0.18 19.41
N ALA A 21 11.55 -1.15 19.26
CA ALA A 21 12.78 -1.90 19.06
C ALA A 21 12.94 -2.40 17.62
N ASP A 22 12.40 -1.63 16.66
CA ASP A 22 12.48 -1.98 15.24
C ASP A 22 13.41 -1.00 14.49
N PRO A 23 14.76 -1.24 14.49
CA PRO A 23 15.74 -0.38 13.81
C PRO A 23 15.74 -0.54 12.28
N ASN A 24 15.30 -1.73 11.82
CA ASN A 24 15.25 -2.05 10.39
C ASN A 24 13.96 -1.52 9.74
N PHE A 25 12.86 -1.60 10.49
CA PHE A 25 11.54 -1.16 10.03
C PHE A 25 11.25 0.29 10.45
N ALA A 26 12.24 0.94 11.09
CA ALA A 26 12.14 2.32 11.60
C ALA A 26 12.01 3.41 10.51
N GLN A 27 11.89 3.02 9.25
CA GLN A 27 11.79 4.00 8.16
C GLN A 27 10.79 3.58 7.08
N THR A 28 9.68 2.99 7.53
CA THR A 28 8.62 2.55 6.62
C THR A 28 7.28 3.19 6.96
N VAL A 29 6.41 3.29 5.95
CA VAL A 29 5.08 3.86 6.09
C VAL A 29 4.03 2.92 5.50
N THR A 30 2.96 2.68 6.27
CA THR A 30 1.89 1.79 5.85
C THR A 30 0.58 2.56 5.64
N TYR A 31 -0.26 1.99 4.77
CA TYR A 31 -1.56 2.56 4.47
C TYR A 31 -2.62 1.69 5.13
N LEU A 32 -3.40 2.30 6.03
CA LEU A 32 -4.43 1.57 6.76
C LEU A 32 -5.71 1.47 5.94
N VAL A 33 -5.97 0.23 5.48
CA VAL A 33 -7.13 -0.13 4.67
C VAL A 33 -8.43 -0.04 5.50
N GLU A 34 -8.49 -0.82 6.58
CA GLU A 34 -9.67 -0.84 7.46
C GLU A 34 -9.24 -0.97 8.92
N HIS A 35 -9.49 0.07 9.72
CA HIS A 35 -9.14 0.06 11.12
C HIS A 35 -10.34 -0.31 11.98
N ASN A 36 -10.14 -1.30 12.86
CA ASN A 36 -11.20 -1.76 13.75
C ASN A 36 -10.63 -2.04 15.14
N GLU A 37 -11.47 -1.92 16.16
CA GLU A 37 -11.07 -2.17 17.57
C GLU A 37 -10.70 -3.64 17.80
N GLN A 38 -11.13 -4.49 16.87
CA GLN A 38 -10.84 -5.93 16.94
C GLN A 38 -9.69 -6.32 16.00
N GLY A 39 -9.11 -5.32 15.32
CA GLY A 39 -8.01 -5.58 14.39
C GLY A 39 -7.94 -4.52 13.28
N ALA A 40 -6.82 -4.51 12.53
CA ALA A 40 -6.63 -3.54 11.43
C ALA A 40 -5.86 -4.13 10.26
N MET A 41 -6.27 -3.74 9.04
CA MET A 41 -5.60 -4.20 7.81
C MET A 41 -5.08 -3.01 7.03
N GLY A 42 -3.85 -3.15 6.55
CA GLY A 42 -3.21 -2.12 5.77
C GLY A 42 -2.07 -2.63 4.91
N LEU A 43 -1.76 -1.90 3.84
CA LEU A 43 -0.66 -2.32 2.93
C LEU A 43 0.52 -1.36 3.03
N VAL A 44 1.74 -1.93 3.17
CA VAL A 44 2.98 -1.14 3.25
C VAL A 44 3.23 -0.48 1.88
N ILE A 45 3.39 0.84 1.87
CA ILE A 45 3.58 1.57 0.62
C ILE A 45 4.82 2.47 0.64
N ASN A 46 5.96 1.86 0.94
CA ASN A 46 7.25 2.57 0.99
C ASN A 46 8.41 1.66 0.55
N ARG A 47 8.11 0.36 0.30
CA ARG A 47 9.14 -0.61 -0.09
C ARG A 47 8.79 -1.43 -1.36
N PRO A 48 9.13 -0.95 -2.59
CA PRO A 48 8.92 -1.75 -3.83
C PRO A 48 9.68 -3.07 -3.79
N SER A 49 9.05 -4.15 -4.29
CA SER A 49 9.67 -5.47 -4.31
C SER A 49 10.48 -5.70 -5.58
N GLY A 50 11.40 -6.67 -5.52
CA GLY A 50 12.26 -6.99 -6.65
C GLY A 50 11.79 -8.22 -7.41
N LEU A 51 10.47 -8.27 -7.65
CA LEU A 51 9.85 -9.39 -8.36
C LEU A 51 8.88 -8.86 -9.41
N ASN A 52 8.63 -9.65 -10.46
CA ASN A 52 7.72 -9.25 -11.53
C ASN A 52 6.39 -10.00 -11.41
N LEU A 53 5.33 -9.48 -12.07
CA LEU A 53 3.99 -10.09 -12.02
C LEU A 53 4.01 -11.54 -12.53
N ALA A 54 4.85 -11.80 -13.54
CA ALA A 54 5.01 -13.13 -14.16
C ALA A 54 5.32 -14.21 -13.12
N GLU A 55 6.12 -13.86 -12.10
CA GLU A 55 6.50 -14.80 -11.03
C GLU A 55 5.27 -15.25 -10.23
N VAL A 56 4.38 -14.29 -9.90
CA VAL A 56 3.13 -14.62 -9.18
C VAL A 56 2.31 -15.55 -10.07
N LEU A 57 2.16 -15.16 -11.35
CA LEU A 57 1.43 -15.96 -12.36
C LEU A 57 1.98 -17.38 -12.42
N GLU A 58 3.30 -17.49 -12.24
CA GLU A 58 4.00 -18.77 -12.28
C GLU A 58 3.82 -19.54 -10.97
N GLN A 59 3.63 -18.79 -9.88
CA GLN A 59 3.45 -19.36 -8.55
C GLN A 59 2.01 -19.86 -8.42
N LEU A 60 1.12 -19.17 -9.15
CA LEU A 60 -0.30 -19.46 -9.19
C LEU A 60 -0.60 -20.67 -10.09
N LYS A 61 0.05 -20.68 -11.27
CA LYS A 61 -0.09 -21.75 -12.24
C LYS A 61 1.28 -22.21 -12.74
N PRO A 62 1.66 -23.49 -12.46
CA PRO A 62 2.95 -24.07 -12.88
C PRO A 62 2.96 -24.47 -14.36
N ASP A 63 1.79 -24.89 -14.85
CA ASP A 63 1.62 -25.30 -16.25
C ASP A 63 1.42 -24.10 -17.18
N ALA A 64 1.14 -22.93 -16.58
CA ALA A 64 0.94 -21.70 -17.34
C ALA A 64 2.26 -20.98 -17.64
N LEU A 65 2.30 -20.29 -18.78
CA LEU A 65 3.48 -19.54 -19.19
C LEU A 65 3.15 -18.04 -19.25
N PRO A 66 3.90 -17.18 -18.50
CA PRO A 66 3.65 -15.73 -18.48
C PRO A 66 4.15 -15.03 -19.77
N PRO A 67 3.45 -13.98 -20.28
CA PRO A 67 3.85 -13.27 -21.49
C PRO A 67 4.74 -12.06 -21.19
N ALA A 68 4.97 -11.24 -22.22
CA ALA A 68 5.78 -10.02 -22.12
C ALA A 68 5.13 -8.98 -21.20
N ARG A 69 3.80 -9.07 -21.05
CA ARG A 69 3.02 -8.12 -20.23
C ARG A 69 3.33 -8.20 -18.72
N CYS A 70 3.19 -9.41 -18.13
CA CYS A 70 3.43 -9.60 -16.68
C CYS A 70 4.92 -9.49 -16.33
N GLN A 71 5.76 -9.79 -17.33
CA GLN A 71 7.22 -9.75 -17.18
C GLN A 71 7.73 -8.31 -17.02
N HIS A 72 7.02 -7.40 -17.67
CA HIS A 72 7.34 -5.99 -17.66
C HIS A 72 6.61 -5.24 -16.53
N ILE A 73 6.16 -6.01 -15.54
CA ILE A 73 5.45 -5.46 -14.38
C ILE A 73 6.17 -5.84 -13.08
N ASP A 74 6.22 -4.89 -12.14
CA ASP A 74 6.91 -5.07 -10.87
C ASP A 74 5.95 -5.22 -9.69
N ILE A 75 6.40 -5.93 -8.66
CA ILE A 75 5.63 -6.19 -7.44
C ILE A 75 6.06 -5.22 -6.32
N TYR A 76 5.15 -4.93 -5.38
CA TYR A 76 5.43 -4.04 -4.25
C TYR A 76 5.23 -4.80 -2.94
N ASN A 77 5.95 -4.41 -1.86
CA ASN A 77 5.83 -5.08 -0.56
C ASN A 77 4.62 -4.55 0.22
N GLY A 78 3.65 -5.43 0.53
CA GLY A 78 2.46 -4.99 1.26
C GLY A 78 2.50 -5.32 2.75
N GLY A 79 3.29 -6.33 3.13
CA GLY A 79 3.44 -6.68 4.52
C GLY A 79 3.94 -8.10 4.73
N PRO A 80 3.87 -8.61 5.98
CA PRO A 80 4.32 -9.96 6.34
C PRO A 80 3.23 -11.05 6.19
N VAL A 81 1.98 -10.63 5.92
CA VAL A 81 0.86 -11.58 5.78
C VAL A 81 0.72 -12.04 4.33
N GLN A 82 0.66 -13.38 4.14
CA GLN A 82 0.51 -14.05 2.82
C GLN A 82 1.43 -13.46 1.74
N THR A 83 2.67 -13.98 1.67
CA THR A 83 3.68 -13.53 0.69
C THR A 83 3.56 -14.28 -0.63
N ASP A 84 2.62 -15.23 -0.68
CA ASP A 84 2.38 -16.05 -1.88
C ASP A 84 1.37 -15.41 -2.84
N ARG A 85 0.77 -14.28 -2.46
CA ARG A 85 -0.23 -13.63 -3.30
C ARG A 85 0.00 -12.11 -3.44
N GLY A 86 -0.47 -11.57 -4.57
CA GLY A 86 -0.38 -10.15 -4.83
C GLY A 86 -1.73 -9.48 -4.76
N PHE A 87 -1.76 -8.36 -4.01
CA PHE A 87 -2.96 -7.55 -3.79
C PHE A 87 -3.13 -6.54 -4.91
N VAL A 88 -4.39 -6.16 -5.18
CA VAL A 88 -4.69 -5.23 -6.28
C VAL A 88 -5.57 -4.06 -5.79
N LEU A 89 -4.97 -2.88 -5.65
CA LEU A 89 -5.69 -1.68 -5.22
C LEU A 89 -5.87 -0.72 -6.39
N HIS A 90 -7.11 -0.29 -6.62
CA HIS A 90 -7.44 0.63 -7.72
C HIS A 90 -8.27 1.84 -7.21
N PRO A 91 -8.47 2.94 -8.03
CA PRO A 91 -9.24 4.12 -7.59
C PRO A 91 -10.72 4.08 -8.03
N SER A 92 -11.18 2.89 -8.46
CA SER A 92 -12.54 2.70 -8.95
C SER A 92 -13.43 2.05 -7.89
N GLY A 93 -14.75 2.22 -8.06
CA GLY A 93 -15.72 1.64 -7.15
C GLY A 93 -16.32 0.34 -7.67
N LEU A 94 -15.64 -0.29 -8.65
CA LEU A 94 -16.10 -1.55 -9.24
C LEU A 94 -15.68 -2.74 -8.38
N SER A 95 -16.43 -3.85 -8.48
CA SER A 95 -16.14 -5.05 -7.70
C SER A 95 -15.99 -6.30 -8.55
N TYR A 96 -15.29 -7.28 -7.97
CA TYR A 96 -15.03 -8.58 -8.62
C TYR A 96 -15.39 -9.71 -7.65
N GLN A 97 -14.69 -10.86 -7.75
CA GLN A 97 -14.93 -12.01 -6.87
C GLN A 97 -14.69 -11.65 -5.39
N SER A 98 -13.57 -10.97 -5.15
CA SER A 98 -13.19 -10.54 -3.81
C SER A 98 -12.64 -9.10 -3.85
N THR A 99 -13.56 -8.13 -3.84
CA THR A 99 -13.20 -6.71 -3.88
C THR A 99 -13.85 -5.91 -2.76
N LEU A 100 -13.01 -5.27 -1.95
CA LEU A 100 -13.45 -4.44 -0.84
C LEU A 100 -13.42 -2.96 -1.24
N GLU A 101 -14.57 -2.32 -1.17
CA GLU A 101 -14.67 -0.90 -1.51
C GLU A 101 -14.27 -0.04 -0.31
N LEU A 102 -13.33 0.87 -0.55
CA LEU A 102 -12.82 1.77 0.48
C LEU A 102 -12.99 3.23 0.03
N GLY A 103 -14.20 3.53 -0.46
CA GLY A 103 -14.55 4.87 -0.91
C GLY A 103 -13.78 5.30 -2.14
N GLU A 104 -12.85 6.23 -1.92
CA GLU A 104 -12.01 6.79 -3.01
C GLU A 104 -11.16 5.73 -3.73
N LEU A 105 -11.12 4.51 -3.16
CA LEU A 105 -10.35 3.40 -3.73
C LEU A 105 -10.92 2.04 -3.30
N ALA A 106 -10.69 1.03 -4.14
CA ALA A 106 -11.17 -0.33 -3.89
C ALA A 106 -9.97 -1.29 -3.84
N MET A 107 -10.17 -2.46 -3.21
CA MET A 107 -9.10 -3.46 -3.09
C MET A 107 -9.62 -4.80 -3.62
N SER A 108 -8.77 -5.52 -4.35
CA SER A 108 -9.15 -6.80 -4.92
C SER A 108 -8.07 -7.84 -4.66
N THR A 109 -8.51 -9.00 -4.21
CA THR A 109 -7.62 -10.12 -3.90
C THR A 109 -7.90 -11.32 -4.81
N SER A 110 -8.62 -11.07 -5.91
CA SER A 110 -8.98 -12.11 -6.87
C SER A 110 -7.92 -12.28 -7.97
N GLN A 111 -7.48 -13.52 -8.14
CA GLN A 111 -6.49 -13.86 -9.17
C GLN A 111 -7.05 -13.52 -10.57
N ASP A 112 -8.39 -13.59 -10.67
CA ASP A 112 -9.12 -13.28 -11.90
C ASP A 112 -8.99 -11.78 -12.24
N VAL A 113 -9.09 -10.91 -11.21
CA VAL A 113 -8.92 -9.47 -11.41
C VAL A 113 -7.48 -9.15 -11.81
N LEU A 114 -6.50 -9.84 -11.16
CA LEU A 114 -5.08 -9.66 -11.46
C LEU A 114 -4.79 -9.97 -12.94
N PHE A 115 -5.32 -11.11 -13.42
CA PHE A 115 -5.17 -11.53 -14.81
C PHE A 115 -5.97 -10.62 -15.75
N ALA A 116 -7.16 -10.21 -15.31
CA ALA A 116 -8.05 -9.33 -16.09
C ALA A 116 -7.37 -7.98 -16.35
N ILE A 117 -6.88 -7.33 -15.28
CA ILE A 117 -6.20 -6.04 -15.40
C ILE A 117 -4.91 -6.15 -16.19
N ALA A 118 -4.14 -7.21 -15.91
CA ALA A 118 -2.89 -7.47 -16.62
C ALA A 118 -3.18 -7.57 -18.13
N ALA A 119 -4.40 -8.08 -18.44
CA ALA A 119 -4.87 -8.20 -19.82
C ALA A 119 -5.50 -6.88 -20.27
N GLY A 120 -5.87 -6.08 -19.28
CA GLY A 120 -6.45 -4.77 -19.52
C GLY A 120 -7.95 -4.72 -19.41
N THR A 121 -8.54 -5.75 -18.82
CA THR A 121 -9.99 -5.84 -18.66
C THR A 121 -10.42 -5.57 -17.21
N GLY A 122 -9.47 -5.16 -16.35
CA GLY A 122 -9.78 -4.87 -14.97
C GLY A 122 -10.05 -3.38 -14.72
N PRO A 123 -9.53 -2.80 -13.59
CA PRO A 123 -9.75 -1.38 -13.25
C PRO A 123 -8.80 -0.43 -13.98
N GLU A 124 -9.13 0.88 -13.88
CA GLU A 124 -8.38 1.97 -14.51
C GLU A 124 -6.87 1.91 -14.18
N LYS A 125 -6.57 1.96 -12.88
CA LYS A 125 -5.19 1.91 -12.38
C LYS A 125 -5.16 1.05 -11.13
N SER A 126 -4.13 0.22 -10.97
CA SER A 126 -4.05 -0.65 -9.80
C SER A 126 -2.64 -0.71 -9.20
N LEU A 127 -2.58 -1.31 -8.01
CA LEU A 127 -1.32 -1.51 -7.27
C LEU A 127 -1.21 -2.98 -6.88
N ILE A 128 -0.16 -3.65 -7.38
CA ILE A 128 0.06 -5.05 -7.05
C ILE A 128 1.10 -5.15 -5.94
N SER A 129 0.59 -5.39 -4.73
CA SER A 129 1.43 -5.48 -3.55
C SER A 129 1.31 -6.86 -2.91
N LEU A 130 2.46 -7.54 -2.77
CA LEU A 130 2.54 -8.88 -2.19
C LEU A 130 2.18 -8.88 -0.71
N GLY A 131 1.07 -9.55 -0.39
CA GLY A 131 0.58 -9.65 0.98
C GLY A 131 0.13 -8.33 1.59
N TYR A 132 -0.39 -8.41 2.81
CA TYR A 132 -0.86 -7.23 3.55
C TYR A 132 -0.25 -7.20 4.96
N ALA A 133 -0.65 -6.17 5.70
CA ALA A 133 -0.22 -5.97 7.07
C ALA A 133 -1.44 -6.00 7.97
N GLY A 134 -1.38 -6.81 9.02
CA GLY A 134 -2.49 -6.93 9.92
C GLY A 134 -2.12 -6.74 11.38
N TRP A 135 -3.06 -6.18 12.15
CA TRP A 135 -2.86 -5.94 13.58
C TRP A 135 -3.98 -6.57 14.38
N GLU A 136 -3.60 -7.22 15.49
CA GLU A 136 -4.55 -7.90 16.39
C GLU A 136 -5.25 -6.89 17.30
N ALA A 137 -6.42 -7.28 17.82
CA ALA A 137 -7.23 -6.43 18.71
C ALA A 137 -6.45 -5.88 19.93
N GLY A 138 -5.89 -4.68 19.75
CA GLY A 138 -5.12 -4.04 20.82
C GLY A 138 -3.68 -3.77 20.44
N GLN A 139 -3.15 -4.57 19.49
CA GLN A 139 -1.75 -4.44 19.03
C GLN A 139 -1.46 -3.03 18.47
N LEU A 140 -2.39 -2.50 17.65
CA LEU A 140 -2.23 -1.17 17.05
C LEU A 140 -2.33 -0.08 18.12
N GLU A 141 -3.35 -0.18 18.99
CA GLU A 141 -3.55 0.77 20.09
C GLU A 141 -2.33 0.74 21.04
N ALA A 142 -1.68 -0.44 21.10
CA ALA A 142 -0.50 -0.66 21.94
C ALA A 142 0.70 0.10 21.36
N GLU A 143 0.95 -0.08 20.04
CA GLU A 143 2.06 0.58 19.35
C GLU A 143 1.78 2.10 19.21
N LEU A 144 0.48 2.45 19.19
CA LEU A 144 0.03 3.84 19.09
C LEU A 144 0.23 4.57 20.42
N SER A 145 -0.02 3.86 21.53
CA SER A 145 0.16 4.41 22.89
C SER A 145 1.64 4.43 23.26
N ASP A 146 2.38 3.47 22.68
CA ASP A 146 3.81 3.32 22.89
C ASP A 146 4.62 4.27 22.00
N ASN A 147 3.90 5.06 21.19
CA ASN A 147 4.49 6.04 20.24
C ASN A 147 5.40 5.35 19.21
N ALA A 148 5.09 4.09 18.90
CA ALA A 148 5.85 3.29 17.95
C ALA A 148 5.45 3.57 16.50
N TRP A 149 4.13 3.69 16.26
CA TRP A 149 3.60 3.95 14.92
C TRP A 149 2.73 5.22 14.95
N LEU A 150 3.19 6.29 14.27
CA LEU A 150 2.45 7.56 14.23
C LEU A 150 1.38 7.55 13.14
N THR A 151 0.23 8.17 13.45
CA THR A 151 -0.89 8.25 12.50
C THR A 151 -0.98 9.64 11.88
N CYS A 152 -1.18 9.68 10.56
CA CYS A 152 -1.29 10.94 9.81
C CYS A 152 -2.21 10.75 8.59
N PRO A 153 -3.03 11.79 8.19
CA PRO A 153 -3.92 11.69 7.00
C PRO A 153 -3.14 11.28 5.76
N ALA A 154 -3.82 10.72 4.76
CA ALA A 154 -3.14 10.23 3.56
C ALA A 154 -3.77 10.73 2.26
N ASP A 155 -3.02 10.52 1.17
CA ASP A 155 -3.43 10.87 -0.19
C ASP A 155 -3.08 9.68 -1.10
N PRO A 156 -4.00 9.25 -2.02
CA PRO A 156 -3.75 8.09 -2.90
C PRO A 156 -2.76 8.38 -4.02
N ALA A 157 -2.66 9.64 -4.40
CA ALA A 157 -1.74 10.10 -5.46
C ALA A 157 -0.29 9.63 -5.21
N ILE A 158 0.13 9.70 -3.94
CA ILE A 158 1.48 9.27 -3.52
C ILE A 158 1.59 7.74 -3.56
N LEU A 159 0.47 7.10 -3.24
CA LEU A 159 0.34 5.65 -3.16
C LEU A 159 0.30 5.02 -4.56
N PHE A 160 -0.37 5.70 -5.50
CA PHE A 160 -0.50 5.24 -6.87
C PHE A 160 0.68 5.62 -7.78
N ASP A 161 1.31 6.79 -7.54
CA ASP A 161 2.45 7.22 -8.37
C ASP A 161 3.77 6.64 -7.84
N LEU A 162 4.26 7.16 -6.70
CA LEU A 162 5.52 6.70 -6.11
C LEU A 162 5.47 6.63 -4.60
N PRO A 163 5.26 5.40 -4.06
CA PRO A 163 5.29 5.20 -2.62
C PRO A 163 6.69 4.77 -2.06
N PRO A 164 7.79 4.63 -2.89
CA PRO A 164 9.12 4.18 -2.38
C PRO A 164 9.88 5.27 -1.60
N GLU A 165 10.02 6.43 -2.23
CA GLU A 165 10.75 7.57 -1.67
C GLU A 165 9.82 8.77 -1.57
N GLU A 166 8.85 8.82 -2.51
CA GLU A 166 7.86 9.90 -2.55
C GLU A 166 6.89 9.78 -1.36
N ARG A 167 6.94 8.63 -0.65
CA ARG A 167 6.12 8.40 0.55
C ARG A 167 6.72 9.18 1.72
N LEU A 168 8.05 9.14 1.82
CA LEU A 168 8.78 9.85 2.87
C LEU A 168 8.70 11.37 2.60
N SER A 169 9.03 11.76 1.34
CA SER A 169 8.98 13.16 0.91
C SER A 169 7.57 13.75 1.08
N ALA A 170 6.55 13.03 0.57
CA ALA A 170 5.15 13.46 0.68
C ALA A 170 4.70 13.51 2.13
N ALA A 171 5.13 12.51 2.93
CA ALA A 171 4.80 12.45 4.36
C ALA A 171 5.23 13.74 5.07
N ALA A 172 6.47 14.19 4.78
CA ALA A 172 7.00 15.44 5.33
C ALA A 172 6.16 16.61 4.84
N ALA A 173 5.76 16.53 3.54
CA ALA A 173 4.92 17.53 2.90
C ALA A 173 3.52 17.59 3.53
N ARG A 174 3.07 16.45 4.09
CA ARG A 174 1.76 16.35 4.77
C ARG A 174 1.85 16.96 6.16
N LEU A 175 2.96 16.70 6.85
CA LEU A 175 3.21 17.21 8.20
C LEU A 175 3.39 18.73 8.21
N GLY A 176 3.97 19.26 7.13
CA GLY A 176 4.19 20.70 7.02
C GLY A 176 5.62 21.08 6.66
N VAL A 177 6.21 20.31 5.74
CA VAL A 177 7.58 20.55 5.29
C VAL A 177 7.61 20.58 3.76
N ASN A 178 8.29 21.59 3.20
CA ASN A 178 8.39 21.75 1.74
C ASN A 178 9.60 20.98 1.18
N LEU A 179 9.37 19.69 0.95
CA LEU A 179 10.39 18.78 0.41
C LEU A 179 10.58 18.95 -1.10
N SER A 180 9.52 19.42 -1.80
CA SER A 180 9.54 19.62 -3.25
C SER A 180 10.65 20.59 -3.70
N LEU A 181 10.79 21.71 -2.98
CA LEU A 181 11.82 22.73 -3.30
C LEU A 181 13.22 22.30 -2.83
N LEU A 182 13.25 21.46 -1.78
CA LEU A 182 14.51 20.96 -1.21
C LEU A 182 15.11 19.84 -2.07
N THR A 183 14.23 19.08 -2.76
CA THR A 183 14.66 17.98 -3.64
C THR A 183 14.89 18.46 -5.06
N ALA A 184 13.91 19.21 -5.59
CA ALA A 184 13.98 19.75 -6.95
C ALA A 184 13.67 21.24 -6.98
N GLN A 185 14.65 22.02 -7.43
CA GLN A 185 14.51 23.48 -7.51
C GLN A 185 14.20 23.92 -8.94
N ALA A 186 13.26 24.85 -9.08
CA ALA A 186 12.86 25.38 -10.39
C ALA A 186 12.95 26.90 -10.42
N GLY A 187 13.50 27.43 -11.53
CA GLY A 187 13.64 28.86 -11.69
C GLY A 187 14.78 29.23 -12.61
N HIS A 188 15.68 30.09 -12.14
CA HIS A 188 16.84 30.54 -12.92
C HIS A 188 18.10 29.77 -12.51
N ALA A 189 18.27 29.54 -11.21
CA ALA A 189 19.42 28.82 -10.68
C ALA A 189 19.07 27.36 -10.38
N MET A 1 -19.01 20.98 6.37
CA MET A 1 -19.04 19.62 5.77
C MET A 1 -17.65 19.00 5.74
N LYS A 2 -17.56 17.75 6.18
CA LYS A 2 -16.28 17.02 6.20
C LYS A 2 -16.17 16.08 5.01
N GLN A 3 -14.97 16.05 4.41
CA GLN A 3 -14.70 15.18 3.25
C GLN A 3 -13.97 13.91 3.68
N SER A 4 -13.00 14.05 4.58
CA SER A 4 -12.21 12.93 5.09
C SER A 4 -12.72 12.48 6.46
N SER A 5 -12.49 11.21 6.79
CA SER A 5 -12.92 10.63 8.06
C SER A 5 -11.77 10.64 9.09
N PRO A 6 -11.70 11.65 10.01
CA PRO A 6 -10.64 11.73 11.03
C PRO A 6 -11.00 10.95 12.30
N THR A 7 -12.08 10.19 12.18
CA THR A 7 -12.61 9.38 13.28
C THR A 7 -12.02 7.97 13.31
N TYR A 8 -11.98 7.33 12.14
CA TYR A 8 -11.43 5.98 12.02
C TYR A 8 -10.21 5.95 11.10
N LEU A 9 -9.33 4.97 11.33
CA LEU A 9 -8.10 4.79 10.54
C LEU A 9 -8.30 3.74 9.46
N LYS A 10 -9.44 3.79 8.77
CA LYS A 10 -9.77 2.81 7.72
C LYS A 10 -9.26 3.27 6.34
N HIS A 11 -8.27 4.19 6.35
CA HIS A 11 -7.65 4.76 5.13
C HIS A 11 -6.65 5.87 5.52
N HIS A 12 -5.69 5.53 6.39
CA HIS A 12 -4.68 6.51 6.85
C HIS A 12 -3.27 5.92 6.80
N PHE A 13 -2.26 6.81 6.80
CA PHE A 13 -0.86 6.37 6.74
C PHE A 13 -0.20 6.33 8.11
N LEU A 14 0.57 5.26 8.31
CA LEU A 14 1.35 5.06 9.53
C LEU A 14 2.83 5.21 9.22
N ILE A 15 3.57 5.84 10.12
CA ILE A 15 5.00 6.04 9.93
C ILE A 15 5.77 5.49 11.13
N ALA A 16 6.85 4.76 10.84
CA ALA A 16 7.70 4.14 11.87
C ALA A 16 8.53 5.19 12.63
N MET A 17 8.36 5.21 13.95
CA MET A 17 9.07 6.15 14.82
C MET A 17 10.20 5.44 15.60
N PRO A 18 11.27 6.17 16.06
CA PRO A 18 12.38 5.56 16.82
C PRO A 18 12.05 5.36 18.31
N HIS A 19 10.77 5.10 18.61
CA HIS A 19 10.31 4.89 19.99
C HIS A 19 10.45 3.43 20.43
N MET A 20 10.58 2.51 19.46
CA MET A 20 10.72 1.08 19.77
C MET A 20 12.09 0.56 19.31
N ALA A 21 12.26 -0.78 19.33
CA ALA A 21 13.52 -1.40 18.95
C ALA A 21 13.42 -2.07 17.57
N ASP A 22 12.78 -1.36 16.62
CA ASP A 22 12.61 -1.87 15.26
C ASP A 22 13.47 -1.05 14.27
N PRO A 23 14.80 -1.38 14.13
CA PRO A 23 15.72 -0.67 13.21
C PRO A 23 15.52 -1.06 11.74
N ASN A 24 14.94 -2.25 11.52
CA ASN A 24 14.68 -2.78 10.18
C ASN A 24 13.38 -2.24 9.59
N PHE A 25 12.36 -2.08 10.45
CA PHE A 25 11.05 -1.58 10.04
C PHE A 25 10.95 -0.06 10.16
N ALA A 26 12.07 0.60 10.51
CA ALA A 26 12.13 2.05 10.64
C ALA A 26 11.97 2.76 9.29
N GLN A 27 11.67 4.07 9.36
CA GLN A 27 11.48 4.95 8.18
C GLN A 27 10.54 4.36 7.10
N THR A 28 9.54 3.58 7.52
CA THR A 28 8.58 2.99 6.57
C THR A 28 7.18 3.53 6.83
N VAL A 29 6.35 3.52 5.78
CA VAL A 29 4.98 4.02 5.86
C VAL A 29 3.98 2.96 5.34
N THR A 30 2.93 2.73 6.12
CA THR A 30 1.89 1.77 5.78
C THR A 30 0.55 2.47 5.54
N TYR A 31 -0.28 1.85 4.71
CA TYR A 31 -1.61 2.35 4.40
C TYR A 31 -2.63 1.48 5.12
N LEU A 32 -3.40 2.09 6.02
CA LEU A 32 -4.40 1.36 6.79
C LEU A 32 -5.68 1.18 5.98
N VAL A 33 -5.89 -0.09 5.57
CA VAL A 33 -7.04 -0.53 4.76
C VAL A 33 -8.35 -0.37 5.56
N GLU A 34 -8.43 -1.07 6.70
CA GLU A 34 -9.61 -1.03 7.56
C GLU A 34 -9.20 -1.15 9.02
N HIS A 35 -9.46 -0.09 9.81
CA HIS A 35 -9.12 -0.08 11.23
C HIS A 35 -10.34 -0.43 12.07
N ASN A 36 -10.16 -1.42 12.96
CA ASN A 36 -11.24 -1.87 13.83
C ASN A 36 -10.70 -2.13 15.24
N GLU A 37 -11.57 -1.99 16.25
CA GLU A 37 -11.21 -2.22 17.66
C GLU A 37 -10.83 -3.69 17.91
N GLN A 38 -11.25 -4.57 17.00
CA GLN A 38 -10.96 -6.00 17.09
C GLN A 38 -9.82 -6.40 16.15
N GLY A 39 -9.16 -5.40 15.54
CA GLY A 39 -8.06 -5.67 14.61
C GLY A 39 -7.98 -4.64 13.49
N ALA A 40 -6.85 -4.63 12.77
CA ALA A 40 -6.66 -3.68 11.66
C ALA A 40 -5.83 -4.30 10.52
N MET A 41 -6.18 -3.90 9.29
CA MET A 41 -5.46 -4.36 8.09
C MET A 41 -4.97 -3.19 7.28
N GLY A 42 -3.72 -3.31 6.81
CA GLY A 42 -3.12 -2.27 6.00
C GLY A 42 -1.98 -2.80 5.14
N LEU A 43 -1.68 -2.10 4.04
CA LEU A 43 -0.59 -2.52 3.14
C LEU A 43 0.58 -1.56 3.21
N VAL A 44 1.80 -2.12 3.33
CA VAL A 44 3.04 -1.33 3.37
C VAL A 44 3.27 -0.70 1.98
N ILE A 45 3.39 0.62 1.92
CA ILE A 45 3.57 1.30 0.63
C ILE A 45 4.79 2.23 0.62
N ASN A 46 5.94 1.70 1.02
CA ASN A 46 7.18 2.47 1.03
C ASN A 46 8.38 1.58 0.65
N ARG A 47 8.13 0.28 0.41
CA ARG A 47 9.18 -0.68 0.06
C ARG A 47 8.86 -1.52 -1.21
N PRO A 48 9.19 -1.04 -2.45
CA PRO A 48 9.00 -1.84 -3.69
C PRO A 48 9.77 -3.16 -3.66
N SER A 49 9.18 -4.22 -4.24
CA SER A 49 9.80 -5.54 -4.28
C SER A 49 10.57 -5.74 -5.59
N GLY A 50 11.51 -6.69 -5.56
CA GLY A 50 12.32 -7.00 -6.73
C GLY A 50 11.80 -8.21 -7.47
N LEU A 51 10.49 -8.19 -7.77
CA LEU A 51 9.82 -9.28 -8.46
C LEU A 51 8.94 -8.73 -9.57
N ASN A 52 8.63 -9.57 -10.57
CA ASN A 52 7.75 -9.16 -11.66
C ASN A 52 6.43 -9.92 -11.60
N LEU A 53 5.38 -9.36 -12.21
CA LEU A 53 4.04 -9.98 -12.20
C LEU A 53 4.04 -11.41 -12.77
N ALA A 54 4.87 -11.65 -13.80
CA ALA A 54 4.98 -12.99 -14.41
C ALA A 54 5.34 -14.06 -13.37
N GLU A 55 6.16 -13.67 -12.39
CA GLU A 55 6.60 -14.59 -11.32
C GLU A 55 5.41 -15.03 -10.45
N VAL A 56 4.55 -14.06 -10.06
CA VAL A 56 3.36 -14.40 -9.26
C VAL A 56 2.46 -15.32 -10.08
N LEU A 57 2.29 -14.97 -11.38
CA LEU A 57 1.49 -15.77 -12.34
C LEU A 57 2.03 -17.20 -12.38
N GLU A 58 3.36 -17.31 -12.27
CA GLU A 58 4.05 -18.60 -12.29
C GLU A 58 3.93 -19.32 -10.95
N GLN A 59 3.78 -18.54 -9.87
CA GLN A 59 3.64 -19.06 -8.52
C GLN A 59 2.21 -19.57 -8.32
N LEU A 60 1.30 -18.91 -9.03
CA LEU A 60 -0.13 -19.21 -9.02
C LEU A 60 -0.44 -20.45 -9.87
N LYS A 61 0.16 -20.48 -11.07
CA LYS A 61 -0.01 -21.59 -11.99
C LYS A 61 1.36 -22.06 -12.52
N PRO A 62 1.75 -23.33 -12.21
CA PRO A 62 3.02 -23.92 -12.63
C PRO A 62 3.01 -24.38 -14.09
N ASP A 63 1.82 -24.83 -14.53
CA ASP A 63 1.61 -25.31 -15.90
C ASP A 63 1.37 -24.15 -16.88
N ALA A 64 1.11 -22.96 -16.33
CA ALA A 64 0.86 -21.77 -17.14
C ALA A 64 2.16 -21.04 -17.47
N LEU A 65 2.17 -20.38 -18.63
CA LEU A 65 3.33 -19.62 -19.10
C LEU A 65 2.96 -18.14 -19.21
N PRO A 66 3.69 -17.23 -18.51
CA PRO A 66 3.40 -15.78 -18.55
C PRO A 66 3.87 -15.12 -19.86
N PRO A 67 3.21 -14.03 -20.34
CA PRO A 67 3.59 -13.36 -21.59
C PRO A 67 4.58 -12.20 -21.33
N ALA A 68 4.71 -11.33 -22.32
CA ALA A 68 5.60 -10.16 -22.22
C ALA A 68 5.03 -9.09 -21.29
N ARG A 69 3.69 -9.10 -21.12
CA ARG A 69 2.97 -8.10 -20.30
C ARG A 69 3.30 -8.17 -18.79
N CYS A 70 3.23 -9.37 -18.19
CA CYS A 70 3.49 -9.53 -16.75
C CYS A 70 4.98 -9.39 -16.40
N GLN A 71 5.85 -9.67 -17.37
CA GLN A 71 7.30 -9.59 -17.18
C GLN A 71 7.80 -8.15 -16.99
N HIS A 72 7.16 -7.21 -17.67
CA HIS A 72 7.54 -5.79 -17.58
C HIS A 72 6.77 -5.06 -16.46
N ILE A 73 6.28 -5.84 -15.50
CA ILE A 73 5.53 -5.32 -14.35
C ILE A 73 6.25 -5.73 -13.05
N ASP A 74 6.30 -4.80 -12.10
CA ASP A 74 6.98 -5.03 -10.83
C ASP A 74 6.02 -5.25 -9.65
N ILE A 75 6.54 -5.96 -8.63
CA ILE A 75 5.77 -6.27 -7.41
C ILE A 75 6.21 -5.34 -6.27
N TYR A 76 5.29 -5.07 -5.33
CA TYR A 76 5.58 -4.19 -4.18
C TYR A 76 5.40 -4.98 -2.87
N ASN A 77 6.09 -4.56 -1.79
CA ASN A 77 5.98 -5.25 -0.49
C ASN A 77 4.77 -4.73 0.30
N GLY A 78 3.82 -5.63 0.65
CA GLY A 78 2.64 -5.21 1.40
C GLY A 78 2.67 -5.57 2.88
N GLY A 79 3.45 -6.60 3.24
CA GLY A 79 3.58 -6.99 4.63
C GLY A 79 4.00 -8.44 4.81
N PRO A 80 3.90 -8.97 6.06
CA PRO A 80 4.30 -10.35 6.37
C PRO A 80 3.18 -11.40 6.19
N VAL A 81 1.92 -10.93 6.11
CA VAL A 81 0.75 -11.83 5.98
C VAL A 81 0.54 -12.26 4.52
N GLN A 82 0.41 -13.60 4.33
CA GLN A 82 0.20 -14.24 3.00
C GLN A 82 1.17 -13.73 1.92
N THR A 83 2.37 -14.31 1.90
CA THR A 83 3.42 -13.96 0.92
C THR A 83 3.20 -14.65 -0.43
N ASP A 84 2.33 -15.66 -0.42
CA ASP A 84 2.00 -16.45 -1.62
C ASP A 84 1.03 -15.70 -2.56
N ARG A 85 0.35 -14.67 -2.02
CA ARG A 85 -0.59 -13.88 -2.81
C ARG A 85 -0.39 -12.39 -2.61
N GLY A 86 -0.63 -11.63 -3.68
CA GLY A 86 -0.53 -10.20 -3.64
C GLY A 86 -1.87 -9.51 -3.78
N PHE A 87 -1.94 -8.34 -3.15
CA PHE A 87 -3.13 -7.48 -3.15
C PHE A 87 -3.15 -6.56 -4.37
N VAL A 88 -4.37 -6.17 -4.78
CA VAL A 88 -4.56 -5.28 -5.94
C VAL A 88 -5.42 -4.08 -5.53
N LEU A 89 -4.77 -2.94 -5.34
CA LEU A 89 -5.46 -1.70 -4.94
C LEU A 89 -5.72 -0.81 -6.16
N HIS A 90 -6.98 -0.41 -6.37
CA HIS A 90 -7.33 0.45 -7.50
C HIS A 90 -8.16 1.69 -7.05
N PRO A 91 -8.29 2.78 -7.89
CA PRO A 91 -9.06 3.98 -7.51
C PRO A 91 -10.50 4.02 -8.09
N SER A 92 -11.04 2.85 -8.40
CA SER A 92 -12.38 2.74 -8.99
C SER A 92 -13.39 2.18 -7.98
N GLY A 93 -14.68 2.43 -8.28
CA GLY A 93 -15.75 1.95 -7.41
C GLY A 93 -16.36 0.63 -7.89
N LEU A 94 -15.61 -0.08 -8.75
CA LEU A 94 -16.06 -1.37 -9.30
C LEU A 94 -15.57 -2.53 -8.42
N SER A 95 -16.31 -3.64 -8.46
CA SER A 95 -15.96 -4.81 -7.65
C SER A 95 -15.87 -6.09 -8.50
N TYR A 96 -15.08 -7.05 -7.99
CA TYR A 96 -14.85 -8.33 -8.66
C TYR A 96 -15.19 -9.48 -7.70
N GLN A 97 -14.51 -10.64 -7.86
CA GLN A 97 -14.73 -11.81 -7.00
C GLN A 97 -14.47 -11.48 -5.53
N SER A 98 -13.34 -10.82 -5.27
CA SER A 98 -12.93 -10.41 -3.93
C SER A 98 -12.50 -8.94 -3.95
N THR A 99 -13.48 -8.04 -3.91
CA THR A 99 -13.22 -6.61 -3.93
C THR A 99 -13.94 -5.86 -2.81
N LEU A 100 -13.14 -5.17 -1.99
CA LEU A 100 -13.64 -4.37 -0.88
C LEU A 100 -13.53 -2.89 -1.22
N GLU A 101 -14.66 -2.19 -1.15
CA GLU A 101 -14.68 -0.75 -1.43
C GLU A 101 -14.24 0.06 -0.22
N LEU A 102 -13.28 0.94 -0.46
CA LEU A 102 -12.72 1.81 0.58
C LEU A 102 -12.92 3.29 0.21
N GLY A 103 -14.14 3.61 -0.21
CA GLY A 103 -14.52 4.97 -0.60
C GLY A 103 -13.79 5.47 -1.82
N GLU A 104 -12.86 6.39 -1.59
CA GLU A 104 -12.05 7.01 -2.67
C GLU A 104 -11.23 5.99 -3.49
N LEU A 105 -11.19 4.74 -3.00
CA LEU A 105 -10.45 3.65 -3.66
C LEU A 105 -11.02 2.29 -3.30
N ALA A 106 -10.75 1.30 -4.15
CA ALA A 106 -11.23 -0.07 -3.92
C ALA A 106 -10.04 -1.04 -3.79
N MET A 107 -10.32 -2.20 -3.22
CA MET A 107 -9.31 -3.24 -3.00
C MET A 107 -9.78 -4.55 -3.64
N SER A 108 -8.89 -5.22 -4.37
CA SER A 108 -9.22 -6.48 -5.03
C SER A 108 -8.11 -7.48 -4.82
N THR A 109 -8.47 -8.70 -4.44
CA THR A 109 -7.49 -9.75 -4.19
C THR A 109 -7.78 -11.01 -5.03
N SER A 110 -8.52 -10.82 -6.13
CA SER A 110 -8.88 -11.92 -7.02
C SER A 110 -7.92 -12.05 -8.19
N GLN A 111 -7.51 -13.30 -8.45
CA GLN A 111 -6.60 -13.62 -9.56
C GLN A 111 -7.25 -13.25 -10.90
N ASP A 112 -8.60 -13.26 -10.92
CA ASP A 112 -9.39 -12.89 -12.10
C ASP A 112 -9.18 -11.41 -12.43
N VAL A 113 -9.13 -10.56 -11.38
CA VAL A 113 -8.90 -9.12 -11.57
C VAL A 113 -7.44 -8.87 -11.98
N LEU A 114 -6.50 -9.64 -11.37
CA LEU A 114 -5.06 -9.52 -11.71
C LEU A 114 -4.82 -9.75 -13.20
N PHE A 115 -5.40 -10.86 -13.71
CA PHE A 115 -5.29 -11.22 -15.13
C PHE A 115 -6.07 -10.24 -16.01
N ALA A 116 -7.25 -9.81 -15.54
CA ALA A 116 -8.10 -8.88 -16.27
C ALA A 116 -7.39 -7.54 -16.50
N ILE A 117 -6.89 -6.94 -15.40
CA ILE A 117 -6.18 -5.65 -15.47
C ILE A 117 -4.88 -5.77 -16.27
N ALA A 118 -4.13 -6.86 -16.01
CA ALA A 118 -2.89 -7.12 -16.72
C ALA A 118 -3.17 -7.17 -18.23
N ALA A 119 -4.38 -7.65 -18.57
CA ALA A 119 -4.85 -7.70 -19.96
C ALA A 119 -5.45 -6.35 -20.38
N GLY A 120 -5.83 -5.58 -19.36
CA GLY A 120 -6.38 -4.26 -19.56
C GLY A 120 -7.90 -4.19 -19.48
N THR A 121 -8.49 -5.22 -18.88
CA THR A 121 -9.95 -5.29 -18.72
C THR A 121 -10.39 -5.07 -17.27
N GLY A 122 -9.44 -4.70 -16.39
CA GLY A 122 -9.75 -4.46 -15.00
C GLY A 122 -10.01 -2.99 -14.69
N PRO A 123 -9.49 -2.45 -13.55
CA PRO A 123 -9.70 -1.03 -13.16
C PRO A 123 -8.75 -0.06 -13.87
N GLU A 124 -8.96 1.25 -13.63
CA GLU A 124 -8.15 2.33 -14.23
C GLU A 124 -6.66 2.19 -13.89
N LYS A 125 -6.40 2.06 -12.59
CA LYS A 125 -5.04 1.94 -12.05
C LYS A 125 -5.06 0.91 -10.93
N SER A 126 -3.92 0.26 -10.67
CA SER A 126 -3.86 -0.74 -9.62
C SER A 126 -2.48 -0.84 -8.97
N LEU A 127 -2.43 -1.48 -7.80
CA LEU A 127 -1.19 -1.69 -7.05
C LEU A 127 -1.08 -3.16 -6.68
N ILE A 128 -0.05 -3.83 -7.20
CA ILE A 128 0.19 -5.24 -6.90
C ILE A 128 1.26 -5.34 -5.80
N SER A 129 0.79 -5.63 -4.60
CA SER A 129 1.67 -5.71 -3.43
C SER A 129 1.57 -7.10 -2.79
N LEU A 130 2.71 -7.80 -2.72
CA LEU A 130 2.79 -9.15 -2.15
C LEU A 130 2.52 -9.13 -0.63
N GLY A 131 1.41 -9.78 -0.24
CA GLY A 131 1.03 -9.86 1.16
C GLY A 131 0.51 -8.57 1.75
N TYR A 132 -0.09 -8.66 2.94
CA TYR A 132 -0.62 -7.49 3.64
C TYR A 132 -0.09 -7.44 5.08
N ALA A 133 -0.50 -6.39 5.79
CA ALA A 133 -0.11 -6.18 7.18
C ALA A 133 -1.34 -6.23 8.07
N GLY A 134 -1.25 -6.99 9.14
CA GLY A 134 -2.37 -7.12 10.06
C GLY A 134 -2.00 -6.88 11.51
N TRP A 135 -2.97 -6.38 12.27
CA TRP A 135 -2.78 -6.08 13.69
C TRP A 135 -3.90 -6.69 14.52
N GLU A 136 -3.52 -7.30 15.65
CA GLU A 136 -4.48 -7.93 16.57
C GLU A 136 -5.17 -6.89 17.45
N ALA A 137 -6.35 -7.27 17.99
CA ALA A 137 -7.16 -6.38 18.84
C ALA A 137 -6.38 -5.85 20.06
N GLY A 138 -5.79 -4.66 19.89
CA GLY A 138 -5.03 -4.04 20.97
C GLY A 138 -3.60 -3.76 20.57
N GLN A 139 -3.05 -4.57 19.64
CA GLN A 139 -1.66 -4.43 19.15
C GLN A 139 -1.39 -3.03 18.58
N LEU A 140 -2.32 -2.52 17.74
CA LEU A 140 -2.17 -1.19 17.14
C LEU A 140 -2.29 -0.11 18.21
N GLU A 141 -3.32 -0.23 19.08
CA GLU A 141 -3.53 0.72 20.19
C GLU A 141 -2.29 0.77 21.11
N ALA A 142 -1.59 -0.38 21.18
CA ALA A 142 -0.37 -0.53 21.97
C ALA A 142 0.78 0.26 21.35
N GLU A 143 1.00 0.06 20.04
CA GLU A 143 2.07 0.74 19.29
C GLU A 143 1.72 2.23 19.08
N LEU A 144 0.42 2.51 19.06
CA LEU A 144 -0.12 3.86 18.88
C LEU A 144 0.03 4.68 20.18
N SER A 145 -0.18 4.01 21.32
CA SER A 145 -0.06 4.65 22.65
C SER A 145 1.42 4.77 23.04
N ASP A 146 2.22 3.81 22.56
CA ASP A 146 3.66 3.75 22.80
C ASP A 146 4.43 4.71 21.87
N ASN A 147 3.68 5.42 21.02
CA ASN A 147 4.24 6.37 20.02
C ASN A 147 5.20 5.68 19.04
N ALA A 148 4.93 4.39 18.79
CA ALA A 148 5.74 3.57 17.88
C ALA A 148 5.35 3.80 16.42
N TRP A 149 4.03 3.86 16.15
CA TRP A 149 3.53 4.08 14.80
C TRP A 149 2.65 5.33 14.76
N LEU A 150 3.13 6.37 14.07
CA LEU A 150 2.40 7.65 13.95
C LEU A 150 1.31 7.55 12.87
N THR A 151 0.16 8.17 13.15
CA THR A 151 -0.95 8.18 12.20
C THR A 151 -1.18 9.57 11.63
N CYS A 152 -1.44 9.62 10.31
CA CYS A 152 -1.69 10.88 9.60
C CYS A 152 -2.58 10.64 8.37
N PRO A 153 -3.34 11.68 7.87
CA PRO A 153 -4.21 11.51 6.68
C PRO A 153 -3.38 11.09 5.46
N ALA A 154 -4.03 10.45 4.49
CA ALA A 154 -3.32 9.96 3.31
C ALA A 154 -3.94 10.38 1.98
N ASP A 155 -3.18 10.13 0.91
CA ASP A 155 -3.59 10.41 -0.47
C ASP A 155 -3.15 9.22 -1.33
N PRO A 156 -4.01 8.74 -2.28
CA PRO A 156 -3.70 7.58 -3.13
C PRO A 156 -2.67 7.86 -4.22
N ALA A 157 -2.60 9.13 -4.65
CA ALA A 157 -1.66 9.58 -5.68
C ALA A 157 -0.20 9.19 -5.37
N ILE A 158 0.15 9.24 -4.08
CA ILE A 158 1.50 8.88 -3.59
C ILE A 158 1.67 7.36 -3.60
N LEU A 159 0.58 6.69 -3.21
CA LEU A 159 0.48 5.23 -3.10
C LEU A 159 0.53 4.57 -4.50
N PHE A 160 -0.10 5.24 -5.48
CA PHE A 160 -0.17 4.77 -6.85
C PHE A 160 1.03 5.15 -7.72
N ASP A 161 1.50 6.41 -7.62
CA ASP A 161 2.64 6.87 -8.44
C ASP A 161 3.98 6.36 -7.90
N LEU A 162 4.43 6.90 -6.75
CA LEU A 162 5.70 6.50 -6.15
C LEU A 162 5.63 6.45 -4.64
N PRO A 163 5.39 5.24 -4.09
CA PRO A 163 5.39 5.05 -2.64
C PRO A 163 6.76 4.64 -2.04
N PRO A 164 7.90 4.54 -2.83
CA PRO A 164 9.22 4.12 -2.28
C PRO A 164 9.95 5.22 -1.48
N GLU A 165 10.10 6.38 -2.12
CA GLU A 165 10.79 7.53 -1.56
C GLU A 165 9.90 8.78 -1.59
N GLU A 166 8.94 8.77 -2.54
CA GLU A 166 8.00 9.87 -2.71
C GLU A 166 6.95 9.81 -1.60
N ARG A 167 6.93 8.65 -0.91
CA ARG A 167 6.06 8.39 0.22
C ARG A 167 6.60 9.11 1.45
N LEU A 168 7.94 9.14 1.57
CA LEU A 168 8.61 9.82 2.67
C LEU A 168 8.52 11.34 2.44
N SER A 169 8.85 11.76 1.20
CA SER A 169 8.77 13.18 0.80
C SER A 169 7.33 13.72 0.95
N ALA A 170 6.34 12.93 0.47
CA ALA A 170 4.93 13.31 0.56
C ALA A 170 4.45 13.34 2.01
N ALA A 171 4.84 12.31 2.80
CA ALA A 171 4.46 12.23 4.22
C ALA A 171 4.89 13.49 4.97
N ALA A 172 6.13 13.92 4.72
CA ALA A 172 6.68 15.15 5.32
C ALA A 172 5.87 16.36 4.81
N ALA A 173 5.52 16.29 3.51
CA ALA A 173 4.70 17.32 2.86
C ALA A 173 3.28 17.38 3.44
N ARG A 174 2.80 16.23 3.99
CA ARG A 174 1.48 16.14 4.62
C ARG A 174 1.51 16.75 6.02
N LEU A 175 2.62 16.48 6.74
CA LEU A 175 2.82 17.00 8.10
C LEU A 175 3.11 18.50 8.10
N GLY A 176 3.73 18.99 7.03
CA GLY A 176 4.05 20.41 6.90
C GLY A 176 5.51 20.71 7.18
N VAL A 177 6.41 20.00 6.50
CA VAL A 177 7.85 20.20 6.65
C VAL A 177 8.49 20.42 5.28
N ASN A 178 9.60 21.18 5.26
CA ASN A 178 10.31 21.47 4.00
C ASN A 178 11.31 20.36 3.66
N LEU A 179 10.76 19.26 3.14
CA LEU A 179 11.54 18.08 2.74
C LEU A 179 12.26 18.29 1.41
N SER A 180 11.70 19.18 0.56
CA SER A 180 12.24 19.50 -0.76
C SER A 180 13.71 19.98 -0.70
N LEU A 181 14.04 20.78 0.32
CA LEU A 181 15.41 21.30 0.49
C LEU A 181 16.37 20.23 1.05
N LEU A 182 15.81 19.27 1.80
CA LEU A 182 16.59 18.17 2.38
C LEU A 182 16.95 17.12 1.34
N THR A 183 16.05 16.89 0.37
CA THR A 183 16.26 15.91 -0.71
C THR A 183 17.02 16.54 -1.88
N ALA A 184 16.57 17.72 -2.32
CA ALA A 184 17.20 18.43 -3.43
C ALA A 184 17.50 19.88 -3.06
N GLN A 185 18.80 20.22 -3.08
CA GLN A 185 19.26 21.57 -2.75
C GLN A 185 19.53 22.37 -4.02
N ALA A 186 19.27 23.68 -3.96
CA ALA A 186 19.48 24.58 -5.09
C ALA A 186 20.79 25.35 -4.94
N GLY A 187 21.43 25.63 -6.08
CA GLY A 187 22.69 26.36 -6.09
C GLY A 187 23.50 26.10 -7.35
N HIS A 188 23.25 26.90 -8.39
CA HIS A 188 23.95 26.77 -9.66
C HIS A 188 24.53 28.11 -10.10
N ALA A 189 25.71 28.06 -10.72
CA ALA A 189 26.40 29.26 -11.19
C ALA A 189 26.19 29.44 -12.70
N MET A 1 -19.73 16.09 3.84
CA MET A 1 -19.05 17.30 4.40
C MET A 1 -17.59 17.01 4.76
N LYS A 2 -17.35 15.83 5.35
CA LYS A 2 -16.01 15.41 5.75
C LYS A 2 -15.43 14.43 4.73
N GLN A 3 -14.11 14.54 4.49
CA GLN A 3 -13.42 13.67 3.55
C GLN A 3 -12.50 12.68 4.28
N SER A 4 -11.81 13.18 5.33
CA SER A 4 -10.90 12.35 6.11
C SER A 4 -11.58 11.84 7.39
N SER A 5 -11.14 10.67 7.86
CA SER A 5 -11.69 10.05 9.06
C SER A 5 -10.84 10.41 10.30
N PRO A 6 -11.28 11.41 11.13
CA PRO A 6 -10.55 11.81 12.35
C PRO A 6 -10.92 10.95 13.56
N THR A 7 -11.70 9.92 13.28
CA THR A 7 -12.19 8.99 14.28
C THR A 7 -11.58 7.60 14.08
N TYR A 8 -11.71 7.06 12.86
CA TYR A 8 -11.18 5.75 12.53
C TYR A 8 -10.02 5.83 11.53
N LEU A 9 -9.13 4.85 11.61
CA LEU A 9 -7.96 4.76 10.72
C LEU A 9 -8.24 3.79 9.58
N LYS A 10 -9.37 3.99 8.90
CA LYS A 10 -9.79 3.11 7.81
C LYS A 10 -9.29 3.63 6.45
N HIS A 11 -8.29 4.54 6.48
CA HIS A 11 -7.72 5.18 5.27
C HIS A 11 -6.67 6.23 5.69
N HIS A 12 -5.66 5.82 6.47
CA HIS A 12 -4.62 6.74 6.95
C HIS A 12 -3.23 6.10 6.88
N PHE A 13 -2.18 6.95 6.90
CA PHE A 13 -0.80 6.47 6.83
C PHE A 13 -0.15 6.41 8.21
N LEU A 14 0.58 5.32 8.43
CA LEU A 14 1.33 5.10 9.67
C LEU A 14 2.82 5.26 9.39
N ILE A 15 3.53 5.87 10.33
CA ILE A 15 4.97 6.09 10.18
C ILE A 15 5.73 5.42 11.32
N ALA A 16 6.84 4.75 10.96
CA ALA A 16 7.68 4.04 11.93
C ALA A 16 8.60 4.99 12.69
N MET A 17 8.51 4.94 14.03
CA MET A 17 9.35 5.79 14.90
C MET A 17 10.41 4.95 15.64
N PRO A 18 11.54 5.58 16.12
CA PRO A 18 12.60 4.86 16.85
C PRO A 18 12.28 4.65 18.34
N HIS A 19 10.98 4.53 18.66
CA HIS A 19 10.52 4.35 20.04
C HIS A 19 10.53 2.87 20.47
N MET A 20 10.55 1.96 19.49
CA MET A 20 10.56 0.52 19.76
C MET A 20 11.91 -0.10 19.34
N ALA A 21 11.96 -1.43 19.29
CA ALA A 21 13.18 -2.16 18.92
C ALA A 21 13.10 -2.71 17.48
N ASP A 22 12.53 -1.90 16.57
CA ASP A 22 12.39 -2.29 15.17
C ASP A 22 13.30 -1.43 14.26
N PRO A 23 14.63 -1.77 14.17
CA PRO A 23 15.58 -1.01 13.33
C PRO A 23 15.44 -1.32 11.83
N ASN A 24 14.86 -2.48 11.51
CA ASN A 24 14.66 -2.91 10.13
C ASN A 24 13.36 -2.34 9.55
N PHE A 25 12.34 -2.21 10.40
CA PHE A 25 11.04 -1.69 9.99
C PHE A 25 10.95 -0.16 10.17
N ALA A 26 12.07 0.47 10.57
CA ALA A 26 12.13 1.92 10.76
C ALA A 26 11.99 2.68 9.43
N GLN A 27 11.71 3.98 9.53
CA GLN A 27 11.54 4.91 8.38
C GLN A 27 10.60 4.37 7.28
N THR A 28 9.59 3.57 7.66
CA THR A 28 8.63 3.03 6.70
C THR A 28 7.22 3.55 6.99
N VAL A 29 6.38 3.58 5.96
CA VAL A 29 5.00 4.07 6.09
C VAL A 29 4.02 3.05 5.50
N THR A 30 2.95 2.80 6.27
CA THR A 30 1.91 1.86 5.88
C THR A 30 0.59 2.59 5.65
N TYR A 31 -0.25 1.99 4.81
CA TYR A 31 -1.57 2.54 4.50
C TYR A 31 -2.62 1.67 5.16
N LEU A 32 -3.40 2.26 6.07
CA LEU A 32 -4.43 1.54 6.80
C LEU A 32 -5.71 1.44 5.98
N VAL A 33 -5.97 0.21 5.54
CA VAL A 33 -7.12 -0.17 4.72
C VAL A 33 -8.42 -0.14 5.55
N GLU A 34 -8.47 -1.01 6.56
CA GLU A 34 -9.65 -1.10 7.44
C GLU A 34 -9.23 -1.15 8.91
N HIS A 35 -9.64 -0.15 9.69
CA HIS A 35 -9.31 -0.09 11.11
C HIS A 35 -10.50 -0.51 11.96
N ASN A 36 -10.26 -1.47 12.85
CA ASN A 36 -11.28 -1.96 13.76
C ASN A 36 -10.71 -2.18 15.14
N GLU A 37 -11.57 -2.04 16.17
CA GLU A 37 -11.16 -2.23 17.58
C GLU A 37 -10.73 -3.68 17.88
N GLN A 38 -11.04 -4.59 16.94
CA GLN A 38 -10.70 -6.00 17.07
C GLN A 38 -9.56 -6.39 16.11
N GLY A 39 -9.05 -5.41 15.35
CA GLY A 39 -7.97 -5.66 14.40
C GLY A 39 -7.93 -4.62 13.29
N ALA A 40 -6.82 -4.60 12.53
CA ALA A 40 -6.66 -3.63 11.42
C ALA A 40 -5.84 -4.21 10.27
N MET A 41 -6.18 -3.80 9.04
CA MET A 41 -5.47 -4.23 7.83
C MET A 41 -4.98 -3.06 7.03
N GLY A 42 -3.75 -3.18 6.57
CA GLY A 42 -3.11 -2.14 5.78
C GLY A 42 -1.96 -2.66 4.96
N LEU A 43 -1.55 -1.91 3.93
CA LEU A 43 -0.44 -2.33 3.06
C LEU A 43 0.73 -1.36 3.14
N VAL A 44 1.95 -1.91 3.28
CA VAL A 44 3.18 -1.09 3.32
C VAL A 44 3.39 -0.43 1.96
N ILE A 45 3.48 0.91 1.94
CA ILE A 45 3.64 1.63 0.68
C ILE A 45 4.86 2.57 0.70
N ASN A 46 6.01 1.99 1.01
CA ASN A 46 7.29 2.72 1.04
C ASN A 46 8.46 1.81 0.63
N ARG A 47 8.19 0.52 0.40
CA ARG A 47 9.23 -0.45 0.04
C ARG A 47 8.89 -1.30 -1.22
N PRO A 48 9.22 -0.84 -2.47
CA PRO A 48 9.01 -1.66 -3.68
C PRO A 48 9.76 -2.99 -3.63
N SER A 49 9.13 -4.04 -4.17
CA SER A 49 9.73 -5.38 -4.20
C SER A 49 10.49 -5.63 -5.49
N GLY A 50 11.41 -6.60 -5.44
CA GLY A 50 12.20 -6.96 -6.60
C GLY A 50 11.68 -8.20 -7.29
N LEU A 51 10.37 -8.18 -7.58
CA LEU A 51 9.69 -9.31 -8.23
C LEU A 51 8.82 -8.80 -9.36
N ASN A 52 8.53 -9.67 -10.33
CA ASN A 52 7.69 -9.31 -11.46
C ASN A 52 6.37 -10.08 -11.40
N LEU A 53 5.33 -9.55 -12.08
CA LEU A 53 3.99 -10.18 -12.10
C LEU A 53 4.02 -11.63 -12.63
N ALA A 54 4.89 -11.87 -13.63
CA ALA A 54 5.05 -13.20 -14.25
C ALA A 54 5.34 -14.30 -13.21
N GLU A 55 6.14 -13.96 -12.18
CA GLU A 55 6.50 -14.91 -11.12
C GLU A 55 5.26 -15.33 -10.32
N VAL A 56 4.39 -14.35 -9.99
CA VAL A 56 3.14 -14.65 -9.27
C VAL A 56 2.29 -15.57 -10.15
N LEU A 57 2.18 -15.20 -11.45
CA LEU A 57 1.45 -16.01 -12.46
C LEU A 57 1.97 -17.44 -12.48
N GLU A 58 3.29 -17.57 -12.30
CA GLU A 58 3.96 -18.85 -12.31
C GLU A 58 3.76 -19.60 -11.00
N GLN A 59 3.56 -18.83 -9.92
CA GLN A 59 3.34 -19.38 -8.59
C GLN A 59 1.89 -19.87 -8.47
N LEU A 60 1.03 -19.18 -9.22
CA LEU A 60 -0.40 -19.44 -9.29
C LEU A 60 -0.69 -20.66 -10.17
N LYS A 61 -0.03 -20.70 -11.33
CA LYS A 61 -0.18 -21.79 -12.28
C LYS A 61 1.20 -22.28 -12.75
N PRO A 62 1.55 -23.55 -12.45
CA PRO A 62 2.84 -24.17 -12.83
C PRO A 62 2.89 -24.59 -14.30
N ASP A 63 1.71 -25.01 -14.81
CA ASP A 63 1.57 -25.45 -16.20
C ASP A 63 1.40 -24.26 -17.15
N ALA A 64 1.12 -23.08 -16.58
CA ALA A 64 0.94 -21.85 -17.38
C ALA A 64 2.27 -21.15 -17.63
N LEU A 65 2.34 -20.46 -18.77
CA LEU A 65 3.53 -19.70 -19.14
C LEU A 65 3.20 -18.21 -19.24
N PRO A 66 3.91 -17.33 -18.49
CA PRO A 66 3.65 -15.88 -18.51
C PRO A 66 4.16 -15.21 -19.82
N PRO A 67 3.47 -14.16 -20.36
CA PRO A 67 3.88 -13.50 -21.59
C PRO A 67 4.79 -12.29 -21.32
N ALA A 68 5.03 -11.50 -22.36
CA ALA A 68 5.86 -10.30 -22.26
C ALA A 68 5.24 -9.24 -21.35
N ARG A 69 3.90 -9.28 -21.20
CA ARG A 69 3.15 -8.30 -20.40
C ARG A 69 3.45 -8.36 -18.88
N CYS A 70 3.33 -9.54 -18.27
CA CYS A 70 3.56 -9.70 -16.82
C CYS A 70 5.04 -9.57 -16.43
N GLN A 71 5.93 -9.86 -17.39
CA GLN A 71 7.38 -9.81 -17.17
C GLN A 71 7.90 -8.38 -16.94
N HIS A 72 7.30 -7.41 -17.65
CA HIS A 72 7.71 -6.00 -17.54
C HIS A 72 6.90 -5.27 -16.44
N ILE A 73 6.39 -6.04 -15.48
CA ILE A 73 5.62 -5.50 -14.36
C ILE A 73 6.29 -5.90 -13.05
N ASP A 74 6.33 -4.94 -12.11
CA ASP A 74 6.99 -5.14 -10.81
C ASP A 74 6.00 -5.31 -9.66
N ILE A 75 6.51 -5.84 -8.54
CA ILE A 75 5.72 -6.09 -7.32
C ILE A 75 6.17 -5.15 -6.20
N TYR A 76 5.25 -4.86 -5.26
CA TYR A 76 5.56 -3.98 -4.12
C TYR A 76 5.40 -4.77 -2.81
N ASN A 77 6.09 -4.33 -1.73
CA ASN A 77 6.00 -5.02 -0.43
C ASN A 77 4.78 -4.50 0.37
N GLY A 78 3.83 -5.39 0.67
CA GLY A 78 2.64 -4.97 1.42
C GLY A 78 2.66 -5.36 2.89
N GLY A 79 3.41 -6.41 3.23
CA GLY A 79 3.52 -6.84 4.61
C GLY A 79 3.94 -8.29 4.77
N PRO A 80 3.82 -8.86 6.01
CA PRO A 80 4.20 -10.25 6.30
C PRO A 80 3.07 -11.28 6.08
N VAL A 81 1.83 -10.79 5.94
CA VAL A 81 0.66 -11.68 5.76
C VAL A 81 0.51 -12.08 4.29
N GLN A 82 0.48 -13.42 4.05
CA GLN A 82 0.34 -14.01 2.69
C GLN A 82 1.36 -13.44 1.68
N THR A 83 2.61 -13.90 1.81
CA THR A 83 3.71 -13.46 0.94
C THR A 83 3.70 -14.14 -0.45
N ASP A 84 2.90 -15.20 -0.57
CA ASP A 84 2.80 -15.97 -1.82
C ASP A 84 1.78 -15.36 -2.82
N ARG A 85 1.13 -14.25 -2.43
CA ARG A 85 0.12 -13.62 -3.31
C ARG A 85 0.30 -12.10 -3.42
N GLY A 86 -0.17 -11.57 -4.56
CA GLY A 86 -0.12 -10.15 -4.81
C GLY A 86 -1.50 -9.51 -4.75
N PHE A 87 -1.55 -8.39 -4.02
CA PHE A 87 -2.77 -7.60 -3.79
C PHE A 87 -2.98 -6.61 -4.92
N VAL A 88 -4.25 -6.35 -5.27
CA VAL A 88 -4.58 -5.42 -6.35
C VAL A 88 -5.49 -4.29 -5.85
N LEU A 89 -4.91 -3.10 -5.65
CA LEU A 89 -5.67 -1.93 -5.18
C LEU A 89 -5.86 -0.93 -6.33
N HIS A 90 -7.11 -0.50 -6.53
CA HIS A 90 -7.43 0.45 -7.61
C HIS A 90 -8.21 1.69 -7.09
N PRO A 91 -8.39 2.79 -7.89
CA PRO A 91 -9.11 4.00 -7.44
C PRO A 91 -10.59 4.04 -7.88
N SER A 92 -11.09 2.89 -8.37
CA SER A 92 -12.47 2.78 -8.86
C SER A 92 -13.39 2.15 -7.83
N GLY A 93 -14.71 2.37 -8.00
CA GLY A 93 -15.70 1.81 -7.11
C GLY A 93 -16.31 0.52 -7.64
N LEU A 94 -15.59 -0.14 -8.55
CA LEU A 94 -16.03 -1.41 -9.15
C LEU A 94 -15.61 -2.59 -8.29
N SER A 95 -16.35 -3.71 -8.38
CA SER A 95 -16.06 -4.89 -7.59
C SER A 95 -15.94 -6.15 -8.44
N TYR A 96 -15.21 -7.14 -7.89
CA TYR A 96 -14.97 -8.43 -8.55
C TYR A 96 -15.33 -9.57 -7.59
N GLN A 97 -14.67 -10.73 -7.73
CA GLN A 97 -14.91 -11.90 -6.86
C GLN A 97 -14.64 -11.56 -5.39
N SER A 98 -13.50 -10.91 -5.14
CA SER A 98 -13.10 -10.50 -3.79
C SER A 98 -12.60 -9.05 -3.80
N THR A 99 -13.54 -8.10 -3.73
CA THR A 99 -13.21 -6.69 -3.74
C THR A 99 -13.92 -5.93 -2.61
N LEU A 100 -13.13 -5.17 -1.85
CA LEU A 100 -13.62 -4.35 -0.75
C LEU A 100 -13.54 -2.88 -1.14
N GLU A 101 -14.67 -2.18 -1.06
CA GLU A 101 -14.71 -0.76 -1.39
C GLU A 101 -14.28 0.09 -0.19
N LEU A 102 -13.32 0.97 -0.45
CA LEU A 102 -12.78 1.87 0.57
C LEU A 102 -12.93 3.33 0.13
N GLY A 103 -14.14 3.66 -0.32
CA GLY A 103 -14.48 5.00 -0.75
C GLY A 103 -13.77 5.40 -2.03
N GLU A 104 -12.83 6.33 -1.89
CA GLU A 104 -12.05 6.87 -3.02
C GLU A 104 -11.20 5.79 -3.72
N LEU A 105 -11.15 4.60 -3.13
CA LEU A 105 -10.37 3.47 -3.69
C LEU A 105 -10.96 2.12 -3.26
N ALA A 106 -10.75 1.11 -4.11
CA ALA A 106 -11.23 -0.24 -3.85
C ALA A 106 -10.06 -1.21 -3.75
N MET A 107 -10.27 -2.35 -3.08
CA MET A 107 -9.23 -3.35 -2.88
C MET A 107 -9.70 -4.68 -3.49
N SER A 108 -8.88 -5.25 -4.36
CA SER A 108 -9.22 -6.51 -5.02
C SER A 108 -8.15 -7.55 -4.74
N THR A 109 -8.59 -8.72 -4.28
CA THR A 109 -7.69 -9.82 -3.95
C THR A 109 -7.99 -11.06 -4.81
N SER A 110 -8.72 -10.84 -5.91
CA SER A 110 -9.09 -11.92 -6.83
C SER A 110 -8.03 -12.11 -7.91
N GLN A 111 -7.58 -13.36 -8.06
CA GLN A 111 -6.58 -13.71 -9.08
C GLN A 111 -7.11 -13.39 -10.48
N ASP A 112 -8.45 -13.49 -10.61
CA ASP A 112 -9.16 -13.19 -11.86
C ASP A 112 -9.03 -11.70 -12.22
N VAL A 113 -9.14 -10.81 -11.20
CA VAL A 113 -8.97 -9.37 -11.42
C VAL A 113 -7.52 -9.05 -11.79
N LEU A 114 -6.56 -9.76 -11.14
CA LEU A 114 -5.12 -9.58 -11.42
C LEU A 114 -4.83 -9.87 -12.90
N PHE A 115 -5.33 -11.02 -13.38
CA PHE A 115 -5.16 -11.43 -14.79
C PHE A 115 -5.95 -10.51 -15.72
N ALA A 116 -7.16 -10.11 -15.29
CA ALA A 116 -8.02 -9.22 -16.08
C ALA A 116 -7.36 -7.88 -16.33
N ILE A 117 -6.88 -7.23 -15.26
CA ILE A 117 -6.20 -5.93 -15.36
C ILE A 117 -4.90 -6.04 -16.14
N ALA A 118 -4.14 -7.10 -15.85
CA ALA A 118 -2.88 -7.34 -16.56
C ALA A 118 -3.15 -7.46 -18.07
N ALA A 119 -4.37 -7.96 -18.39
CA ALA A 119 -4.83 -8.07 -19.78
C ALA A 119 -5.46 -6.75 -20.23
N GLY A 120 -5.85 -5.96 -19.24
CA GLY A 120 -6.43 -4.65 -19.48
C GLY A 120 -7.94 -4.61 -19.39
N THR A 121 -8.52 -5.64 -18.79
CA THR A 121 -9.96 -5.73 -18.64
C THR A 121 -10.42 -5.47 -17.19
N GLY A 122 -9.48 -5.06 -16.32
CA GLY A 122 -9.80 -4.78 -14.94
C GLY A 122 -10.07 -3.30 -14.68
N PRO A 123 -9.57 -2.71 -13.55
CA PRO A 123 -9.78 -1.30 -13.21
C PRO A 123 -8.85 -0.33 -13.95
N GLU A 124 -9.09 0.98 -13.77
CA GLU A 124 -8.31 2.06 -14.41
C GLU A 124 -6.83 1.96 -14.07
N LYS A 125 -6.54 1.92 -12.77
CA LYS A 125 -5.18 1.87 -12.24
C LYS A 125 -5.16 0.94 -11.04
N SER A 126 -4.07 0.19 -10.87
CA SER A 126 -3.98 -0.75 -9.75
C SER A 126 -2.57 -0.79 -9.14
N LEU A 127 -2.50 -1.37 -7.94
CA LEU A 127 -1.25 -1.54 -7.20
C LEU A 127 -1.12 -3.00 -6.80
N ILE A 128 -0.09 -3.67 -7.32
CA ILE A 128 0.16 -5.07 -6.98
C ILE A 128 1.22 -5.16 -5.90
N SER A 129 0.74 -5.40 -4.69
CA SER A 129 1.59 -5.48 -3.52
C SER A 129 1.49 -6.86 -2.86
N LEU A 130 2.65 -7.51 -2.72
CA LEU A 130 2.76 -8.85 -2.14
C LEU A 130 2.39 -8.85 -0.65
N GLY A 131 1.27 -9.53 -0.36
CA GLY A 131 0.78 -9.65 1.01
C GLY A 131 0.26 -8.35 1.62
N TYR A 132 -0.29 -8.46 2.83
CA TYR A 132 -0.81 -7.31 3.58
C TYR A 132 -0.23 -7.29 4.98
N ALA A 133 -0.60 -6.23 5.72
CA ALA A 133 -0.18 -6.03 7.08
C ALA A 133 -1.41 -6.07 7.98
N GLY A 134 -1.33 -6.86 9.05
CA GLY A 134 -2.47 -6.98 9.95
C GLY A 134 -2.11 -6.76 11.40
N TRP A 135 -3.05 -6.17 12.14
CA TRP A 135 -2.88 -5.89 13.57
C TRP A 135 -3.95 -6.59 14.37
N GLU A 136 -3.54 -7.20 15.50
CA GLU A 136 -4.46 -7.91 16.39
C GLU A 136 -5.17 -6.93 17.32
N ALA A 137 -6.34 -7.35 17.86
CA ALA A 137 -7.16 -6.53 18.76
C ALA A 137 -6.37 -5.95 19.95
N GLY A 138 -5.83 -4.75 19.75
CA GLY A 138 -5.08 -4.06 20.79
C GLY A 138 -3.64 -3.77 20.39
N GLN A 139 -3.09 -4.56 19.45
CA GLN A 139 -1.72 -4.40 18.96
C GLN A 139 -1.45 -2.99 18.40
N LEU A 140 -2.40 -2.48 17.59
CA LEU A 140 -2.28 -1.15 16.98
C LEU A 140 -2.39 -0.06 18.04
N GLU A 141 -3.42 -0.16 18.91
CA GLU A 141 -3.62 0.79 20.02
C GLU A 141 -2.41 0.79 20.96
N ALA A 142 -1.74 -0.37 21.04
CA ALA A 142 -0.56 -0.57 21.86
C ALA A 142 0.65 0.20 21.29
N GLU A 143 0.90 0.00 19.99
CA GLU A 143 2.00 0.67 19.28
C GLU A 143 1.71 2.18 19.11
N LEU A 144 0.40 2.52 19.10
CA LEU A 144 -0.06 3.90 18.97
C LEU A 144 0.11 4.65 20.31
N SER A 145 -0.15 3.95 21.42
CA SER A 145 -0.01 4.51 22.77
C SER A 145 1.47 4.56 23.18
N ASP A 146 2.23 3.61 22.62
CA ASP A 146 3.67 3.48 22.86
C ASP A 146 4.49 4.43 21.97
N ASN A 147 3.76 5.21 21.14
CA ASN A 147 4.36 6.18 20.18
C ASN A 147 5.29 5.48 19.17
N ALA A 148 5.00 4.21 18.89
CA ALA A 148 5.77 3.39 17.96
C ALA A 148 5.40 3.67 16.50
N TRP A 149 4.08 3.77 16.23
CA TRP A 149 3.57 4.02 14.89
C TRP A 149 2.69 5.27 14.89
N LEU A 150 3.13 6.34 14.21
CA LEU A 150 2.37 7.59 14.15
C LEU A 150 1.32 7.56 13.03
N THR A 151 0.14 8.10 13.33
CA THR A 151 -0.97 8.16 12.37
C THR A 151 -1.13 9.56 11.80
N CYS A 152 -1.36 9.64 10.48
CA CYS A 152 -1.54 10.92 9.80
C CYS A 152 -2.45 10.76 8.56
N PRO A 153 -3.16 11.85 8.10
CA PRO A 153 -4.04 11.77 6.90
C PRO A 153 -3.23 11.36 5.67
N ALA A 154 -3.89 10.72 4.70
CA ALA A 154 -3.20 10.24 3.51
C ALA A 154 -3.84 10.68 2.19
N ASP A 155 -3.09 10.47 1.12
CA ASP A 155 -3.51 10.76 -0.24
C ASP A 155 -3.14 9.57 -1.13
N PRO A 156 -4.05 9.10 -2.03
CA PRO A 156 -3.78 7.93 -2.90
C PRO A 156 -2.80 8.22 -4.03
N ALA A 157 -2.73 9.48 -4.44
CA ALA A 157 -1.83 9.94 -5.51
C ALA A 157 -0.37 9.51 -5.25
N ILE A 158 0.06 9.62 -3.98
CA ILE A 158 1.41 9.23 -3.55
C ILE A 158 1.56 7.70 -3.58
N LEU A 159 0.45 7.04 -3.24
CA LEU A 159 0.37 5.58 -3.14
C LEU A 159 0.34 4.93 -4.53
N PHE A 160 -0.33 5.59 -5.48
CA PHE A 160 -0.47 5.10 -6.85
C PHE A 160 0.72 5.48 -7.75
N ASP A 161 1.30 6.67 -7.56
CA ASP A 161 2.45 7.11 -8.38
C ASP A 161 3.78 6.57 -7.84
N LEU A 162 4.25 7.12 -6.71
CA LEU A 162 5.52 6.69 -6.12
C LEU A 162 5.47 6.66 -4.60
N PRO A 163 5.27 5.44 -4.02
CA PRO A 163 5.29 5.26 -2.59
C PRO A 163 6.71 4.88 -2.00
N PRO A 164 7.81 4.72 -2.83
CA PRO A 164 9.14 4.31 -2.32
C PRO A 164 9.91 5.42 -1.58
N GLU A 165 9.98 6.57 -2.22
CA GLU A 165 10.70 7.74 -1.72
C GLU A 165 9.75 8.92 -1.61
N GLU A 166 8.80 8.97 -2.55
CA GLU A 166 7.79 10.02 -2.60
C GLU A 166 6.81 9.90 -1.42
N ARG A 167 6.88 8.76 -0.68
CA ARG A 167 6.05 8.55 0.52
C ARG A 167 6.65 9.35 1.68
N LEU A 168 7.97 9.33 1.79
CA LEU A 168 8.69 10.08 2.82
C LEU A 168 8.59 11.58 2.51
N SER A 169 8.92 11.95 1.26
CA SER A 169 8.84 13.35 0.80
C SER A 169 7.42 13.92 0.95
N ALA A 170 6.42 13.17 0.46
CA ALA A 170 5.02 13.59 0.55
C ALA A 170 4.55 13.66 2.01
N ALA A 171 5.00 12.68 2.84
CA ALA A 171 4.66 12.64 4.27
C ALA A 171 5.07 13.94 4.95
N ALA A 172 6.31 14.40 4.66
CA ALA A 172 6.83 15.66 5.20
C ALA A 172 5.99 16.82 4.66
N ALA A 173 5.60 16.70 3.37
CA ALA A 173 4.74 17.69 2.69
C ALA A 173 3.34 17.74 3.33
N ARG A 174 2.89 16.61 3.91
CA ARG A 174 1.59 16.52 4.58
C ARG A 174 1.65 17.17 5.95
N LEU A 175 2.77 16.94 6.65
CA LEU A 175 3.01 17.49 7.99
C LEU A 175 3.19 19.02 7.95
N GLY A 176 3.79 19.50 6.86
CA GLY A 176 4.00 20.94 6.70
C GLY A 176 5.44 21.31 6.41
N VAL A 177 6.06 20.54 5.50
CA VAL A 177 7.46 20.78 5.11
C VAL A 177 7.55 20.83 3.58
N ASN A 178 8.31 21.80 3.07
CA ASN A 178 8.49 21.97 1.62
C ASN A 178 9.69 21.15 1.12
N LEU A 179 9.43 19.86 0.89
CA LEU A 179 10.43 18.91 0.40
C LEU A 179 10.68 19.05 -1.11
N SER A 180 9.66 19.55 -1.83
CA SER A 180 9.74 19.74 -3.29
C SER A 180 10.88 20.67 -3.72
N LEU A 181 11.02 21.81 -3.01
CA LEU A 181 12.09 22.78 -3.32
C LEU A 181 13.46 22.33 -2.79
N LEU A 182 13.45 21.52 -1.73
CA LEU A 182 14.68 20.99 -1.12
C LEU A 182 15.27 19.84 -1.94
N THR A 183 14.41 19.09 -2.63
CA THR A 183 14.82 17.95 -3.46
C THR A 183 15.11 18.39 -4.90
N ALA A 184 14.17 19.16 -5.48
CA ALA A 184 14.29 19.66 -6.85
C ALA A 184 14.02 21.15 -6.92
N GLN A 185 15.03 21.91 -7.35
CA GLN A 185 14.93 23.36 -7.48
C GLN A 185 14.69 23.77 -8.93
N ALA A 186 13.82 24.77 -9.11
CA ALA A 186 13.47 25.27 -10.44
C ALA A 186 13.70 26.78 -10.53
N GLY A 187 14.41 27.21 -11.59
CA GLY A 187 14.68 28.62 -11.78
C GLY A 187 16.05 28.86 -12.41
N HIS A 188 16.13 29.85 -13.30
CA HIS A 188 17.38 30.20 -13.97
C HIS A 188 17.67 31.69 -13.84
N ALA A 189 18.95 32.03 -13.73
CA ALA A 189 19.39 33.42 -13.60
C ALA A 189 19.90 33.96 -14.94
N MET A 1 -19.90 19.59 3.80
CA MET A 1 -19.90 18.10 3.71
C MET A 1 -18.48 17.55 3.72
N LYS A 2 -18.30 16.42 4.41
CA LYS A 2 -16.98 15.77 4.51
C LYS A 2 -16.87 14.61 3.54
N GLN A 3 -15.70 14.49 2.90
CA GLN A 3 -15.43 13.42 1.94
C GLN A 3 -14.64 12.28 2.60
N SER A 4 -13.63 12.66 3.40
CA SER A 4 -12.79 11.69 4.10
C SER A 4 -13.18 11.57 5.57
N SER A 5 -12.93 10.40 6.16
CA SER A 5 -13.26 10.15 7.56
C SER A 5 -12.04 10.42 8.48
N PRO A 6 -12.01 11.57 9.23
CA PRO A 6 -10.90 11.90 10.13
C PRO A 6 -11.09 11.29 11.52
N THR A 7 -12.11 10.45 11.62
CA THR A 7 -12.50 9.78 12.85
C THR A 7 -11.86 8.39 12.97
N TYR A 8 -11.95 7.61 11.89
CA TYR A 8 -11.39 6.27 11.84
C TYR A 8 -10.16 6.19 10.93
N LEU A 9 -9.30 5.21 11.19
CA LEU A 9 -8.07 5.01 10.42
C LEU A 9 -8.27 3.96 9.33
N LYS A 10 -9.40 4.05 8.62
CA LYS A 10 -9.73 3.08 7.56
C LYS A 10 -9.19 3.54 6.19
N HIS A 11 -8.18 4.45 6.23
CA HIS A 11 -7.53 5.02 5.03
C HIS A 11 -6.53 6.12 5.45
N HIS A 12 -5.59 5.75 6.33
CA HIS A 12 -4.58 6.71 6.81
C HIS A 12 -3.17 6.10 6.78
N PHE A 13 -2.15 6.97 6.79
CA PHE A 13 -0.75 6.53 6.74
C PHE A 13 -0.11 6.48 8.12
N LEU A 14 0.62 5.38 8.36
CA LEU A 14 1.35 5.18 9.60
C LEU A 14 2.84 5.32 9.31
N ILE A 15 3.55 6.02 10.21
CA ILE A 15 4.99 6.25 10.04
C ILE A 15 5.74 5.58 11.19
N ALA A 16 6.81 4.86 10.85
CA ALA A 16 7.65 4.19 11.85
C ALA A 16 8.50 5.19 12.65
N MET A 17 8.30 5.22 13.97
CA MET A 17 9.03 6.13 14.84
C MET A 17 10.03 5.36 15.74
N PRO A 18 11.14 6.02 16.22
CA PRO A 18 12.15 5.36 17.07
C PRO A 18 11.72 5.29 18.55
N HIS A 19 10.82 4.34 18.84
CA HIS A 19 10.31 4.13 20.21
C HIS A 19 10.28 2.64 20.59
N MET A 20 10.30 1.76 19.57
CA MET A 20 10.26 0.32 19.80
C MET A 20 11.62 -0.31 19.44
N ALA A 21 11.64 -1.64 19.27
CA ALA A 21 12.87 -2.37 18.95
C ALA A 21 12.91 -2.81 17.48
N ASP A 22 12.39 -1.95 16.59
CA ASP A 22 12.36 -2.23 15.16
C ASP A 22 13.35 -1.31 14.40
N PRO A 23 14.66 -1.69 14.33
CA PRO A 23 15.69 -0.88 13.62
C PRO A 23 15.61 -1.01 12.09
N ASN A 24 15.04 -2.13 11.62
CA ASN A 24 14.89 -2.40 10.18
C ASN A 24 13.63 -1.75 9.62
N PHE A 25 12.55 -1.77 10.42
CA PHE A 25 11.25 -1.21 10.04
C PHE A 25 11.13 0.26 10.45
N ALA A 26 12.15 0.78 11.13
CA ALA A 26 12.20 2.18 11.64
C ALA A 26 12.09 3.28 10.56
N GLN A 27 11.97 2.91 9.28
CA GLN A 27 11.87 3.90 8.21
C GLN A 27 10.87 3.49 7.12
N THR A 28 9.73 2.95 7.56
CA THR A 28 8.67 2.52 6.65
C THR A 28 7.34 3.19 6.97
N VAL A 29 6.47 3.24 5.96
CA VAL A 29 5.14 3.84 6.07
C VAL A 29 4.08 2.89 5.50
N THR A 30 3.01 2.69 6.27
CA THR A 30 1.93 1.79 5.88
C THR A 30 0.62 2.55 5.62
N TYR A 31 -0.21 1.95 4.77
CA TYR A 31 -1.51 2.51 4.43
C TYR A 31 -2.57 1.65 5.10
N LEU A 32 -3.35 2.27 5.99
CA LEU A 32 -4.38 1.55 6.73
C LEU A 32 -5.66 1.41 5.91
N VAL A 33 -5.90 0.15 5.48
CA VAL A 33 -7.05 -0.23 4.67
C VAL A 33 -8.36 -0.10 5.47
N GLU A 34 -8.46 -0.87 6.56
CA GLU A 34 -9.64 -0.84 7.42
C GLU A 34 -9.23 -0.95 8.89
N HIS A 35 -9.51 0.11 9.66
CA HIS A 35 -9.17 0.14 11.07
C HIS A 35 -10.38 -0.21 11.92
N ASN A 36 -10.21 -1.19 12.81
CA ASN A 36 -11.27 -1.64 13.70
C ASN A 36 -10.73 -1.89 15.10
N GLU A 37 -11.61 -1.75 16.11
CA GLU A 37 -11.23 -1.98 17.52
C GLU A 37 -10.84 -3.46 17.77
N GLN A 38 -11.32 -4.34 16.87
CA GLN A 38 -11.03 -5.77 16.96
C GLN A 38 -9.84 -6.17 16.06
N GLY A 39 -9.25 -5.17 15.37
CA GLY A 39 -8.12 -5.43 14.48
C GLY A 39 -8.04 -4.42 13.35
N ALA A 40 -6.91 -4.41 12.62
CA ALA A 40 -6.71 -3.48 11.51
C ALA A 40 -5.90 -4.10 10.36
N MET A 41 -6.26 -3.72 9.13
CA MET A 41 -5.55 -4.19 7.93
C MET A 41 -5.03 -3.03 7.12
N GLY A 42 -3.79 -3.17 6.66
CA GLY A 42 -3.16 -2.14 5.87
C GLY A 42 -2.02 -2.68 5.02
N LEU A 43 -1.66 -1.96 3.96
CA LEU A 43 -0.57 -2.40 3.07
C LEU A 43 0.62 -1.46 3.16
N VAL A 44 1.83 -2.03 3.31
CA VAL A 44 3.08 -1.24 3.37
C VAL A 44 3.33 -0.61 1.98
N ILE A 45 3.49 0.71 1.95
CA ILE A 45 3.68 1.40 0.67
C ILE A 45 4.93 2.30 0.68
N ASN A 46 6.06 1.70 1.01
CA ASN A 46 7.35 2.40 1.03
C ASN A 46 8.51 1.46 0.61
N ARG A 47 8.18 0.19 0.37
CA ARG A 47 9.20 -0.81 -0.01
C ARG A 47 8.84 -1.64 -1.27
N PRO A 48 9.22 -1.20 -2.52
CA PRO A 48 8.99 -2.03 -3.73
C PRO A 48 9.67 -3.40 -3.63
N SER A 49 9.00 -4.45 -4.12
CA SER A 49 9.52 -5.83 -4.05
C SER A 49 10.70 -6.06 -5.00
N GLY A 50 10.58 -5.59 -6.24
CA GLY A 50 11.65 -5.77 -7.22
C GLY A 50 11.36 -6.88 -8.22
N LEU A 51 10.39 -7.75 -7.89
CA LEU A 51 10.00 -8.87 -8.77
C LEU A 51 8.93 -8.41 -9.76
N ASN A 52 8.74 -9.18 -10.83
CA ASN A 52 7.75 -8.85 -11.86
C ASN A 52 6.46 -9.66 -11.73
N LEU A 53 5.38 -9.14 -12.35
CA LEU A 53 4.04 -9.80 -12.31
C LEU A 53 4.08 -11.22 -12.89
N ALA A 54 5.01 -11.46 -13.82
CA ALA A 54 5.19 -12.78 -14.43
C ALA A 54 5.57 -13.84 -13.39
N GLU A 55 6.45 -13.45 -12.44
CA GLU A 55 6.92 -14.36 -11.38
C GLU A 55 5.77 -14.81 -10.48
N VAL A 56 4.91 -13.86 -10.04
CA VAL A 56 3.76 -14.22 -9.21
C VAL A 56 2.83 -15.14 -10.00
N LEU A 57 2.62 -14.78 -11.28
CA LEU A 57 1.81 -15.59 -12.22
C LEU A 57 2.37 -17.00 -12.33
N GLU A 58 3.70 -17.09 -12.24
CA GLU A 58 4.42 -18.36 -12.33
C GLU A 58 4.34 -19.12 -11.00
N GLN A 59 4.20 -18.36 -9.91
CA GLN A 59 4.09 -18.91 -8.56
C GLN A 59 2.69 -19.46 -8.34
N LEU A 60 1.74 -18.81 -9.03
CA LEU A 60 0.32 -19.15 -9.00
C LEU A 60 0.02 -20.37 -9.87
N LYS A 61 0.59 -20.37 -11.08
CA LYS A 61 0.42 -21.47 -12.02
C LYS A 61 1.78 -21.90 -12.60
N PRO A 62 2.19 -23.16 -12.31
CA PRO A 62 3.47 -23.72 -12.80
C PRO A 62 3.41 -24.16 -14.27
N ASP A 63 2.23 -24.61 -14.68
CA ASP A 63 1.97 -25.07 -16.05
C ASP A 63 1.69 -23.89 -16.99
N ALA A 64 1.41 -22.71 -16.40
CA ALA A 64 1.14 -21.50 -17.18
C ALA A 64 2.41 -20.76 -17.54
N LEU A 65 2.38 -20.07 -18.69
CA LEU A 65 3.51 -19.29 -19.16
C LEU A 65 3.13 -17.81 -19.26
N PRO A 66 3.87 -16.89 -18.56
CA PRO A 66 3.56 -15.45 -18.59
C PRO A 66 4.01 -14.79 -19.91
N PRO A 67 3.36 -13.67 -20.36
CA PRO A 67 3.72 -13.01 -21.62
C PRO A 67 4.72 -11.86 -21.40
N ALA A 68 4.85 -11.01 -22.42
CA ALA A 68 5.74 -9.85 -22.38
C ALA A 68 5.21 -8.74 -21.46
N ARG A 69 3.88 -8.73 -21.26
CA ARG A 69 3.19 -7.72 -20.44
C ARG A 69 3.54 -7.80 -18.94
N CYS A 70 3.50 -9.02 -18.38
CA CYS A 70 3.78 -9.26 -16.96
C CYS A 70 5.26 -9.11 -16.60
N GLN A 71 6.14 -9.32 -17.58
CA GLN A 71 7.60 -9.24 -17.38
C GLN A 71 8.07 -7.81 -17.15
N HIS A 72 7.33 -6.84 -17.70
CA HIS A 72 7.69 -5.42 -17.56
C HIS A 72 6.88 -4.74 -16.44
N ILE A 73 6.27 -5.56 -15.58
CA ILE A 73 5.47 -5.06 -14.44
C ILE A 73 6.16 -5.45 -13.14
N ASP A 74 6.17 -4.52 -12.17
CA ASP A 74 6.83 -4.75 -10.89
C ASP A 74 5.85 -4.98 -9.74
N ILE A 75 6.32 -5.74 -8.74
CA ILE A 75 5.53 -6.08 -7.54
C ILE A 75 6.00 -5.21 -6.35
N TYR A 76 5.08 -4.93 -5.41
CA TYR A 76 5.40 -4.12 -4.24
C TYR A 76 5.23 -4.93 -2.96
N ASN A 77 5.93 -4.54 -1.87
CA ASN A 77 5.81 -5.25 -0.58
C ASN A 77 4.64 -4.69 0.23
N GLY A 78 3.66 -5.55 0.58
CA GLY A 78 2.50 -5.09 1.34
C GLY A 78 2.54 -5.45 2.82
N GLY A 79 3.29 -6.50 3.17
CA GLY A 79 3.41 -6.89 4.55
C GLY A 79 3.87 -8.33 4.74
N PRO A 80 3.77 -8.87 5.98
CA PRO A 80 4.18 -10.24 6.30
C PRO A 80 3.07 -11.30 6.11
N VAL A 81 1.82 -10.84 5.93
CA VAL A 81 0.67 -11.75 5.76
C VAL A 81 0.51 -12.18 4.29
N GLN A 82 0.41 -13.51 4.06
CA GLN A 82 0.24 -14.13 2.73
C GLN A 82 1.20 -13.53 1.67
N THR A 83 2.44 -14.02 1.65
CA THR A 83 3.47 -13.56 0.70
C THR A 83 3.38 -14.28 -0.64
N ASP A 84 2.52 -15.30 -0.70
CA ASP A 84 2.33 -16.10 -1.91
C ASP A 84 1.29 -15.48 -2.87
N ARG A 85 0.66 -14.38 -2.46
CA ARG A 85 -0.36 -13.71 -3.29
C ARG A 85 -0.15 -12.21 -3.39
N GLY A 86 -0.63 -11.65 -4.51
CA GLY A 86 -0.55 -10.21 -4.74
C GLY A 86 -1.89 -9.52 -4.64
N PHE A 87 -1.86 -8.37 -3.95
CA PHE A 87 -3.04 -7.52 -3.71
C PHE A 87 -3.24 -6.56 -4.87
N VAL A 88 -4.49 -6.25 -5.18
CA VAL A 88 -4.82 -5.33 -6.28
C VAL A 88 -5.72 -4.18 -5.79
N LEU A 89 -5.12 -3.00 -5.61
CA LEU A 89 -5.87 -1.81 -5.15
C LEU A 89 -6.05 -0.83 -6.30
N HIS A 90 -7.29 -0.39 -6.53
CA HIS A 90 -7.61 0.54 -7.63
C HIS A 90 -8.42 1.77 -7.11
N PRO A 91 -8.59 2.88 -7.92
CA PRO A 91 -9.34 4.07 -7.50
C PRO A 91 -10.81 4.10 -8.00
N SER A 92 -11.32 2.92 -8.36
CA SER A 92 -12.68 2.78 -8.89
C SER A 92 -13.62 2.12 -7.89
N GLY A 93 -14.92 2.32 -8.09
CA GLY A 93 -15.94 1.74 -7.23
C GLY A 93 -16.50 0.43 -7.77
N LEU A 94 -15.72 -0.23 -8.66
CA LEU A 94 -16.12 -1.51 -9.26
C LEU A 94 -15.75 -2.68 -8.35
N SER A 95 -16.49 -3.78 -8.47
CA SER A 95 -16.25 -4.96 -7.63
C SER A 95 -16.12 -6.24 -8.45
N TYR A 96 -15.42 -7.22 -7.84
CA TYR A 96 -15.18 -8.52 -8.46
C TYR A 96 -15.56 -9.64 -7.47
N GLN A 97 -14.89 -10.81 -7.56
CA GLN A 97 -15.15 -11.95 -6.66
C GLN A 97 -14.93 -11.57 -5.19
N SER A 98 -13.81 -10.89 -4.93
CA SER A 98 -13.44 -10.44 -3.59
C SER A 98 -12.89 -9.02 -3.63
N THR A 99 -13.81 -8.04 -3.66
CA THR A 99 -13.43 -6.63 -3.71
C THR A 99 -14.11 -5.82 -2.61
N LEU A 100 -13.29 -5.16 -1.79
CA LEU A 100 -13.76 -4.32 -0.70
C LEU A 100 -13.67 -2.85 -1.10
N GLU A 101 -14.81 -2.18 -1.08
CA GLU A 101 -14.87 -0.76 -1.41
C GLU A 101 -14.43 0.08 -0.21
N LEU A 102 -13.43 0.92 -0.45
CA LEU A 102 -12.88 1.80 0.58
C LEU A 102 -13.04 3.28 0.18
N GLY A 103 -14.23 3.60 -0.32
CA GLY A 103 -14.56 4.96 -0.73
C GLY A 103 -13.68 5.48 -1.86
N GLU A 104 -12.69 6.30 -1.49
CA GLU A 104 -11.74 6.92 -2.45
C GLU A 104 -11.01 5.88 -3.32
N LEU A 105 -11.09 4.60 -2.91
CA LEU A 105 -10.43 3.49 -3.63
C LEU A 105 -11.05 2.15 -3.24
N ALA A 106 -10.84 1.14 -4.10
CA ALA A 106 -11.36 -0.21 -3.87
C ALA A 106 -10.19 -1.19 -3.74
N MET A 107 -10.43 -2.33 -3.09
CA MET A 107 -9.40 -3.34 -2.88
C MET A 107 -9.89 -4.68 -3.46
N SER A 108 -9.04 -5.31 -4.27
CA SER A 108 -9.38 -6.58 -4.90
C SER A 108 -8.30 -7.61 -4.60
N THR A 109 -8.74 -8.78 -4.12
CA THR A 109 -7.82 -9.86 -3.76
C THR A 109 -8.09 -11.13 -4.57
N SER A 110 -8.87 -10.97 -5.66
CA SER A 110 -9.23 -12.09 -6.53
C SER A 110 -8.19 -12.31 -7.63
N GLN A 111 -7.75 -13.57 -7.77
CA GLN A 111 -6.78 -13.96 -8.79
C GLN A 111 -7.35 -13.67 -10.19
N ASP A 112 -8.70 -13.73 -10.28
CA ASP A 112 -9.44 -13.47 -11.51
C ASP A 112 -9.26 -11.99 -11.93
N VAL A 113 -9.35 -11.06 -10.95
CA VAL A 113 -9.14 -9.63 -11.23
C VAL A 113 -7.67 -9.38 -11.58
N LEU A 114 -6.76 -10.14 -10.94
CA LEU A 114 -5.31 -10.04 -11.20
C LEU A 114 -5.03 -10.34 -12.68
N PHE A 115 -5.60 -11.47 -13.18
CA PHE A 115 -5.44 -11.88 -14.58
C PHE A 115 -6.16 -10.91 -15.52
N ALA A 116 -7.36 -10.44 -15.09
CA ALA A 116 -8.17 -9.51 -15.88
C ALA A 116 -7.43 -8.19 -16.12
N ILE A 117 -6.95 -7.57 -15.05
CA ILE A 117 -6.22 -6.29 -15.14
C ILE A 117 -4.90 -6.46 -15.90
N ALA A 118 -4.18 -7.53 -15.59
CA ALA A 118 -2.92 -7.81 -16.27
C ALA A 118 -3.17 -7.93 -17.78
N ALA A 119 -4.38 -8.41 -18.13
CA ALA A 119 -4.81 -8.51 -19.52
C ALA A 119 -5.40 -7.19 -19.99
N GLY A 120 -5.78 -6.37 -19.02
CA GLY A 120 -6.32 -5.05 -19.29
C GLY A 120 -7.83 -4.97 -19.22
N THR A 121 -8.45 -5.98 -18.64
CA THR A 121 -9.90 -6.04 -18.53
C THR A 121 -10.38 -5.77 -17.09
N GLY A 122 -9.44 -5.36 -16.21
CA GLY A 122 -9.79 -5.08 -14.83
C GLY A 122 -10.09 -3.59 -14.59
N PRO A 123 -9.61 -3.00 -13.47
CA PRO A 123 -9.85 -1.57 -13.13
C PRO A 123 -8.93 -0.60 -13.87
N GLU A 124 -9.29 0.69 -13.79
CA GLU A 124 -8.56 1.81 -14.41
C GLU A 124 -7.06 1.75 -14.10
N LYS A 125 -6.75 1.81 -12.81
CA LYS A 125 -5.36 1.78 -12.30
C LYS A 125 -5.32 0.94 -11.04
N SER A 126 -4.29 0.13 -10.87
CA SER A 126 -4.20 -0.73 -9.69
C SER A 126 -2.79 -0.78 -9.10
N LEU A 127 -2.71 -1.35 -7.89
CA LEU A 127 -1.46 -1.53 -7.17
C LEU A 127 -1.33 -3.00 -6.80
N ILE A 128 -0.29 -3.65 -7.31
CA ILE A 128 -0.03 -5.06 -7.01
C ILE A 128 0.99 -5.16 -5.89
N SER A 129 0.49 -5.44 -4.69
CA SER A 129 1.32 -5.53 -3.50
C SER A 129 1.24 -6.93 -2.88
N LEU A 130 2.40 -7.59 -2.83
CA LEU A 130 2.53 -8.95 -2.28
C LEU A 130 2.26 -8.97 -0.77
N GLY A 131 1.14 -9.61 -0.41
CA GLY A 131 0.74 -9.73 0.99
C GLY A 131 0.24 -8.44 1.61
N TYR A 132 -0.33 -8.55 2.81
CA TYR A 132 -0.86 -7.40 3.55
C TYR A 132 -0.30 -7.37 4.97
N ALA A 133 -0.69 -6.32 5.70
CA ALA A 133 -0.28 -6.14 7.08
C ALA A 133 -1.51 -6.15 7.97
N GLY A 134 -1.44 -6.91 9.06
CA GLY A 134 -2.57 -7.02 9.96
C GLY A 134 -2.19 -6.79 11.41
N TRP A 135 -3.15 -6.26 12.18
CA TRP A 135 -2.95 -5.98 13.59
C TRP A 135 -4.09 -6.57 14.42
N GLU A 136 -3.72 -7.22 15.53
CA GLU A 136 -4.69 -7.85 16.43
C GLU A 136 -5.39 -6.82 17.32
N ALA A 137 -6.57 -7.18 17.84
CA ALA A 137 -7.38 -6.30 18.70
C ALA A 137 -6.60 -5.77 19.92
N GLY A 138 -6.01 -4.59 19.75
CA GLY A 138 -5.25 -3.96 20.81
C GLY A 138 -3.79 -3.70 20.44
N GLN A 139 -3.26 -4.52 19.51
CA GLN A 139 -1.88 -4.41 19.04
C GLN A 139 -1.56 -3.00 18.50
N LEU A 140 -2.47 -2.46 17.67
CA LEU A 140 -2.28 -1.12 17.10
C LEU A 140 -2.36 -0.06 18.19
N GLU A 141 -3.39 -0.16 19.06
CA GLU A 141 -3.58 0.76 20.20
C GLU A 141 -2.34 0.76 21.10
N ALA A 142 -1.67 -0.40 21.16
CA ALA A 142 -0.46 -0.60 21.95
C ALA A 142 0.73 0.17 21.34
N GLU A 143 0.93 -0.02 20.02
CA GLU A 143 2.02 0.65 19.29
C GLU A 143 1.71 2.15 19.12
N LEU A 144 0.42 2.47 19.10
CA LEU A 144 -0.08 3.83 18.96
C LEU A 144 0.11 4.63 20.26
N SER A 145 -0.12 3.96 21.41
CA SER A 145 0.04 4.56 22.73
C SER A 145 1.53 4.62 23.12
N ASP A 146 2.28 3.64 22.60
CA ASP A 146 3.73 3.53 22.83
C ASP A 146 4.53 4.47 21.91
N ASN A 147 3.79 5.23 21.08
CA ASN A 147 4.39 6.19 20.11
C ASN A 147 5.31 5.47 19.10
N ALA A 148 4.99 4.20 18.83
CA ALA A 148 5.76 3.38 17.89
C ALA A 148 5.36 3.64 16.44
N TRP A 149 4.05 3.77 16.19
CA TRP A 149 3.53 4.02 14.85
C TRP A 149 2.66 5.29 14.86
N LEU A 150 3.15 6.35 14.18
CA LEU A 150 2.42 7.63 14.11
C LEU A 150 1.37 7.61 13.00
N THR A 151 0.19 8.18 13.30
CA THR A 151 -0.92 8.24 12.34
C THR A 151 -1.05 9.64 11.74
N CYS A 152 -1.29 9.68 10.42
CA CYS A 152 -1.46 10.94 9.69
C CYS A 152 -2.35 10.74 8.46
N PRO A 153 -3.04 11.80 7.94
CA PRO A 153 -3.89 11.68 6.73
C PRO A 153 -3.08 11.22 5.52
N ALA A 154 -3.75 10.67 4.50
CA ALA A 154 -3.04 10.16 3.32
C ALA A 154 -3.63 10.63 2.00
N ASP A 155 -2.86 10.40 0.93
CA ASP A 155 -3.24 10.72 -0.44
C ASP A 155 -2.90 9.52 -1.32
N PRO A 156 -3.80 9.10 -2.24
CA PRO A 156 -3.57 7.92 -3.11
C PRO A 156 -2.56 8.17 -4.22
N ALA A 157 -2.43 9.42 -4.63
CA ALA A 157 -1.49 9.83 -5.68
C ALA A 157 -0.05 9.36 -5.39
N ILE A 158 0.35 9.44 -4.11
CA ILE A 158 1.68 9.00 -3.65
C ILE A 158 1.77 7.47 -3.68
N LEU A 159 0.64 6.86 -3.36
CA LEU A 159 0.49 5.41 -3.24
C LEU A 159 0.47 4.74 -4.63
N PHE A 160 -0.19 5.41 -5.59
CA PHE A 160 -0.31 4.91 -6.97
C PHE A 160 0.88 5.27 -7.86
N ASP A 161 1.51 6.44 -7.63
CA ASP A 161 2.66 6.86 -8.46
C ASP A 161 3.98 6.30 -7.91
N LEU A 162 4.47 6.85 -6.77
CA LEU A 162 5.73 6.40 -6.17
C LEU A 162 5.67 6.38 -4.66
N PRO A 163 5.44 5.17 -4.08
CA PRO A 163 5.45 5.00 -2.63
C PRO A 163 6.85 4.57 -2.06
N PRO A 164 7.95 4.38 -2.88
CA PRO A 164 9.27 3.93 -2.37
C PRO A 164 10.04 5.00 -1.58
N GLU A 165 10.19 6.17 -2.22
CA GLU A 165 10.92 7.30 -1.67
C GLU A 165 10.00 8.52 -1.62
N GLU A 166 9.05 8.56 -2.57
CA GLU A 166 8.07 9.65 -2.64
C GLU A 166 7.08 9.56 -1.46
N ARG A 167 7.11 8.42 -0.73
CA ARG A 167 6.27 8.23 0.46
C ARG A 167 6.86 9.01 1.63
N LEU A 168 8.20 8.98 1.73
CA LEU A 168 8.92 9.71 2.78
C LEU A 168 8.86 11.22 2.47
N SER A 169 9.20 11.58 1.21
CA SER A 169 9.15 12.99 0.77
C SER A 169 7.73 13.57 0.90
N ALA A 170 6.72 12.83 0.41
CA ALA A 170 5.32 13.27 0.50
C ALA A 170 4.85 13.35 1.96
N ALA A 171 5.27 12.37 2.78
CA ALA A 171 4.91 12.33 4.21
C ALA A 171 5.35 13.62 4.90
N ALA A 172 6.61 14.03 4.63
CA ALA A 172 7.16 15.28 5.16
C ALA A 172 6.36 16.46 4.62
N ALA A 173 5.97 16.35 3.33
CA ALA A 173 5.16 17.35 2.64
C ALA A 173 3.76 17.46 3.26
N ARG A 174 3.27 16.36 3.86
CA ARG A 174 1.97 16.31 4.52
C ARG A 174 2.04 16.97 5.89
N LEU A 175 3.17 16.72 6.59
CA LEU A 175 3.41 17.28 7.93
C LEU A 175 3.69 18.79 7.86
N GLY A 176 4.31 19.23 6.75
CA GLY A 176 4.62 20.64 6.57
C GLY A 176 6.10 20.94 6.68
N VAL A 177 6.91 20.18 5.93
CA VAL A 177 8.37 20.36 5.92
C VAL A 177 8.86 20.51 4.48
N ASN A 178 9.95 21.27 4.30
CA ASN A 178 10.54 21.48 2.97
C ASN A 178 11.56 20.39 2.64
N LEU A 179 11.03 19.23 2.23
CA LEU A 179 11.84 18.07 1.86
C LEU A 179 12.45 18.21 0.45
N SER A 180 11.78 19.00 -0.41
CA SER A 180 12.21 19.22 -1.79
C SER A 180 13.61 19.85 -1.89
N LEU A 181 13.89 20.84 -1.03
CA LEU A 181 15.20 21.53 -1.03
C LEU A 181 16.30 20.69 -0.34
N LEU A 182 15.88 19.82 0.60
CA LEU A 182 16.80 18.96 1.35
C LEU A 182 17.28 17.76 0.50
N THR A 183 16.36 17.21 -0.31
CA THR A 183 16.68 16.07 -1.18
C THR A 183 17.08 16.52 -2.58
N ALA A 184 16.25 17.42 -3.17
CA ALA A 184 16.47 17.98 -4.52
C ALA A 184 16.57 16.89 -5.61
N GLN A 185 15.59 16.90 -6.53
CA GLN A 185 15.54 15.93 -7.61
C GLN A 185 15.82 16.60 -8.96
N ALA A 186 16.72 16.00 -9.74
CA ALA A 186 17.09 16.52 -11.06
C ALA A 186 16.41 15.74 -12.17
N GLY A 187 15.79 16.47 -13.11
CA GLY A 187 15.10 15.86 -14.22
C GLY A 187 15.03 16.76 -15.44
N HIS A 188 13.91 17.47 -15.57
CA HIS A 188 13.69 18.39 -16.69
C HIS A 188 13.97 19.85 -16.28
N ALA A 189 13.55 20.21 -15.07
CA ALA A 189 13.75 21.55 -14.54
C ALA A 189 14.94 21.60 -13.58
N MET A 1 -7.84 18.43 10.17
CA MET A 1 -8.14 17.26 11.04
C MET A 1 -9.27 16.42 10.47
N LYS A 2 -10.31 17.09 9.94
CA LYS A 2 -11.47 16.42 9.37
C LYS A 2 -11.38 16.39 7.84
N GLN A 3 -11.31 15.17 7.27
CA GLN A 3 -11.23 15.00 5.82
C GLN A 3 -12.16 13.87 5.35
N SER A 4 -12.00 12.67 5.93
CA SER A 4 -12.82 11.51 5.58
C SER A 4 -13.17 10.69 6.82
N SER A 5 -12.14 10.34 7.61
CA SER A 5 -12.32 9.53 8.83
C SER A 5 -11.55 10.17 10.01
N PRO A 6 -12.18 11.13 10.76
CA PRO A 6 -11.55 11.78 11.91
C PRO A 6 -11.77 11.02 13.22
N THR A 7 -12.34 9.83 13.07
CA THR A 7 -12.66 8.95 14.18
C THR A 7 -11.90 7.62 14.07
N TYR A 8 -12.04 6.95 12.91
CA TYR A 8 -11.38 5.67 12.67
C TYR A 8 -10.25 5.81 11.65
N LEU A 9 -9.29 4.87 11.73
CA LEU A 9 -8.13 4.85 10.84
C LEU A 9 -8.35 3.87 9.69
N LYS A 10 -9.48 3.99 9.01
CA LYS A 10 -9.82 3.09 7.90
C LYS A 10 -9.36 3.67 6.55
N HIS A 11 -8.38 4.60 6.62
CA HIS A 11 -7.84 5.31 5.43
C HIS A 11 -6.78 6.35 5.87
N HIS A 12 -5.76 5.89 6.62
CA HIS A 12 -4.68 6.79 7.09
C HIS A 12 -3.31 6.13 6.99
N PHE A 13 -2.25 6.94 6.99
CA PHE A 13 -0.87 6.43 6.88
C PHE A 13 -0.17 6.38 8.23
N LEU A 14 0.55 5.28 8.44
CA LEU A 14 1.33 5.06 9.66
C LEU A 14 2.81 5.20 9.34
N ILE A 15 3.55 5.81 10.26
CA ILE A 15 4.99 6.02 10.08
C ILE A 15 5.76 5.33 11.22
N ALA A 16 6.82 4.61 10.84
CA ALA A 16 7.66 3.89 11.79
C ALA A 16 8.61 4.82 12.55
N MET A 17 8.57 4.74 13.88
CA MET A 17 9.42 5.57 14.74
C MET A 17 10.49 4.72 15.45
N PRO A 18 11.64 5.32 15.89
CA PRO A 18 12.72 4.58 16.58
C PRO A 18 12.45 4.38 18.09
N HIS A 19 11.16 4.30 18.46
CA HIS A 19 10.75 4.12 19.86
C HIS A 19 10.72 2.64 20.27
N MET A 20 10.72 1.73 19.30
CA MET A 20 10.71 0.29 19.57
C MET A 20 12.02 -0.36 19.11
N ALA A 21 12.04 -1.69 19.06
CA ALA A 21 13.23 -2.45 18.66
C ALA A 21 13.09 -3.00 17.23
N ASP A 22 12.52 -2.19 16.33
CA ASP A 22 12.33 -2.58 14.93
C ASP A 22 13.23 -1.73 14.00
N PRO A 23 14.54 -2.09 13.88
CA PRO A 23 15.49 -1.37 13.00
C PRO A 23 15.30 -1.67 11.51
N ASN A 24 14.68 -2.81 11.21
CA ASN A 24 14.43 -3.24 9.84
C ASN A 24 13.15 -2.63 9.28
N PHE A 25 12.14 -2.48 10.14
CA PHE A 25 10.85 -1.91 9.76
C PHE A 25 10.81 -0.38 9.93
N ALA A 26 11.95 0.21 10.32
CA ALA A 26 12.05 1.65 10.51
C ALA A 26 11.93 2.42 9.19
N GLN A 27 11.66 3.74 9.29
CA GLN A 27 11.50 4.66 8.14
C GLN A 27 10.52 4.14 7.06
N THR A 28 9.50 3.39 7.46
CA THR A 28 8.50 2.88 6.51
C THR A 28 7.13 3.44 6.83
N VAL A 29 6.27 3.51 5.79
CA VAL A 29 4.91 4.02 5.95
C VAL A 29 3.89 3.04 5.37
N THR A 30 2.83 2.80 6.14
CA THR A 30 1.77 1.88 5.76
C THR A 30 0.45 2.62 5.56
N TYR A 31 -0.41 2.06 4.72
CA TYR A 31 -1.72 2.62 4.44
C TYR A 31 -2.76 1.75 5.14
N LEU A 32 -3.51 2.35 6.08
CA LEU A 32 -4.52 1.62 6.81
C LEU A 32 -5.83 1.53 6.03
N VAL A 33 -6.08 0.30 5.56
CA VAL A 33 -7.25 -0.06 4.75
C VAL A 33 -8.54 0.02 5.60
N GLU A 34 -8.59 -0.79 6.68
CA GLU A 34 -9.76 -0.81 7.56
C GLU A 34 -9.31 -0.97 9.03
N HIS A 35 -9.54 0.07 9.83
CA HIS A 35 -9.19 0.04 11.24
C HIS A 35 -10.40 -0.32 12.10
N ASN A 36 -10.22 -1.32 12.96
CA ASN A 36 -11.27 -1.78 13.84
C ASN A 36 -10.73 -2.08 15.24
N GLU A 37 -11.59 -1.97 16.26
CA GLU A 37 -11.21 -2.24 17.65
C GLU A 37 -10.85 -3.71 17.88
N GLN A 38 -11.29 -4.56 16.94
CA GLN A 38 -11.02 -6.00 16.99
C GLN A 38 -9.84 -6.39 16.07
N GLY A 39 -9.25 -5.38 15.39
CA GLY A 39 -8.15 -5.63 14.47
C GLY A 39 -8.05 -4.56 13.39
N ALA A 40 -6.93 -4.53 12.66
CA ALA A 40 -6.71 -3.54 11.60
C ALA A 40 -5.94 -4.11 10.41
N MET A 41 -6.31 -3.68 9.19
CA MET A 41 -5.64 -4.11 7.96
C MET A 41 -5.14 -2.93 7.16
N GLY A 42 -3.93 -3.08 6.65
CA GLY A 42 -3.30 -2.05 5.84
C GLY A 42 -2.18 -2.59 4.99
N LEU A 43 -1.84 -1.87 3.91
CA LEU A 43 -0.76 -2.31 3.01
C LEU A 43 0.44 -1.36 3.08
N VAL A 44 1.65 -1.93 3.23
CA VAL A 44 2.90 -1.15 3.29
C VAL A 44 3.15 -0.53 1.90
N ILE A 45 3.29 0.80 1.86
CA ILE A 45 3.48 1.49 0.58
C ILE A 45 4.68 2.44 0.59
N ASN A 46 5.84 1.89 0.94
CA ASN A 46 7.10 2.66 0.98
C ASN A 46 8.30 1.80 0.53
N ARG A 47 8.07 0.49 0.33
CA ARG A 47 9.14 -0.43 -0.08
C ARG A 47 8.76 -1.33 -1.28
N PRO A 48 9.06 -0.91 -2.57
CA PRO A 48 8.81 -1.77 -3.74
C PRO A 48 9.59 -3.08 -3.70
N SER A 49 9.00 -4.14 -4.24
CA SER A 49 9.62 -5.47 -4.29
C SER A 49 10.45 -5.62 -5.58
N GLY A 50 11.35 -6.62 -5.58
CA GLY A 50 12.23 -6.84 -6.73
C GLY A 50 11.69 -7.86 -7.73
N LEU A 51 10.56 -8.51 -7.39
CA LEU A 51 9.96 -9.52 -8.27
C LEU A 51 8.97 -8.89 -9.26
N ASN A 52 8.82 -9.52 -10.42
CA ASN A 52 7.92 -9.07 -11.48
C ASN A 52 6.60 -9.84 -11.43
N LEU A 53 5.57 -9.32 -12.14
CA LEU A 53 4.23 -9.97 -12.18
C LEU A 53 4.31 -11.41 -12.73
N ALA A 54 5.32 -11.68 -13.56
CA ALA A 54 5.54 -13.02 -14.14
C ALA A 54 5.81 -14.08 -13.08
N GLU A 55 6.64 -13.74 -12.08
CA GLU A 55 7.00 -14.69 -11.01
C GLU A 55 5.79 -15.11 -10.19
N VAL A 56 4.95 -14.12 -9.79
CA VAL A 56 3.72 -14.43 -9.04
C VAL A 56 2.81 -15.30 -9.92
N LEU A 57 2.67 -14.89 -11.19
CA LEU A 57 1.88 -15.64 -12.20
C LEU A 57 2.36 -17.09 -12.28
N GLU A 58 3.67 -17.27 -12.13
CA GLU A 58 4.31 -18.57 -12.18
C GLU A 58 4.12 -19.34 -10.87
N GLN A 59 3.97 -18.58 -9.78
CA GLN A 59 3.76 -19.14 -8.44
C GLN A 59 2.31 -19.60 -8.29
N LEU A 60 1.45 -18.87 -9.02
CA LEU A 60 0.01 -19.11 -9.04
C LEU A 60 -0.35 -20.29 -9.94
N LYS A 61 0.25 -20.32 -11.13
CA LYS A 61 0.01 -21.39 -12.09
C LYS A 61 1.33 -21.93 -12.65
N PRO A 62 1.63 -23.23 -12.41
CA PRO A 62 2.86 -23.89 -12.89
C PRO A 62 2.79 -24.25 -14.38
N ASP A 63 1.56 -24.57 -14.84
CA ASP A 63 1.30 -24.94 -16.23
C ASP A 63 1.15 -23.70 -17.12
N ALA A 64 0.97 -22.53 -16.48
CA ALA A 64 0.85 -21.26 -17.21
C ALA A 64 2.20 -20.67 -17.57
N LEU A 65 2.24 -19.96 -18.69
CA LEU A 65 3.46 -19.32 -19.15
C LEU A 65 3.31 -17.81 -19.20
N PRO A 66 4.17 -17.04 -18.45
CA PRO A 66 4.10 -15.56 -18.42
C PRO A 66 4.56 -14.93 -19.75
N PRO A 67 3.86 -13.87 -20.27
CA PRO A 67 4.23 -13.22 -21.54
C PRO A 67 5.21 -12.06 -21.34
N ALA A 68 5.23 -11.15 -22.32
CA ALA A 68 6.10 -9.97 -22.29
C ALA A 68 5.56 -8.89 -21.36
N ARG A 69 4.23 -8.91 -21.13
CA ARG A 69 3.54 -7.91 -20.28
C ARG A 69 3.95 -8.02 -18.79
N CYS A 70 3.97 -9.24 -18.25
CA CYS A 70 4.31 -9.50 -16.85
C CYS A 70 5.77 -9.19 -16.50
N GLN A 71 6.64 -9.34 -17.50
CA GLN A 71 8.09 -9.14 -17.34
C GLN A 71 8.46 -7.69 -17.03
N HIS A 72 7.69 -6.75 -17.58
CA HIS A 72 7.94 -5.34 -17.38
C HIS A 72 7.10 -4.76 -16.22
N ILE A 73 6.45 -5.64 -15.45
CA ILE A 73 5.62 -5.24 -14.32
C ILE A 73 6.31 -5.64 -13.01
N ASP A 74 6.28 -4.73 -12.04
CA ASP A 74 6.93 -4.94 -10.74
C ASP A 74 5.93 -5.16 -9.61
N ILE A 75 6.38 -5.88 -8.59
CA ILE A 75 5.58 -6.17 -7.39
C ILE A 75 6.01 -5.23 -6.25
N TYR A 76 5.10 -4.95 -5.31
CA TYR A 76 5.40 -4.08 -4.18
C TYR A 76 5.29 -4.86 -2.86
N ASN A 77 5.97 -4.40 -1.79
CA ASN A 77 5.89 -5.09 -0.50
C ASN A 77 4.74 -4.53 0.34
N GLY A 78 3.74 -5.38 0.66
CA GLY A 78 2.58 -4.91 1.43
C GLY A 78 2.60 -5.30 2.90
N GLY A 79 3.33 -6.36 3.25
CA GLY A 79 3.42 -6.75 4.65
C GLY A 79 3.85 -8.20 4.85
N PRO A 80 3.72 -8.72 6.10
CA PRO A 80 4.11 -10.10 6.44
C PRO A 80 2.99 -11.14 6.24
N VAL A 81 1.74 -10.67 6.08
CA VAL A 81 0.58 -11.58 5.91
C VAL A 81 0.46 -12.05 4.46
N GLN A 82 0.42 -13.39 4.29
CA GLN A 82 0.31 -14.07 2.96
C GLN A 82 1.26 -13.48 1.90
N THR A 83 2.48 -14.03 1.83
CA THR A 83 3.49 -13.59 0.86
C THR A 83 3.34 -14.30 -0.49
N ASP A 84 2.48 -15.33 -0.51
CA ASP A 84 2.22 -16.12 -1.72
C ASP A 84 1.22 -15.44 -2.68
N ARG A 85 0.57 -14.37 -2.22
CA ARG A 85 -0.40 -13.65 -3.04
C ARG A 85 -0.21 -12.14 -3.01
N GLY A 86 -0.61 -11.50 -4.11
CA GLY A 86 -0.53 -10.05 -4.25
C GLY A 86 -1.88 -9.38 -4.23
N PHE A 87 -1.89 -8.22 -3.59
CA PHE A 87 -3.09 -7.38 -3.45
C PHE A 87 -3.22 -6.45 -4.65
N VAL A 88 -4.46 -6.12 -5.01
CA VAL A 88 -4.74 -5.24 -6.14
C VAL A 88 -5.63 -4.07 -5.72
N LEU A 89 -5.03 -2.89 -5.56
CA LEU A 89 -5.76 -1.68 -5.16
C LEU A 89 -5.94 -0.74 -6.35
N HIS A 90 -7.19 -0.34 -6.60
CA HIS A 90 -7.52 0.56 -7.72
C HIS A 90 -8.36 1.77 -7.24
N PRO A 91 -8.59 2.84 -8.08
CA PRO A 91 -9.37 4.03 -7.67
C PRO A 91 -10.85 3.98 -8.15
N SER A 92 -11.30 2.78 -8.51
CA SER A 92 -12.66 2.59 -9.01
C SER A 92 -13.57 1.93 -7.98
N GLY A 93 -14.88 2.11 -8.16
CA GLY A 93 -15.87 1.52 -7.25
C GLY A 93 -16.45 0.23 -7.80
N LEU A 94 -15.72 -0.43 -8.71
CA LEU A 94 -16.14 -1.69 -9.32
C LEU A 94 -15.76 -2.88 -8.43
N SER A 95 -16.50 -3.99 -8.55
CA SER A 95 -16.23 -5.17 -7.74
C SER A 95 -16.02 -6.43 -8.59
N TYR A 96 -15.32 -7.39 -7.98
CA TYR A 96 -15.00 -8.67 -8.61
C TYR A 96 -15.35 -9.82 -7.64
N GLN A 97 -14.62 -10.95 -7.74
CA GLN A 97 -14.84 -12.11 -6.85
C GLN A 97 -14.61 -11.74 -5.38
N SER A 98 -13.49 -11.04 -5.13
CA SER A 98 -13.14 -10.59 -3.79
C SER A 98 -12.62 -9.14 -3.83
N THR A 99 -13.57 -8.19 -3.81
CA THR A 99 -13.23 -6.77 -3.87
C THR A 99 -13.91 -5.98 -2.75
N LEU A 100 -13.08 -5.34 -1.92
CA LEU A 100 -13.54 -4.51 -0.81
C LEU A 100 -13.51 -3.04 -1.21
N GLU A 101 -14.67 -2.40 -1.16
CA GLU A 101 -14.77 -0.98 -1.48
C GLU A 101 -14.38 -0.12 -0.28
N LEU A 102 -13.45 0.79 -0.52
CA LEU A 102 -12.95 1.70 0.51
C LEU A 102 -13.11 3.16 0.07
N GLY A 103 -14.33 3.48 -0.37
CA GLY A 103 -14.69 4.82 -0.80
C GLY A 103 -14.02 5.22 -2.09
N GLU A 104 -13.11 6.18 -1.99
CA GLU A 104 -12.37 6.72 -3.15
C GLU A 104 -11.47 5.67 -3.83
N LEU A 105 -11.37 4.49 -3.21
CA LEU A 105 -10.55 3.39 -3.74
C LEU A 105 -11.10 2.03 -3.33
N ALA A 106 -10.84 1.02 -4.16
CA ALA A 106 -11.30 -0.35 -3.92
C ALA A 106 -10.09 -1.29 -3.85
N MET A 107 -10.28 -2.45 -3.21
CA MET A 107 -9.21 -3.44 -3.07
C MET A 107 -9.70 -4.79 -3.60
N SER A 108 -8.83 -5.51 -4.29
CA SER A 108 -9.18 -6.81 -4.86
C SER A 108 -8.09 -7.83 -4.60
N THR A 109 -8.50 -8.99 -4.13
CA THR A 109 -7.57 -10.09 -3.82
C THR A 109 -7.86 -11.32 -4.69
N SER A 110 -8.62 -11.11 -5.76
CA SER A 110 -9.00 -12.18 -6.68
C SER A 110 -8.00 -12.34 -7.82
N GLN A 111 -7.57 -13.60 -8.04
CA GLN A 111 -6.63 -13.93 -9.12
C GLN A 111 -7.25 -13.61 -10.49
N ASP A 112 -8.59 -13.65 -10.52
CA ASP A 112 -9.38 -13.32 -11.72
C ASP A 112 -9.21 -11.85 -12.10
N VAL A 113 -9.22 -10.95 -11.09
CA VAL A 113 -9.02 -9.52 -11.33
C VAL A 113 -7.55 -9.26 -11.73
N LEU A 114 -6.62 -10.00 -11.10
CA LEU A 114 -5.18 -9.89 -11.40
C LEU A 114 -4.92 -10.18 -12.88
N PHE A 115 -5.48 -11.30 -13.37
CA PHE A 115 -5.36 -11.71 -14.77
C PHE A 115 -6.11 -10.75 -15.70
N ALA A 116 -7.31 -10.30 -15.23
CA ALA A 116 -8.14 -9.38 -16.00
C ALA A 116 -7.43 -8.06 -16.26
N ILE A 117 -6.93 -7.43 -15.19
CA ILE A 117 -6.22 -6.15 -15.29
C ILE A 117 -4.92 -6.28 -16.06
N ALA A 118 -4.17 -7.35 -15.76
CA ALA A 118 -2.92 -7.62 -16.45
C ALA A 118 -3.17 -7.71 -17.96
N ALA A 119 -4.38 -8.22 -18.31
CA ALA A 119 -4.83 -8.31 -19.70
C ALA A 119 -5.44 -6.99 -20.16
N GLY A 120 -5.84 -6.19 -19.16
CA GLY A 120 -6.41 -4.88 -19.41
C GLY A 120 -7.92 -4.83 -19.32
N THR A 121 -8.51 -5.86 -18.76
CA THR A 121 -9.96 -5.94 -18.61
C THR A 121 -10.43 -5.66 -17.17
N GLY A 122 -9.49 -5.26 -16.29
CA GLY A 122 -9.82 -4.96 -14.92
C GLY A 122 -10.06 -3.47 -14.69
N PRO A 123 -9.55 -2.87 -13.58
CA PRO A 123 -9.76 -1.44 -13.27
C PRO A 123 -8.80 -0.52 -14.03
N GLU A 124 -9.05 0.80 -13.92
CA GLU A 124 -8.26 1.85 -14.59
C GLU A 124 -6.77 1.77 -14.21
N LYS A 125 -6.52 1.82 -12.91
CA LYS A 125 -5.16 1.80 -12.35
C LYS A 125 -5.18 0.95 -11.10
N SER A 126 -4.14 0.14 -10.89
CA SER A 126 -4.08 -0.73 -9.72
C SER A 126 -2.69 -0.79 -9.09
N LEU A 127 -2.64 -1.37 -7.89
CA LEU A 127 -1.39 -1.56 -7.13
C LEU A 127 -1.27 -3.02 -6.74
N ILE A 128 -0.22 -3.68 -7.24
CA ILE A 128 0.03 -5.09 -6.92
C ILE A 128 1.08 -5.17 -5.81
N SER A 129 0.60 -5.42 -4.60
CA SER A 129 1.46 -5.49 -3.43
C SER A 129 1.35 -6.86 -2.75
N LEU A 130 2.50 -7.53 -2.62
CA LEU A 130 2.59 -8.87 -2.03
C LEU A 130 2.25 -8.84 -0.53
N GLY A 131 1.11 -9.48 -0.21
CA GLY A 131 0.63 -9.58 1.16
C GLY A 131 0.10 -8.28 1.75
N TYR A 132 -0.46 -8.39 2.95
CA TYR A 132 -1.01 -7.25 3.70
C TYR A 132 -0.42 -7.20 5.10
N ALA A 133 -0.78 -6.13 5.81
CA ALA A 133 -0.35 -5.91 7.18
C ALA A 133 -1.57 -5.94 8.09
N GLY A 134 -1.48 -6.74 9.14
CA GLY A 134 -2.60 -6.87 10.06
C GLY A 134 -2.21 -6.65 11.50
N TRP A 135 -3.17 -6.14 12.28
CA TRP A 135 -2.97 -5.89 13.71
C TRP A 135 -4.09 -6.53 14.53
N GLU A 136 -3.69 -7.14 15.66
CA GLU A 136 -4.64 -7.80 16.56
C GLU A 136 -5.35 -6.77 17.45
N ALA A 137 -6.54 -7.14 17.97
CA ALA A 137 -7.35 -6.27 18.84
C ALA A 137 -6.57 -5.68 20.02
N GLY A 138 -6.01 -4.49 19.79
CA GLY A 138 -5.25 -3.80 20.84
C GLY A 138 -3.79 -3.57 20.48
N GLN A 139 -3.26 -4.39 19.55
CA GLN A 139 -1.85 -4.29 19.10
C GLN A 139 -1.53 -2.91 18.53
N LEU A 140 -2.44 -2.37 17.69
CA LEU A 140 -2.25 -1.04 17.08
C LEU A 140 -2.34 0.05 18.14
N GLU A 141 -3.37 -0.02 19.00
CA GLU A 141 -3.55 0.95 20.10
C GLU A 141 -2.33 0.92 21.05
N ALA A 142 -1.70 -0.27 21.13
CA ALA A 142 -0.51 -0.48 21.95
C ALA A 142 0.70 0.24 21.37
N GLU A 143 0.94 0.03 20.06
CA GLU A 143 2.05 0.67 19.35
C GLU A 143 1.80 2.18 19.18
N LEU A 144 0.51 2.55 19.15
CA LEU A 144 0.08 3.94 19.02
C LEU A 144 0.30 4.70 20.33
N SER A 145 0.04 4.02 21.46
CA SER A 145 0.24 4.60 22.80
C SER A 145 1.72 4.58 23.17
N ASP A 146 2.43 3.60 22.60
CA ASP A 146 3.88 3.42 22.81
C ASP A 146 4.70 4.35 21.90
N ASN A 147 3.99 5.11 21.06
CA ASN A 147 4.59 6.07 20.09
C ASN A 147 5.49 5.34 19.06
N ALA A 148 5.16 4.07 18.79
CA ALA A 148 5.91 3.24 17.85
C ALA A 148 5.49 3.51 16.39
N TRP A 149 4.17 3.62 16.17
CA TRP A 149 3.63 3.88 14.83
C TRP A 149 2.74 5.12 14.87
N LEU A 150 3.18 6.20 14.20
CA LEU A 150 2.42 7.45 14.17
C LEU A 150 1.37 7.45 13.06
N THR A 151 0.18 7.98 13.39
CA THR A 151 -0.93 8.06 12.44
C THR A 151 -1.06 9.48 11.90
N CYS A 152 -1.27 9.59 10.58
CA CYS A 152 -1.42 10.90 9.92
C CYS A 152 -2.33 10.79 8.68
N PRO A 153 -3.07 11.88 8.30
CA PRO A 153 -3.94 11.86 7.09
C PRO A 153 -3.11 11.63 5.82
N ALA A 154 -3.73 11.01 4.82
CA ALA A 154 -3.00 10.69 3.59
C ALA A 154 -3.74 11.03 2.30
N ASP A 155 -3.03 10.79 1.19
CA ASP A 155 -3.53 11.01 -0.17
C ASP A 155 -3.18 9.78 -1.02
N PRO A 156 -4.09 9.32 -1.92
CA PRO A 156 -3.85 8.14 -2.78
C PRO A 156 -2.86 8.38 -3.91
N ALA A 157 -2.78 9.65 -4.34
CA ALA A 157 -1.87 10.07 -5.43
C ALA A 157 -0.42 9.60 -5.20
N ILE A 158 0.05 9.69 -3.95
CA ILE A 158 1.40 9.25 -3.55
C ILE A 158 1.50 7.73 -3.63
N LEU A 159 0.37 7.09 -3.31
CA LEU A 159 0.23 5.64 -3.24
C LEU A 159 0.14 5.02 -4.65
N PHE A 160 -0.54 5.72 -5.56
CA PHE A 160 -0.72 5.26 -6.93
C PHE A 160 0.45 5.63 -7.86
N ASP A 161 1.13 6.76 -7.60
CA ASP A 161 2.26 7.18 -8.44
C ASP A 161 3.58 6.59 -7.94
N LEU A 162 4.11 7.11 -6.81
CA LEU A 162 5.38 6.63 -6.25
C LEU A 162 5.35 6.59 -4.73
N PRO A 163 5.13 5.38 -4.17
CA PRO A 163 5.18 5.19 -2.73
C PRO A 163 6.59 4.78 -2.17
N PRO A 164 7.69 4.61 -3.02
CA PRO A 164 9.03 4.20 -2.53
C PRO A 164 9.80 5.31 -1.79
N GLU A 165 10.00 6.43 -2.48
CA GLU A 165 10.75 7.57 -1.98
C GLU A 165 9.83 8.79 -1.89
N GLU A 166 8.85 8.82 -2.81
CA GLU A 166 7.88 9.90 -2.87
C GLU A 166 6.92 9.82 -1.66
N ARG A 167 6.97 8.68 -0.93
CA ARG A 167 6.16 8.48 0.28
C ARG A 167 6.79 9.26 1.44
N LEU A 168 8.12 9.16 1.56
CA LEU A 168 8.86 9.87 2.60
C LEU A 168 8.80 11.38 2.31
N SER A 169 9.10 11.76 1.05
CA SER A 169 9.04 13.16 0.62
C SER A 169 7.63 13.76 0.81
N ALA A 170 6.60 13.03 0.35
CA ALA A 170 5.20 13.48 0.49
C ALA A 170 4.79 13.58 1.95
N ALA A 171 5.20 12.59 2.76
CA ALA A 171 4.89 12.56 4.20
C ALA A 171 5.42 13.82 4.90
N ALA A 172 6.68 14.19 4.57
CA ALA A 172 7.28 15.40 5.13
C ALA A 172 6.52 16.63 4.60
N ALA A 173 6.09 16.54 3.34
CA ALA A 173 5.30 17.58 2.68
C ALA A 173 3.94 17.75 3.35
N ARG A 174 3.43 16.65 3.96
CA ARG A 174 2.16 16.64 4.68
C ARG A 174 2.31 17.28 6.05
N LEU A 175 3.44 16.97 6.72
CA LEU A 175 3.76 17.50 8.05
C LEU A 175 4.08 19.00 8.00
N GLY A 176 4.64 19.45 6.87
CA GLY A 176 4.98 20.86 6.70
C GLY A 176 6.46 21.09 6.51
N VAL A 177 7.06 20.33 5.59
CA VAL A 177 8.49 20.45 5.29
C VAL A 177 8.67 20.61 3.78
N ASN A 178 9.62 21.47 3.37
CA ASN A 178 9.89 21.72 1.96
C ASN A 178 10.96 20.76 1.43
N LEU A 179 10.51 19.53 1.15
CA LEU A 179 11.37 18.46 0.63
C LEU A 179 11.67 18.62 -0.87
N SER A 180 10.77 19.31 -1.59
CA SER A 180 10.90 19.54 -3.04
C SER A 180 12.18 20.31 -3.39
N LEU A 181 12.51 21.37 -2.62
CA LEU A 181 13.70 22.18 -2.87
C LEU A 181 15.00 21.49 -2.37
N LEU A 182 14.85 20.62 -1.36
CA LEU A 182 15.99 19.89 -0.79
C LEU A 182 16.43 18.72 -1.68
N THR A 183 15.46 18.05 -2.32
CA THR A 183 15.75 16.92 -3.20
C THR A 183 15.86 17.36 -4.66
N ALA A 184 14.87 18.16 -5.12
CA ALA A 184 14.80 18.71 -6.50
C ALA A 184 14.80 17.60 -7.56
N GLN A 185 13.71 17.58 -8.35
CA GLN A 185 13.56 16.59 -9.43
C GLN A 185 13.92 17.20 -10.78
N ALA A 186 14.41 16.35 -11.68
CA ALA A 186 14.80 16.78 -13.03
C ALA A 186 13.70 16.47 -14.04
N GLY A 187 13.35 17.49 -14.84
CA GLY A 187 12.32 17.34 -15.86
C GLY A 187 11.34 18.50 -15.87
N HIS A 188 11.84 19.68 -16.25
CA HIS A 188 11.01 20.89 -16.30
C HIS A 188 11.14 21.58 -17.66
N ALA A 189 12.37 21.62 -18.19
CA ALA A 189 12.65 22.25 -19.48
C ALA A 189 12.75 21.20 -20.59
N MET A 1 -17.50 22.25 7.43
CA MET A 1 -17.84 20.95 6.80
C MET A 1 -16.61 20.05 6.71
N LYS A 2 -16.77 18.80 7.15
CA LYS A 2 -15.68 17.81 7.13
C LYS A 2 -15.82 16.87 5.94
N GLN A 3 -14.73 16.69 5.20
CA GLN A 3 -14.69 15.81 4.03
C GLN A 3 -14.07 14.45 4.37
N SER A 4 -12.98 14.48 5.17
CA SER A 4 -12.28 13.27 5.58
C SER A 4 -12.70 12.84 6.98
N SER A 5 -12.59 11.54 7.25
CA SER A 5 -12.95 10.97 8.55
C SER A 5 -11.72 10.87 9.48
N PRO A 6 -11.52 11.83 10.44
CA PRO A 6 -10.38 11.81 11.37
C PRO A 6 -10.67 10.98 12.62
N THR A 7 -11.80 10.29 12.57
CA THR A 7 -12.29 9.46 13.67
C THR A 7 -11.71 8.03 13.61
N TYR A 8 -11.77 7.42 12.43
CA TYR A 8 -11.26 6.06 12.23
C TYR A 8 -10.08 6.05 11.26
N LEU A 9 -9.19 5.08 11.44
CA LEU A 9 -8.00 4.91 10.60
C LEU A 9 -8.28 3.89 9.48
N LYS A 10 -9.40 4.07 8.80
CA LYS A 10 -9.82 3.15 7.73
C LYS A 10 -9.25 3.58 6.36
N HIS A 11 -8.23 4.46 6.38
CA HIS A 11 -7.56 5.01 5.18
C HIS A 11 -6.57 6.11 5.60
N HIS A 12 -5.60 5.74 6.45
CA HIS A 12 -4.60 6.70 6.95
C HIS A 12 -3.18 6.11 6.91
N PHE A 13 -2.17 6.99 6.92
CA PHE A 13 -0.76 6.56 6.87
C PHE A 13 -0.13 6.50 8.25
N LEU A 14 0.62 5.40 8.47
CA LEU A 14 1.35 5.19 9.71
C LEU A 14 2.84 5.35 9.42
N ILE A 15 3.54 6.03 10.32
CA ILE A 15 4.98 6.26 10.15
C ILE A 15 5.74 5.60 11.29
N ALA A 16 6.81 4.87 10.94
CA ALA A 16 7.64 4.18 11.94
C ALA A 16 8.51 5.17 12.72
N MET A 17 8.36 5.17 14.04
CA MET A 17 9.12 6.06 14.92
C MET A 17 10.14 5.28 15.77
N PRO A 18 11.28 5.92 16.20
CA PRO A 18 12.30 5.24 17.02
C PRO A 18 11.92 5.19 18.51
N HIS A 19 10.97 4.31 18.82
CA HIS A 19 10.49 4.11 20.19
C HIS A 19 10.44 2.64 20.59
N MET A 20 10.44 1.75 19.58
CA MET A 20 10.40 0.31 19.81
C MET A 20 11.74 -0.33 19.44
N ALA A 21 11.76 -1.66 19.26
CA ALA A 21 12.97 -2.40 18.93
C ALA A 21 13.01 -2.80 17.44
N ASP A 22 12.49 -1.91 16.58
CA ASP A 22 12.47 -2.15 15.14
C ASP A 22 13.43 -1.20 14.40
N PRO A 23 14.76 -1.53 14.34
CA PRO A 23 15.78 -0.69 13.66
C PRO A 23 15.71 -0.80 12.13
N ASN A 24 15.19 -1.93 11.63
CA ASN A 24 15.06 -2.18 10.19
C ASN A 24 13.78 -1.57 9.62
N PHE A 25 12.71 -1.63 10.42
CA PHE A 25 11.39 -1.10 10.03
C PHE A 25 11.21 0.36 10.46
N ALA A 26 12.22 0.91 11.15
CA ALA A 26 12.21 2.30 11.67
C ALA A 26 12.09 3.41 10.61
N GLN A 27 11.97 3.05 9.33
CA GLN A 27 11.86 4.05 8.26
C GLN A 27 10.86 3.64 7.17
N THR A 28 9.73 3.08 7.60
CA THR A 28 8.68 2.64 6.68
C THR A 28 7.33 3.30 7.02
N VAL A 29 6.46 3.34 6.01
CA VAL A 29 5.12 3.91 6.14
C VAL A 29 4.08 2.94 5.57
N THR A 30 3.00 2.75 6.35
CA THR A 30 1.93 1.83 5.96
C THR A 30 0.61 2.59 5.73
N TYR A 31 -0.22 2.00 4.86
CA TYR A 31 -1.52 2.56 4.54
C TYR A 31 -2.59 1.70 5.20
N LEU A 32 -3.39 2.31 6.06
CA LEU A 32 -4.43 1.58 6.79
C LEU A 32 -5.69 1.43 5.96
N VAL A 33 -5.91 0.17 5.53
CA VAL A 33 -7.06 -0.23 4.69
C VAL A 33 -8.37 -0.13 5.49
N GLU A 34 -8.45 -0.88 6.60
CA GLU A 34 -9.63 -0.89 7.46
C GLU A 34 -9.23 -0.98 8.93
N HIS A 35 -9.63 0.02 9.72
CA HIS A 35 -9.31 0.06 11.14
C HIS A 35 -10.50 -0.35 11.99
N ASN A 36 -10.26 -1.32 12.87
CA ASN A 36 -11.30 -1.83 13.77
C ASN A 36 -10.74 -2.05 15.17
N GLU A 37 -11.61 -1.94 16.19
CA GLU A 37 -11.20 -2.13 17.59
C GLU A 37 -10.75 -3.57 17.86
N GLN A 38 -11.14 -4.48 16.97
CA GLN A 38 -10.77 -5.90 17.09
C GLN A 38 -9.57 -6.25 16.18
N GLY A 39 -9.07 -5.25 15.43
CA GLY A 39 -7.95 -5.47 14.53
C GLY A 39 -7.92 -4.45 13.40
N ALA A 40 -6.81 -4.43 12.64
CA ALA A 40 -6.66 -3.50 11.51
C ALA A 40 -5.84 -4.11 10.37
N MET A 41 -6.20 -3.72 9.14
CA MET A 41 -5.49 -4.17 7.93
C MET A 41 -4.98 -2.99 7.14
N GLY A 42 -3.74 -3.12 6.69
CA GLY A 42 -3.12 -2.08 5.90
C GLY A 42 -1.97 -2.59 5.07
N LEU A 43 -1.61 -1.87 4.00
CA LEU A 43 -0.51 -2.30 3.12
C LEU A 43 0.67 -1.34 3.21
N VAL A 44 1.89 -1.91 3.33
CA VAL A 44 3.14 -1.13 3.38
C VAL A 44 3.37 -0.49 2.01
N ILE A 45 3.49 0.84 1.97
CA ILE A 45 3.67 1.55 0.70
C ILE A 45 4.90 2.46 0.71
N ASN A 46 6.04 1.86 1.02
CA ASN A 46 7.33 2.57 1.05
C ASN A 46 8.49 1.66 0.61
N ARG A 47 8.19 0.36 0.36
CA ARG A 47 9.21 -0.61 -0.03
C ARG A 47 8.85 -1.44 -1.30
N PRO A 48 9.18 -0.95 -2.55
CA PRO A 48 8.95 -1.74 -3.78
C PRO A 48 9.67 -3.11 -3.75
N SER A 49 9.03 -4.12 -4.33
CA SER A 49 9.59 -5.48 -4.38
C SER A 49 10.34 -5.73 -5.68
N GLY A 50 11.21 -6.74 -5.67
CA GLY A 50 11.99 -7.10 -6.83
C GLY A 50 11.42 -8.31 -7.54
N LEU A 51 10.13 -8.25 -7.82
CA LEU A 51 9.40 -9.34 -8.49
C LEU A 51 8.54 -8.78 -9.61
N ASN A 52 8.26 -9.62 -10.61
CA ASN A 52 7.42 -9.21 -11.74
C ASN A 52 6.10 -9.98 -11.73
N LEU A 53 5.07 -9.41 -12.39
CA LEU A 53 3.73 -10.02 -12.46
C LEU A 53 3.77 -11.44 -13.07
N ALA A 54 4.77 -11.69 -13.92
CA ALA A 54 4.96 -13.00 -14.55
C ALA A 54 5.35 -14.07 -13.53
N GLU A 55 6.23 -13.69 -12.58
CA GLU A 55 6.68 -14.62 -11.52
C GLU A 55 5.53 -15.03 -10.61
N VAL A 56 4.70 -14.05 -10.19
CA VAL A 56 3.53 -14.35 -9.35
C VAL A 56 2.59 -15.26 -10.14
N LEU A 57 2.37 -14.90 -11.42
CA LEU A 57 1.54 -15.71 -12.34
C LEU A 57 2.06 -17.13 -12.42
N GLU A 58 3.39 -17.26 -12.34
CA GLU A 58 4.08 -18.56 -12.39
C GLU A 58 3.98 -19.29 -11.05
N GLN A 59 3.85 -18.50 -9.98
CA GLN A 59 3.74 -19.02 -8.63
C GLN A 59 2.32 -19.54 -8.39
N LEU A 60 1.38 -18.88 -9.09
CA LEU A 60 -0.05 -19.18 -9.04
C LEU A 60 -0.37 -20.41 -9.89
N LYS A 61 0.19 -20.45 -11.11
CA LYS A 61 -0.01 -21.56 -12.03
C LYS A 61 1.34 -22.04 -12.59
N PRO A 62 1.73 -23.30 -12.29
CA PRO A 62 2.99 -23.91 -12.76
C PRO A 62 2.92 -24.35 -14.23
N ASP A 63 1.73 -24.79 -14.64
CA ASP A 63 1.47 -25.25 -16.00
C ASP A 63 1.24 -24.08 -16.96
N ALA A 64 0.98 -22.89 -16.39
CA ALA A 64 0.74 -21.68 -17.18
C ALA A 64 2.04 -20.96 -17.52
N LEU A 65 2.04 -20.29 -18.68
CA LEU A 65 3.20 -19.54 -19.14
C LEU A 65 2.85 -18.05 -19.28
N PRO A 66 3.59 -17.14 -18.59
CA PRO A 66 3.31 -15.69 -18.67
C PRO A 66 3.80 -15.07 -19.99
N PRO A 67 3.21 -13.94 -20.47
CA PRO A 67 3.62 -13.30 -21.73
C PRO A 67 4.64 -12.19 -21.50
N ALA A 68 4.80 -11.34 -22.53
CA ALA A 68 5.74 -10.21 -22.48
C ALA A 68 5.20 -9.08 -21.59
N ARG A 69 3.87 -9.03 -21.44
CA ARG A 69 3.18 -7.98 -20.66
C ARG A 69 3.47 -8.04 -19.15
N CYS A 70 3.39 -9.25 -18.58
CA CYS A 70 3.59 -9.47 -17.14
C CYS A 70 5.06 -9.36 -16.72
N GLN A 71 5.98 -9.61 -17.67
CA GLN A 71 7.42 -9.56 -17.41
C GLN A 71 7.93 -8.14 -17.18
N HIS A 72 7.27 -7.16 -17.80
CA HIS A 72 7.66 -5.76 -17.68
C HIS A 72 6.84 -5.04 -16.58
N ILE A 73 6.28 -5.84 -15.67
CA ILE A 73 5.48 -5.33 -14.55
C ILE A 73 6.13 -5.74 -13.22
N ASP A 74 6.18 -4.81 -12.27
CA ASP A 74 6.83 -5.04 -10.99
C ASP A 74 5.84 -5.21 -9.84
N ILE A 75 6.35 -5.77 -8.72
CA ILE A 75 5.55 -6.03 -7.52
C ILE A 75 6.04 -5.14 -6.36
N TYR A 76 5.14 -4.85 -5.40
CA TYR A 76 5.46 -4.01 -4.24
C TYR A 76 5.31 -4.81 -2.94
N ASN A 77 6.01 -4.40 -1.86
CA ASN A 77 5.91 -5.10 -0.57
C ASN A 77 4.72 -4.55 0.24
N GLY A 78 3.75 -5.44 0.57
CA GLY A 78 2.58 -4.98 1.32
C GLY A 78 2.62 -5.33 2.81
N GLY A 79 3.40 -6.36 3.18
CA GLY A 79 3.53 -6.73 4.56
C GLY A 79 4.00 -8.17 4.77
N PRO A 80 3.91 -8.69 6.01
CA PRO A 80 4.34 -10.05 6.35
C PRO A 80 3.24 -11.12 6.20
N VAL A 81 1.98 -10.67 6.03
CA VAL A 81 0.84 -11.59 5.90
C VAL A 81 0.62 -12.03 4.45
N GLN A 82 0.49 -13.36 4.25
CA GLN A 82 0.27 -14.00 2.92
C GLN A 82 1.22 -13.46 1.83
N THR A 83 2.43 -14.03 1.79
CA THR A 83 3.46 -13.64 0.81
C THR A 83 3.27 -14.36 -0.53
N ASP A 84 2.41 -15.38 -0.52
CA ASP A 84 2.11 -16.18 -1.73
C ASP A 84 1.13 -15.49 -2.68
N ARG A 85 0.46 -14.42 -2.20
CA ARG A 85 -0.51 -13.68 -3.02
C ARG A 85 -0.30 -12.18 -2.94
N GLY A 86 -0.65 -11.50 -4.04
CA GLY A 86 -0.55 -10.06 -4.11
C GLY A 86 -1.89 -9.37 -4.14
N PHE A 87 -1.92 -8.21 -3.49
CA PHE A 87 -3.10 -7.35 -3.40
C PHE A 87 -3.19 -6.40 -4.58
N VAL A 88 -4.42 -6.05 -4.96
CA VAL A 88 -4.67 -5.15 -6.10
C VAL A 88 -5.57 -3.98 -5.69
N LEU A 89 -4.97 -2.80 -5.54
CA LEU A 89 -5.72 -1.60 -5.14
C LEU A 89 -5.89 -0.66 -6.34
N HIS A 90 -7.14 -0.26 -6.61
CA HIS A 90 -7.45 0.63 -7.74
C HIS A 90 -8.30 1.86 -7.27
N PRO A 91 -8.49 2.92 -8.12
CA PRO A 91 -9.27 4.11 -7.74
C PRO A 91 -10.73 4.09 -8.24
N SER A 92 -11.24 2.90 -8.54
CA SER A 92 -12.60 2.72 -9.06
C SER A 92 -13.51 2.07 -8.03
N GLY A 93 -14.83 2.25 -8.22
CA GLY A 93 -15.82 1.68 -7.32
C GLY A 93 -16.36 0.35 -7.83
N LEU A 94 -15.59 -0.32 -8.70
CA LEU A 94 -15.97 -1.62 -9.27
C LEU A 94 -15.49 -2.76 -8.37
N SER A 95 -16.21 -3.89 -8.41
CA SER A 95 -15.87 -5.05 -7.59
C SER A 95 -15.79 -6.33 -8.41
N TYR A 96 -15.04 -7.30 -7.87
CA TYR A 96 -14.82 -8.60 -8.51
C TYR A 96 -15.19 -9.73 -7.53
N GLN A 97 -14.53 -10.90 -7.65
CA GLN A 97 -14.78 -12.05 -6.75
C GLN A 97 -14.50 -11.70 -5.29
N SER A 98 -13.36 -11.04 -5.06
CA SER A 98 -12.96 -10.59 -3.72
C SER A 98 -12.49 -9.13 -3.77
N THR A 99 -13.46 -8.22 -3.76
CA THR A 99 -13.17 -6.78 -3.83
C THR A 99 -13.88 -6.00 -2.72
N LEU A 100 -13.07 -5.29 -1.93
CA LEU A 100 -13.56 -4.44 -0.85
C LEU A 100 -13.50 -2.97 -1.28
N GLU A 101 -14.64 -2.30 -1.22
CA GLU A 101 -14.69 -0.88 -1.57
C GLU A 101 -14.33 -0.01 -0.37
N LEU A 102 -13.40 0.92 -0.61
CA LEU A 102 -12.91 1.85 0.41
C LEU A 102 -13.07 3.30 -0.04
N GLY A 103 -14.27 3.59 -0.57
CA GLY A 103 -14.60 4.94 -1.05
C GLY A 103 -13.77 5.39 -2.22
N GLU A 104 -12.85 6.31 -1.96
CA GLU A 104 -11.96 6.89 -2.98
C GLU A 104 -11.09 5.84 -3.69
N LEU A 105 -11.09 4.61 -3.15
CA LEU A 105 -10.31 3.49 -3.72
C LEU A 105 -10.91 2.14 -3.33
N ALA A 106 -10.69 1.14 -4.20
CA ALA A 106 -11.19 -0.21 -3.99
C ALA A 106 -10.02 -1.19 -3.88
N MET A 107 -10.27 -2.34 -3.25
CA MET A 107 -9.24 -3.36 -3.04
C MET A 107 -9.73 -4.68 -3.63
N SER A 108 -8.86 -5.37 -4.37
CA SER A 108 -9.21 -6.64 -5.00
C SER A 108 -8.07 -7.64 -4.82
N THR A 109 -8.42 -8.86 -4.42
CA THR A 109 -7.42 -9.90 -4.17
C THR A 109 -7.74 -11.19 -4.94
N SER A 110 -8.58 -11.08 -5.97
CA SER A 110 -8.98 -12.22 -6.79
C SER A 110 -8.05 -12.44 -7.97
N GLN A 111 -7.61 -13.69 -8.15
CA GLN A 111 -6.72 -14.07 -9.26
C GLN A 111 -7.37 -13.74 -10.62
N ASP A 112 -8.72 -13.73 -10.62
CA ASP A 112 -9.51 -13.39 -11.80
C ASP A 112 -9.27 -11.92 -12.20
N VAL A 113 -9.18 -11.05 -11.18
CA VAL A 113 -8.89 -9.63 -11.42
C VAL A 113 -7.44 -9.45 -11.86
N LEU A 114 -6.51 -10.25 -11.26
CA LEU A 114 -5.08 -10.21 -11.63
C LEU A 114 -4.90 -10.46 -13.13
N PHE A 115 -5.54 -11.53 -13.62
CA PHE A 115 -5.49 -11.92 -15.03
C PHE A 115 -6.23 -10.90 -15.90
N ALA A 116 -7.40 -10.41 -15.41
CA ALA A 116 -8.21 -9.44 -16.14
C ALA A 116 -7.44 -8.14 -16.39
N ILE A 117 -6.90 -7.53 -15.32
CA ILE A 117 -6.15 -6.28 -15.43
C ILE A 117 -4.87 -6.46 -16.23
N ALA A 118 -4.15 -7.55 -15.95
CA ALA A 118 -2.92 -7.86 -16.67
C ALA A 118 -3.21 -7.94 -18.17
N ALA A 119 -4.44 -8.39 -18.50
CA ALA A 119 -4.91 -8.46 -19.88
C ALA A 119 -5.48 -7.11 -20.32
N GLY A 120 -5.83 -6.31 -19.32
CA GLY A 120 -6.36 -4.97 -19.55
C GLY A 120 -7.86 -4.86 -19.46
N THR A 121 -8.48 -5.86 -18.84
CA THR A 121 -9.94 -5.89 -18.68
C THR A 121 -10.36 -5.60 -17.23
N GLY A 122 -9.40 -5.24 -16.37
CA GLY A 122 -9.70 -4.94 -14.99
C GLY A 122 -9.93 -3.45 -14.74
N PRO A 123 -9.39 -2.86 -13.63
CA PRO A 123 -9.56 -1.44 -13.32
C PRO A 123 -8.59 -0.51 -14.06
N GLU A 124 -8.87 0.81 -13.97
CA GLU A 124 -8.07 1.86 -14.64
C GLU A 124 -6.60 1.80 -14.23
N LYS A 125 -6.37 1.88 -12.92
CA LYS A 125 -5.03 1.88 -12.33
C LYS A 125 -5.05 1.03 -11.08
N SER A 126 -4.01 0.24 -10.86
CA SER A 126 -3.98 -0.63 -9.67
C SER A 126 -2.59 -0.71 -9.03
N LEU A 127 -2.57 -1.30 -7.83
CA LEU A 127 -1.34 -1.51 -7.06
C LEU A 127 -1.23 -2.99 -6.71
N ILE A 128 -0.21 -3.64 -7.25
CA ILE A 128 0.05 -5.06 -6.97
C ILE A 128 1.14 -5.18 -5.91
N SER A 129 0.70 -5.49 -4.70
CA SER A 129 1.61 -5.58 -3.56
C SER A 129 1.49 -6.95 -2.89
N LEU A 130 2.64 -7.65 -2.82
CA LEU A 130 2.73 -8.99 -2.22
C LEU A 130 2.48 -8.95 -0.70
N GLY A 131 1.36 -9.55 -0.29
CA GLY A 131 0.99 -9.62 1.11
C GLY A 131 0.47 -8.30 1.69
N TYR A 132 -0.10 -8.39 2.89
CA TYR A 132 -0.63 -7.23 3.61
C TYR A 132 -0.08 -7.18 5.04
N ALA A 133 -0.51 -6.16 5.77
CA ALA A 133 -0.13 -5.94 7.15
C ALA A 133 -1.37 -5.99 8.03
N GLY A 134 -1.30 -6.78 9.09
CA GLY A 134 -2.43 -6.92 9.99
C GLY A 134 -2.09 -6.70 11.44
N TRP A 135 -3.05 -6.13 12.18
CA TRP A 135 -2.88 -5.84 13.60
C TRP A 135 -3.97 -6.54 14.40
N GLU A 136 -3.57 -7.16 15.52
CA GLU A 136 -4.50 -7.87 16.41
C GLU A 136 -5.22 -6.88 17.34
N ALA A 137 -6.39 -7.29 17.85
CA ALA A 137 -7.21 -6.46 18.76
C ALA A 137 -6.43 -5.89 19.94
N GLY A 138 -5.89 -4.69 19.75
CA GLY A 138 -5.14 -4.02 20.81
C GLY A 138 -3.69 -3.73 20.42
N GLN A 139 -3.15 -4.52 19.48
CA GLN A 139 -1.75 -4.37 19.01
C GLN A 139 -1.49 -2.97 18.45
N LEU A 140 -2.42 -2.45 17.63
CA LEU A 140 -2.27 -1.12 17.03
C LEU A 140 -2.39 -0.03 18.11
N GLU A 141 -3.43 -0.13 18.96
CA GLU A 141 -3.63 0.82 20.07
C GLU A 141 -2.43 0.81 21.02
N ALA A 142 -1.76 -0.35 21.09
CA ALA A 142 -0.57 -0.56 21.93
C ALA A 142 0.62 0.21 21.36
N GLU A 143 0.89 0.00 20.05
CA GLU A 143 1.99 0.68 19.35
C GLU A 143 1.71 2.18 19.20
N LEU A 144 0.41 2.53 19.18
CA LEU A 144 -0.05 3.91 19.05
C LEU A 144 0.14 4.66 20.39
N SER A 145 -0.13 3.96 21.50
CA SER A 145 0.03 4.52 22.85
C SER A 145 1.50 4.53 23.25
N ASP A 146 2.25 3.59 22.68
CA ASP A 146 3.69 3.43 22.93
C ASP A 146 4.51 4.38 22.04
N ASN A 147 3.80 5.18 21.22
CA ASN A 147 4.41 6.15 20.28
C ASN A 147 5.34 5.45 19.26
N ALA A 148 5.01 4.19 18.95
CA ALA A 148 5.78 3.37 18.01
C ALA A 148 5.40 3.65 16.55
N TRP A 149 4.07 3.77 16.30
CA TRP A 149 3.57 4.05 14.95
C TRP A 149 2.69 5.30 14.97
N LEU A 150 3.16 6.36 14.29
CA LEU A 150 2.43 7.63 14.22
C LEU A 150 1.36 7.61 13.13
N THR A 151 0.18 8.17 13.42
CA THR A 151 -0.93 8.21 12.47
C THR A 151 -1.10 9.61 11.89
N CYS A 152 -1.35 9.67 10.57
CA CYS A 152 -1.55 10.94 9.86
C CYS A 152 -2.44 10.74 8.63
N PRO A 153 -3.17 11.81 8.13
CA PRO A 153 -4.03 11.69 6.92
C PRO A 153 -3.21 11.25 5.71
N ALA A 154 -3.88 10.67 4.70
CA ALA A 154 -3.17 10.18 3.52
C ALA A 154 -3.79 10.65 2.20
N ASP A 155 -3.01 10.45 1.13
CA ASP A 155 -3.40 10.78 -0.23
C ASP A 155 -3.04 9.60 -1.13
N PRO A 156 -3.95 9.15 -2.04
CA PRO A 156 -3.70 7.99 -2.92
C PRO A 156 -2.69 8.28 -4.03
N ALA A 157 -2.60 9.55 -4.43
CA ALA A 157 -1.68 10.00 -5.48
C ALA A 157 -0.23 9.55 -5.21
N ILE A 158 0.18 9.62 -3.94
CA ILE A 158 1.52 9.20 -3.50
C ILE A 158 1.66 7.67 -3.53
N LEU A 159 0.53 7.03 -3.21
CA LEU A 159 0.41 5.58 -3.12
C LEU A 159 0.39 4.92 -4.52
N PHE A 160 -0.27 5.61 -5.46
CA PHE A 160 -0.39 5.14 -6.84
C PHE A 160 0.79 5.52 -7.73
N ASP A 161 1.39 6.70 -7.52
CA ASP A 161 2.53 7.15 -8.34
C ASP A 161 3.86 6.58 -7.81
N LEU A 162 4.33 7.11 -6.66
CA LEU A 162 5.60 6.66 -6.07
C LEU A 162 5.54 6.59 -4.55
N PRO A 163 5.32 5.37 -4.00
CA PRO A 163 5.35 5.17 -2.56
C PRO A 163 6.76 4.76 -1.99
N PRO A 164 7.86 4.60 -2.82
CA PRO A 164 9.18 4.18 -2.31
C PRO A 164 9.95 5.26 -1.52
N GLU A 165 10.08 6.43 -2.15
CA GLU A 165 10.79 7.57 -1.59
C GLU A 165 9.86 8.78 -1.51
N GLU A 166 8.89 8.81 -2.46
CA GLU A 166 7.91 9.89 -2.51
C GLU A 166 6.92 9.76 -1.33
N ARG A 167 6.99 8.63 -0.61
CA ARG A 167 6.14 8.40 0.58
C ARG A 167 6.74 9.18 1.76
N LEU A 168 8.07 9.16 1.87
CA LEU A 168 8.78 9.89 2.91
C LEU A 168 8.70 11.39 2.62
N SER A 169 9.03 11.78 1.38
CA SER A 169 8.97 13.19 0.93
C SER A 169 7.55 13.76 1.08
N ALA A 170 6.55 13.03 0.57
CA ALA A 170 5.14 13.46 0.67
C ALA A 170 4.69 13.51 2.13
N ALA A 171 5.12 12.52 2.94
CA ALA A 171 4.78 12.47 4.37
C ALA A 171 5.20 13.77 5.07
N ALA A 172 6.44 14.22 4.77
CA ALA A 172 6.96 15.48 5.31
C ALA A 172 6.11 16.65 4.79
N ALA A 173 5.71 16.53 3.52
CA ALA A 173 4.85 17.53 2.86
C ALA A 173 3.45 17.57 3.48
N ARG A 174 3.01 16.44 4.06
CA ARG A 174 1.70 16.34 4.72
C ARG A 174 1.76 16.97 6.11
N LEU A 175 2.89 16.72 6.81
CA LEU A 175 3.12 17.24 8.15
C LEU A 175 3.32 18.76 8.14
N GLY A 176 3.93 19.27 7.06
CA GLY A 176 4.16 20.70 6.93
C GLY A 176 5.63 21.05 6.92
N VAL A 177 6.38 20.42 6.03
CA VAL A 177 7.83 20.66 5.89
C VAL A 177 8.16 20.99 4.44
N ASN A 178 9.15 21.87 4.24
CA ASN A 178 9.57 22.28 2.89
C ASN A 178 10.61 21.31 2.33
N LEU A 179 10.12 20.14 1.92
CA LEU A 179 10.95 19.08 1.35
C LEU A 179 11.32 19.36 -0.10
N SER A 180 10.46 20.15 -0.79
CA SER A 180 10.66 20.51 -2.21
C SER A 180 11.98 21.26 -2.45
N LEU A 181 12.32 22.21 -1.57
CA LEU A 181 13.56 22.99 -1.70
C LEU A 181 14.81 22.20 -1.26
N LEU A 182 14.61 21.22 -0.36
CA LEU A 182 15.70 20.39 0.15
C LEU A 182 16.11 19.31 -0.86
N THR A 183 15.12 18.73 -1.56
CA THR A 183 15.37 17.69 -2.56
C THR A 183 15.50 18.29 -3.97
N ALA A 184 14.55 19.19 -4.32
CA ALA A 184 14.51 19.86 -5.63
C ALA A 184 14.43 18.89 -6.81
N GLN A 185 13.35 19.03 -7.60
CA GLN A 185 13.13 18.17 -8.77
C GLN A 185 13.21 18.99 -10.06
N ALA A 186 13.63 18.32 -11.14
CA ALA A 186 13.76 18.96 -12.45
C ALA A 186 12.55 18.69 -13.32
N GLY A 187 12.17 19.69 -14.12
CA GLY A 187 11.02 19.56 -15.00
C GLY A 187 10.52 20.90 -15.52
N HIS A 188 10.52 21.07 -16.84
CA HIS A 188 10.06 22.30 -17.48
C HIS A 188 8.64 22.16 -18.00
N ALA A 189 7.88 23.26 -17.97
CA ALA A 189 6.51 23.28 -18.44
C ALA A 189 6.41 23.87 -19.84
N MET A 1 -16.61 22.57 7.39
CA MET A 1 -16.80 21.41 6.48
C MET A 1 -15.62 20.44 6.60
N LYS A 2 -15.94 19.15 6.74
CA LYS A 2 -14.93 18.10 6.86
C LYS A 2 -14.93 17.20 5.63
N GLN A 3 -13.72 16.97 5.09
CA GLN A 3 -13.56 16.12 3.90
C GLN A 3 -12.98 14.76 4.28
N SER A 4 -12.01 14.76 5.21
CA SER A 4 -11.37 13.53 5.67
C SER A 4 -11.99 13.03 6.98
N SER A 5 -11.88 11.72 7.22
CA SER A 5 -12.43 11.10 8.42
C SER A 5 -11.34 10.98 9.52
N PRO A 6 -11.31 11.91 10.53
CA PRO A 6 -10.33 11.88 11.62
C PRO A 6 -10.80 11.00 12.79
N THR A 7 -11.89 10.30 12.55
CA THR A 7 -12.53 9.43 13.54
C THR A 7 -11.94 8.01 13.52
N TYR A 8 -11.81 7.44 12.33
CA TYR A 8 -11.27 6.09 12.14
C TYR A 8 -10.07 6.09 11.20
N LEU A 9 -9.21 5.09 11.37
CA LEU A 9 -7.99 4.94 10.56
C LEU A 9 -8.21 3.91 9.44
N LYS A 10 -9.33 4.04 8.74
CA LYS A 10 -9.68 3.11 7.65
C LYS A 10 -9.12 3.60 6.29
N HIS A 11 -8.14 4.51 6.36
CA HIS A 11 -7.49 5.12 5.16
C HIS A 11 -6.48 6.18 5.60
N HIS A 12 -5.52 5.77 6.45
CA HIS A 12 -4.48 6.70 6.95
C HIS A 12 -3.09 6.07 6.90
N PHE A 13 -2.04 6.91 6.92
CA PHE A 13 -0.66 6.45 6.85
C PHE A 13 -0.02 6.37 8.22
N LEU A 14 0.70 5.27 8.44
CA LEU A 14 1.44 5.04 9.69
C LEU A 14 2.93 5.16 9.39
N ILE A 15 3.67 5.74 10.34
CA ILE A 15 5.11 5.92 10.16
C ILE A 15 5.87 5.31 11.34
N ALA A 16 6.97 4.61 11.01
CA ALA A 16 7.82 3.96 12.01
C ALA A 16 8.66 4.97 12.81
N MET A 17 8.45 4.99 14.13
CA MET A 17 9.18 5.91 15.02
C MET A 17 10.39 5.22 15.68
N PRO A 18 11.41 5.99 16.18
CA PRO A 18 12.61 5.42 16.83
C PRO A 18 12.36 4.96 18.29
N HIS A 19 11.09 5.02 18.73
CA HIS A 19 10.72 4.61 20.09
C HIS A 19 10.61 3.08 20.23
N MET A 20 10.59 2.40 19.08
CA MET A 20 10.51 0.94 19.03
C MET A 20 11.86 0.34 18.65
N ALA A 21 12.10 -0.89 19.09
CA ALA A 21 13.37 -1.59 18.83
C ALA A 21 13.34 -2.35 17.50
N ASP A 22 12.80 -1.71 16.46
CA ASP A 22 12.73 -2.30 15.13
C ASP A 22 13.57 -1.47 14.12
N PRO A 23 14.91 -1.78 13.98
CA PRO A 23 15.80 -1.06 13.05
C PRO A 23 15.58 -1.44 11.59
N ASN A 24 14.95 -2.60 11.36
CA ASN A 24 14.67 -3.11 10.02
C ASN A 24 13.37 -2.53 9.46
N PHE A 25 12.40 -2.32 10.35
CA PHE A 25 11.08 -1.77 9.97
C PHE A 25 11.02 -0.25 10.13
N ALA A 26 12.15 0.37 10.50
CA ALA A 26 12.23 1.82 10.69
C ALA A 26 12.08 2.57 9.36
N GLN A 27 11.81 3.88 9.46
CA GLN A 27 11.62 4.80 8.30
C GLN A 27 10.66 4.25 7.22
N THR A 28 9.64 3.47 7.63
CA THR A 28 8.67 2.93 6.68
C THR A 28 7.27 3.48 6.96
N VAL A 29 6.44 3.51 5.92
CA VAL A 29 5.07 4.02 6.04
C VAL A 29 4.06 3.01 5.45
N THR A 30 3.01 2.75 6.23
CA THR A 30 1.95 1.83 5.84
C THR A 30 0.64 2.57 5.61
N TYR A 31 -0.21 1.98 4.76
CA TYR A 31 -1.52 2.53 4.45
C TYR A 31 -2.57 1.66 5.12
N LEU A 32 -3.36 2.28 5.99
CA LEU A 32 -4.39 1.55 6.74
C LEU A 32 -5.67 1.46 5.93
N VAL A 33 -5.94 0.21 5.49
CA VAL A 33 -7.11 -0.16 4.67
C VAL A 33 -8.40 -0.05 5.49
N GLU A 34 -8.48 -0.83 6.58
CA GLU A 34 -9.65 -0.83 7.46
C GLU A 34 -9.23 -0.95 8.92
N HIS A 35 -9.51 0.10 9.70
CA HIS A 35 -9.16 0.11 11.12
C HIS A 35 -10.37 -0.25 11.98
N ASN A 36 -10.18 -1.23 12.86
CA ASN A 36 -11.23 -1.68 13.76
C ASN A 36 -10.68 -1.95 15.15
N GLU A 37 -11.53 -1.82 16.17
CA GLU A 37 -11.14 -2.04 17.58
C GLU A 37 -10.74 -3.50 17.83
N GLN A 38 -11.18 -4.38 16.93
CA GLN A 38 -10.89 -5.81 17.02
C GLN A 38 -9.74 -6.22 16.09
N GLY A 39 -9.16 -5.23 15.38
CA GLY A 39 -8.07 -5.49 14.45
C GLY A 39 -7.99 -4.46 13.34
N ALA A 40 -6.86 -4.45 12.60
CA ALA A 40 -6.67 -3.49 11.50
C ALA A 40 -5.88 -4.10 10.34
N MET A 41 -6.23 -3.67 9.11
CA MET A 41 -5.55 -4.14 7.90
C MET A 41 -5.04 -2.97 7.08
N GLY A 42 -3.82 -3.13 6.60
CA GLY A 42 -3.17 -2.11 5.79
C GLY A 42 -2.01 -2.65 4.98
N LEU A 43 -1.63 -1.93 3.92
CA LEU A 43 -0.51 -2.38 3.07
C LEU A 43 0.66 -1.41 3.15
N VAL A 44 1.88 -1.96 3.29
CA VAL A 44 3.12 -1.16 3.33
C VAL A 44 3.34 -0.51 1.96
N ILE A 45 3.46 0.83 1.93
CA ILE A 45 3.63 1.54 0.66
C ILE A 45 4.86 2.44 0.66
N ASN A 46 6.00 1.85 0.99
CA ASN A 46 7.28 2.57 1.01
C ASN A 46 8.45 1.64 0.63
N ARG A 47 8.15 0.34 0.40
CA ARG A 47 9.17 -0.65 0.05
C ARG A 47 8.82 -1.50 -1.19
N PRO A 48 9.16 -1.05 -2.45
CA PRO A 48 8.94 -1.87 -3.66
C PRO A 48 9.69 -3.21 -3.60
N SER A 49 9.06 -4.26 -4.12
CA SER A 49 9.66 -5.60 -4.13
C SER A 49 10.48 -5.84 -5.39
N GLY A 50 11.39 -6.82 -5.32
CA GLY A 50 12.24 -7.17 -6.44
C GLY A 50 11.70 -8.35 -7.21
N LEU A 51 10.41 -8.29 -7.52
CA LEU A 51 9.71 -9.34 -8.25
C LEU A 51 8.87 -8.76 -9.37
N ASN A 52 8.58 -9.58 -10.38
CA ASN A 52 7.74 -9.15 -11.50
C ASN A 52 6.40 -9.88 -11.49
N LEU A 53 5.39 -9.29 -12.15
CA LEU A 53 4.04 -9.91 -12.20
C LEU A 53 4.06 -11.33 -12.78
N ALA A 54 5.02 -11.59 -13.67
CA ALA A 54 5.19 -12.91 -14.29
C ALA A 54 5.49 -14.01 -13.27
N GLU A 55 6.35 -13.71 -12.27
CA GLU A 55 6.72 -14.68 -11.23
C GLU A 55 5.54 -15.09 -10.37
N VAL A 56 4.75 -14.09 -9.90
CA VAL A 56 3.55 -14.38 -9.09
C VAL A 56 2.58 -15.21 -9.94
N LEU A 57 2.41 -14.78 -11.20
CA LEU A 57 1.56 -15.47 -12.18
C LEU A 57 2.01 -16.92 -12.36
N GLU A 58 3.34 -17.11 -12.27
CA GLU A 58 3.95 -18.44 -12.39
C GLU A 58 3.80 -19.24 -11.11
N GLN A 59 3.70 -18.51 -9.98
CA GLN A 59 3.55 -19.12 -8.66
C GLN A 59 2.10 -19.58 -8.48
N LEU A 60 1.21 -18.83 -9.14
CA LEU A 60 -0.22 -19.07 -9.14
C LEU A 60 -0.60 -20.22 -10.05
N LYS A 61 -0.02 -20.23 -11.26
CA LYS A 61 -0.26 -21.27 -12.24
C LYS A 61 1.07 -21.79 -12.81
N PRO A 62 1.39 -23.09 -12.56
CA PRO A 62 2.63 -23.74 -13.04
C PRO A 62 2.56 -24.12 -14.52
N ASP A 63 1.35 -24.48 -14.97
CA ASP A 63 1.09 -24.86 -16.35
C ASP A 63 0.93 -23.63 -17.26
N ALA A 64 0.73 -22.46 -16.64
CA ALA A 64 0.56 -21.21 -17.37
C ALA A 64 1.91 -20.54 -17.65
N LEU A 65 1.97 -19.81 -18.76
CA LEU A 65 3.17 -19.09 -19.15
C LEU A 65 2.88 -17.59 -19.26
N PRO A 66 3.63 -16.73 -18.50
CA PRO A 66 3.42 -15.26 -18.52
C PRO A 66 3.93 -14.63 -19.83
N PRO A 67 3.31 -13.50 -20.31
CA PRO A 67 3.71 -12.86 -21.55
C PRO A 67 4.70 -11.71 -21.32
N ALA A 68 4.98 -10.96 -22.39
CA ALA A 68 5.89 -9.82 -22.35
C ALA A 68 5.35 -8.69 -21.45
N ARG A 69 4.02 -8.65 -21.28
CA ARG A 69 3.34 -7.61 -20.49
C ARG A 69 3.63 -7.70 -18.97
N CYS A 70 3.53 -8.91 -18.42
CA CYS A 70 3.74 -9.14 -17.00
C CYS A 70 5.22 -9.11 -16.59
N GLN A 71 6.10 -9.40 -17.55
CA GLN A 71 7.54 -9.42 -17.31
C GLN A 71 8.12 -8.02 -17.04
N HIS A 72 7.45 -7.00 -17.58
CA HIS A 72 7.90 -5.62 -17.39
C HIS A 72 7.08 -4.91 -16.28
N ILE A 73 6.49 -5.72 -15.39
CA ILE A 73 5.71 -5.23 -14.26
C ILE A 73 6.36 -5.66 -12.95
N ASP A 74 6.38 -4.76 -11.97
CA ASP A 74 7.02 -5.01 -10.68
C ASP A 74 6.01 -5.22 -9.54
N ILE A 75 6.46 -5.95 -8.52
CA ILE A 75 5.66 -6.25 -7.32
C ILE A 75 6.08 -5.32 -6.17
N TYR A 76 5.17 -5.03 -5.24
CA TYR A 76 5.46 -4.16 -4.09
C TYR A 76 5.29 -4.93 -2.79
N ASN A 77 5.98 -4.50 -1.71
CA ASN A 77 5.86 -5.17 -0.40
C ASN A 77 4.67 -4.62 0.39
N GLY A 78 3.69 -5.49 0.71
CA GLY A 78 2.52 -5.02 1.46
C GLY A 78 2.52 -5.40 2.93
N GLY A 79 3.28 -6.45 3.30
CA GLY A 79 3.38 -6.86 4.68
C GLY A 79 3.81 -8.30 4.86
N PRO A 80 3.71 -8.85 6.10
CA PRO A 80 4.11 -10.23 6.42
C PRO A 80 2.98 -11.27 6.23
N VAL A 81 1.74 -10.80 6.07
CA VAL A 81 0.58 -11.69 5.91
C VAL A 81 0.43 -12.17 4.45
N GLN A 82 0.39 -13.50 4.28
CA GLN A 82 0.26 -14.18 2.96
C GLN A 82 1.22 -13.61 1.90
N THR A 83 2.45 -14.14 1.88
CA THR A 83 3.49 -13.73 0.93
C THR A 83 3.41 -14.50 -0.40
N ASP A 84 2.42 -15.40 -0.52
CA ASP A 84 2.24 -16.22 -1.73
C ASP A 84 1.23 -15.60 -2.71
N ARG A 85 0.59 -14.48 -2.31
CA ARG A 85 -0.40 -13.82 -3.16
C ARG A 85 -0.18 -12.31 -3.25
N GLY A 86 -0.63 -11.73 -4.37
CA GLY A 86 -0.50 -10.31 -4.60
C GLY A 86 -1.82 -9.57 -4.52
N PHE A 87 -1.77 -8.41 -3.87
CA PHE A 87 -2.93 -7.53 -3.66
C PHE A 87 -3.09 -6.58 -4.84
N VAL A 88 -4.34 -6.28 -5.19
CA VAL A 88 -4.64 -5.39 -6.31
C VAL A 88 -5.55 -4.24 -5.84
N LEU A 89 -4.96 -3.06 -5.68
CA LEU A 89 -5.71 -1.87 -5.23
C LEU A 89 -5.88 -0.90 -6.39
N HIS A 90 -7.12 -0.46 -6.62
CA HIS A 90 -7.44 0.46 -7.72
C HIS A 90 -8.25 1.70 -7.21
N PRO A 91 -8.45 2.79 -8.03
CA PRO A 91 -9.19 3.99 -7.61
C PRO A 91 -10.67 3.99 -8.06
N SER A 92 -11.16 2.83 -8.48
CA SER A 92 -12.53 2.70 -8.98
C SER A 92 -13.45 2.06 -7.93
N GLY A 93 -14.76 2.26 -8.11
CA GLY A 93 -15.75 1.69 -7.20
C GLY A 93 -16.31 0.38 -7.69
N LEU A 94 -15.55 -0.31 -8.56
CA LEU A 94 -15.94 -1.61 -9.13
C LEU A 94 -15.47 -2.75 -8.23
N SER A 95 -16.18 -3.89 -8.27
CA SER A 95 -15.83 -5.04 -7.46
C SER A 95 -15.77 -6.33 -8.29
N TYR A 96 -15.01 -7.31 -7.76
CA TYR A 96 -14.83 -8.61 -8.41
C TYR A 96 -15.18 -9.74 -7.42
N GLN A 97 -14.52 -10.92 -7.56
CA GLN A 97 -14.76 -12.08 -6.68
C GLN A 97 -14.52 -11.72 -5.21
N SER A 98 -13.39 -11.05 -4.95
CA SER A 98 -13.01 -10.60 -3.61
C SER A 98 -12.52 -9.16 -3.65
N THR A 99 -13.48 -8.22 -3.64
CA THR A 99 -13.17 -6.80 -3.70
C THR A 99 -13.88 -6.01 -2.59
N LEU A 100 -13.07 -5.28 -1.82
CA LEU A 100 -13.56 -4.43 -0.74
C LEU A 100 -13.51 -2.98 -1.17
N GLU A 101 -14.65 -2.31 -1.10
CA GLU A 101 -14.73 -0.89 -1.46
C GLU A 101 -14.33 -0.01 -0.27
N LEU A 102 -13.41 0.91 -0.55
CA LEU A 102 -12.90 1.84 0.46
C LEU A 102 -13.08 3.29 -0.01
N GLY A 103 -14.29 3.56 -0.52
CA GLY A 103 -14.64 4.90 -1.00
C GLY A 103 -13.84 5.33 -2.20
N GLU A 104 -12.90 6.25 -1.97
CA GLU A 104 -12.04 6.81 -3.02
C GLU A 104 -11.18 5.74 -3.74
N LEU A 105 -11.18 4.52 -3.18
CA LEU A 105 -10.41 3.40 -3.76
C LEU A 105 -11.00 2.05 -3.34
N ALA A 106 -10.78 1.04 -4.20
CA ALA A 106 -11.26 -0.32 -3.96
C ALA A 106 -10.08 -1.28 -3.85
N MET A 107 -10.29 -2.41 -3.18
CA MET A 107 -9.24 -3.40 -2.97
C MET A 107 -9.71 -4.74 -3.53
N SER A 108 -8.88 -5.39 -4.33
CA SER A 108 -9.21 -6.67 -4.94
C SER A 108 -8.07 -7.65 -4.73
N THR A 109 -8.41 -8.85 -4.26
CA THR A 109 -7.41 -9.89 -3.98
C THR A 109 -7.68 -11.16 -4.81
N SER A 110 -8.46 -11.00 -5.88
CA SER A 110 -8.82 -12.11 -6.76
C SER A 110 -7.81 -12.32 -7.88
N GLN A 111 -7.46 -13.60 -8.08
CA GLN A 111 -6.53 -14.00 -9.12
C GLN A 111 -7.11 -13.67 -10.50
N ASP A 112 -8.47 -13.72 -10.57
CA ASP A 112 -9.21 -13.40 -11.79
C ASP A 112 -9.04 -11.92 -12.16
N VAL A 113 -9.04 -11.03 -11.14
CA VAL A 113 -8.83 -9.59 -11.37
C VAL A 113 -7.38 -9.31 -11.77
N LEU A 114 -6.42 -10.03 -11.14
CA LEU A 114 -4.99 -9.86 -11.47
C LEU A 114 -4.74 -10.19 -12.95
N PHE A 115 -5.32 -11.32 -13.40
CA PHE A 115 -5.21 -11.76 -14.80
C PHE A 115 -5.96 -10.80 -15.73
N ALA A 116 -7.15 -10.36 -15.28
CA ALA A 116 -7.99 -9.43 -16.05
C ALA A 116 -7.28 -8.10 -16.30
N ILE A 117 -6.79 -7.46 -15.23
CA ILE A 117 -6.10 -6.17 -15.34
C ILE A 117 -4.80 -6.31 -16.12
N ALA A 118 -4.05 -7.36 -15.82
CA ALA A 118 -2.79 -7.63 -16.52
C ALA A 118 -3.06 -7.73 -18.03
N ALA A 119 -4.26 -8.23 -18.37
CA ALA A 119 -4.72 -8.32 -19.76
C ALA A 119 -5.34 -7.02 -20.21
N GLY A 120 -5.73 -6.22 -19.22
CA GLY A 120 -6.30 -4.91 -19.46
C GLY A 120 -7.82 -4.86 -19.36
N THR A 121 -8.41 -5.89 -18.79
CA THR A 121 -9.85 -5.98 -18.64
C THR A 121 -10.31 -5.71 -17.19
N GLY A 122 -9.37 -5.30 -16.33
CA GLY A 122 -9.69 -5.00 -14.95
C GLY A 122 -9.97 -3.51 -14.71
N PRO A 123 -9.46 -2.91 -13.60
CA PRO A 123 -9.68 -1.48 -13.29
C PRO A 123 -8.73 -0.55 -14.04
N GLU A 124 -8.99 0.77 -13.91
CA GLU A 124 -8.21 1.84 -14.58
C GLU A 124 -6.73 1.76 -14.21
N LYS A 125 -6.47 1.78 -12.91
CA LYS A 125 -5.11 1.75 -12.36
C LYS A 125 -5.11 0.89 -11.11
N SER A 126 -4.06 0.08 -10.93
CA SER A 126 -4.00 -0.80 -9.77
C SER A 126 -2.60 -0.86 -9.15
N LEU A 127 -2.53 -1.44 -7.95
CA LEU A 127 -1.29 -1.62 -7.21
C LEU A 127 -1.17 -3.10 -6.82
N ILE A 128 -0.12 -3.75 -7.31
CA ILE A 128 0.13 -5.16 -6.98
C ILE A 128 1.16 -5.25 -5.87
N SER A 129 0.67 -5.50 -4.66
CA SER A 129 1.50 -5.58 -3.48
C SER A 129 1.36 -6.95 -2.82
N LEU A 130 2.50 -7.65 -2.69
CA LEU A 130 2.54 -8.99 -2.09
C LEU A 130 2.20 -8.96 -0.60
N GLY A 131 1.11 -9.66 -0.25
CA GLY A 131 0.64 -9.75 1.12
C GLY A 131 0.15 -8.44 1.70
N TYR A 132 -0.42 -8.53 2.92
CA TYR A 132 -0.94 -7.37 3.65
C TYR A 132 -0.36 -7.32 5.07
N ALA A 133 -0.71 -6.24 5.77
CA ALA A 133 -0.29 -6.03 7.14
C ALA A 133 -1.52 -6.03 8.04
N GLY A 134 -1.46 -6.81 9.11
CA GLY A 134 -2.58 -6.90 10.01
C GLY A 134 -2.21 -6.70 11.47
N TRP A 135 -3.14 -6.10 12.22
CA TRP A 135 -2.95 -5.84 13.65
C TRP A 135 -4.05 -6.51 14.46
N GLU A 136 -3.65 -7.14 15.57
CA GLU A 136 -4.60 -7.83 16.46
C GLU A 136 -5.31 -6.83 17.38
N ALA A 137 -6.48 -7.23 17.90
CA ALA A 137 -7.30 -6.39 18.79
C ALA A 137 -6.52 -5.86 20.00
N GLY A 138 -5.97 -4.65 19.84
CA GLY A 138 -5.21 -4.01 20.91
C GLY A 138 -3.77 -3.73 20.54
N GLN A 139 -3.22 -4.52 19.59
CA GLN A 139 -1.83 -4.37 19.14
C GLN A 139 -1.54 -2.96 18.56
N LEU A 140 -2.47 -2.45 17.74
CA LEU A 140 -2.34 -1.12 17.13
C LEU A 140 -2.46 -0.03 18.19
N GLU A 141 -3.50 -0.13 19.05
CA GLU A 141 -3.71 0.82 20.15
C GLU A 141 -2.51 0.82 21.11
N ALA A 142 -1.85 -0.36 21.19
CA ALA A 142 -0.67 -0.56 22.02
C ALA A 142 0.54 0.21 21.46
N GLU A 143 0.79 0.04 20.16
CA GLU A 143 1.89 0.71 19.46
C GLU A 143 1.59 2.22 19.31
N LEU A 144 0.28 2.54 19.26
CA LEU A 144 -0.19 3.92 19.13
C LEU A 144 -0.02 4.68 20.47
N SER A 145 -0.25 3.96 21.58
CA SER A 145 -0.09 4.52 22.92
C SER A 145 1.39 4.58 23.30
N ASP A 146 2.14 3.62 22.73
CA ASP A 146 3.59 3.50 22.93
C ASP A 146 4.36 4.42 21.96
N ASN A 147 3.59 5.17 21.14
CA ASN A 147 4.10 6.11 20.12
C ASN A 147 5.13 5.45 19.17
N ALA A 148 4.89 4.15 18.90
CA ALA A 148 5.74 3.35 18.01
C ALA A 148 5.39 3.59 16.55
N TRP A 149 4.08 3.67 16.25
CA TRP A 149 3.59 3.91 14.90
C TRP A 149 2.72 5.17 14.88
N LEU A 150 3.20 6.23 14.22
CA LEU A 150 2.47 7.50 14.15
C LEU A 150 1.41 7.48 13.05
N THR A 151 0.21 7.99 13.37
CA THR A 151 -0.91 8.06 12.43
C THR A 151 -1.05 9.46 11.85
N CYS A 152 -1.29 9.54 10.54
CA CYS A 152 -1.47 10.83 9.84
C CYS A 152 -2.39 10.66 8.62
N PRO A 153 -3.10 11.75 8.17
CA PRO A 153 -3.98 11.67 6.97
C PRO A 153 -3.19 11.26 5.73
N ALA A 154 -3.86 10.60 4.77
CA ALA A 154 -3.17 10.12 3.58
C ALA A 154 -3.84 10.55 2.27
N ASP A 155 -3.09 10.34 1.18
CA ASP A 155 -3.54 10.64 -0.17
C ASP A 155 -3.17 9.44 -1.06
N PRO A 156 -4.09 8.95 -1.93
CA PRO A 156 -3.83 7.78 -2.79
C PRO A 156 -2.89 8.08 -3.95
N ALA A 157 -2.85 9.35 -4.36
CA ALA A 157 -1.98 9.82 -5.45
C ALA A 157 -0.53 9.37 -5.23
N ILE A 158 -0.02 9.59 -4.01
CA ILE A 158 1.35 9.20 -3.61
C ILE A 158 1.52 7.66 -3.65
N LEU A 159 0.42 7.00 -3.29
CA LEU A 159 0.35 5.55 -3.20
C LEU A 159 0.32 4.89 -4.60
N PHE A 160 -0.35 5.57 -5.54
CA PHE A 160 -0.49 5.09 -6.91
C PHE A 160 0.71 5.43 -7.82
N ASP A 161 1.36 6.60 -7.64
CA ASP A 161 2.50 6.97 -8.50
C ASP A 161 3.84 6.41 -7.97
N LEU A 162 4.31 6.91 -6.81
CA LEU A 162 5.58 6.46 -6.23
C LEU A 162 5.52 6.45 -4.70
N PRO A 163 5.29 5.26 -4.11
CA PRO A 163 5.30 5.11 -2.66
C PRO A 163 6.70 4.71 -2.06
N PRO A 164 7.80 4.51 -2.87
CA PRO A 164 9.13 4.10 -2.33
C PRO A 164 9.90 5.22 -1.61
N GLU A 165 10.01 6.36 -2.28
CA GLU A 165 10.73 7.53 -1.80
C GLU A 165 9.79 8.72 -1.72
N GLU A 166 8.84 8.75 -2.66
CA GLU A 166 7.84 9.82 -2.72
C GLU A 166 6.87 9.73 -1.54
N ARG A 167 6.92 8.60 -0.80
CA ARG A 167 6.10 8.40 0.41
C ARG A 167 6.70 9.20 1.56
N LEU A 168 8.04 9.17 1.66
CA LEU A 168 8.76 9.92 2.69
C LEU A 168 8.67 11.41 2.39
N SER A 169 8.99 11.78 1.13
CA SER A 169 8.91 13.18 0.67
C SER A 169 7.49 13.76 0.84
N ALA A 170 6.47 13.00 0.36
CA ALA A 170 5.06 13.43 0.48
C ALA A 170 4.63 13.52 1.94
N ALA A 171 5.07 12.53 2.76
CA ALA A 171 4.75 12.49 4.20
C ALA A 171 5.18 13.79 4.88
N ALA A 172 6.43 14.22 4.58
CA ALA A 172 6.98 15.47 5.11
C ALA A 172 6.15 16.65 4.58
N ALA A 173 5.74 16.52 3.30
CA ALA A 173 4.90 17.52 2.62
C ALA A 173 3.51 17.60 3.27
N ARG A 174 3.04 16.48 3.88
CA ARG A 174 1.75 16.41 4.57
C ARG A 174 1.85 17.08 5.94
N LEU A 175 2.98 16.84 6.62
CA LEU A 175 3.25 17.41 7.96
C LEU A 175 3.51 18.92 7.88
N GLY A 176 4.09 19.37 6.75
CA GLY A 176 4.39 20.79 6.57
C GLY A 176 5.87 21.09 6.62
N VAL A 177 6.65 20.41 5.78
CA VAL A 177 8.10 20.60 5.71
C VAL A 177 8.51 20.86 4.26
N ASN A 178 9.57 21.66 4.08
CA ASN A 178 10.07 21.99 2.74
C ASN A 178 11.10 20.96 2.28
N LEU A 179 10.58 19.80 1.84
CA LEU A 179 11.41 18.70 1.35
C LEU A 179 11.91 18.93 -0.08
N SER A 180 11.17 19.75 -0.85
CA SER A 180 11.50 20.06 -2.24
C SER A 180 12.89 20.72 -2.38
N LEU A 181 13.22 21.67 -1.49
CA LEU A 181 14.52 22.36 -1.53
C LEU A 181 15.65 21.49 -0.94
N LEU A 182 15.29 20.57 -0.03
CA LEU A 182 16.25 19.66 0.60
C LEU A 182 16.66 18.51 -0.35
N THR A 183 15.71 18.11 -1.22
CA THR A 183 15.96 17.03 -2.17
C THR A 183 16.51 17.57 -3.49
N ALA A 184 15.89 18.63 -4.01
CA ALA A 184 16.31 19.25 -5.26
C ALA A 184 16.47 20.76 -5.10
N GLN A 185 17.70 21.24 -5.30
CA GLN A 185 18.03 22.66 -5.19
C GLN A 185 18.08 23.32 -6.56
N ALA A 186 17.74 24.62 -6.60
CA ALA A 186 17.75 25.39 -7.83
C ALA A 186 19.04 26.22 -7.96
N GLY A 187 19.51 26.36 -9.21
CA GLY A 187 20.72 27.12 -9.47
C GLY A 187 21.30 26.84 -10.85
N HIS A 188 22.61 26.65 -10.90
CA HIS A 188 23.30 26.36 -12.16
C HIS A 188 23.57 24.87 -12.33
N ALA A 189 23.25 24.34 -13.53
CA ALA A 189 23.43 22.90 -13.87
C ALA A 189 22.59 21.98 -12.97
N MET A 1 -18.27 15.11 0.28
CA MET A 1 -17.65 16.37 0.78
C MET A 1 -16.32 16.10 1.48
N LYS A 2 -16.28 15.04 2.28
CA LYS A 2 -15.08 14.65 3.02
C LYS A 2 -14.34 13.51 2.31
N GLN A 3 -13.01 13.64 2.24
CA GLN A 3 -12.17 12.63 1.60
C GLN A 3 -11.53 11.70 2.63
N SER A 4 -11.08 12.28 3.75
CA SER A 4 -10.45 11.53 4.84
C SER A 4 -11.45 11.22 5.94
N SER A 5 -11.20 10.13 6.68
CA SER A 5 -12.07 9.70 7.78
C SER A 5 -11.56 10.27 9.13
N PRO A 6 -12.27 11.29 9.71
CA PRO A 6 -11.87 11.89 11.00
C PRO A 6 -12.44 11.14 12.20
N THR A 7 -13.06 10.01 11.89
CA THR A 7 -13.69 9.14 12.87
C THR A 7 -12.95 7.81 12.98
N TYR A 8 -12.83 7.10 11.84
CA TYR A 8 -12.14 5.82 11.79
C TYR A 8 -10.83 5.91 11.00
N LEU A 9 -9.93 4.97 11.26
CA LEU A 9 -8.62 4.92 10.59
C LEU A 9 -8.61 3.89 9.45
N LYS A 10 -9.71 3.84 8.69
CA LYS A 10 -9.85 2.88 7.59
C LYS A 10 -9.30 3.49 6.27
N HIS A 11 -8.34 4.42 6.41
CA HIS A 11 -7.73 5.14 5.27
C HIS A 11 -6.69 6.17 5.79
N HIS A 12 -5.74 5.70 6.61
CA HIS A 12 -4.72 6.61 7.16
C HIS A 12 -3.30 6.05 6.99
N PHE A 13 -2.28 6.93 6.99
CA PHE A 13 -0.88 6.52 6.86
C PHE A 13 -0.20 6.45 8.22
N LEU A 14 0.52 5.35 8.44
CA LEU A 14 1.28 5.15 9.66
C LEU A 14 2.75 5.31 9.38
N ILE A 15 3.47 5.93 10.30
CA ILE A 15 4.91 6.16 10.14
C ILE A 15 5.65 5.57 11.33
N ALA A 16 6.70 4.80 11.04
CA ALA A 16 7.51 4.15 12.08
C ALA A 16 8.47 5.14 12.74
N MET A 17 8.51 5.11 14.09
CA MET A 17 9.38 6.00 14.85
C MET A 17 10.35 5.20 15.74
N PRO A 18 11.53 5.77 16.14
CA PRO A 18 12.51 5.07 16.99
C PRO A 18 12.10 5.04 18.48
N HIS A 19 11.12 4.17 18.79
CA HIS A 19 10.63 4.01 20.16
C HIS A 19 10.50 2.53 20.55
N MET A 20 10.42 1.65 19.54
CA MET A 20 10.29 0.22 19.77
C MET A 20 11.61 -0.50 19.39
N ALA A 21 11.54 -1.83 19.22
CA ALA A 21 12.72 -2.62 18.87
C ALA A 21 12.76 -2.98 17.38
N ASP A 22 12.25 -2.07 16.54
CA ASP A 22 12.23 -2.27 15.09
C ASP A 22 13.20 -1.30 14.38
N PRO A 23 14.53 -1.62 14.32
CA PRO A 23 15.54 -0.77 13.66
C PRO A 23 15.49 -0.83 12.13
N ASN A 24 14.96 -1.95 11.62
CA ASN A 24 14.84 -2.18 10.17
C ASN A 24 13.58 -1.55 9.60
N PHE A 25 12.49 -1.63 10.39
CA PHE A 25 11.18 -1.08 10.00
C PHE A 25 11.00 0.38 10.45
N ALA A 26 12.01 0.90 11.17
CA ALA A 26 12.01 2.28 11.73
C ALA A 26 11.91 3.40 10.69
N GLN A 27 11.80 3.07 9.40
CA GLN A 27 11.73 4.10 8.34
C GLN A 27 10.73 3.71 7.24
N THR A 28 9.61 3.12 7.65
CA THR A 28 8.57 2.70 6.71
C THR A 28 7.21 3.34 7.04
N VAL A 29 6.34 3.39 6.02
CA VAL A 29 5.00 3.95 6.15
C VAL A 29 3.96 2.98 5.57
N THR A 30 2.90 2.75 6.34
CA THR A 30 1.83 1.83 5.95
C THR A 30 0.52 2.57 5.71
N TYR A 31 -0.32 1.97 4.85
CA TYR A 31 -1.62 2.52 4.52
C TYR A 31 -2.69 1.66 5.17
N LEU A 32 -3.51 2.27 6.04
CA LEU A 32 -4.55 1.55 6.76
C LEU A 32 -5.81 1.41 5.90
N VAL A 33 -6.02 0.16 5.46
CA VAL A 33 -7.16 -0.23 4.62
C VAL A 33 -8.47 -0.15 5.42
N GLU A 34 -8.54 -0.94 6.51
CA GLU A 34 -9.72 -0.96 7.38
C GLU A 34 -9.30 -1.09 8.84
N HIS A 35 -9.59 -0.05 9.63
CA HIS A 35 -9.25 -0.04 11.05
C HIS A 35 -10.45 -0.45 11.90
N ASN A 36 -10.21 -1.41 12.80
CA ASN A 36 -11.24 -1.90 13.70
C ASN A 36 -10.65 -2.11 15.10
N GLU A 37 -11.51 -1.98 16.13
CA GLU A 37 -11.08 -2.15 17.53
C GLU A 37 -10.62 -3.58 17.82
N GLN A 38 -11.00 -4.52 16.94
CA GLN A 38 -10.64 -5.92 17.08
C GLN A 38 -9.52 -6.32 16.09
N GLY A 39 -8.98 -5.33 15.37
CA GLY A 39 -7.93 -5.59 14.39
C GLY A 39 -7.89 -4.55 13.28
N ALA A 40 -6.78 -4.51 12.52
CA ALA A 40 -6.63 -3.54 11.42
C ALA A 40 -5.83 -4.12 10.26
N MET A 41 -6.26 -3.79 9.02
CA MET A 41 -5.57 -4.24 7.81
C MET A 41 -5.06 -3.05 7.03
N GLY A 42 -3.82 -3.17 6.57
CA GLY A 42 -3.18 -2.13 5.80
C GLY A 42 -2.01 -2.64 4.98
N LEU A 43 -1.62 -1.89 3.95
CA LEU A 43 -0.51 -2.30 3.08
C LEU A 43 0.67 -1.34 3.17
N VAL A 44 1.88 -1.89 3.29
CA VAL A 44 3.12 -1.09 3.34
C VAL A 44 3.35 -0.46 1.97
N ILE A 45 3.46 0.88 1.93
CA ILE A 45 3.64 1.58 0.66
C ILE A 45 4.87 2.50 0.67
N ASN A 46 6.02 1.90 0.97
CA ASN A 46 7.29 2.62 1.00
C ASN A 46 8.46 1.73 0.57
N ARG A 47 8.18 0.43 0.31
CA ARG A 47 9.22 -0.53 -0.08
C ARG A 47 8.87 -1.36 -1.35
N PRO A 48 9.22 -0.87 -2.59
CA PRO A 48 9.01 -1.67 -3.82
C PRO A 48 9.78 -2.99 -3.79
N SER A 49 9.17 -4.05 -4.32
CA SER A 49 9.80 -5.38 -4.35
C SER A 49 10.59 -5.60 -5.65
N GLY A 50 11.53 -6.56 -5.60
CA GLY A 50 12.36 -6.88 -6.75
C GLY A 50 11.89 -8.12 -7.47
N LEU A 51 10.58 -8.19 -7.72
CA LEU A 51 9.97 -9.33 -8.41
C LEU A 51 8.99 -8.82 -9.46
N ASN A 52 8.74 -9.63 -10.49
CA ASN A 52 7.81 -9.26 -11.55
C ASN A 52 6.49 -10.03 -11.43
N LEU A 53 5.43 -9.52 -12.08
CA LEU A 53 4.09 -10.15 -12.02
C LEU A 53 4.11 -11.60 -12.55
N ALA A 54 4.91 -11.84 -13.60
CA ALA A 54 5.04 -13.18 -14.21
C ALA A 54 5.39 -14.27 -13.19
N GLU A 55 6.21 -13.92 -12.20
CA GLU A 55 6.62 -14.87 -11.15
C GLU A 55 5.43 -15.31 -10.31
N VAL A 56 4.55 -14.35 -9.94
CA VAL A 56 3.34 -14.68 -9.18
C VAL A 56 2.47 -15.60 -10.04
N LEU A 57 2.30 -15.22 -11.32
CA LEU A 57 1.54 -16.02 -12.30
C LEU A 57 2.07 -17.44 -12.37
N GLU A 58 3.41 -17.55 -12.24
CA GLU A 58 4.11 -18.83 -12.28
C GLU A 58 3.96 -19.60 -10.98
N GLN A 59 3.80 -18.84 -9.89
CA GLN A 59 3.65 -19.40 -8.55
C GLN A 59 2.21 -19.92 -8.37
N LEU A 60 1.31 -19.23 -9.09
CA LEU A 60 -0.11 -19.53 -9.09
C LEU A 60 -0.42 -20.75 -9.97
N LYS A 61 0.20 -20.77 -11.17
CA LYS A 61 0.03 -21.86 -12.11
C LYS A 61 1.40 -22.32 -12.64
N PRO A 62 1.78 -23.59 -12.35
CA PRO A 62 3.07 -24.18 -12.79
C PRO A 62 3.06 -24.59 -14.27
N ASP A 63 1.87 -25.02 -14.72
CA ASP A 63 1.67 -25.46 -16.11
C ASP A 63 1.44 -24.28 -17.04
N ALA A 64 1.17 -23.10 -16.47
CA ALA A 64 0.94 -21.87 -17.24
C ALA A 64 2.25 -21.15 -17.56
N LEU A 65 2.26 -20.45 -18.69
CA LEU A 65 3.42 -19.68 -19.12
C LEU A 65 3.06 -18.19 -19.20
N PRO A 66 3.81 -17.31 -18.47
CA PRO A 66 3.53 -15.86 -18.49
C PRO A 66 3.97 -15.19 -19.80
N PRO A 67 3.24 -14.14 -20.30
CA PRO A 67 3.60 -13.47 -21.55
C PRO A 67 4.49 -12.24 -21.31
N ALA A 68 4.72 -11.48 -22.36
CA ALA A 68 5.54 -10.26 -22.31
C ALA A 68 4.93 -9.19 -21.37
N ARG A 69 3.60 -9.26 -21.17
CA ARG A 69 2.86 -8.29 -20.34
C ARG A 69 3.22 -8.33 -18.85
N CYS A 70 3.13 -9.52 -18.22
CA CYS A 70 3.41 -9.67 -16.78
C CYS A 70 4.91 -9.54 -16.46
N GLN A 71 5.77 -9.83 -17.44
CA GLN A 71 7.22 -9.78 -17.28
C GLN A 71 7.74 -8.36 -17.08
N HIS A 72 7.11 -7.38 -17.74
CA HIS A 72 7.52 -5.98 -17.64
C HIS A 72 6.75 -5.24 -16.52
N ILE A 73 6.26 -6.02 -15.55
CA ILE A 73 5.52 -5.50 -14.41
C ILE A 73 6.24 -5.86 -13.10
N ASP A 74 6.29 -4.89 -12.18
CA ASP A 74 6.98 -5.07 -10.90
C ASP A 74 6.02 -5.23 -9.73
N ILE A 75 6.51 -5.89 -8.67
CA ILE A 75 5.74 -6.15 -7.45
C ILE A 75 6.19 -5.18 -6.33
N TYR A 76 5.27 -4.88 -5.40
CA TYR A 76 5.55 -4.00 -4.26
C TYR A 76 5.37 -4.76 -2.95
N ASN A 77 6.08 -4.36 -1.88
CA ASN A 77 5.96 -5.04 -0.58
C ASN A 77 4.76 -4.50 0.21
N GLY A 78 3.81 -5.39 0.55
CA GLY A 78 2.62 -4.94 1.29
C GLY A 78 2.65 -5.30 2.77
N GLY A 79 3.42 -6.34 3.13
CA GLY A 79 3.53 -6.71 4.53
C GLY A 79 4.02 -8.15 4.72
N PRO A 80 3.92 -8.69 5.96
CA PRO A 80 4.35 -10.05 6.29
C PRO A 80 3.26 -11.13 6.10
N VAL A 81 2.01 -10.69 5.90
CA VAL A 81 0.88 -11.62 5.73
C VAL A 81 0.73 -12.07 4.27
N GLN A 82 0.69 -13.41 4.07
CA GLN A 82 0.55 -14.06 2.74
C GLN A 82 1.49 -13.46 1.67
N THR A 83 2.73 -13.95 1.64
CA THR A 83 3.75 -13.48 0.69
C THR A 83 3.67 -14.23 -0.66
N ASP A 84 2.77 -15.22 -0.70
CA ASP A 84 2.58 -16.05 -1.91
C ASP A 84 1.58 -15.42 -2.90
N ARG A 85 0.96 -14.31 -2.51
CA ARG A 85 -0.02 -13.64 -3.39
C ARG A 85 0.18 -12.13 -3.48
N GLY A 86 -0.28 -11.56 -4.61
CA GLY A 86 -0.20 -10.14 -4.83
C GLY A 86 -1.57 -9.48 -4.76
N PHE A 87 -1.60 -8.37 -4.03
CA PHE A 87 -2.80 -7.56 -3.80
C PHE A 87 -3.02 -6.57 -4.94
N VAL A 88 -4.28 -6.32 -5.28
CA VAL A 88 -4.60 -5.40 -6.38
C VAL A 88 -5.52 -4.26 -5.87
N LEU A 89 -4.93 -3.07 -5.69
CA LEU A 89 -5.68 -1.89 -5.23
C LEU A 89 -5.88 -0.92 -6.40
N HIS A 90 -7.12 -0.49 -6.63
CA HIS A 90 -7.45 0.43 -7.72
C HIS A 90 -8.20 1.68 -7.22
N PRO A 91 -8.34 2.79 -8.04
CA PRO A 91 -9.05 4.01 -7.62
C PRO A 91 -10.53 4.06 -8.08
N SER A 92 -11.04 2.90 -8.51
CA SER A 92 -12.42 2.79 -9.01
C SER A 92 -13.36 2.19 -7.97
N GLY A 93 -14.67 2.42 -8.17
CA GLY A 93 -15.68 1.89 -7.26
C GLY A 93 -16.29 0.59 -7.75
N LEU A 94 -15.58 -0.10 -8.66
CA LEU A 94 -16.04 -1.38 -9.22
C LEU A 94 -15.62 -2.54 -8.33
N SER A 95 -16.39 -3.65 -8.40
CA SER A 95 -16.11 -4.82 -7.57
C SER A 95 -16.01 -6.10 -8.40
N TYR A 96 -15.30 -7.08 -7.82
CA TYR A 96 -15.07 -8.39 -8.45
C TYR A 96 -15.43 -9.51 -7.46
N GLN A 97 -14.79 -10.69 -7.59
CA GLN A 97 -15.03 -11.84 -6.70
C GLN A 97 -14.77 -11.48 -5.23
N SER A 98 -13.62 -10.82 -4.99
CA SER A 98 -13.23 -10.39 -3.66
C SER A 98 -12.70 -8.96 -3.69
N THR A 99 -13.61 -8.00 -3.69
CA THR A 99 -13.26 -6.57 -3.73
C THR A 99 -13.95 -5.78 -2.64
N LEU A 100 -13.15 -5.05 -1.87
CA LEU A 100 -13.62 -4.19 -0.78
C LEU A 100 -13.55 -2.74 -1.20
N GLU A 101 -14.67 -2.05 -1.16
CA GLU A 101 -14.72 -0.63 -1.50
C GLU A 101 -14.30 0.23 -0.31
N LEU A 102 -13.35 1.12 -0.59
CA LEU A 102 -12.81 2.03 0.41
C LEU A 102 -12.94 3.49 -0.05
N GLY A 103 -14.15 3.81 -0.54
CA GLY A 103 -14.47 5.15 -1.02
C GLY A 103 -13.69 5.54 -2.25
N GLU A 104 -12.74 6.45 -2.07
CA GLU A 104 -11.90 6.96 -3.16
C GLU A 104 -11.06 5.87 -3.85
N LEU A 105 -11.05 4.67 -3.26
CA LEU A 105 -10.30 3.53 -3.80
C LEU A 105 -10.91 2.19 -3.37
N ALA A 106 -10.71 1.17 -4.21
CA ALA A 106 -11.22 -0.17 -3.95
C ALA A 106 -10.06 -1.15 -3.84
N MET A 107 -10.29 -2.28 -3.14
CA MET A 107 -9.25 -3.29 -2.94
C MET A 107 -9.73 -4.61 -3.52
N SER A 108 -8.91 -5.22 -4.37
CA SER A 108 -9.25 -6.48 -5.01
C SER A 108 -8.17 -7.53 -4.73
N THR A 109 -8.61 -8.68 -4.27
CA THR A 109 -7.70 -9.79 -3.93
C THR A 109 -7.97 -11.04 -4.78
N SER A 110 -8.74 -10.86 -5.87
CA SER A 110 -9.09 -11.95 -6.77
C SER A 110 -8.03 -12.14 -7.86
N GLN A 111 -7.60 -13.40 -8.01
CA GLN A 111 -6.61 -13.76 -9.04
C GLN A 111 -7.16 -13.44 -10.45
N ASP A 112 -8.50 -13.53 -10.56
CA ASP A 112 -9.23 -13.24 -11.78
C ASP A 112 -9.09 -11.75 -12.16
N VAL A 113 -9.20 -10.85 -11.16
CA VAL A 113 -9.03 -9.42 -11.38
C VAL A 113 -7.57 -9.10 -11.75
N LEU A 114 -6.62 -9.80 -11.10
CA LEU A 114 -5.19 -9.63 -11.37
C LEU A 114 -4.87 -9.93 -12.85
N PHE A 115 -5.38 -11.08 -13.33
CA PHE A 115 -5.20 -11.51 -14.72
C PHE A 115 -6.00 -10.62 -15.67
N ALA A 116 -7.20 -10.20 -15.23
CA ALA A 116 -8.08 -9.34 -16.03
C ALA A 116 -7.42 -7.98 -16.31
N ILE A 117 -6.94 -7.33 -15.23
CA ILE A 117 -6.27 -6.02 -15.35
C ILE A 117 -4.96 -6.14 -16.14
N ALA A 118 -4.20 -7.19 -15.84
CA ALA A 118 -2.95 -7.44 -16.54
C ALA A 118 -3.21 -7.56 -18.04
N ALA A 119 -4.42 -8.08 -18.37
CA ALA A 119 -4.88 -8.21 -19.75
C ALA A 119 -5.52 -6.90 -20.22
N GLY A 120 -5.91 -6.09 -19.24
CA GLY A 120 -6.50 -4.80 -19.49
C GLY A 120 -8.01 -4.75 -19.39
N THR A 121 -8.59 -5.79 -18.80
CA THR A 121 -10.03 -5.88 -18.65
C THR A 121 -10.48 -5.61 -17.19
N GLY A 122 -9.54 -5.17 -16.34
CA GLY A 122 -9.87 -4.89 -14.96
C GLY A 122 -10.16 -3.41 -14.71
N PRO A 123 -9.65 -2.81 -13.58
CA PRO A 123 -9.90 -1.40 -13.24
C PRO A 123 -8.98 -0.43 -13.97
N GLU A 124 -9.28 0.87 -13.81
CA GLU A 124 -8.53 1.99 -14.42
C GLU A 124 -7.02 1.89 -14.13
N LYS A 125 -6.70 1.84 -12.84
CA LYS A 125 -5.31 1.75 -12.36
C LYS A 125 -5.27 0.81 -11.19
N SER A 126 -4.12 0.15 -10.95
CA SER A 126 -4.00 -0.79 -9.84
C SER A 126 -2.60 -0.81 -9.23
N LEU A 127 -2.53 -1.40 -8.03
CA LEU A 127 -1.28 -1.56 -7.29
C LEU A 127 -1.14 -3.02 -6.90
N ILE A 128 -0.08 -3.68 -7.40
CA ILE A 128 0.16 -5.08 -7.05
C ILE A 128 1.21 -5.16 -5.95
N SER A 129 0.71 -5.40 -4.74
CA SER A 129 1.56 -5.47 -3.56
C SER A 129 1.46 -6.85 -2.92
N LEU A 130 2.62 -7.51 -2.78
CA LEU A 130 2.72 -8.86 -2.21
C LEU A 130 2.37 -8.85 -0.72
N GLY A 131 1.27 -9.54 -0.40
CA GLY A 131 0.79 -9.65 0.97
C GLY A 131 0.31 -8.34 1.57
N TYR A 132 -0.24 -8.43 2.78
CA TYR A 132 -0.75 -7.27 3.51
C TYR A 132 -0.17 -7.24 4.94
N ALA A 133 -0.58 -6.20 5.68
CA ALA A 133 -0.18 -6.00 7.05
C ALA A 133 -1.39 -6.05 7.94
N GLY A 134 -1.33 -6.84 9.01
CA GLY A 134 -2.45 -6.97 9.91
C GLY A 134 -2.10 -6.78 11.36
N TRP A 135 -2.99 -6.08 12.07
CA TRP A 135 -2.81 -5.81 13.50
C TRP A 135 -3.88 -6.54 14.31
N GLU A 136 -3.46 -7.18 15.40
CA GLU A 136 -4.37 -7.91 16.29
C GLU A 136 -5.08 -6.94 17.24
N ALA A 137 -6.23 -7.38 17.77
CA ALA A 137 -7.04 -6.57 18.70
C ALA A 137 -6.25 -6.03 19.90
N GLY A 138 -5.68 -4.84 19.74
CA GLY A 138 -4.91 -4.21 20.79
C GLY A 138 -3.48 -3.88 20.38
N GLN A 139 -2.96 -4.64 19.39
CA GLN A 139 -1.58 -4.45 18.88
C GLN A 139 -1.34 -3.03 18.35
N LEU A 140 -2.31 -2.51 17.56
CA LEU A 140 -2.21 -1.17 16.99
C LEU A 140 -2.31 -0.10 18.09
N GLU A 141 -3.32 -0.25 18.97
CA GLU A 141 -3.51 0.67 20.11
C GLU A 141 -2.29 0.66 21.04
N ALA A 142 -1.60 -0.50 21.05
CA ALA A 142 -0.39 -0.71 21.86
C ALA A 142 0.78 0.11 21.29
N GLU A 143 1.01 -0.06 19.98
CA GLU A 143 2.09 0.66 19.27
C GLU A 143 1.77 2.16 19.17
N LEU A 144 0.46 2.47 19.19
CA LEU A 144 -0.04 3.85 19.11
C LEU A 144 0.15 4.57 20.46
N SER A 145 -0.07 3.84 21.57
CA SER A 145 0.09 4.37 22.91
C SER A 145 1.56 4.42 23.30
N ASP A 146 2.33 3.51 22.71
CA ASP A 146 3.78 3.39 22.93
C ASP A 146 4.56 4.38 22.05
N ASN A 147 3.81 5.16 21.25
CA ASN A 147 4.38 6.18 20.31
C ASN A 147 5.31 5.51 19.27
N ALA A 148 5.04 4.24 18.96
CA ALA A 148 5.82 3.45 18.02
C ALA A 148 5.44 3.74 16.56
N TRP A 149 4.12 3.84 16.29
CA TRP A 149 3.62 4.12 14.94
C TRP A 149 2.70 5.33 14.98
N LEU A 150 3.06 6.40 14.26
CA LEU A 150 2.25 7.63 14.22
C LEU A 150 1.20 7.57 13.11
N THR A 151 0.07 8.27 13.33
CA THR A 151 -1.03 8.31 12.36
C THR A 151 -1.15 9.69 11.74
N CYS A 152 -1.36 9.74 10.42
CA CYS A 152 -1.52 11.02 9.69
C CYS A 152 -2.43 10.86 8.47
N PRO A 153 -3.12 11.97 7.99
CA PRO A 153 -3.99 11.91 6.80
C PRO A 153 -3.21 11.47 5.57
N ALA A 154 -3.87 10.77 4.64
CA ALA A 154 -3.18 10.25 3.46
C ALA A 154 -3.80 10.73 2.14
N ASP A 155 -3.04 10.51 1.06
CA ASP A 155 -3.44 10.82 -0.30
C ASP A 155 -3.07 9.64 -1.19
N PRO A 156 -3.99 9.17 -2.10
CA PRO A 156 -3.73 8.02 -2.97
C PRO A 156 -2.73 8.29 -4.07
N ALA A 157 -2.63 9.57 -4.48
CA ALA A 157 -1.71 10.01 -5.52
C ALA A 157 -0.27 9.57 -5.25
N ILE A 158 0.14 9.65 -3.97
CA ILE A 158 1.48 9.24 -3.52
C ILE A 158 1.61 7.71 -3.56
N LEU A 159 0.49 7.06 -3.23
CA LEU A 159 0.39 5.61 -3.15
C LEU A 159 0.37 4.95 -4.55
N PHE A 160 -0.29 5.63 -5.49
CA PHE A 160 -0.42 5.14 -6.87
C PHE A 160 0.77 5.53 -7.76
N ASP A 161 1.36 6.73 -7.54
CA ASP A 161 2.50 7.18 -8.37
C ASP A 161 3.83 6.62 -7.82
N LEU A 162 4.30 7.17 -6.68
CA LEU A 162 5.56 6.73 -6.08
C LEU A 162 5.50 6.66 -4.57
N PRO A 163 5.29 5.45 -4.02
CA PRO A 163 5.32 5.25 -2.58
C PRO A 163 6.72 4.84 -2.00
N PRO A 164 7.83 4.69 -2.83
CA PRO A 164 9.16 4.27 -2.31
C PRO A 164 9.91 5.36 -1.52
N GLU A 165 10.03 6.52 -2.15
CA GLU A 165 10.75 7.67 -1.59
C GLU A 165 9.81 8.86 -1.51
N GLU A 166 8.85 8.90 -2.46
CA GLU A 166 7.85 9.97 -2.51
C GLU A 166 6.87 9.84 -1.32
N ARG A 167 6.93 8.70 -0.60
CA ARG A 167 6.10 8.47 0.59
C ARG A 167 6.68 9.26 1.77
N LEU A 168 8.02 9.27 1.85
CA LEU A 168 8.72 10.00 2.90
C LEU A 168 8.62 11.51 2.60
N SER A 169 8.97 11.89 1.35
CA SER A 169 8.89 13.29 0.90
C SER A 169 7.47 13.86 1.05
N ALA A 170 6.46 13.10 0.58
CA ALA A 170 5.06 13.51 0.68
C ALA A 170 4.60 13.55 2.14
N ALA A 171 5.04 12.57 2.95
CA ALA A 171 4.69 12.50 4.38
C ALA A 171 5.10 13.80 5.08
N ALA A 172 6.32 14.26 4.80
CA ALA A 172 6.83 15.53 5.36
C ALA A 172 6.01 16.69 4.82
N ALA A 173 5.64 16.59 3.52
CA ALA A 173 4.80 17.59 2.85
C ALA A 173 3.39 17.65 3.47
N ARG A 174 2.92 16.51 4.03
CA ARG A 174 1.61 16.43 4.69
C ARG A 174 1.68 17.05 6.08
N LEU A 175 2.80 16.78 6.79
CA LEU A 175 3.02 17.30 8.15
C LEU A 175 3.21 18.83 8.13
N GLY A 176 3.82 19.34 7.05
CA GLY A 176 4.03 20.78 6.94
C GLY A 176 5.49 21.14 6.70
N VAL A 177 6.13 20.41 5.78
CA VAL A 177 7.55 20.64 5.44
C VAL A 177 7.69 20.77 3.93
N ASN A 178 8.52 21.72 3.49
CA ASN A 178 8.75 21.96 2.06
C ASN A 178 9.93 21.11 1.55
N LEU A 179 9.62 19.84 1.27
CA LEU A 179 10.62 18.87 0.77
C LEU A 179 10.91 19.06 -0.72
N SER A 180 9.93 19.61 -1.45
CA SER A 180 10.04 19.85 -2.90
C SER A 180 11.23 20.76 -3.25
N LEU A 181 11.41 21.86 -2.51
CA LEU A 181 12.50 22.80 -2.75
C LEU A 181 13.85 22.28 -2.20
N LEU A 182 13.78 21.42 -1.16
CA LEU A 182 14.96 20.83 -0.55
C LEU A 182 15.54 19.68 -1.39
N THR A 183 14.65 18.99 -2.14
CA THR A 183 15.05 17.88 -3.01
C THR A 183 15.40 18.38 -4.42
N ALA A 184 14.51 19.20 -4.99
CA ALA A 184 14.70 19.75 -6.33
C ALA A 184 14.49 21.26 -6.34
N GLN A 185 15.54 21.99 -6.71
CA GLN A 185 15.49 23.45 -6.77
C GLN A 185 15.30 23.93 -8.21
N ALA A 186 14.49 24.98 -8.37
CA ALA A 186 14.20 25.55 -9.69
C ALA A 186 14.47 27.06 -9.69
N GLY A 187 15.02 27.53 -10.82
CA GLY A 187 15.34 28.94 -10.97
C GLY A 187 16.50 29.20 -11.91
N HIS A 188 16.18 29.67 -13.12
CA HIS A 188 17.19 29.95 -14.14
C HIS A 188 17.03 31.35 -14.69
N ALA A 189 18.17 32.00 -15.02
CA ALA A 189 18.20 33.38 -15.57
C ALA A 189 17.62 34.41 -14.60
N MET A 1 -20.36 20.16 6.55
CA MET A 1 -20.69 18.72 6.43
C MET A 1 -19.44 17.90 6.15
N LYS A 2 -19.35 16.74 6.81
CA LYS A 2 -18.20 15.84 6.65
C LYS A 2 -18.54 14.69 5.71
N GLN A 3 -17.66 14.46 4.72
CA GLN A 3 -17.84 13.39 3.73
C GLN A 3 -17.01 12.16 4.12
N SER A 4 -15.76 12.41 4.56
CA SER A 4 -14.85 11.34 4.96
C SER A 4 -14.79 11.23 6.48
N SER A 5 -14.37 10.06 6.98
CA SER A 5 -14.26 9.82 8.42
C SER A 5 -12.83 10.08 8.93
N PRO A 6 -12.55 11.29 9.53
CA PRO A 6 -11.22 11.63 10.06
C PRO A 6 -11.03 11.17 11.50
N THR A 7 -12.01 10.40 11.96
CA THR A 7 -12.06 9.87 13.32
C THR A 7 -11.39 8.49 13.43
N TYR A 8 -11.71 7.61 12.48
CA TYR A 8 -11.15 6.26 12.45
C TYR A 8 -9.99 6.15 11.45
N LEU A 9 -9.11 5.17 11.69
CA LEU A 9 -7.94 4.93 10.84
C LEU A 9 -8.28 3.92 9.73
N LYS A 10 -9.42 4.11 9.09
CA LYS A 10 -9.89 3.20 8.04
C LYS A 10 -9.38 3.64 6.64
N HIS A 11 -8.37 4.53 6.62
CA HIS A 11 -7.77 5.07 5.38
C HIS A 11 -6.73 6.16 5.72
N HIS A 12 -5.76 5.81 6.57
CA HIS A 12 -4.70 6.77 6.98
C HIS A 12 -3.31 6.14 6.88
N PHE A 13 -2.26 6.97 6.90
CA PHE A 13 -0.88 6.47 6.80
C PHE A 13 -0.19 6.42 8.16
N LEU A 14 0.59 5.35 8.32
CA LEU A 14 1.37 5.11 9.54
C LEU A 14 2.85 5.24 9.24
N ILE A 15 3.59 5.89 10.13
CA ILE A 15 5.03 6.08 9.95
C ILE A 15 5.78 5.44 11.12
N ALA A 16 6.86 4.72 10.79
CA ALA A 16 7.69 4.02 11.78
C ALA A 16 8.60 4.99 12.55
N MET A 17 8.53 4.92 13.88
CA MET A 17 9.35 5.78 14.74
C MET A 17 10.42 4.95 15.50
N PRO A 18 11.54 5.58 15.98
CA PRO A 18 12.60 4.86 16.71
C PRO A 18 12.28 4.67 18.21
N HIS A 19 10.98 4.57 18.52
CA HIS A 19 10.52 4.39 19.91
C HIS A 19 10.50 2.91 20.32
N MET A 20 10.53 2.00 19.34
CA MET A 20 10.52 0.57 19.62
C MET A 20 11.84 -0.08 19.20
N ALA A 21 11.87 -1.42 19.15
CA ALA A 21 13.08 -2.16 18.78
C ALA A 21 12.98 -2.73 17.35
N ASP A 22 12.43 -1.92 16.44
CA ASP A 22 12.28 -2.32 15.05
C ASP A 22 13.20 -1.49 14.12
N PRO A 23 14.52 -1.86 14.03
CA PRO A 23 15.49 -1.14 13.18
C PRO A 23 15.34 -1.44 11.69
N ASN A 24 14.74 -2.61 11.38
CA ASN A 24 14.53 -3.06 10.01
C ASN A 24 13.24 -2.46 9.41
N PHE A 25 12.22 -2.30 10.27
CA PHE A 25 10.92 -1.76 9.86
C PHE A 25 10.87 -0.23 10.01
N ALA A 26 12.00 0.38 10.40
CA ALA A 26 12.08 1.83 10.58
C ALA A 26 11.95 2.57 9.24
N GLN A 27 11.66 3.89 9.33
CA GLN A 27 11.49 4.78 8.16
C GLN A 27 10.54 4.23 7.07
N THR A 28 9.51 3.48 7.49
CA THR A 28 8.54 2.92 6.53
C THR A 28 7.14 3.47 6.84
N VAL A 29 6.29 3.49 5.81
CA VAL A 29 4.92 3.99 5.95
C VAL A 29 3.92 2.97 5.40
N THR A 30 2.85 2.75 6.19
CA THR A 30 1.80 1.80 5.84
C THR A 30 0.47 2.54 5.63
N TYR A 31 -0.38 1.96 4.79
CA TYR A 31 -1.70 2.51 4.52
C TYR A 31 -2.74 1.65 5.24
N LEU A 32 -3.49 2.28 6.16
CA LEU A 32 -4.51 1.58 6.93
C LEU A 32 -5.80 1.48 6.13
N VAL A 33 -6.06 0.25 5.68
CA VAL A 33 -7.22 -0.10 4.87
C VAL A 33 -8.51 -0.08 5.70
N GLU A 34 -8.55 -0.89 6.75
CA GLU A 34 -9.72 -0.97 7.64
C GLU A 34 -9.27 -1.03 9.10
N HIS A 35 -9.68 -0.04 9.90
CA HIS A 35 -9.34 0.01 11.31
C HIS A 35 -10.54 -0.40 12.16
N ASN A 36 -10.32 -1.39 13.03
CA ASN A 36 -11.37 -1.88 13.89
C ASN A 36 -10.83 -2.16 15.30
N GLU A 37 -11.71 -2.07 16.31
CA GLU A 37 -11.33 -2.33 17.71
C GLU A 37 -10.92 -3.80 17.92
N GLN A 38 -11.31 -4.65 16.98
CA GLN A 38 -10.99 -6.09 17.02
C GLN A 38 -9.78 -6.42 16.14
N GLY A 39 -9.26 -5.40 15.43
CA GLY A 39 -8.11 -5.59 14.54
C GLY A 39 -8.06 -4.57 13.42
N ALA A 40 -6.96 -4.55 12.66
CA ALA A 40 -6.79 -3.59 11.55
C ALA A 40 -5.98 -4.18 10.39
N MET A 41 -6.37 -3.80 9.16
CA MET A 41 -5.67 -4.25 7.94
C MET A 41 -5.13 -3.06 7.17
N GLY A 42 -3.90 -3.23 6.70
CA GLY A 42 -3.24 -2.19 5.92
C GLY A 42 -2.11 -2.72 5.09
N LEU A 43 -1.73 -1.98 4.03
CA LEU A 43 -0.63 -2.41 3.15
C LEU A 43 0.54 -1.45 3.21
N VAL A 44 1.76 -2.02 3.32
CA VAL A 44 3.00 -1.23 3.35
C VAL A 44 3.23 -0.60 1.96
N ILE A 45 3.31 0.73 1.92
CA ILE A 45 3.47 1.42 0.63
C ILE A 45 4.70 2.34 0.63
N ASN A 46 5.86 1.76 0.94
CA ASN A 46 7.13 2.48 0.95
C ASN A 46 8.30 1.55 0.57
N ARG A 47 8.00 0.25 0.35
CA ARG A 47 9.03 -0.74 0.02
C ARG A 47 8.72 -1.59 -1.23
N PRO A 48 9.06 -1.11 -2.48
CA PRO A 48 8.89 -1.93 -3.70
C PRO A 48 9.70 -3.22 -3.68
N SER A 49 9.13 -4.28 -4.25
CA SER A 49 9.79 -5.59 -4.31
C SER A 49 10.56 -5.76 -5.62
N GLY A 50 11.59 -6.60 -5.59
CA GLY A 50 12.40 -6.86 -6.77
C GLY A 50 11.93 -8.09 -7.52
N LEU A 51 10.63 -8.12 -7.82
CA LEU A 51 10.01 -9.24 -8.52
C LEU A 51 9.10 -8.73 -9.63
N ASN A 52 8.80 -9.60 -10.60
CA ASN A 52 7.91 -9.26 -11.69
C ASN A 52 6.60 -10.04 -11.58
N LEU A 53 5.53 -9.52 -12.20
CA LEU A 53 4.19 -10.17 -12.16
C LEU A 53 4.22 -11.60 -12.71
N ALA A 54 5.03 -11.83 -13.75
CA ALA A 54 5.19 -13.16 -14.39
C ALA A 54 5.54 -14.26 -13.38
N GLU A 55 6.41 -13.93 -12.41
CA GLU A 55 6.84 -14.89 -11.39
C GLU A 55 5.65 -15.32 -10.52
N VAL A 56 4.79 -14.33 -10.17
CA VAL A 56 3.57 -14.62 -9.39
C VAL A 56 2.69 -15.57 -10.21
N LEU A 57 2.47 -15.21 -11.49
CA LEU A 57 1.69 -16.01 -12.45
C LEU A 57 2.22 -17.44 -12.51
N GLU A 58 3.55 -17.55 -12.40
CA GLU A 58 4.24 -18.85 -12.44
C GLU A 58 4.12 -19.59 -11.12
N GLN A 59 4.00 -18.81 -10.03
CA GLN A 59 3.86 -19.35 -8.68
C GLN A 59 2.42 -19.83 -8.47
N LEU A 60 1.51 -19.13 -9.13
CA LEU A 60 0.07 -19.39 -9.09
C LEU A 60 -0.29 -20.60 -9.96
N LYS A 61 0.28 -20.62 -11.17
CA LYS A 61 0.04 -21.70 -12.12
C LYS A 61 1.39 -22.20 -12.70
N PRO A 62 1.74 -23.48 -12.44
CA PRO A 62 3.00 -24.10 -12.92
C PRO A 62 2.93 -24.50 -14.40
N ASP A 63 1.72 -24.90 -14.83
CA ASP A 63 1.47 -25.32 -16.21
C ASP A 63 1.24 -24.12 -17.13
N ALA A 64 1.02 -22.93 -16.53
CA ALA A 64 0.80 -21.70 -17.28
C ALA A 64 2.11 -20.99 -17.62
N LEU A 65 2.11 -20.30 -18.75
CA LEU A 65 3.27 -19.55 -19.22
C LEU A 65 2.95 -18.05 -19.28
N PRO A 66 3.72 -17.19 -18.57
CA PRO A 66 3.48 -15.73 -18.56
C PRO A 66 3.92 -15.05 -19.88
N PRO A 67 3.21 -13.99 -20.37
CA PRO A 67 3.56 -13.32 -21.62
C PRO A 67 4.48 -12.12 -21.38
N ALA A 68 4.68 -11.31 -22.41
CA ALA A 68 5.52 -10.12 -22.34
C ALA A 68 4.95 -9.07 -21.39
N ARG A 69 3.61 -9.11 -21.18
CA ARG A 69 2.91 -8.13 -20.33
C ARG A 69 3.27 -8.22 -18.84
N CYS A 70 3.20 -9.43 -18.24
CA CYS A 70 3.48 -9.62 -16.81
C CYS A 70 4.97 -9.49 -16.49
N GLN A 71 5.83 -9.76 -17.48
CA GLN A 71 7.28 -9.70 -17.31
C GLN A 71 7.80 -8.28 -17.09
N HIS A 72 7.17 -7.30 -17.74
CA HIS A 72 7.57 -5.90 -17.62
C HIS A 72 6.82 -5.17 -16.48
N ILE A 73 6.33 -5.98 -15.53
CA ILE A 73 5.60 -5.46 -14.37
C ILE A 73 6.34 -5.85 -13.09
N ASP A 74 6.40 -4.91 -12.14
CA ASP A 74 7.10 -5.11 -10.86
C ASP A 74 6.15 -5.36 -9.70
N ILE A 75 6.67 -6.01 -8.65
CA ILE A 75 5.91 -6.34 -7.44
C ILE A 75 6.27 -5.37 -6.30
N TYR A 76 5.34 -5.21 -5.34
CA TYR A 76 5.55 -4.33 -4.19
C TYR A 76 5.34 -5.11 -2.88
N ASN A 77 5.94 -4.66 -1.77
CA ASN A 77 5.78 -5.34 -0.47
C ASN A 77 4.56 -4.79 0.27
N GLY A 78 3.60 -5.67 0.63
CA GLY A 78 2.41 -5.21 1.34
C GLY A 78 2.44 -5.47 2.83
N GLY A 79 3.22 -6.48 3.25
CA GLY A 79 3.35 -6.79 4.66
C GLY A 79 3.85 -8.20 4.93
N PRO A 80 3.76 -8.69 6.19
CA PRO A 80 4.22 -10.04 6.57
C PRO A 80 3.16 -11.14 6.36
N VAL A 81 1.90 -10.72 6.09
CA VAL A 81 0.80 -11.67 5.89
C VAL A 81 0.75 -12.14 4.43
N GLN A 82 0.75 -13.47 4.23
CA GLN A 82 0.71 -14.12 2.89
C GLN A 82 1.66 -13.45 1.86
N THR A 83 2.91 -13.91 1.85
CA THR A 83 3.94 -13.37 0.94
C THR A 83 3.92 -14.07 -0.43
N ASP A 84 3.19 -15.18 -0.50
CA ASP A 84 3.09 -15.98 -1.73
C ASP A 84 1.99 -15.46 -2.68
N ARG A 85 1.29 -14.38 -2.28
CA ARG A 85 0.21 -13.83 -3.12
C ARG A 85 0.32 -12.32 -3.28
N GLY A 86 -0.23 -11.83 -4.40
CA GLY A 86 -0.23 -10.41 -4.71
C GLY A 86 -1.60 -9.78 -4.59
N PHE A 87 -1.64 -8.72 -3.79
CA PHE A 87 -2.84 -7.90 -3.53
C PHE A 87 -2.99 -6.84 -4.61
N VAL A 88 -4.24 -6.51 -4.97
CA VAL A 88 -4.49 -5.49 -6.00
C VAL A 88 -5.35 -4.35 -5.44
N LEU A 89 -4.69 -3.20 -5.17
CA LEU A 89 -5.36 -2.01 -4.63
C LEU A 89 -5.62 -1.03 -5.78
N HIS A 90 -6.87 -0.58 -5.94
CA HIS A 90 -7.23 0.35 -7.03
C HIS A 90 -8.07 1.56 -6.52
N PRO A 91 -8.21 2.69 -7.30
CA PRO A 91 -9.00 3.86 -6.88
C PRO A 91 -10.44 3.88 -7.43
N SER A 92 -10.85 2.76 -8.04
CA SER A 92 -12.19 2.65 -8.65
C SER A 92 -13.20 2.03 -7.69
N GLY A 93 -14.49 2.27 -7.97
CA GLY A 93 -15.56 1.74 -7.15
C GLY A 93 -16.18 0.47 -7.74
N LEU A 94 -15.43 -0.19 -8.65
CA LEU A 94 -15.90 -1.43 -9.29
C LEU A 94 -15.52 -2.65 -8.44
N SER A 95 -16.29 -3.73 -8.60
CA SER A 95 -16.06 -4.95 -7.82
C SER A 95 -15.84 -6.17 -8.71
N TYR A 96 -15.13 -7.15 -8.14
CA TYR A 96 -14.81 -8.41 -8.82
C TYR A 96 -15.17 -9.59 -7.92
N GLN A 97 -14.47 -10.73 -8.06
CA GLN A 97 -14.74 -11.92 -7.24
C GLN A 97 -14.55 -11.62 -5.75
N SER A 98 -13.43 -10.96 -5.42
CA SER A 98 -13.10 -10.58 -4.04
C SER A 98 -12.61 -9.13 -4.00
N THR A 99 -13.58 -8.20 -3.91
CA THR A 99 -13.27 -6.77 -3.87
C THR A 99 -14.00 -6.07 -2.74
N LEU A 100 -13.23 -5.32 -1.93
CA LEU A 100 -13.75 -4.55 -0.81
C LEU A 100 -13.69 -3.07 -1.15
N GLU A 101 -14.82 -2.40 -1.07
CA GLU A 101 -14.88 -0.96 -1.34
C GLU A 101 -14.50 -0.15 -0.10
N LEU A 102 -13.56 0.77 -0.31
CA LEU A 102 -13.05 1.64 0.74
C LEU A 102 -13.26 3.12 0.35
N GLY A 103 -14.47 3.40 -0.10
CA GLY A 103 -14.86 4.74 -0.51
C GLY A 103 -14.11 5.24 -1.72
N GLU A 104 -13.18 6.17 -1.49
CA GLU A 104 -12.36 6.78 -2.56
C GLU A 104 -11.52 5.75 -3.34
N LEU A 105 -11.46 4.52 -2.83
CA LEU A 105 -10.68 3.43 -3.45
C LEU A 105 -11.23 2.06 -3.06
N ALA A 106 -10.89 1.04 -3.86
CA ALA A 106 -11.32 -0.34 -3.61
C ALA A 106 -10.11 -1.27 -3.50
N MET A 107 -10.33 -2.46 -2.93
CA MET A 107 -9.28 -3.47 -2.75
C MET A 107 -9.74 -4.76 -3.43
N SER A 108 -8.88 -5.35 -4.26
CA SER A 108 -9.21 -6.58 -4.95
C SER A 108 -8.17 -7.64 -4.67
N THR A 109 -8.64 -8.81 -4.24
CA THR A 109 -7.76 -9.94 -3.90
C THR A 109 -8.01 -11.13 -4.81
N SER A 110 -8.62 -10.87 -5.97
CA SER A 110 -8.91 -11.90 -6.95
C SER A 110 -7.87 -11.97 -8.05
N GLN A 111 -7.35 -13.17 -8.26
CA GLN A 111 -6.35 -13.43 -9.29
C GLN A 111 -6.94 -13.13 -10.69
N ASP A 112 -8.29 -13.23 -10.78
CA ASP A 112 -9.02 -12.92 -12.01
C ASP A 112 -8.87 -11.43 -12.35
N VAL A 113 -8.98 -10.56 -11.33
CA VAL A 113 -8.79 -9.11 -11.51
C VAL A 113 -7.33 -8.81 -11.84
N LEU A 114 -6.39 -9.55 -11.19
CA LEU A 114 -4.96 -9.40 -11.41
C LEU A 114 -4.62 -9.63 -12.90
N PHE A 115 -5.16 -10.72 -13.46
CA PHE A 115 -4.98 -11.06 -14.88
C PHE A 115 -5.72 -10.08 -15.79
N ALA A 116 -6.94 -9.67 -15.38
CA ALA A 116 -7.75 -8.73 -16.15
C ALA A 116 -7.05 -7.38 -16.30
N ILE A 117 -6.59 -6.81 -15.16
CA ILE A 117 -5.88 -5.53 -15.17
C ILE A 117 -4.56 -5.62 -15.93
N ALA A 118 -3.83 -6.72 -15.68
CA ALA A 118 -2.57 -6.97 -16.38
C ALA A 118 -2.80 -6.98 -17.89
N ALA A 119 -4.02 -7.41 -18.28
CA ALA A 119 -4.44 -7.43 -19.68
C ALA A 119 -5.02 -6.08 -20.07
N GLY A 120 -5.41 -5.33 -19.04
CA GLY A 120 -5.94 -4.00 -19.22
C GLY A 120 -7.46 -3.92 -19.16
N THR A 121 -8.08 -4.95 -18.62
CA THR A 121 -9.54 -5.02 -18.53
C THR A 121 -10.02 -4.88 -17.07
N GLY A 122 -9.10 -4.51 -16.16
CA GLY A 122 -9.45 -4.34 -14.77
C GLY A 122 -9.79 -2.90 -14.40
N PRO A 123 -9.32 -2.40 -13.21
CA PRO A 123 -9.61 -1.03 -12.75
C PRO A 123 -8.71 0.04 -13.40
N GLU A 124 -9.04 1.31 -13.10
CA GLU A 124 -8.31 2.49 -13.61
C GLU A 124 -6.80 2.38 -13.32
N LYS A 125 -6.48 2.21 -12.04
CA LYS A 125 -5.10 2.08 -11.56
C LYS A 125 -5.06 1.00 -10.50
N SER A 126 -3.91 0.36 -10.30
CA SER A 126 -3.80 -0.69 -9.28
C SER A 126 -2.40 -0.79 -8.70
N LEU A 127 -2.32 -1.46 -7.54
CA LEU A 127 -1.06 -1.69 -6.84
C LEU A 127 -0.95 -3.17 -6.50
N ILE A 128 0.05 -3.85 -7.09
CA ILE A 128 0.27 -5.27 -6.80
C ILE A 128 1.33 -5.40 -5.72
N SER A 129 0.85 -5.68 -4.53
CA SER A 129 1.69 -5.80 -3.34
C SER A 129 1.47 -7.14 -2.68
N LEU A 130 2.57 -7.85 -2.38
CA LEU A 130 2.51 -9.19 -1.75
C LEU A 130 1.96 -9.10 -0.33
N GLY A 131 0.81 -9.77 -0.13
CA GLY A 131 0.13 -9.84 1.15
C GLY A 131 -0.20 -8.48 1.76
N TYR A 132 -0.69 -8.53 3.01
CA TYR A 132 -1.06 -7.33 3.76
C TYR A 132 -0.40 -7.31 5.14
N ALA A 133 -0.76 -6.28 5.90
CA ALA A 133 -0.31 -6.07 7.25
C ALA A 133 -1.52 -6.07 8.17
N GLY A 134 -1.45 -6.84 9.24
CA GLY A 134 -2.57 -6.94 10.15
C GLY A 134 -2.20 -6.69 11.59
N TRP A 135 -3.17 -6.20 12.36
CA TRP A 135 -2.99 -5.91 13.78
C TRP A 135 -4.11 -6.54 14.59
N GLU A 136 -3.74 -7.15 15.73
CA GLU A 136 -4.70 -7.80 16.63
C GLU A 136 -5.41 -6.76 17.50
N ALA A 137 -6.59 -7.14 18.03
CA ALA A 137 -7.40 -6.25 18.87
C ALA A 137 -6.62 -5.61 20.04
N GLY A 138 -6.05 -4.44 19.76
CA GLY A 138 -5.29 -3.71 20.77
C GLY A 138 -3.84 -3.50 20.40
N GLN A 139 -3.31 -4.34 19.48
CA GLN A 139 -1.91 -4.26 19.03
C GLN A 139 -1.57 -2.89 18.43
N LEU A 140 -2.45 -2.38 17.55
CA LEU A 140 -2.22 -1.07 16.92
C LEU A 140 -2.33 0.04 17.98
N GLU A 141 -3.39 0.00 18.80
CA GLU A 141 -3.60 0.98 19.89
C GLU A 141 -2.41 0.99 20.85
N ALA A 142 -1.75 -0.18 20.96
CA ALA A 142 -0.57 -0.36 21.80
C ALA A 142 0.65 0.37 21.21
N GLU A 143 0.89 0.13 19.91
CA GLU A 143 2.02 0.76 19.19
C GLU A 143 1.75 2.25 18.95
N LEU A 144 0.45 2.59 18.88
CA LEU A 144 -0.04 3.95 18.67
C LEU A 144 0.10 4.78 19.95
N SER A 145 -0.16 4.13 21.10
CA SER A 145 -0.05 4.78 22.42
C SER A 145 1.41 4.85 22.86
N ASP A 146 2.19 3.86 22.40
CA ASP A 146 3.63 3.75 22.69
C ASP A 146 4.46 4.67 21.77
N ASN A 147 3.76 5.41 20.90
CA ASN A 147 4.36 6.35 19.92
C ASN A 147 5.30 5.62 18.94
N ALA A 148 5.01 4.33 18.70
CA ALA A 148 5.78 3.49 17.79
C ALA A 148 5.40 3.71 16.33
N TRP A 149 4.08 3.82 16.08
CA TRP A 149 3.57 4.04 14.73
C TRP A 149 2.70 5.29 14.70
N LEU A 150 3.18 6.35 14.02
CA LEU A 150 2.45 7.61 13.92
C LEU A 150 1.44 7.59 12.78
N THR A 151 0.20 7.98 13.08
CA THR A 151 -0.88 8.02 12.10
C THR A 151 -1.17 9.45 11.66
N CYS A 152 -1.46 9.63 10.36
CA CYS A 152 -1.75 10.95 9.79
C CYS A 152 -2.63 10.82 8.53
N PRO A 153 -3.40 11.90 8.13
CA PRO A 153 -4.24 11.86 6.90
C PRO A 153 -3.39 11.62 5.66
N ALA A 154 -3.95 10.91 4.68
CA ALA A 154 -3.20 10.58 3.47
C ALA A 154 -3.92 10.87 2.16
N ASP A 155 -3.20 10.63 1.06
CA ASP A 155 -3.68 10.79 -0.30
C ASP A 155 -3.28 9.55 -1.11
N PRO A 156 -4.17 9.03 -2.00
CA PRO A 156 -3.89 7.81 -2.79
C PRO A 156 -2.91 8.04 -3.94
N ALA A 157 -2.85 9.27 -4.44
CA ALA A 157 -1.97 9.66 -5.56
C ALA A 157 -0.51 9.22 -5.32
N ILE A 158 -0.03 9.40 -4.08
CA ILE A 158 1.33 9.01 -3.67
C ILE A 158 1.46 7.49 -3.66
N LEU A 159 0.34 6.85 -3.33
CA LEU A 159 0.22 5.41 -3.19
C LEU A 159 0.19 4.71 -4.57
N PHE A 160 -0.55 5.30 -5.52
CA PHE A 160 -0.67 4.73 -6.87
C PHE A 160 0.44 5.16 -7.83
N ASP A 161 1.09 6.32 -7.58
CA ASP A 161 2.18 6.77 -8.46
C ASP A 161 3.53 6.24 -7.96
N LEU A 162 4.04 6.79 -6.83
CA LEU A 162 5.32 6.38 -6.27
C LEU A 162 5.29 6.34 -4.75
N PRO A 163 5.10 5.13 -4.16
CA PRO A 163 5.14 4.96 -2.72
C PRO A 163 6.56 4.59 -2.17
N PRO A 164 7.66 4.44 -3.01
CA PRO A 164 9.01 4.06 -2.51
C PRO A 164 9.76 5.17 -1.77
N GLU A 165 9.88 6.31 -2.45
CA GLU A 165 10.60 7.47 -1.93
C GLU A 165 9.67 8.67 -1.88
N GLU A 166 8.69 8.68 -2.80
CA GLU A 166 7.69 9.74 -2.88
C GLU A 166 6.74 9.66 -1.67
N ARG A 167 6.80 8.54 -0.92
CA ARG A 167 5.99 8.35 0.29
C ARG A 167 6.60 9.16 1.43
N LEU A 168 7.94 9.10 1.56
CA LEU A 168 8.66 9.85 2.58
C LEU A 168 8.60 11.35 2.25
N SER A 169 8.93 11.70 0.99
CA SER A 169 8.88 13.10 0.51
C SER A 169 7.48 13.70 0.67
N ALA A 170 6.44 12.97 0.18
CA ALA A 170 5.06 13.42 0.28
C ALA A 170 4.62 13.56 1.74
N ALA A 171 5.06 12.59 2.58
CA ALA A 171 4.73 12.58 4.02
C ALA A 171 5.21 13.89 4.67
N ALA A 172 6.47 14.27 4.35
CA ALA A 172 7.05 15.52 4.86
C ALA A 172 6.27 16.71 4.32
N ALA A 173 5.83 16.57 3.04
CA ALA A 173 5.02 17.58 2.37
C ALA A 173 3.65 17.74 3.04
N ARG A 174 3.17 16.65 3.67
CA ARG A 174 1.89 16.63 4.39
C ARG A 174 2.02 17.32 5.75
N LEU A 175 3.16 17.04 6.42
CA LEU A 175 3.45 17.61 7.75
C LEU A 175 3.78 19.10 7.66
N GLY A 176 4.36 19.52 6.51
CA GLY A 176 4.70 20.92 6.32
C GLY A 176 6.17 21.19 6.57
N VAL A 177 7.03 20.45 5.87
CA VAL A 177 8.49 20.61 5.99
C VAL A 177 9.09 20.88 4.61
N ASN A 178 10.19 21.64 4.58
CA ASN A 178 10.86 22.00 3.33
C ASN A 178 11.79 20.86 2.87
N LEU A 179 11.15 19.83 2.30
CA LEU A 179 11.86 18.64 1.79
C LEU A 179 12.52 18.91 0.43
N SER A 180 11.96 19.88 -0.31
CA SER A 180 12.45 20.27 -1.64
C SER A 180 13.93 20.68 -1.64
N LEU A 181 14.36 21.39 -0.58
CA LEU A 181 15.76 21.84 -0.47
C LEU A 181 16.70 20.69 -0.02
N LEU A 182 16.13 19.71 0.70
CA LEU A 182 16.89 18.54 1.17
C LEU A 182 17.16 17.54 0.03
N THR A 183 16.17 17.41 -0.89
CA THR A 183 16.29 16.51 -2.04
C THR A 183 17.01 17.17 -3.21
N ALA A 184 16.62 18.41 -3.52
CA ALA A 184 17.22 19.17 -4.61
C ALA A 184 17.64 20.56 -4.15
N GLN A 185 18.93 20.85 -4.27
CA GLN A 185 19.49 22.15 -3.89
C GLN A 185 19.53 23.11 -5.07
N ALA A 186 19.33 24.40 -4.78
CA ALA A 186 19.34 25.44 -5.80
C ALA A 186 20.69 26.17 -5.84
N GLY A 187 21.06 26.65 -7.02
CA GLY A 187 22.31 27.36 -7.20
C GLY A 187 22.15 28.67 -7.93
N HIS A 188 21.53 28.62 -9.12
CA HIS A 188 21.30 29.81 -9.93
C HIS A 188 19.86 30.33 -9.77
N ALA A 189 18.91 29.41 -9.72
CA ALA A 189 17.49 29.74 -9.57
C ALA A 189 17.03 29.56 -8.12
N MET A 1 -18.24 20.60 8.72
CA MET A 1 -18.57 19.64 7.63
C MET A 1 -17.61 18.45 7.62
N LYS A 2 -16.30 18.73 7.82
CA LYS A 2 -15.23 17.71 7.84
C LYS A 2 -15.10 16.99 6.50
N GLN A 3 -13.87 17.00 5.95
CA GLN A 3 -13.58 16.34 4.68
C GLN A 3 -12.95 14.95 4.90
N SER A 4 -12.03 14.88 5.88
CA SER A 4 -11.35 13.63 6.22
C SER A 4 -11.99 12.99 7.45
N SER A 5 -11.75 11.69 7.64
CA SER A 5 -12.29 10.93 8.76
C SER A 5 -11.26 10.84 9.91
N PRO A 6 -11.32 11.73 10.95
CA PRO A 6 -10.39 11.72 12.09
C PRO A 6 -10.88 10.80 13.22
N THR A 7 -11.93 10.07 12.91
CA THR A 7 -12.57 9.15 13.85
C THR A 7 -11.96 7.74 13.79
N TYR A 8 -11.82 7.21 12.58
CA TYR A 8 -11.26 5.88 12.36
C TYR A 8 -10.09 5.91 11.38
N LEU A 9 -9.21 4.91 11.51
CA LEU A 9 -8.02 4.79 10.64
C LEU A 9 -8.27 3.77 9.53
N LYS A 10 -9.39 3.91 8.83
CA LYS A 10 -9.74 2.97 7.75
C LYS A 10 -9.21 3.45 6.38
N HIS A 11 -8.20 4.35 6.43
CA HIS A 11 -7.57 4.95 5.23
C HIS A 11 -6.56 6.04 5.64
N HIS A 12 -5.58 5.65 6.47
CA HIS A 12 -4.55 6.60 6.96
C HIS A 12 -3.15 6.01 6.88
N PHE A 13 -2.13 6.88 6.89
CA PHE A 13 -0.73 6.45 6.81
C PHE A 13 -0.07 6.37 8.18
N LEU A 14 0.70 5.29 8.37
CA LEU A 14 1.46 5.06 9.60
C LEU A 14 2.94 5.17 9.30
N ILE A 15 3.65 5.90 10.16
CA ILE A 15 5.09 6.11 9.97
C ILE A 15 5.84 5.54 11.17
N ALA A 16 6.90 4.78 10.88
CA ALA A 16 7.73 4.16 11.93
C ALA A 16 8.54 5.19 12.71
N MET A 17 8.34 5.20 14.03
CA MET A 17 9.03 6.14 14.93
C MET A 17 10.17 5.44 15.70
N PRO A 18 11.17 6.19 16.27
CA PRO A 18 12.30 5.59 17.02
C PRO A 18 11.93 5.22 18.47
N HIS A 19 10.62 5.06 18.74
CA HIS A 19 10.13 4.69 20.08
C HIS A 19 10.24 3.19 20.35
N MET A 20 10.45 2.41 19.28
CA MET A 20 10.59 0.95 19.38
C MET A 20 12.02 0.53 19.01
N ALA A 21 12.40 -0.68 19.42
CA ALA A 21 13.73 -1.21 19.15
C ALA A 21 13.80 -1.95 17.81
N ASP A 22 13.36 -1.27 16.75
CA ASP A 22 13.37 -1.83 15.39
C ASP A 22 14.07 -0.86 14.41
N PRO A 23 15.43 -0.94 14.26
CA PRO A 23 16.19 -0.06 13.35
C PRO A 23 16.04 -0.43 11.87
N ASN A 24 15.49 -1.63 11.61
CA ASN A 24 15.29 -2.13 10.25
C ASN A 24 13.97 -1.63 9.66
N PHE A 25 12.94 -1.58 10.52
CA PHE A 25 11.59 -1.14 10.13
C PHE A 25 11.34 0.34 10.50
N ALA A 26 12.36 0.97 11.13
CA ALA A 26 12.28 2.37 11.59
C ALA A 26 12.14 3.42 10.47
N GLN A 27 12.02 2.99 9.21
CA GLN A 27 11.90 3.93 8.09
C GLN A 27 10.88 3.45 7.04
N THR A 28 9.74 2.93 7.53
CA THR A 28 8.68 2.44 6.67
C THR A 28 7.35 3.11 6.99
N VAL A 29 6.47 3.17 5.98
CA VAL A 29 5.14 3.76 6.11
C VAL A 29 4.08 2.80 5.55
N THR A 30 3.01 2.63 6.31
CA THR A 30 1.92 1.73 5.94
C THR A 30 0.62 2.48 5.70
N TYR A 31 -0.22 1.90 4.84
CA TYR A 31 -1.53 2.44 4.52
C TYR A 31 -2.57 1.58 5.20
N LEU A 32 -3.38 2.19 6.08
CA LEU A 32 -4.40 1.47 6.82
C LEU A 32 -5.68 1.33 5.99
N VAL A 33 -5.91 0.08 5.56
CA VAL A 33 -7.07 -0.33 4.74
C VAL A 33 -8.37 -0.19 5.55
N GLU A 34 -8.46 -0.93 6.65
CA GLU A 34 -9.64 -0.91 7.52
C GLU A 34 -9.23 -1.06 8.98
N HIS A 35 -9.50 -0.01 9.78
CA HIS A 35 -9.18 -0.03 11.19
C HIS A 35 -10.41 -0.39 12.02
N ASN A 36 -10.24 -1.39 12.89
CA ASN A 36 -11.33 -1.84 13.75
C ASN A 36 -10.81 -2.14 15.16
N GLU A 37 -11.69 -2.03 16.16
CA GLU A 37 -11.35 -2.29 17.56
C GLU A 37 -11.00 -3.77 17.79
N GLN A 38 -11.42 -4.62 16.84
CA GLN A 38 -11.16 -6.06 16.90
C GLN A 38 -9.98 -6.45 15.99
N GLY A 39 -9.33 -5.44 15.38
CA GLY A 39 -8.21 -5.69 14.47
C GLY A 39 -8.08 -4.63 13.40
N ALA A 40 -6.93 -4.59 12.71
CA ALA A 40 -6.68 -3.61 11.65
C ALA A 40 -5.87 -4.19 10.50
N MET A 41 -6.26 -3.82 9.26
CA MET A 41 -5.55 -4.27 8.06
C MET A 41 -5.04 -3.10 7.25
N GLY A 42 -3.80 -3.24 6.78
CA GLY A 42 -3.17 -2.21 5.98
C GLY A 42 -2.03 -2.75 5.14
N LEU A 43 -1.68 -2.04 4.05
CA LEU A 43 -0.60 -2.49 3.18
C LEU A 43 0.59 -1.53 3.25
N VAL A 44 1.81 -2.10 3.37
CA VAL A 44 3.06 -1.32 3.42
C VAL A 44 3.30 -0.69 2.05
N ILE A 45 3.44 0.64 2.00
CA ILE A 45 3.64 1.32 0.72
C ILE A 45 4.87 2.24 0.73
N ASN A 46 6.01 1.63 1.06
CA ASN A 46 7.30 2.35 1.08
C ASN A 46 8.46 1.42 0.68
N ARG A 47 8.15 0.14 0.41
CA ARG A 47 9.17 -0.84 0.05
C ARG A 47 8.84 -1.67 -1.23
N PRO A 48 9.22 -1.22 -2.47
CA PRO A 48 9.01 -2.02 -3.70
C PRO A 48 9.74 -3.38 -3.61
N SER A 49 9.11 -4.43 -4.14
CA SER A 49 9.68 -5.78 -4.10
C SER A 49 10.77 -5.98 -5.15
N GLY A 50 10.55 -5.44 -6.35
CA GLY A 50 11.52 -5.57 -7.44
C GLY A 50 11.22 -6.75 -8.35
N LEU A 51 10.25 -7.59 -7.94
CA LEU A 51 9.84 -8.77 -8.73
C LEU A 51 8.87 -8.35 -9.84
N ASN A 52 8.57 -9.28 -10.75
CA ASN A 52 7.64 -8.99 -11.84
C ASN A 52 6.35 -9.79 -11.71
N LEU A 53 5.26 -9.28 -12.33
CA LEU A 53 3.93 -9.94 -12.30
C LEU A 53 3.98 -11.38 -12.85
N ALA A 54 4.95 -11.62 -13.74
CA ALA A 54 5.15 -12.96 -14.35
C ALA A 54 5.52 -14.01 -13.29
N GLU A 55 6.39 -13.63 -12.34
CA GLU A 55 6.82 -14.55 -11.28
C GLU A 55 5.66 -14.98 -10.39
N VAL A 56 4.82 -14.02 -9.95
CA VAL A 56 3.65 -14.36 -9.14
C VAL A 56 2.72 -15.26 -9.95
N LEU A 57 2.51 -14.90 -11.23
CA LEU A 57 1.70 -15.69 -12.17
C LEU A 57 2.24 -17.12 -12.27
N GLU A 58 3.57 -17.23 -12.18
CA GLU A 58 4.27 -18.51 -12.25
C GLU A 58 4.16 -19.27 -10.92
N GLN A 59 4.03 -18.50 -9.83
CA GLN A 59 3.91 -19.06 -8.49
C GLN A 59 2.49 -19.59 -8.27
N LEU A 60 1.56 -18.91 -8.95
CA LEU A 60 0.14 -19.22 -8.93
C LEU A 60 -0.19 -20.43 -9.80
N LYS A 61 0.38 -20.43 -11.01
CA LYS A 61 0.19 -21.51 -11.96
C LYS A 61 1.53 -21.98 -12.54
N PRO A 62 1.91 -23.25 -12.26
CA PRO A 62 3.18 -23.84 -12.74
C PRO A 62 3.13 -24.27 -14.21
N ASP A 63 1.92 -24.69 -14.64
CA ASP A 63 1.67 -25.13 -16.01
C ASP A 63 1.43 -23.94 -16.95
N ALA A 64 1.17 -22.75 -16.36
CA ALA A 64 0.94 -21.54 -17.12
C ALA A 64 2.24 -20.82 -17.47
N LEU A 65 2.24 -20.13 -18.61
CA LEU A 65 3.40 -19.37 -19.07
C LEU A 65 3.05 -17.88 -19.16
N PRO A 66 3.81 -16.99 -18.46
CA PRO A 66 3.55 -15.55 -18.48
C PRO A 66 4.03 -14.89 -19.78
N PRO A 67 3.37 -13.79 -20.27
CA PRO A 67 3.76 -13.12 -21.51
C PRO A 67 4.71 -11.93 -21.28
N ALA A 68 4.90 -11.13 -22.32
CA ALA A 68 5.76 -9.94 -22.28
C ALA A 68 5.18 -8.85 -21.38
N ARG A 69 3.84 -8.86 -21.22
CA ARG A 69 3.11 -7.85 -20.43
C ARG A 69 3.42 -7.93 -18.92
N CYS A 70 3.36 -9.15 -18.37
CA CYS A 70 3.59 -9.39 -16.94
C CYS A 70 5.06 -9.26 -16.56
N GLN A 71 5.94 -9.49 -17.55
CA GLN A 71 7.39 -9.39 -17.37
C GLN A 71 7.85 -7.95 -17.19
N HIS A 72 7.07 -7.06 -17.77
CA HIS A 72 7.33 -5.63 -17.75
C HIS A 72 6.56 -4.94 -16.60
N ILE A 73 6.09 -5.75 -15.64
CA ILE A 73 5.34 -5.26 -14.48
C ILE A 73 6.08 -5.63 -13.19
N ASP A 74 6.11 -4.70 -12.23
CA ASP A 74 6.82 -4.89 -10.96
C ASP A 74 5.88 -5.17 -9.78
N ILE A 75 6.43 -5.84 -8.76
CA ILE A 75 5.68 -6.21 -7.54
C ILE A 75 6.14 -5.32 -6.36
N TYR A 76 5.23 -5.08 -5.41
CA TYR A 76 5.52 -4.25 -4.23
C TYR A 76 5.34 -5.07 -2.94
N ASN A 77 6.00 -4.66 -1.84
CA ASN A 77 5.88 -5.35 -0.55
C ASN A 77 4.68 -4.81 0.24
N GLY A 78 3.73 -5.68 0.60
CA GLY A 78 2.55 -5.23 1.34
C GLY A 78 2.59 -5.53 2.83
N GLY A 79 3.38 -6.54 3.23
CA GLY A 79 3.51 -6.87 4.63
C GLY A 79 3.99 -8.29 4.87
N PRO A 80 3.91 -8.78 6.13
CA PRO A 80 4.34 -10.13 6.52
C PRO A 80 3.25 -11.20 6.39
N VAL A 81 1.99 -10.78 6.17
CA VAL A 81 0.86 -11.73 6.05
C VAL A 81 0.70 -12.24 4.62
N GLN A 82 0.57 -13.58 4.49
CA GLN A 82 0.40 -14.29 3.19
C GLN A 82 1.36 -13.80 2.09
N THR A 83 2.53 -14.44 2.04
CA THR A 83 3.56 -14.11 1.03
C THR A 83 3.36 -14.88 -0.30
N ASP A 84 2.30 -15.70 -0.36
CA ASP A 84 2.00 -16.49 -1.56
C ASP A 84 1.03 -15.77 -2.50
N ARG A 85 0.32 -14.76 -1.97
CA ARG A 85 -0.63 -13.98 -2.76
C ARG A 85 -0.44 -12.49 -2.54
N GLY A 86 -0.72 -11.72 -3.58
CA GLY A 86 -0.63 -10.28 -3.50
C GLY A 86 -1.97 -9.59 -3.66
N PHE A 87 -2.06 -8.43 -3.02
CA PHE A 87 -3.25 -7.57 -3.03
C PHE A 87 -3.25 -6.65 -4.24
N VAL A 88 -4.44 -6.26 -4.69
CA VAL A 88 -4.59 -5.38 -5.85
C VAL A 88 -5.51 -4.20 -5.49
N LEU A 89 -4.91 -3.00 -5.36
CA LEU A 89 -5.69 -1.80 -5.02
C LEU A 89 -5.87 -0.91 -6.24
N HIS A 90 -7.12 -0.55 -6.53
CA HIS A 90 -7.44 0.31 -7.66
C HIS A 90 -8.24 1.58 -7.23
N PRO A 91 -8.31 2.68 -8.06
CA PRO A 91 -9.04 3.90 -7.71
C PRO A 91 -10.46 3.97 -8.30
N SER A 92 -11.07 2.80 -8.50
CA SER A 92 -12.41 2.71 -9.08
C SER A 92 -13.42 2.12 -8.10
N GLY A 93 -14.70 2.43 -8.32
CA GLY A 93 -15.77 1.94 -7.47
C GLY A 93 -16.42 0.68 -8.02
N LEU A 94 -15.69 -0.05 -8.86
CA LEU A 94 -16.18 -1.30 -9.45
C LEU A 94 -15.88 -2.49 -8.54
N SER A 95 -16.70 -3.55 -8.64
CA SER A 95 -16.52 -4.73 -7.81
C SER A 95 -16.32 -6.00 -8.64
N TYR A 96 -15.61 -6.96 -8.03
CA TYR A 96 -15.31 -8.25 -8.65
C TYR A 96 -15.62 -9.40 -7.67
N GLN A 97 -14.89 -10.53 -7.79
CA GLN A 97 -15.08 -11.70 -6.91
C GLN A 97 -14.79 -11.33 -5.45
N SER A 98 -13.65 -10.67 -5.23
CA SER A 98 -13.23 -10.23 -3.90
C SER A 98 -12.74 -8.78 -3.95
N THR A 99 -13.71 -7.86 -3.97
CA THR A 99 -13.40 -6.43 -4.03
C THR A 99 -14.10 -5.65 -2.91
N LEU A 100 -13.27 -5.07 -2.02
CA LEU A 100 -13.76 -4.25 -0.91
C LEU A 100 -13.63 -2.77 -1.27
N GLU A 101 -14.76 -2.07 -1.23
CA GLU A 101 -14.78 -0.64 -1.53
C GLU A 101 -14.36 0.19 -0.32
N LEU A 102 -13.39 1.07 -0.55
CA LEU A 102 -12.85 1.95 0.49
C LEU A 102 -12.97 3.42 0.07
N GLY A 103 -14.17 3.77 -0.42
CA GLY A 103 -14.48 5.12 -0.85
C GLY A 103 -13.67 5.57 -2.06
N GLU A 104 -12.72 6.46 -1.81
CA GLU A 104 -11.85 7.02 -2.87
C GLU A 104 -11.03 5.95 -3.60
N LEU A 105 -11.04 4.72 -3.08
CA LEU A 105 -10.30 3.59 -3.67
C LEU A 105 -10.92 2.25 -3.28
N ALA A 106 -10.73 1.25 -4.15
CA ALA A 106 -11.26 -0.09 -3.93
C ALA A 106 -10.10 -1.09 -3.81
N MET A 107 -10.37 -2.23 -3.17
CA MET A 107 -9.37 -3.27 -2.97
C MET A 107 -9.85 -4.57 -3.59
N SER A 108 -8.97 -5.26 -4.30
CA SER A 108 -9.32 -6.52 -4.97
C SER A 108 -8.22 -7.54 -4.76
N THR A 109 -8.61 -8.76 -4.42
CA THR A 109 -7.66 -9.84 -4.17
C THR A 109 -7.95 -11.08 -5.02
N SER A 110 -8.68 -10.86 -6.12
CA SER A 110 -9.07 -11.93 -7.03
C SER A 110 -8.05 -12.14 -8.17
N GLN A 111 -7.68 -13.40 -8.37
CA GLN A 111 -6.76 -13.78 -9.46
C GLN A 111 -7.39 -13.41 -10.80
N ASP A 112 -8.73 -13.39 -10.82
CA ASP A 112 -9.52 -13.00 -11.99
C ASP A 112 -9.23 -11.54 -12.34
N VAL A 113 -9.21 -10.64 -11.32
CA VAL A 113 -8.88 -9.22 -11.55
C VAL A 113 -7.45 -9.11 -12.07
N LEU A 114 -6.51 -9.88 -11.46
CA LEU A 114 -5.09 -9.86 -11.87
C LEU A 114 -4.92 -10.15 -13.36
N PHE A 115 -5.52 -11.25 -13.85
CA PHE A 115 -5.45 -11.64 -15.26
C PHE A 115 -6.16 -10.62 -16.16
N ALA A 116 -7.36 -10.21 -15.75
CA ALA A 116 -8.18 -9.24 -16.49
C ALA A 116 -7.45 -7.90 -16.68
N ILE A 117 -6.97 -7.32 -15.57
CA ILE A 117 -6.25 -6.04 -15.61
C ILE A 117 -4.94 -6.14 -16.38
N ALA A 118 -4.20 -7.22 -16.13
CA ALA A 118 -2.94 -7.46 -16.83
C ALA A 118 -3.19 -7.50 -18.35
N ALA A 119 -4.41 -7.96 -18.71
CA ALA A 119 -4.85 -8.00 -20.11
C ALA A 119 -5.45 -6.65 -20.51
N GLY A 120 -5.84 -5.90 -19.48
CA GLY A 120 -6.40 -4.58 -19.67
C GLY A 120 -7.91 -4.51 -19.60
N THR A 121 -8.52 -5.54 -19.03
CA THR A 121 -9.97 -5.62 -18.90
C THR A 121 -10.44 -5.45 -17.44
N GLY A 122 -9.51 -5.10 -16.54
CA GLY A 122 -9.86 -4.91 -15.14
C GLY A 122 -10.12 -3.44 -14.80
N PRO A 123 -9.62 -2.93 -13.63
CA PRO A 123 -9.82 -1.53 -13.20
C PRO A 123 -8.88 -0.54 -13.89
N GLU A 124 -9.19 0.76 -13.72
CA GLU A 124 -8.41 1.87 -14.30
C GLU A 124 -6.91 1.75 -13.99
N LYS A 125 -6.60 1.70 -12.70
CA LYS A 125 -5.23 1.59 -12.20
C LYS A 125 -5.22 0.61 -11.05
N SER A 126 -4.06 0.01 -10.75
CA SER A 126 -3.97 -0.96 -9.66
C SER A 126 -2.60 -0.99 -8.98
N LEU A 127 -2.58 -1.58 -7.77
CA LEU A 127 -1.36 -1.75 -6.99
C LEU A 127 -1.22 -3.22 -6.62
N ILE A 128 -0.18 -3.87 -7.16
CA ILE A 128 0.10 -5.27 -6.86
C ILE A 128 1.17 -5.36 -5.79
N SER A 129 0.73 -5.68 -4.58
CA SER A 129 1.61 -5.76 -3.43
C SER A 129 1.48 -7.13 -2.77
N LEU A 130 2.62 -7.83 -2.61
CA LEU A 130 2.64 -9.17 -2.00
C LEU A 130 2.28 -9.14 -0.51
N GLY A 131 1.17 -9.81 -0.18
CA GLY A 131 0.68 -9.89 1.19
C GLY A 131 0.23 -8.56 1.78
N TYR A 132 -0.32 -8.62 2.99
CA TYR A 132 -0.79 -7.43 3.70
C TYR A 132 -0.21 -7.38 5.12
N ALA A 133 -0.59 -6.32 5.84
CA ALA A 133 -0.18 -6.10 7.21
C ALA A 133 -1.41 -6.14 8.11
N GLY A 134 -1.32 -6.92 9.19
CA GLY A 134 -2.45 -7.04 10.09
C GLY A 134 -2.09 -6.82 11.54
N TRP A 135 -3.08 -6.37 12.32
CA TRP A 135 -2.90 -6.10 13.74
C TRP A 135 -4.04 -6.68 14.55
N GLU A 136 -3.70 -7.29 15.69
CA GLU A 136 -4.69 -7.90 16.59
C GLU A 136 -5.38 -6.84 17.44
N ALA A 137 -6.57 -7.18 17.95
CA ALA A 137 -7.40 -6.27 18.78
C ALA A 137 -6.63 -5.69 19.98
N GLY A 138 -6.03 -4.52 19.75
CA GLY A 138 -5.27 -3.84 20.80
C GLY A 138 -3.81 -3.63 20.44
N GLN A 139 -3.28 -4.48 19.54
CA GLN A 139 -1.87 -4.40 19.09
C GLN A 139 -1.52 -3.02 18.52
N LEU A 140 -2.39 -2.50 17.63
CA LEU A 140 -2.16 -1.19 17.03
C LEU A 140 -2.27 -0.09 18.07
N GLU A 141 -3.33 -0.15 18.90
CA GLU A 141 -3.55 0.82 19.99
C GLU A 141 -2.36 0.84 20.95
N ALA A 142 -1.69 -0.33 21.07
CA ALA A 142 -0.51 -0.50 21.91
C ALA A 142 0.70 0.23 21.31
N GLU A 143 0.95 -0.01 20.00
CA GLU A 143 2.07 0.63 19.29
C GLU A 143 1.79 2.12 19.05
N LEU A 144 0.50 2.45 18.99
CA LEU A 144 0.01 3.81 18.78
C LEU A 144 0.16 4.64 20.07
N SER A 145 -0.11 3.99 21.23
CA SER A 145 0.00 4.64 22.54
C SER A 145 1.48 4.71 22.97
N ASP A 146 2.25 3.72 22.50
CA ASP A 146 3.68 3.61 22.77
C ASP A 146 4.51 4.53 21.86
N ASN A 147 3.80 5.28 20.99
CA ASN A 147 4.40 6.22 20.02
C ASN A 147 5.35 5.50 19.03
N ALA A 148 5.04 4.22 18.76
CA ALA A 148 5.81 3.38 17.85
C ALA A 148 5.40 3.61 16.40
N TRP A 149 4.08 3.71 16.16
CA TRP A 149 3.55 3.93 14.81
C TRP A 149 2.70 5.19 14.78
N LEU A 150 3.19 6.25 14.12
CA LEU A 150 2.48 7.52 14.02
C LEU A 150 1.47 7.51 12.87
N THR A 151 0.22 7.88 13.18
CA THR A 151 -0.86 7.91 12.20
C THR A 151 -1.14 9.34 11.74
N CYS A 152 -1.43 9.49 10.44
CA CYS A 152 -1.73 10.79 9.84
C CYS A 152 -2.59 10.62 8.58
N PRO A 153 -3.33 11.67 8.11
CA PRO A 153 -4.16 11.58 6.88
C PRO A 153 -3.32 11.18 5.67
N ALA A 154 -3.94 10.55 4.67
CA ALA A 154 -3.21 10.08 3.49
C ALA A 154 -3.81 10.53 2.17
N ASP A 155 -3.03 10.31 1.11
CA ASP A 155 -3.42 10.62 -0.26
C ASP A 155 -3.05 9.41 -1.15
N PRO A 156 -3.95 8.96 -2.07
CA PRO A 156 -3.68 7.79 -2.92
C PRO A 156 -2.68 8.06 -4.03
N ALA A 157 -2.59 9.31 -4.46
CA ALA A 157 -1.67 9.74 -5.53
C ALA A 157 -0.23 9.29 -5.27
N ILE A 158 0.20 9.39 -4.00
CA ILE A 158 1.55 8.97 -3.56
C ILE A 158 1.67 7.44 -3.57
N LEU A 159 0.55 6.81 -3.25
CA LEU A 159 0.42 5.36 -3.14
C LEU A 159 0.40 4.70 -4.53
N PHE A 160 -0.27 5.36 -5.49
CA PHE A 160 -0.40 4.86 -6.86
C PHE A 160 0.79 5.23 -7.76
N ASP A 161 1.40 6.42 -7.53
CA ASP A 161 2.55 6.84 -8.35
C ASP A 161 3.87 6.28 -7.82
N LEU A 162 4.36 6.81 -6.68
CA LEU A 162 5.62 6.37 -6.09
C LEU A 162 5.55 6.32 -4.57
N PRO A 163 5.34 5.11 -4.01
CA PRO A 163 5.36 4.92 -2.57
C PRO A 163 6.76 4.51 -1.99
N PRO A 164 7.87 4.35 -2.81
CA PRO A 164 9.19 3.93 -2.30
C PRO A 164 9.95 5.02 -1.51
N GLU A 165 10.08 6.18 -2.15
CA GLU A 165 10.80 7.32 -1.60
C GLU A 165 9.87 8.52 -1.54
N GLU A 166 8.91 8.57 -2.49
CA GLU A 166 7.93 9.64 -2.57
C GLU A 166 6.94 9.54 -1.39
N ARG A 167 6.99 8.40 -0.66
CA ARG A 167 6.15 8.18 0.53
C ARG A 167 6.73 8.98 1.70
N LEU A 168 8.06 8.93 1.84
CA LEU A 168 8.77 9.67 2.88
C LEU A 168 8.69 11.18 2.58
N SER A 169 9.04 11.56 1.33
CA SER A 169 8.98 12.96 0.88
C SER A 169 7.56 13.54 1.03
N ALA A 170 6.56 12.82 0.49
CA ALA A 170 5.15 13.25 0.57
C ALA A 170 4.68 13.32 2.03
N ALA A 171 5.13 12.34 2.84
CA ALA A 171 4.79 12.29 4.28
C ALA A 171 5.20 13.60 4.97
N ALA A 172 6.43 14.05 4.68
CA ALA A 172 6.94 15.33 5.21
C ALA A 172 6.10 16.49 4.67
N ALA A 173 5.71 16.37 3.39
CA ALA A 173 4.86 17.35 2.71
C ALA A 173 3.46 17.42 3.35
N ARG A 174 3.00 16.28 3.92
CA ARG A 174 1.69 16.20 4.59
C ARG A 174 1.77 16.82 5.99
N LEU A 175 2.89 16.56 6.68
CA LEU A 175 3.13 17.09 8.03
C LEU A 175 3.30 18.61 8.02
N GLY A 176 3.89 19.14 6.94
CA GLY A 176 4.09 20.58 6.82
C GLY A 176 5.52 20.96 6.44
N VAL A 177 6.10 20.19 5.53
CA VAL A 177 7.47 20.43 5.05
C VAL A 177 7.48 20.45 3.52
N ASN A 178 8.14 21.47 2.94
CA ASN A 178 8.23 21.62 1.49
C ASN A 178 9.42 20.85 0.92
N LEU A 179 9.21 19.55 0.72
CA LEU A 179 10.23 18.64 0.17
C LEU A 179 10.38 18.78 -1.34
N SER A 180 9.30 19.22 -2.01
CA SER A 180 9.28 19.40 -3.48
C SER A 180 10.37 20.37 -3.97
N LEU A 181 10.51 21.52 -3.28
CA LEU A 181 11.52 22.53 -3.67
C LEU A 181 12.94 22.12 -3.21
N LEU A 182 13.01 21.32 -2.14
CA LEU A 182 14.30 20.84 -1.60
C LEU A 182 14.88 19.70 -2.44
N THR A 183 13.99 18.93 -3.09
CA THR A 183 14.40 17.81 -3.94
C THR A 183 14.59 18.23 -5.40
N ALA A 184 13.60 18.96 -5.93
CA ALA A 184 13.63 19.44 -7.31
C ALA A 184 13.27 20.92 -7.39
N GLN A 185 14.21 21.72 -7.91
CA GLN A 185 14.03 23.16 -8.06
C GLN A 185 13.66 23.51 -9.50
N ALA A 186 12.73 24.46 -9.65
CA ALA A 186 12.28 24.91 -10.97
C ALA A 186 12.92 26.24 -11.35
N GLY A 187 12.97 27.17 -10.39
CA GLY A 187 13.55 28.49 -10.62
C GLY A 187 14.21 29.07 -9.38
N HIS A 188 14.15 30.39 -9.26
CA HIS A 188 14.75 31.09 -8.12
C HIS A 188 13.68 31.46 -7.09
N ALA A 189 13.97 31.17 -5.81
CA ALA A 189 13.05 31.46 -4.71
C ALA A 189 13.46 32.74 -3.98
N MET A 1 -17.64 21.38 9.88
CA MET A 1 -17.11 20.24 9.10
C MET A 1 -15.75 19.81 9.64
N LYS A 2 -15.49 18.50 9.60
CA LYS A 2 -14.24 17.93 10.08
C LYS A 2 -13.27 17.64 8.93
N GLN A 3 -13.81 17.07 7.83
CA GLN A 3 -13.05 16.70 6.60
C GLN A 3 -12.11 15.51 6.83
N SER A 4 -11.33 15.56 7.91
CA SER A 4 -10.39 14.49 8.24
C SER A 4 -10.97 13.57 9.32
N SER A 5 -10.62 12.28 9.26
CA SER A 5 -11.11 11.29 10.22
C SER A 5 -10.00 10.91 11.21
N PRO A 6 -9.88 11.62 12.38
CA PRO A 6 -8.87 11.32 13.40
C PRO A 6 -9.35 10.27 14.40
N THR A 7 -10.51 9.70 14.08
CA THR A 7 -11.17 8.70 14.91
C THR A 7 -10.76 7.27 14.52
N TYR A 8 -10.79 6.98 13.22
CA TYR A 8 -10.43 5.66 12.70
C TYR A 8 -9.30 5.77 11.68
N LEU A 9 -8.50 4.70 11.58
CA LEU A 9 -7.37 4.63 10.64
C LEU A 9 -7.77 4.00 9.30
N LYS A 10 -9.04 3.56 9.22
CA LYS A 10 -9.66 2.92 8.02
C LYS A 10 -9.31 3.59 6.66
N HIS A 11 -8.36 4.54 6.64
CA HIS A 11 -7.92 5.25 5.43
C HIS A 11 -6.86 6.32 5.78
N HIS A 12 -5.80 5.90 6.50
CA HIS A 12 -4.72 6.81 6.92
C HIS A 12 -3.34 6.15 6.84
N PHE A 13 -2.26 6.96 6.92
CA PHE A 13 -0.90 6.43 6.84
C PHE A 13 -0.20 6.40 8.20
N LEU A 14 0.51 5.30 8.44
CA LEU A 14 1.29 5.10 9.67
C LEU A 14 2.77 5.25 9.36
N ILE A 15 3.51 5.83 10.30
CA ILE A 15 4.95 6.03 10.13
C ILE A 15 5.71 5.37 11.28
N ALA A 16 6.82 4.70 10.93
CA ALA A 16 7.67 4.01 11.91
C ALA A 16 8.55 4.99 12.68
N MET A 17 8.44 4.96 14.01
CA MET A 17 9.23 5.85 14.88
C MET A 17 10.34 5.06 15.60
N PRO A 18 11.45 5.73 16.06
CA PRO A 18 12.56 5.06 16.76
C PRO A 18 12.29 4.85 18.27
N HIS A 19 11.01 4.67 18.63
CA HIS A 19 10.60 4.47 20.02
C HIS A 19 10.64 2.99 20.44
N MET A 20 10.72 2.08 19.46
CA MET A 20 10.77 0.65 19.74
C MET A 20 12.11 0.05 19.27
N ALA A 21 12.19 -1.29 19.25
CA ALA A 21 13.41 -1.99 18.85
C ALA A 21 13.28 -2.58 17.43
N ASP A 22 12.69 -1.81 16.53
CA ASP A 22 12.50 -2.23 15.13
C ASP A 22 13.38 -1.41 14.18
N PRO A 23 14.71 -1.76 14.05
CA PRO A 23 15.64 -1.04 13.16
C PRO A 23 15.45 -1.38 11.68
N ASN A 24 14.84 -2.54 11.40
CA ASN A 24 14.58 -3.00 10.03
C ASN A 24 13.29 -2.42 9.47
N PHE A 25 12.28 -2.27 10.34
CA PHE A 25 10.98 -1.73 9.94
C PHE A 25 10.91 -0.21 10.11
N ALA A 26 12.03 0.41 10.50
CA ALA A 26 12.11 1.86 10.68
C ALA A 26 11.97 2.62 9.35
N GLN A 27 11.69 3.93 9.46
CA GLN A 27 11.52 4.84 8.30
C GLN A 27 10.57 4.31 7.20
N THR A 28 9.55 3.53 7.61
CA THR A 28 8.58 2.98 6.65
C THR A 28 7.18 3.53 6.93
N VAL A 29 6.35 3.57 5.89
CA VAL A 29 4.98 4.07 6.01
C VAL A 29 3.97 3.07 5.43
N THR A 30 2.92 2.81 6.21
CA THR A 30 1.85 1.89 5.82
C THR A 30 0.53 2.64 5.62
N TYR A 31 -0.33 2.05 4.79
CA TYR A 31 -1.64 2.61 4.53
C TYR A 31 -2.69 1.70 5.17
N LEU A 32 -3.41 2.23 6.16
CA LEU A 32 -4.43 1.45 6.85
C LEU A 32 -5.72 1.42 6.04
N VAL A 33 -5.98 0.21 5.54
CA VAL A 33 -7.13 -0.12 4.69
C VAL A 33 -8.43 -0.10 5.51
N GLU A 34 -8.52 -1.02 6.49
CA GLU A 34 -9.70 -1.13 7.35
C GLU A 34 -9.26 -1.22 8.81
N HIS A 35 -9.68 -0.23 9.61
CA HIS A 35 -9.33 -0.19 11.03
C HIS A 35 -10.54 -0.52 11.89
N ASN A 36 -10.33 -1.49 12.79
CA ASN A 36 -11.38 -1.92 13.70
C ASN A 36 -10.80 -2.15 15.10
N GLU A 37 -11.65 -2.01 16.13
CA GLU A 37 -11.24 -2.20 17.53
C GLU A 37 -10.81 -3.65 17.81
N GLN A 38 -11.18 -4.55 16.90
CA GLN A 38 -10.84 -5.98 17.02
C GLN A 38 -9.72 -6.38 16.06
N GLY A 39 -9.13 -5.39 15.35
CA GLY A 39 -8.05 -5.66 14.41
C GLY A 39 -7.99 -4.63 13.29
N ALA A 40 -6.86 -4.59 12.56
CA ALA A 40 -6.68 -3.63 11.45
C ALA A 40 -5.88 -4.22 10.29
N MET A 41 -6.23 -3.79 9.06
CA MET A 41 -5.52 -4.22 7.85
C MET A 41 -5.04 -3.04 7.05
N GLY A 42 -3.82 -3.18 6.56
CA GLY A 42 -3.18 -2.14 5.76
C GLY A 42 -2.06 -2.67 4.91
N LEU A 43 -1.70 -1.91 3.85
CA LEU A 43 -0.62 -2.33 2.95
C LEU A 43 0.56 -1.35 3.04
N VAL A 44 1.77 -1.92 3.20
CA VAL A 44 3.01 -1.11 3.26
C VAL A 44 3.24 -0.45 1.90
N ILE A 45 3.40 0.88 1.89
CA ILE A 45 3.58 1.60 0.62
C ILE A 45 4.80 2.53 0.64
N ASN A 46 5.95 1.93 0.97
CA ASN A 46 7.23 2.67 0.99
C ASN A 46 8.41 1.75 0.59
N ARG A 47 8.11 0.46 0.35
CA ARG A 47 9.15 -0.51 -0.01
C ARG A 47 8.82 -1.36 -1.27
N PRO A 48 9.16 -0.89 -2.52
CA PRO A 48 8.95 -1.71 -3.73
C PRO A 48 9.71 -3.04 -3.68
N SER A 49 9.08 -4.10 -4.19
CA SER A 49 9.69 -5.44 -4.20
C SER A 49 10.53 -5.67 -5.46
N GLY A 50 11.42 -6.67 -5.39
CA GLY A 50 12.29 -7.00 -6.50
C GLY A 50 11.84 -8.23 -7.25
N LEU A 51 10.53 -8.31 -7.50
CA LEU A 51 9.92 -9.44 -8.22
C LEU A 51 8.95 -8.92 -9.27
N ASN A 52 8.77 -9.68 -10.34
CA ASN A 52 7.86 -9.31 -11.42
C ASN A 52 6.54 -10.06 -11.31
N LEU A 53 5.49 -9.54 -11.99
CA LEU A 53 4.15 -10.16 -11.95
C LEU A 53 4.16 -11.61 -12.46
N ALA A 54 4.98 -11.86 -13.49
CA ALA A 54 5.11 -13.20 -14.10
C ALA A 54 5.41 -14.30 -13.06
N GLU A 55 6.22 -13.95 -12.05
CA GLU A 55 6.59 -14.91 -10.98
C GLU A 55 5.37 -15.33 -10.18
N VAL A 56 4.49 -14.36 -9.82
CA VAL A 56 3.26 -14.67 -9.09
C VAL A 56 2.40 -15.58 -9.97
N LEU A 57 2.27 -15.19 -11.27
CA LEU A 57 1.52 -15.98 -12.26
C LEU A 57 2.04 -17.42 -12.32
N GLU A 58 3.36 -17.55 -12.15
CA GLU A 58 4.04 -18.84 -12.18
C GLU A 58 3.84 -19.60 -10.88
N GLN A 59 3.66 -18.84 -9.78
CA GLN A 59 3.45 -19.41 -8.45
C GLN A 59 2.01 -19.89 -8.33
N LEU A 60 1.13 -19.20 -9.07
CA LEU A 60 -0.29 -19.48 -9.13
C LEU A 60 -0.59 -20.68 -10.02
N LYS A 61 0.07 -20.71 -11.19
CA LYS A 61 -0.09 -21.80 -12.14
C LYS A 61 1.29 -22.28 -12.63
N PRO A 62 1.65 -23.56 -12.33
CA PRO A 62 2.94 -24.16 -12.73
C PRO A 62 2.96 -24.58 -14.21
N ASP A 63 1.79 -25.00 -14.70
CA ASP A 63 1.62 -25.43 -16.09
C ASP A 63 1.43 -24.24 -17.04
N ALA A 64 1.16 -23.06 -16.46
CA ALA A 64 0.97 -21.83 -17.25
C ALA A 64 2.30 -21.13 -17.52
N LEU A 65 2.36 -20.44 -18.66
CA LEU A 65 3.54 -19.69 -19.06
C LEU A 65 3.21 -18.19 -19.14
N PRO A 66 3.95 -17.32 -18.40
CA PRO A 66 3.70 -15.87 -18.41
C PRO A 66 4.17 -15.19 -19.72
N PRO A 67 3.45 -14.16 -20.24
CA PRO A 67 3.83 -13.48 -21.49
C PRO A 67 4.73 -12.27 -21.22
N ALA A 68 4.98 -11.49 -22.29
CA ALA A 68 5.80 -10.28 -22.21
C ALA A 68 5.18 -9.22 -21.29
N ARG A 69 3.84 -9.28 -21.11
CA ARG A 69 3.09 -8.30 -20.30
C ARG A 69 3.42 -8.34 -18.80
N CYS A 70 3.31 -9.52 -18.17
CA CYS A 70 3.57 -9.67 -16.72
C CYS A 70 5.05 -9.55 -16.37
N GLN A 71 5.93 -9.86 -17.34
CA GLN A 71 7.38 -9.81 -17.15
C GLN A 71 7.91 -8.40 -16.93
N HIS A 72 7.29 -7.42 -17.62
CA HIS A 72 7.72 -6.02 -17.50
C HIS A 72 6.92 -5.28 -16.39
N ILE A 73 6.40 -6.05 -15.44
CA ILE A 73 5.64 -5.52 -14.31
C ILE A 73 6.33 -5.89 -13.00
N ASP A 74 6.34 -4.94 -12.06
CA ASP A 74 7.01 -5.12 -10.78
C ASP A 74 6.01 -5.25 -9.62
N ILE A 75 6.46 -5.92 -8.56
CA ILE A 75 5.66 -6.14 -7.35
C ILE A 75 6.10 -5.20 -6.22
N TYR A 76 5.18 -4.89 -5.29
CA TYR A 76 5.47 -4.00 -4.16
C TYR A 76 5.31 -4.79 -2.84
N ASN A 77 5.99 -4.34 -1.77
CA ASN A 77 5.88 -5.03 -0.46
C ASN A 77 4.67 -4.48 0.33
N GLY A 78 3.70 -5.36 0.66
CA GLY A 78 2.52 -4.92 1.39
C GLY A 78 2.54 -5.31 2.87
N GLY A 79 3.30 -6.35 3.22
CA GLY A 79 3.41 -6.76 4.60
C GLY A 79 3.88 -8.19 4.77
N PRO A 80 3.79 -8.76 6.00
CA PRO A 80 4.20 -10.14 6.30
C PRO A 80 3.12 -11.19 6.08
N VAL A 81 1.86 -10.75 5.87
CA VAL A 81 0.73 -11.66 5.67
C VAL A 81 0.60 -12.08 4.20
N GLN A 82 0.56 -13.41 3.95
CA GLN A 82 0.45 -14.00 2.60
C GLN A 82 1.47 -13.42 1.59
N THR A 83 2.70 -13.93 1.64
CA THR A 83 3.78 -13.47 0.75
C THR A 83 3.77 -14.19 -0.63
N ASP A 84 2.79 -15.08 -0.83
CA ASP A 84 2.68 -15.82 -2.10
C ASP A 84 1.65 -15.21 -3.07
N ARG A 85 0.99 -14.12 -2.65
CA ARG A 85 -0.03 -13.47 -3.49
C ARG A 85 0.14 -11.96 -3.56
N GLY A 86 -0.34 -11.40 -4.67
CA GLY A 86 -0.31 -9.96 -4.89
C GLY A 86 -1.68 -9.32 -4.80
N PHE A 87 -1.72 -8.22 -4.05
CA PHE A 87 -2.94 -7.43 -3.82
C PHE A 87 -3.14 -6.42 -4.94
N VAL A 88 -4.40 -6.07 -5.23
CA VAL A 88 -4.72 -5.13 -6.30
C VAL A 88 -5.59 -3.98 -5.80
N LEU A 89 -4.99 -2.80 -5.64
CA LEU A 89 -5.72 -1.61 -5.19
C LEU A 89 -5.90 -0.64 -6.36
N HIS A 90 -7.16 -0.23 -6.58
CA HIS A 90 -7.49 0.69 -7.67
C HIS A 90 -8.34 1.89 -7.16
N PRO A 91 -8.57 2.98 -7.98
CA PRO A 91 -9.35 4.15 -7.55
C PRO A 91 -10.83 4.11 -7.99
N SER A 92 -11.31 2.91 -8.36
CA SER A 92 -12.67 2.71 -8.83
C SER A 92 -13.56 2.03 -7.80
N GLY A 93 -14.87 2.18 -7.96
CA GLY A 93 -15.84 1.58 -7.06
C GLY A 93 -16.43 0.29 -7.60
N LEU A 94 -15.71 -0.32 -8.58
CA LEU A 94 -16.15 -1.58 -9.20
C LEU A 94 -15.71 -2.78 -8.36
N SER A 95 -16.45 -3.89 -8.48
CA SER A 95 -16.14 -5.09 -7.70
C SER A 95 -15.98 -6.34 -8.57
N TYR A 96 -15.25 -7.32 -8.01
CA TYR A 96 -14.97 -8.59 -8.66
C TYR A 96 -15.31 -9.74 -7.71
N GLN A 97 -14.62 -10.88 -7.83
CA GLN A 97 -14.85 -12.05 -6.95
C GLN A 97 -14.60 -11.70 -5.48
N SER A 98 -13.46 -11.03 -5.24
CA SER A 98 -13.09 -10.60 -3.88
C SER A 98 -12.57 -9.16 -3.91
N THR A 99 -13.51 -8.21 -3.89
CA THR A 99 -13.16 -6.79 -3.92
C THR A 99 -13.85 -6.01 -2.80
N LEU A 100 -13.03 -5.32 -1.99
CA LEU A 100 -13.50 -4.49 -0.89
C LEU A 100 -13.48 -3.03 -1.29
N GLU A 101 -14.63 -2.37 -1.19
CA GLU A 101 -14.73 -0.95 -1.52
C GLU A 101 -14.42 -0.10 -0.28
N LEU A 102 -13.53 0.88 -0.49
CA LEU A 102 -13.11 1.80 0.56
C LEU A 102 -13.27 3.25 0.10
N GLY A 103 -14.46 3.52 -0.44
CA GLY A 103 -14.82 4.86 -0.92
C GLY A 103 -14.00 5.30 -2.10
N GLU A 104 -13.08 6.23 -1.86
CA GLU A 104 -12.20 6.81 -2.90
C GLU A 104 -11.32 5.76 -3.58
N LEU A 105 -11.29 4.54 -3.03
CA LEU A 105 -10.48 3.43 -3.58
C LEU A 105 -11.05 2.07 -3.19
N ALA A 106 -10.75 1.06 -4.02
CA ALA A 106 -11.20 -0.31 -3.80
C ALA A 106 -9.99 -1.26 -3.78
N MET A 107 -10.16 -2.43 -3.15
CA MET A 107 -9.09 -3.43 -3.06
C MET A 107 -9.60 -4.76 -3.60
N SER A 108 -8.75 -5.48 -4.32
CA SER A 108 -9.14 -6.76 -4.90
C SER A 108 -8.06 -7.80 -4.64
N THR A 109 -8.51 -8.98 -4.21
CA THR A 109 -7.61 -10.09 -3.89
C THR A 109 -7.91 -11.29 -4.79
N SER A 110 -8.64 -11.04 -5.88
CA SER A 110 -9.01 -12.10 -6.83
C SER A 110 -7.98 -12.23 -7.95
N GLN A 111 -7.49 -13.46 -8.15
CA GLN A 111 -6.52 -13.77 -9.19
C GLN A 111 -7.09 -13.45 -10.58
N ASP A 112 -8.43 -13.52 -10.67
CA ASP A 112 -9.18 -13.22 -11.89
C ASP A 112 -9.05 -11.73 -12.25
N VAL A 113 -9.11 -10.84 -11.22
CA VAL A 113 -8.94 -9.41 -11.44
C VAL A 113 -7.48 -9.09 -11.81
N LEU A 114 -6.53 -9.79 -11.15
CA LEU A 114 -5.10 -9.61 -11.41
C LEU A 114 -4.78 -9.90 -12.89
N PHE A 115 -5.31 -11.04 -13.39
CA PHE A 115 -5.13 -11.44 -14.78
C PHE A 115 -5.91 -10.53 -15.72
N ALA A 116 -7.12 -10.12 -15.29
CA ALA A 116 -7.99 -9.24 -16.09
C ALA A 116 -7.32 -7.89 -16.33
N ILE A 117 -6.86 -7.25 -15.24
CA ILE A 117 -6.20 -5.94 -15.34
C ILE A 117 -4.88 -6.06 -16.11
N ALA A 118 -4.12 -7.10 -15.81
CA ALA A 118 -2.86 -7.35 -16.51
C ALA A 118 -3.12 -7.47 -18.01
N ALA A 119 -4.33 -7.95 -18.36
CA ALA A 119 -4.77 -8.06 -19.76
C ALA A 119 -5.40 -6.74 -20.20
N GLY A 120 -5.81 -5.95 -19.21
CA GLY A 120 -6.37 -4.64 -19.45
C GLY A 120 -7.88 -4.59 -19.36
N THR A 121 -8.48 -5.62 -18.78
CA THR A 121 -9.93 -5.70 -18.64
C THR A 121 -10.40 -5.44 -17.20
N GLY A 122 -9.46 -5.02 -16.33
CA GLY A 122 -9.81 -4.73 -14.95
C GLY A 122 -10.06 -3.26 -14.70
N PRO A 123 -9.55 -2.66 -13.57
CA PRO A 123 -9.77 -1.24 -13.25
C PRO A 123 -8.82 -0.29 -14.00
N GLU A 124 -9.09 1.02 -13.86
CA GLU A 124 -8.31 2.09 -14.53
C GLU A 124 -6.83 2.03 -14.17
N LYS A 125 -6.57 2.06 -12.86
CA LYS A 125 -5.20 2.05 -12.31
C LYS A 125 -5.19 1.17 -11.08
N SER A 126 -4.13 0.38 -10.90
CA SER A 126 -4.05 -0.51 -9.75
C SER A 126 -2.65 -0.58 -9.15
N LEU A 127 -2.57 -1.18 -7.95
CA LEU A 127 -1.32 -1.38 -7.22
C LEU A 127 -1.21 -2.84 -6.83
N ILE A 128 -0.15 -3.51 -7.32
CA ILE A 128 0.07 -4.92 -7.00
C ILE A 128 1.09 -5.02 -5.87
N SER A 129 0.57 -5.26 -4.68
CA SER A 129 1.39 -5.36 -3.48
C SER A 129 1.30 -6.74 -2.85
N LEU A 130 2.46 -7.39 -2.70
CA LEU A 130 2.55 -8.75 -2.14
C LEU A 130 2.16 -8.76 -0.66
N GLY A 131 1.05 -9.47 -0.40
CA GLY A 131 0.52 -9.62 0.95
C GLY A 131 0.03 -8.33 1.59
N TYR A 132 -0.47 -8.45 2.81
CA TYR A 132 -0.98 -7.32 3.58
C TYR A 132 -0.38 -7.29 4.98
N ALA A 133 -0.74 -6.24 5.71
CA ALA A 133 -0.29 -6.04 7.08
C ALA A 133 -1.50 -6.06 7.99
N GLY A 134 -1.43 -6.86 9.05
CA GLY A 134 -2.54 -6.96 9.97
C GLY A 134 -2.17 -6.77 11.42
N TRP A 135 -3.12 -6.24 12.20
CA TRP A 135 -2.92 -6.00 13.62
C TRP A 135 -4.03 -6.65 14.42
N GLU A 136 -3.64 -7.31 15.52
CA GLU A 136 -4.59 -7.99 16.41
C GLU A 136 -5.28 -6.99 17.34
N ALA A 137 -6.45 -7.39 17.86
CA ALA A 137 -7.25 -6.54 18.77
C ALA A 137 -6.46 -6.00 19.97
N GLY A 138 -5.88 -4.82 19.78
CA GLY A 138 -5.11 -4.18 20.84
C GLY A 138 -3.67 -3.89 20.43
N GLN A 139 -3.15 -4.67 19.46
CA GLN A 139 -1.77 -4.52 18.96
C GLN A 139 -1.49 -3.09 18.46
N LEU A 140 -2.43 -2.53 17.67
CA LEU A 140 -2.28 -1.18 17.13
C LEU A 140 -2.35 -0.15 18.27
N GLU A 141 -3.36 -0.28 19.15
CA GLU A 141 -3.53 0.61 20.31
C GLU A 141 -2.28 0.58 21.20
N ALA A 142 -1.59 -0.57 21.21
CA ALA A 142 -0.37 -0.78 21.97
C ALA A 142 0.80 0.02 21.36
N GLU A 143 0.99 -0.14 20.04
CA GLU A 143 2.06 0.57 19.31
C GLU A 143 1.73 2.07 19.17
N LEU A 144 0.43 2.38 19.19
CA LEU A 144 -0.08 3.75 19.09
C LEU A 144 0.11 4.50 20.42
N SER A 145 -0.11 3.79 21.53
CA SER A 145 0.05 4.36 22.88
C SER A 145 1.54 4.45 23.26
N ASP A 146 2.31 3.49 22.71
CA ASP A 146 3.76 3.40 22.94
C ASP A 146 4.53 4.37 22.03
N ASN A 147 3.78 5.13 21.20
CA ASN A 147 4.33 6.10 20.24
C ASN A 147 5.27 5.42 19.21
N ALA A 148 4.99 4.14 18.94
CA ALA A 148 5.78 3.34 18.01
C ALA A 148 5.42 3.62 16.55
N TRP A 149 4.11 3.74 16.28
CA TRP A 149 3.61 4.01 14.93
C TRP A 149 2.76 5.28 14.93
N LEU A 150 3.26 6.33 14.26
CA LEU A 150 2.55 7.62 14.20
C LEU A 150 1.48 7.61 13.10
N THR A 151 0.33 8.25 13.39
CA THR A 151 -0.78 8.33 12.44
C THR A 151 -0.87 9.71 11.81
N CYS A 152 -1.08 9.76 10.49
CA CYS A 152 -1.20 11.02 9.76
C CYS A 152 -2.14 10.88 8.55
N PRO A 153 -2.88 11.97 8.14
CA PRO A 153 -3.78 11.93 6.97
C PRO A 153 -2.99 11.64 5.69
N ALA A 154 -3.64 11.06 4.69
CA ALA A 154 -2.94 10.68 3.47
C ALA A 154 -3.67 11.05 2.18
N ASP A 155 -2.97 10.81 1.07
CA ASP A 155 -3.47 11.03 -0.29
C ASP A 155 -3.10 9.80 -1.15
N PRO A 156 -4.01 9.32 -2.03
CA PRO A 156 -3.75 8.13 -2.87
C PRO A 156 -2.75 8.37 -3.99
N ALA A 157 -2.67 9.63 -4.43
CA ALA A 157 -1.76 10.06 -5.50
C ALA A 157 -0.32 9.60 -5.26
N ILE A 158 0.13 9.69 -4.00
CA ILE A 158 1.49 9.26 -3.58
C ILE A 158 1.60 7.74 -3.64
N LEU A 159 0.48 7.10 -3.31
CA LEU A 159 0.36 5.65 -3.23
C LEU A 159 0.29 5.01 -4.63
N PHE A 160 -0.39 5.71 -5.56
CA PHE A 160 -0.54 5.25 -6.94
C PHE A 160 0.64 5.60 -7.85
N ASP A 161 1.30 6.75 -7.59
CA ASP A 161 2.45 7.17 -8.42
C ASP A 161 3.77 6.60 -7.89
N LEU A 162 4.26 7.15 -6.75
CA LEU A 162 5.52 6.70 -6.16
C LEU A 162 5.47 6.65 -4.64
N PRO A 163 5.26 5.44 -4.08
CA PRO A 163 5.28 5.25 -2.63
C PRO A 163 6.68 4.85 -2.06
N PRO A 164 7.79 4.68 -2.88
CA PRO A 164 9.13 4.26 -2.38
C PRO A 164 9.90 5.36 -1.63
N GLU A 165 9.98 6.52 -2.28
CA GLU A 165 10.71 7.67 -1.78
C GLU A 165 9.77 8.87 -1.66
N GLU A 166 8.82 8.93 -2.59
CA GLU A 166 7.82 9.99 -2.64
C GLU A 166 6.85 9.88 -1.45
N ARG A 167 6.90 8.74 -0.73
CA ARG A 167 6.08 8.51 0.47
C ARG A 167 6.67 9.30 1.64
N LEU A 168 8.01 9.27 1.74
CA LEU A 168 8.73 9.99 2.79
C LEU A 168 8.66 11.50 2.49
N SER A 169 8.99 11.87 1.23
CA SER A 169 8.93 13.27 0.78
C SER A 169 7.52 13.86 0.94
N ALA A 170 6.49 13.12 0.48
CA ALA A 170 5.09 13.56 0.59
C ALA A 170 4.64 13.63 2.04
N ALA A 171 5.06 12.64 2.87
CA ALA A 171 4.71 12.59 4.29
C ALA A 171 5.18 13.88 5.00
N ALA A 172 6.43 14.27 4.72
CA ALA A 172 7.00 15.51 5.28
C ALA A 172 6.26 16.72 4.72
N ALA A 173 5.89 16.62 3.42
CA ALA A 173 5.13 17.66 2.73
C ALA A 173 3.74 17.86 3.36
N ARG A 174 3.17 16.76 3.91
CA ARG A 174 1.86 16.80 4.58
C ARG A 174 2.00 17.41 5.98
N LEU A 175 3.09 17.04 6.67
CA LEU A 175 3.38 17.54 8.02
C LEU A 175 3.67 19.04 8.02
N GLY A 176 4.30 19.53 6.95
CA GLY A 176 4.62 20.94 6.82
C GLY A 176 6.12 21.20 6.70
N VAL A 177 6.80 20.42 5.86
CA VAL A 177 8.23 20.56 5.64
C VAL A 177 8.53 20.61 4.13
N ASN A 178 9.56 21.37 3.75
CA ASN A 178 9.94 21.51 2.34
C ASN A 178 10.99 20.46 1.97
N LEU A 179 10.50 19.23 1.76
CA LEU A 179 11.33 18.08 1.39
C LEU A 179 11.72 18.10 -0.09
N SER A 180 10.88 18.76 -0.91
CA SER A 180 11.10 18.85 -2.36
C SER A 180 12.44 19.53 -2.72
N LEU A 181 12.78 20.62 -2.02
CA LEU A 181 14.04 21.34 -2.26
C LEU A 181 15.25 20.61 -1.64
N LEU A 182 14.99 19.85 -0.57
CA LEU A 182 16.04 19.08 0.13
C LEU A 182 16.42 17.81 -0.64
N THR A 183 15.45 17.23 -1.37
CA THR A 183 15.66 16.02 -2.17
C THR A 183 16.12 16.36 -3.59
N ALA A 184 15.41 17.30 -4.22
CA ALA A 184 15.72 17.72 -5.58
C ALA A 184 15.83 19.24 -5.69
N GLN A 185 17.02 19.71 -6.06
CA GLN A 185 17.28 21.15 -6.20
C GLN A 185 17.25 21.56 -7.67
N ALA A 186 16.87 22.82 -7.92
CA ALA A 186 16.78 23.37 -9.27
C ALA A 186 18.04 24.16 -9.64
N GLY A 187 18.53 24.97 -8.68
CA GLY A 187 19.72 25.77 -8.92
C GLY A 187 20.94 25.24 -8.17
N HIS A 188 22.00 24.93 -8.92
CA HIS A 188 23.24 24.41 -8.33
C HIS A 188 24.29 25.52 -8.21
N ALA A 189 25.05 25.48 -7.11
CA ALA A 189 26.08 26.47 -6.85
C ALA A 189 27.47 25.92 -7.21
N MET A 1 -7.62 16.72 9.21
CA MET A 1 -8.27 16.94 7.88
C MET A 1 -9.35 15.89 7.62
N LYS A 2 -10.42 16.31 6.95
CA LYS A 2 -11.53 15.42 6.62
C LYS A 2 -11.45 14.95 5.17
N GLN A 3 -11.41 13.62 4.99
CA GLN A 3 -11.32 13.02 3.65
C GLN A 3 -12.34 11.89 3.50
N SER A 4 -12.31 10.92 4.43
CA SER A 4 -13.23 9.79 4.40
C SER A 4 -13.66 9.39 5.82
N SER A 5 -12.68 9.23 6.72
CA SER A 5 -12.94 8.85 8.11
C SER A 5 -12.08 9.69 9.08
N PRO A 6 -12.64 10.80 9.68
CA PRO A 6 -11.89 11.64 10.63
C PRO A 6 -11.97 11.10 12.06
N THR A 7 -12.55 9.92 12.18
CA THR A 7 -12.74 9.24 13.45
C THR A 7 -11.91 7.95 13.49
N TYR A 8 -12.13 7.07 12.50
CA TYR A 8 -11.43 5.80 12.41
C TYR A 8 -10.26 5.86 11.42
N LEU A 9 -9.30 4.95 11.61
CA LEU A 9 -8.11 4.87 10.76
C LEU A 9 -8.30 3.86 9.61
N LYS A 10 -9.45 3.94 8.94
CA LYS A 10 -9.76 3.01 7.84
C LYS A 10 -9.32 3.59 6.49
N HIS A 11 -8.34 4.52 6.52
CA HIS A 11 -7.82 5.21 5.32
C HIS A 11 -6.77 6.27 5.74
N HIS A 12 -5.77 5.84 6.53
CA HIS A 12 -4.72 6.76 7.01
C HIS A 12 -3.33 6.13 6.93
N PHE A 13 -2.29 7.00 6.94
CA PHE A 13 -0.90 6.54 6.86
C PHE A 13 -0.23 6.47 8.22
N LEU A 14 0.52 5.39 8.41
CA LEU A 14 1.29 5.17 9.64
C LEU A 14 2.77 5.34 9.32
N ILE A 15 3.49 6.02 10.22
CA ILE A 15 4.91 6.26 10.03
C ILE A 15 5.70 5.61 11.16
N ALA A 16 6.78 4.90 10.80
CA ALA A 16 7.63 4.22 11.77
C ALA A 16 8.50 5.22 12.55
N MET A 17 8.38 5.21 13.88
CA MET A 17 9.16 6.11 14.73
C MET A 17 10.15 5.34 15.62
N PRO A 18 11.27 5.98 16.08
CA PRO A 18 12.28 5.31 16.93
C PRO A 18 11.86 5.25 18.41
N HIS A 19 10.98 4.30 18.72
CA HIS A 19 10.48 4.09 20.10
C HIS A 19 10.45 2.61 20.48
N MET A 20 10.44 1.72 19.48
CA MET A 20 10.40 0.28 19.70
C MET A 20 11.75 -0.35 19.33
N ALA A 21 11.77 -1.68 19.16
CA ALA A 21 12.99 -2.40 18.83
C ALA A 21 13.04 -2.80 17.34
N ASP A 22 12.51 -1.93 16.49
CA ASP A 22 12.49 -2.17 15.04
C ASP A 22 13.44 -1.19 14.31
N PRO A 23 14.78 -1.50 14.24
CA PRO A 23 15.77 -0.65 13.57
C PRO A 23 15.72 -0.75 12.03
N ASN A 24 15.20 -1.89 11.54
CA ASN A 24 15.09 -2.15 10.10
C ASN A 24 13.79 -1.55 9.53
N PHE A 25 12.72 -1.63 10.32
CA PHE A 25 11.40 -1.13 9.92
C PHE A 25 11.19 0.33 10.37
N ALA A 26 12.20 0.91 11.03
CA ALA A 26 12.17 2.29 11.56
C ALA A 26 12.04 3.40 10.49
N GLN A 27 11.93 3.03 9.21
CA GLN A 27 11.83 4.04 8.15
C GLN A 27 10.82 3.63 7.06
N THR A 28 9.70 3.04 7.49
CA THR A 28 8.65 2.62 6.57
C THR A 28 7.31 3.26 6.91
N VAL A 29 6.42 3.30 5.90
CA VAL A 29 5.08 3.88 6.04
C VAL A 29 4.03 2.91 5.49
N THR A 30 2.97 2.71 6.27
CA THR A 30 1.89 1.80 5.88
C THR A 30 0.58 2.56 5.67
N TYR A 31 -0.26 2.00 4.81
CA TYR A 31 -1.56 2.56 4.50
C TYR A 31 -2.62 1.70 5.18
N LEU A 32 -3.41 2.31 6.06
CA LEU A 32 -4.43 1.58 6.80
C LEU A 32 -5.72 1.47 5.99
N VAL A 33 -5.96 0.23 5.54
CA VAL A 33 -7.13 -0.15 4.73
C VAL A 33 -8.43 -0.04 5.56
N GLU A 34 -8.48 -0.81 6.66
CA GLU A 34 -9.65 -0.82 7.54
C GLU A 34 -9.22 -1.00 9.00
N HIS A 35 -9.42 0.05 9.81
CA HIS A 35 -9.07 0.01 11.21
C HIS A 35 -10.27 -0.35 12.07
N ASN A 36 -10.08 -1.35 12.93
CA ASN A 36 -11.15 -1.81 13.82
C ASN A 36 -10.59 -2.12 15.20
N GLU A 37 -11.46 -2.02 16.22
CA GLU A 37 -11.06 -2.29 17.62
C GLU A 37 -10.71 -3.76 17.84
N GLN A 38 -11.14 -4.61 16.90
CA GLN A 38 -10.87 -6.05 16.94
C GLN A 38 -9.71 -6.43 16.00
N GLY A 39 -9.11 -5.42 15.35
CA GLY A 39 -8.00 -5.66 14.43
C GLY A 39 -7.92 -4.60 13.35
N ALA A 40 -6.79 -4.57 12.61
CA ALA A 40 -6.59 -3.57 11.55
C ALA A 40 -5.81 -4.13 10.36
N MET A 41 -6.27 -3.80 9.14
CA MET A 41 -5.62 -4.24 7.90
C MET A 41 -5.08 -3.04 7.14
N GLY A 42 -3.84 -3.17 6.68
CA GLY A 42 -3.21 -2.13 5.91
C GLY A 42 -2.07 -2.64 5.05
N LEU A 43 -1.75 -1.92 3.97
CA LEU A 43 -0.68 -2.34 3.06
C LEU A 43 0.52 -1.39 3.13
N VAL A 44 1.72 -1.97 3.24
CA VAL A 44 2.97 -1.19 3.30
C VAL A 44 3.22 -0.54 1.93
N ILE A 45 3.38 0.78 1.89
CA ILE A 45 3.57 1.48 0.62
C ILE A 45 4.80 2.39 0.64
N ASN A 46 5.95 1.79 0.92
CA ASN A 46 7.23 2.51 0.95
C ASN A 46 8.40 1.61 0.52
N ARG A 47 8.11 0.31 0.26
CA ARG A 47 9.16 -0.64 -0.12
C ARG A 47 8.82 -1.47 -1.40
N PRO A 48 9.15 -0.98 -2.64
CA PRO A 48 8.95 -1.78 -3.87
C PRO A 48 9.73 -3.10 -3.84
N SER A 49 9.11 -4.16 -4.38
CA SER A 49 9.74 -5.48 -4.42
C SER A 49 10.50 -5.70 -5.73
N GLY A 50 11.44 -6.65 -5.69
CA GLY A 50 12.25 -6.97 -6.87
C GLY A 50 11.72 -8.19 -7.58
N LEU A 51 10.41 -8.17 -7.86
CA LEU A 51 9.72 -9.27 -8.54
C LEU A 51 8.82 -8.73 -9.65
N ASN A 52 8.49 -9.60 -10.60
CA ASN A 52 7.61 -9.21 -11.71
C ASN A 52 6.28 -9.95 -11.61
N LEU A 53 5.23 -9.39 -12.25
CA LEU A 53 3.88 -9.99 -12.24
C LEU A 53 3.88 -11.41 -12.83
N ALA A 54 4.85 -11.67 -13.71
CA ALA A 54 5.00 -13.00 -14.34
C ALA A 54 5.38 -14.07 -13.30
N GLU A 55 6.27 -13.70 -12.35
CA GLU A 55 6.72 -14.62 -11.30
C GLU A 55 5.57 -15.05 -10.40
N VAL A 56 4.74 -14.08 -9.95
CA VAL A 56 3.58 -14.39 -9.11
C VAL A 56 2.63 -15.28 -9.91
N LEU A 57 2.42 -14.91 -11.19
CA LEU A 57 1.58 -15.70 -12.12
C LEU A 57 2.09 -17.13 -12.23
N GLU A 58 3.42 -17.27 -12.15
CA GLU A 58 4.09 -18.56 -12.21
C GLU A 58 3.99 -19.32 -10.88
N GLN A 59 3.88 -18.54 -9.80
CA GLN A 59 3.77 -19.09 -8.44
C GLN A 59 2.34 -19.59 -8.22
N LEU A 60 1.42 -18.90 -8.89
CA LEU A 60 -0.01 -19.17 -8.85
C LEU A 60 -0.37 -20.39 -9.71
N LYS A 61 0.19 -20.41 -10.93
CA LYS A 61 -0.04 -21.50 -11.86
C LYS A 61 1.30 -22.00 -12.44
N PRO A 62 1.66 -23.27 -12.16
CA PRO A 62 2.91 -23.90 -12.64
C PRO A 62 2.83 -24.33 -14.11
N ASP A 63 1.62 -24.74 -14.52
CA ASP A 63 1.35 -25.18 -15.89
C ASP A 63 1.13 -23.99 -16.83
N ALA A 64 0.90 -22.81 -16.25
CA ALA A 64 0.68 -21.59 -17.03
C ALA A 64 1.98 -20.89 -17.38
N LEU A 65 1.99 -20.20 -18.52
CA LEU A 65 3.16 -19.46 -18.98
C LEU A 65 2.82 -17.97 -19.11
N PRO A 66 3.57 -17.07 -18.40
CA PRO A 66 3.31 -15.62 -18.45
C PRO A 66 3.84 -14.99 -19.75
N PRO A 67 3.26 -13.84 -20.23
CA PRO A 67 3.69 -13.19 -21.47
C PRO A 67 4.70 -12.07 -21.22
N ALA A 68 4.92 -11.25 -22.25
CA ALA A 68 5.85 -10.12 -22.19
C ALA A 68 5.31 -8.99 -21.30
N ARG A 69 3.97 -8.94 -21.16
CA ARG A 69 3.28 -7.89 -20.38
C ARG A 69 3.57 -7.97 -18.87
N CYS A 70 3.45 -9.19 -18.31
CA CYS A 70 3.65 -9.43 -16.87
C CYS A 70 5.12 -9.32 -16.46
N GLN A 71 6.02 -9.57 -17.41
CA GLN A 71 7.47 -9.50 -17.20
C GLN A 71 7.93 -8.05 -17.07
N HIS A 72 7.18 -7.17 -17.70
CA HIS A 72 7.45 -5.74 -17.72
C HIS A 72 6.70 -5.03 -16.58
N ILE A 73 6.23 -5.83 -15.61
CA ILE A 73 5.49 -5.32 -14.44
C ILE A 73 6.21 -5.75 -13.15
N ASP A 74 6.26 -4.82 -12.19
CA ASP A 74 6.96 -5.06 -10.92
C ASP A 74 6.00 -5.24 -9.75
N ILE A 75 6.48 -5.98 -8.72
CA ILE A 75 5.70 -6.25 -7.51
C ILE A 75 6.15 -5.31 -6.38
N TYR A 76 5.24 -5.03 -5.43
CA TYR A 76 5.52 -4.14 -4.29
C TYR A 76 5.35 -4.93 -2.98
N ASN A 77 6.02 -4.47 -1.90
CA ASN A 77 5.90 -5.15 -0.58
C ASN A 77 4.69 -4.61 0.19
N GLY A 78 3.73 -5.49 0.54
CA GLY A 78 2.55 -5.05 1.27
C GLY A 78 2.59 -5.38 2.75
N GLY A 79 3.37 -6.39 3.14
CA GLY A 79 3.50 -6.74 4.54
C GLY A 79 3.96 -8.17 4.76
N PRO A 80 3.90 -8.67 6.02
CA PRO A 80 4.32 -10.03 6.38
C PRO A 80 3.22 -11.09 6.25
N VAL A 81 1.97 -10.65 6.06
CA VAL A 81 0.82 -11.57 5.96
C VAL A 81 0.62 -12.05 4.52
N GLN A 82 0.47 -13.39 4.38
CA GLN A 82 0.27 -14.07 3.06
C GLN A 82 1.26 -13.63 1.98
N THR A 83 2.43 -14.28 1.96
CA THR A 83 3.49 -13.98 0.97
C THR A 83 3.23 -14.67 -0.37
N ASP A 84 2.38 -15.70 -0.36
CA ASP A 84 2.03 -16.47 -1.57
C ASP A 84 1.04 -15.73 -2.48
N ARG A 85 0.36 -14.72 -1.92
CA ARG A 85 -0.61 -13.93 -2.69
C ARG A 85 -0.42 -12.44 -2.47
N GLY A 86 -0.71 -11.66 -3.51
CA GLY A 86 -0.61 -10.24 -3.42
C GLY A 86 -1.94 -9.52 -3.51
N PHE A 87 -2.03 -8.48 -2.70
CA PHE A 87 -3.20 -7.60 -2.61
C PHE A 87 -3.11 -6.50 -3.67
N VAL A 88 -4.21 -6.25 -4.38
CA VAL A 88 -4.23 -5.25 -5.45
C VAL A 88 -5.18 -4.10 -5.12
N LEU A 89 -4.68 -2.86 -5.21
CA LEU A 89 -5.51 -1.68 -4.95
C LEU A 89 -5.68 -0.85 -6.23
N HIS A 90 -6.94 -0.56 -6.56
CA HIS A 90 -7.27 0.23 -7.75
C HIS A 90 -8.07 1.51 -7.37
N PRO A 91 -8.18 2.55 -8.27
CA PRO A 91 -8.92 3.78 -7.97
C PRO A 91 -10.37 3.78 -8.55
N SER A 92 -10.96 2.60 -8.64
CA SER A 92 -12.31 2.45 -9.20
C SER A 92 -13.29 1.89 -8.16
N GLY A 93 -14.58 2.16 -8.39
CA GLY A 93 -15.63 1.68 -7.49
C GLY A 93 -16.30 0.41 -8.01
N LEU A 94 -15.60 -0.32 -8.88
CA LEU A 94 -16.13 -1.57 -9.45
C LEU A 94 -15.79 -2.76 -8.55
N SER A 95 -16.61 -3.81 -8.61
CA SER A 95 -16.39 -5.00 -7.78
C SER A 95 -16.25 -6.28 -8.61
N TYR A 96 -15.53 -7.24 -8.03
CA TYR A 96 -15.26 -8.54 -8.66
C TYR A 96 -15.52 -9.66 -7.65
N GLN A 97 -14.78 -10.79 -7.77
CA GLN A 97 -14.92 -11.94 -6.86
C GLN A 97 -14.61 -11.55 -5.41
N SER A 98 -13.48 -10.87 -5.23
CA SER A 98 -13.04 -10.40 -3.91
C SER A 98 -12.55 -8.96 -3.99
N THR A 99 -13.50 -8.02 -3.99
CA THR A 99 -13.20 -6.59 -4.06
C THR A 99 -13.86 -5.81 -2.92
N LEU A 100 -13.01 -5.21 -2.07
CA LEU A 100 -13.47 -4.39 -0.96
C LEU A 100 -13.42 -2.91 -1.35
N GLU A 101 -14.56 -2.25 -1.26
CA GLU A 101 -14.63 -0.82 -1.58
C GLU A 101 -14.27 0.04 -0.37
N LEU A 102 -13.36 0.98 -0.60
CA LEU A 102 -12.88 1.89 0.43
C LEU A 102 -13.02 3.35 -0.04
N GLY A 103 -14.22 3.66 -0.55
CA GLY A 103 -14.56 5.00 -1.02
C GLY A 103 -13.79 5.40 -2.26
N GLU A 104 -12.86 6.34 -2.08
CA GLU A 104 -12.03 6.88 -3.18
C GLU A 104 -11.14 5.81 -3.83
N LEU A 105 -11.10 4.61 -3.23
CA LEU A 105 -10.29 3.49 -3.74
C LEU A 105 -10.88 2.15 -3.33
N ALA A 106 -10.67 1.14 -4.17
CA ALA A 106 -11.15 -0.22 -3.93
C ALA A 106 -9.96 -1.20 -3.89
N MET A 107 -10.18 -2.38 -3.29
CA MET A 107 -9.13 -3.39 -3.18
C MET A 107 -9.64 -4.70 -3.74
N SER A 108 -8.76 -5.45 -4.41
CA SER A 108 -9.11 -6.74 -5.01
C SER A 108 -8.01 -7.75 -4.77
N THR A 109 -8.42 -8.97 -4.41
CA THR A 109 -7.49 -10.07 -4.13
C THR A 109 -7.79 -11.28 -5.02
N SER A 110 -8.52 -11.05 -6.11
CA SER A 110 -8.91 -12.10 -7.05
C SER A 110 -7.90 -12.24 -8.20
N GLN A 111 -7.49 -13.50 -8.43
CA GLN A 111 -6.58 -13.83 -9.52
C GLN A 111 -7.23 -13.47 -10.87
N ASP A 112 -8.58 -13.48 -10.87
CA ASP A 112 -9.38 -13.10 -12.04
C ASP A 112 -9.11 -11.63 -12.40
N VAL A 113 -9.13 -10.74 -11.39
CA VAL A 113 -8.82 -9.32 -11.61
C VAL A 113 -7.39 -9.16 -12.10
N LEU A 114 -6.45 -9.90 -11.48
CA LEU A 114 -5.03 -9.85 -11.87
C LEU A 114 -4.82 -10.13 -13.37
N PHE A 115 -5.41 -11.23 -13.86
CA PHE A 115 -5.31 -11.60 -15.29
C PHE A 115 -6.02 -10.58 -16.18
N ALA A 116 -7.25 -10.21 -15.79
CA ALA A 116 -8.08 -9.25 -16.53
C ALA A 116 -7.38 -7.89 -16.69
N ILE A 117 -6.93 -7.31 -15.56
CA ILE A 117 -6.25 -6.01 -15.57
C ILE A 117 -4.93 -6.07 -16.32
N ALA A 118 -4.15 -7.14 -16.07
CA ALA A 118 -2.88 -7.33 -16.76
C ALA A 118 -3.11 -7.35 -18.28
N ALA A 119 -4.32 -7.84 -18.67
CA ALA A 119 -4.74 -7.87 -20.07
C ALA A 119 -5.37 -6.54 -20.46
N GLY A 120 -5.79 -5.81 -19.44
CA GLY A 120 -6.39 -4.50 -19.61
C GLY A 120 -7.91 -4.47 -19.55
N THR A 121 -8.49 -5.53 -19.02
CA THR A 121 -9.95 -5.64 -18.90
C THR A 121 -10.45 -5.47 -17.46
N GLY A 122 -9.55 -5.09 -16.54
CA GLY A 122 -9.93 -4.91 -15.15
C GLY A 122 -10.19 -3.44 -14.80
N PRO A 123 -9.69 -2.93 -13.64
CA PRO A 123 -9.89 -1.53 -13.20
C PRO A 123 -8.97 -0.54 -13.93
N GLU A 124 -9.24 0.76 -13.74
CA GLU A 124 -8.46 1.86 -14.35
C GLU A 124 -6.96 1.68 -14.06
N LYS A 125 -6.63 1.63 -12.78
CA LYS A 125 -5.26 1.44 -12.32
C LYS A 125 -5.21 0.40 -11.23
N SER A 126 -4.00 -0.05 -10.88
CA SER A 126 -3.85 -1.07 -9.83
C SER A 126 -2.50 -0.98 -9.11
N LEU A 127 -2.47 -1.52 -7.89
CA LEU A 127 -1.28 -1.61 -7.06
C LEU A 127 -1.08 -3.06 -6.66
N ILE A 128 -0.11 -3.73 -7.27
CA ILE A 128 0.17 -5.14 -6.96
C ILE A 128 1.23 -5.23 -5.87
N SER A 129 0.77 -5.51 -4.68
CA SER A 129 1.62 -5.59 -3.51
C SER A 129 1.48 -6.97 -2.86
N LEU A 130 2.62 -7.67 -2.73
CA LEU A 130 2.66 -9.02 -2.14
C LEU A 130 2.32 -8.99 -0.64
N GLY A 131 1.20 -9.65 -0.29
CA GLY A 131 0.74 -9.72 1.10
C GLY A 131 0.30 -8.39 1.68
N TYR A 132 -0.26 -8.44 2.89
CA TYR A 132 -0.74 -7.25 3.60
C TYR A 132 -0.16 -7.20 5.01
N ALA A 133 -0.55 -6.15 5.74
CA ALA A 133 -0.14 -5.93 7.11
C ALA A 133 -1.37 -5.99 8.01
N GLY A 134 -1.29 -6.79 9.06
CA GLY A 134 -2.41 -6.92 9.97
C GLY A 134 -2.03 -6.71 11.42
N TRP A 135 -2.99 -6.19 12.19
CA TRP A 135 -2.81 -5.93 13.62
C TRP A 135 -3.91 -6.58 14.43
N GLU A 136 -3.52 -7.19 15.56
CA GLU A 136 -4.46 -7.86 16.46
C GLU A 136 -5.18 -6.84 17.36
N ALA A 137 -6.35 -7.22 17.87
CA ALA A 137 -7.17 -6.36 18.75
C ALA A 137 -6.39 -5.80 19.95
N GLY A 138 -5.84 -4.59 19.75
CA GLY A 138 -5.09 -3.93 20.81
C GLY A 138 -3.64 -3.67 20.44
N GLN A 139 -3.10 -4.47 19.50
CA GLN A 139 -1.69 -4.35 19.05
C GLN A 139 -1.39 -2.94 18.49
N LEU A 140 -2.32 -2.43 17.66
CA LEU A 140 -2.16 -1.10 17.05
C LEU A 140 -2.25 0.00 18.12
N GLU A 141 -3.29 -0.09 18.98
CA GLU A 141 -3.48 0.86 20.10
C GLU A 141 -2.26 0.85 21.03
N ALA A 142 -1.61 -0.33 21.10
CA ALA A 142 -0.41 -0.53 21.92
C ALA A 142 0.79 0.23 21.33
N GLU A 143 1.02 0.02 20.03
CA GLU A 143 2.12 0.68 19.31
C GLU A 143 1.85 2.19 19.15
N LEU A 144 0.56 2.55 19.14
CA LEU A 144 0.10 3.92 19.01
C LEU A 144 0.31 4.68 20.34
N SER A 145 0.07 3.98 21.45
CA SER A 145 0.25 4.56 22.80
C SER A 145 1.73 4.56 23.17
N ASP A 146 2.46 3.60 22.60
CA ASP A 146 3.91 3.44 22.82
C ASP A 146 4.72 4.38 21.93
N ASN A 147 4.00 5.17 21.09
CA ASN A 147 4.60 6.14 20.14
C ASN A 147 5.51 5.43 19.11
N ALA A 148 5.16 4.17 18.79
CA ALA A 148 5.91 3.36 17.84
C ALA A 148 5.47 3.63 16.40
N TRP A 149 4.15 3.75 16.18
CA TRP A 149 3.61 4.01 14.84
C TRP A 149 2.72 5.26 14.88
N LEU A 150 3.15 6.33 14.21
CA LEU A 150 2.39 7.59 14.17
C LEU A 150 1.32 7.57 13.08
N THR A 151 0.14 8.13 13.40
CA THR A 151 -0.98 8.19 12.46
C THR A 151 -1.15 9.59 11.89
N CYS A 152 -1.40 9.66 10.57
CA CYS A 152 -1.59 10.94 9.88
C CYS A 152 -2.50 10.76 8.64
N PRO A 153 -3.20 11.84 8.16
CA PRO A 153 -4.08 11.73 6.95
C PRO A 153 -3.27 11.29 5.73
N ALA A 154 -3.95 10.73 4.72
CA ALA A 154 -3.25 10.24 3.54
C ALA A 154 -3.86 10.72 2.22
N ASP A 155 -3.10 10.48 1.14
CA ASP A 155 -3.50 10.82 -0.21
C ASP A 155 -3.15 9.62 -1.11
N PRO A 156 -4.06 9.19 -2.03
CA PRO A 156 -3.81 8.02 -2.91
C PRO A 156 -2.81 8.30 -4.02
N ALA A 157 -2.71 9.57 -4.42
CA ALA A 157 -1.79 10.01 -5.48
C ALA A 157 -0.34 9.56 -5.21
N ILE A 158 0.08 9.63 -3.95
CA ILE A 158 1.42 9.21 -3.51
C ILE A 158 1.54 7.69 -3.56
N LEU A 159 0.42 7.04 -3.22
CA LEU A 159 0.30 5.59 -3.15
C LEU A 159 0.28 4.95 -4.55
N PHE A 160 -0.40 5.62 -5.49
CA PHE A 160 -0.53 5.14 -6.87
C PHE A 160 0.65 5.54 -7.77
N ASP A 161 1.25 6.72 -7.54
CA ASP A 161 2.39 7.16 -8.37
C ASP A 161 3.72 6.58 -7.85
N LEU A 162 4.21 7.10 -6.70
CA LEU A 162 5.47 6.65 -6.12
C LEU A 162 5.42 6.56 -4.61
N PRO A 163 5.21 5.34 -4.07
CA PRO A 163 5.23 5.11 -2.64
C PRO A 163 6.65 4.72 -2.08
N PRO A 164 7.76 4.58 -2.91
CA PRO A 164 9.08 4.16 -2.40
C PRO A 164 9.85 5.25 -1.62
N GLU A 165 9.96 6.41 -2.24
CA GLU A 165 10.68 7.56 -1.69
C GLU A 165 9.75 8.76 -1.60
N GLU A 166 8.78 8.80 -2.54
CA GLU A 166 7.78 9.87 -2.58
C GLU A 166 6.81 9.75 -1.39
N ARG A 167 6.88 8.59 -0.67
CA ARG A 167 6.05 8.36 0.51
C ARG A 167 6.65 9.12 1.70
N LEU A 168 7.98 9.09 1.80
CA LEU A 168 8.71 9.81 2.84
C LEU A 168 8.63 11.32 2.58
N SER A 169 8.96 11.72 1.34
CA SER A 169 8.89 13.14 0.91
C SER A 169 7.48 13.71 1.08
N ALA A 170 6.45 12.98 0.58
CA ALA A 170 5.06 13.41 0.70
C ALA A 170 4.61 13.45 2.15
N ALA A 171 5.04 12.44 2.94
CA ALA A 171 4.70 12.37 4.38
C ALA A 171 5.14 13.64 5.11
N ALA A 172 6.38 14.08 4.83
CA ALA A 172 6.91 15.32 5.40
C ALA A 172 6.11 16.51 4.89
N ALA A 173 5.72 16.43 3.61
CA ALA A 173 4.89 17.45 2.96
C ALA A 173 3.49 17.53 3.58
N ARG A 174 3.01 16.39 4.14
CA ARG A 174 1.70 16.32 4.80
C ARG A 174 1.79 16.93 6.21
N LEU A 175 2.91 16.64 6.90
CA LEU A 175 3.15 17.15 8.25
C LEU A 175 3.41 18.66 8.25
N GLY A 176 4.01 19.16 7.16
CA GLY A 176 4.31 20.59 7.04
C GLY A 176 5.78 20.90 7.08
N VAL A 177 6.53 20.24 6.18
CA VAL A 177 7.99 20.43 6.08
C VAL A 177 8.35 20.73 4.62
N ASN A 178 9.39 21.56 4.44
CA ASN A 178 9.86 21.93 3.10
C ASN A 178 10.91 20.94 2.59
N LEU A 179 10.42 19.78 2.14
CA LEU A 179 11.26 18.70 1.61
C LEU A 179 11.73 18.98 0.19
N SER A 180 10.96 19.80 -0.56
CA SER A 180 11.25 20.16 -1.95
C SER A 180 12.63 20.85 -2.09
N LEU A 181 12.92 21.81 -1.19
CA LEU A 181 14.20 22.54 -1.22
C LEU A 181 15.37 21.70 -0.65
N LEU A 182 15.03 20.75 0.25
CA LEU A 182 16.02 19.86 0.86
C LEU A 182 16.45 18.75 -0.10
N THR A 183 15.53 18.34 -0.99
CA THR A 183 15.80 17.29 -1.97
C THR A 183 16.37 17.86 -3.27
N ALA A 184 15.70 18.92 -3.77
CA ALA A 184 16.13 19.58 -5.01
C ALA A 184 16.21 21.10 -4.81
N GLN A 185 17.41 21.64 -5.01
CA GLN A 185 17.66 23.08 -4.87
C GLN A 185 17.70 23.75 -6.23
N ALA A 186 17.21 25.01 -6.27
CA ALA A 186 17.18 25.79 -7.51
C ALA A 186 17.85 27.14 -7.30
N GLY A 187 18.52 27.62 -8.36
CA GLY A 187 19.20 28.91 -8.30
C GLY A 187 20.02 29.18 -9.54
N HIS A 188 20.15 30.46 -9.89
CA HIS A 188 20.92 30.89 -11.06
C HIS A 188 21.95 31.95 -10.69
N ALA A 189 23.09 31.92 -11.38
CA ALA A 189 24.18 32.87 -11.14
C ALA A 189 24.18 33.97 -12.20
N MET A 1 -23.37 16.34 4.41
CA MET A 1 -23.00 14.91 4.23
C MET A 1 -21.51 14.76 3.97
N LYS A 2 -20.90 13.77 4.62
CA LYS A 2 -19.47 13.50 4.48
C LYS A 2 -19.22 12.34 3.53
N GLN A 3 -18.14 12.45 2.75
CA GLN A 3 -17.76 11.41 1.79
C GLN A 3 -16.67 10.50 2.35
N SER A 4 -15.69 11.11 3.03
CA SER A 4 -14.58 10.38 3.64
C SER A 4 -14.76 10.28 5.15
N SER A 5 -14.18 9.24 5.75
CA SER A 5 -14.27 9.01 7.19
C SER A 5 -13.01 9.54 7.92
N PRO A 6 -13.06 10.79 8.50
CA PRO A 6 -11.93 11.37 9.23
C PRO A 6 -11.93 10.98 10.71
N THR A 7 -12.83 10.08 11.03
CA THR A 7 -13.03 9.58 12.39
C THR A 7 -12.23 8.29 12.65
N TYR A 8 -12.32 7.35 11.71
CA TYR A 8 -11.62 6.07 11.80
C TYR A 8 -10.40 6.03 10.89
N LEU A 9 -9.45 5.14 11.22
CA LEU A 9 -8.20 4.97 10.45
C LEU A 9 -8.36 3.89 9.38
N LYS A 10 -9.48 3.93 8.65
CA LYS A 10 -9.76 2.94 7.60
C LYS A 10 -9.22 3.40 6.24
N HIS A 11 -8.26 4.35 6.25
CA HIS A 11 -7.65 4.93 5.04
C HIS A 11 -6.66 6.04 5.43
N HIS A 12 -5.73 5.72 6.33
CA HIS A 12 -4.72 6.70 6.81
C HIS A 12 -3.32 6.11 6.81
N PHE A 13 -2.31 6.99 6.83
CA PHE A 13 -0.90 6.57 6.81
C PHE A 13 -0.29 6.49 8.20
N LEU A 14 0.42 5.40 8.43
CA LEU A 14 1.14 5.17 9.68
C LEU A 14 2.62 5.31 9.42
N ILE A 15 3.33 5.94 10.36
CA ILE A 15 4.77 6.16 10.22
C ILE A 15 5.50 5.59 11.43
N ALA A 16 6.59 4.87 11.15
CA ALA A 16 7.40 4.26 12.22
C ALA A 16 8.36 5.27 12.84
N MET A 17 8.40 5.29 14.18
CA MET A 17 9.28 6.22 14.91
C MET A 17 10.22 5.45 15.86
N PRO A 18 11.39 6.05 16.27
CA PRO A 18 12.35 5.38 17.16
C PRO A 18 11.90 5.39 18.63
N HIS A 19 10.96 4.49 18.96
CA HIS A 19 10.42 4.37 20.32
C HIS A 19 10.31 2.90 20.75
N MET A 20 10.27 1.99 19.78
CA MET A 20 10.16 0.56 20.05
C MET A 20 11.49 -0.15 19.75
N ALA A 21 11.46 -1.48 19.62
CA ALA A 21 12.65 -2.27 19.35
C ALA A 21 12.73 -2.72 17.87
N ASP A 22 12.18 -1.89 16.98
CA ASP A 22 12.19 -2.18 15.54
C ASP A 22 13.11 -1.21 14.78
N PRO A 23 14.45 -1.49 14.74
CA PRO A 23 15.43 -0.63 14.04
C PRO A 23 15.40 -0.77 12.52
N ASN A 24 14.85 -1.90 12.04
CA ASN A 24 14.74 -2.20 10.62
C ASN A 24 13.48 -1.56 10.00
N PHE A 25 12.39 -1.59 10.76
CA PHE A 25 11.09 -1.04 10.32
C PHE A 25 10.92 0.42 10.77
N ALA A 26 11.91 0.94 11.51
CA ALA A 26 11.91 2.32 12.05
C ALA A 26 11.85 3.45 11.00
N GLN A 27 11.77 3.10 9.71
CA GLN A 27 11.72 4.12 8.65
C GLN A 27 10.77 3.73 7.52
N THR A 28 9.64 3.13 7.88
CA THR A 28 8.63 2.71 6.92
C THR A 28 7.27 3.35 7.21
N VAL A 29 6.43 3.39 6.16
CA VAL A 29 5.08 3.95 6.26
C VAL A 29 4.07 2.97 5.65
N THR A 30 2.99 2.74 6.40
CA THR A 30 1.94 1.82 5.98
C THR A 30 0.63 2.55 5.71
N TYR A 31 -0.19 1.94 4.85
CA TYR A 31 -1.50 2.49 4.50
C TYR A 31 -2.56 1.64 5.18
N LEU A 32 -3.36 2.28 6.04
CA LEU A 32 -4.40 1.58 6.80
C LEU A 32 -5.66 1.38 5.96
N VAL A 33 -5.86 0.12 5.55
CA VAL A 33 -7.00 -0.32 4.73
C VAL A 33 -8.31 -0.22 5.53
N GLU A 34 -8.35 -0.93 6.67
CA GLU A 34 -9.54 -0.93 7.54
C GLU A 34 -9.11 -1.00 9.00
N HIS A 35 -9.47 0.02 9.78
CA HIS A 35 -9.13 0.08 11.20
C HIS A 35 -10.32 -0.36 12.05
N ASN A 36 -10.05 -1.31 12.96
CA ASN A 36 -11.07 -1.83 13.86
C ASN A 36 -10.51 -2.04 15.26
N GLU A 37 -11.38 -1.95 16.28
CA GLU A 37 -10.98 -2.12 17.68
C GLU A 37 -10.43 -3.53 17.96
N GLN A 38 -10.84 -4.49 17.12
CA GLN A 38 -10.40 -5.89 17.23
C GLN A 38 -9.17 -6.16 16.36
N GLY A 39 -8.74 -5.16 15.58
CA GLY A 39 -7.58 -5.30 14.71
C GLY A 39 -7.62 -4.34 13.54
N ALA A 40 -6.53 -4.31 12.75
CA ALA A 40 -6.45 -3.41 11.59
C ALA A 40 -5.64 -4.02 10.43
N MET A 41 -6.10 -3.77 9.20
CA MET A 41 -5.42 -4.25 8.00
C MET A 41 -4.90 -3.08 7.20
N GLY A 42 -3.65 -3.20 6.76
CA GLY A 42 -3.04 -2.16 5.96
C GLY A 42 -1.90 -2.69 5.11
N LEU A 43 -1.56 -1.96 4.04
CA LEU A 43 -0.48 -2.38 3.16
C LEU A 43 0.69 -1.40 3.25
N VAL A 44 1.90 -1.92 3.48
CA VAL A 44 3.11 -1.07 3.55
C VAL A 44 3.41 -0.51 2.16
N ILE A 45 3.52 0.82 2.07
CA ILE A 45 3.74 1.47 0.77
C ILE A 45 4.97 2.37 0.77
N ASN A 46 6.12 1.77 1.10
CA ASN A 46 7.39 2.47 1.12
C ASN A 46 8.55 1.54 0.69
N ARG A 47 8.22 0.27 0.41
CA ARG A 47 9.23 -0.73 0.01
C ARG A 47 8.87 -1.52 -1.27
N PRO A 48 9.22 -1.03 -2.51
CA PRO A 48 8.99 -1.81 -3.75
C PRO A 48 9.68 -3.18 -3.74
N SER A 49 9.04 -4.17 -4.36
CA SER A 49 9.58 -5.53 -4.41
C SER A 49 10.33 -5.77 -5.73
N GLY A 50 11.19 -6.80 -5.71
CA GLY A 50 11.97 -7.15 -6.88
C GLY A 50 11.40 -8.35 -7.60
N LEU A 51 10.10 -8.27 -7.89
CA LEU A 51 9.38 -9.35 -8.56
C LEU A 51 8.53 -8.79 -9.69
N ASN A 52 8.25 -9.61 -10.70
CA ASN A 52 7.42 -9.19 -11.82
C ASN A 52 6.09 -9.96 -11.83
N LEU A 53 5.06 -9.38 -12.48
CA LEU A 53 3.72 -9.99 -12.57
C LEU A 53 3.75 -11.40 -13.19
N ALA A 54 4.76 -11.65 -14.04
CA ALA A 54 4.94 -12.96 -14.67
C ALA A 54 5.31 -14.04 -13.63
N GLU A 55 6.19 -13.68 -12.68
CA GLU A 55 6.63 -14.60 -11.63
C GLU A 55 5.47 -15.01 -10.72
N VAL A 56 4.65 -14.03 -10.30
CA VAL A 56 3.47 -14.31 -9.47
C VAL A 56 2.52 -15.21 -10.26
N LEU A 57 2.31 -14.86 -11.54
CA LEU A 57 1.48 -15.64 -12.47
C LEU A 57 1.99 -17.09 -12.56
N GLU A 58 3.33 -17.21 -12.47
CA GLU A 58 4.00 -18.50 -12.54
C GLU A 58 3.89 -19.25 -11.20
N GLN A 59 3.77 -18.47 -10.12
CA GLN A 59 3.65 -19.00 -8.77
C GLN A 59 2.23 -19.51 -8.54
N LEU A 60 1.31 -18.84 -9.24
CA LEU A 60 -0.12 -19.14 -9.20
C LEU A 60 -0.45 -20.37 -10.05
N LYS A 61 0.11 -20.40 -11.27
CA LYS A 61 -0.09 -21.50 -12.19
C LYS A 61 1.26 -21.99 -12.76
N PRO A 62 1.64 -23.25 -12.47
CA PRO A 62 2.90 -23.85 -12.94
C PRO A 62 2.84 -24.30 -14.40
N ASP A 63 1.64 -24.73 -14.83
CA ASP A 63 1.39 -25.18 -16.19
C ASP A 63 1.15 -24.00 -17.14
N ALA A 64 0.90 -22.82 -16.57
CA ALA A 64 0.66 -21.59 -17.35
C ALA A 64 1.97 -20.89 -17.68
N LEU A 65 1.98 -20.21 -18.84
CA LEU A 65 3.14 -19.46 -19.29
C LEU A 65 2.79 -17.97 -19.43
N PRO A 66 3.54 -17.06 -18.73
CA PRO A 66 3.28 -15.62 -18.79
C PRO A 66 3.77 -14.99 -20.11
N PRO A 67 3.18 -13.86 -20.59
CA PRO A 67 3.59 -13.22 -21.84
C PRO A 67 4.61 -12.10 -21.61
N ALA A 68 4.81 -11.27 -22.63
CA ALA A 68 5.74 -10.14 -22.58
C ALA A 68 5.21 -9.01 -21.69
N ARG A 69 3.88 -8.96 -21.53
CA ARG A 69 3.20 -7.91 -20.74
C ARG A 69 3.50 -7.98 -19.23
N CYS A 70 3.42 -9.20 -18.67
CA CYS A 70 3.63 -9.43 -17.24
C CYS A 70 5.10 -9.34 -16.82
N GLN A 71 6.01 -9.59 -17.77
CA GLN A 71 7.46 -9.55 -17.52
C GLN A 71 7.98 -8.13 -17.30
N HIS A 72 7.29 -7.15 -17.88
CA HIS A 72 7.70 -5.74 -17.75
C HIS A 72 6.88 -5.02 -16.65
N ILE A 73 6.29 -5.82 -15.75
CA ILE A 73 5.50 -5.30 -14.63
C ILE A 73 6.15 -5.72 -13.32
N ASP A 74 6.22 -4.78 -12.36
CA ASP A 74 6.86 -5.02 -11.07
C ASP A 74 5.85 -5.21 -9.93
N ILE A 75 6.36 -5.75 -8.81
CA ILE A 75 5.56 -6.01 -7.61
C ILE A 75 6.06 -5.14 -6.44
N TYR A 76 5.16 -4.82 -5.50
CA TYR A 76 5.49 -4.01 -4.33
C TYR A 76 5.31 -4.83 -3.05
N ASN A 77 6.02 -4.46 -1.96
CA ASN A 77 5.89 -5.19 -0.69
C ASN A 77 4.68 -4.67 0.10
N GLY A 78 3.76 -5.58 0.49
CA GLY A 78 2.59 -5.17 1.24
C GLY A 78 2.66 -5.51 2.72
N GLY A 79 3.47 -6.51 3.07
CA GLY A 79 3.64 -6.88 4.46
C GLY A 79 4.08 -8.33 4.64
N PRO A 80 4.04 -8.87 5.89
CA PRO A 80 4.44 -10.24 6.20
C PRO A 80 3.32 -11.28 6.07
N VAL A 81 2.07 -10.81 5.88
CA VAL A 81 0.90 -11.71 5.77
C VAL A 81 0.68 -12.14 4.32
N GLN A 82 0.50 -13.47 4.13
CA GLN A 82 0.27 -14.10 2.80
C GLN A 82 1.20 -13.59 1.70
N THR A 83 2.41 -14.15 1.65
CA THR A 83 3.43 -13.77 0.65
C THR A 83 3.21 -14.47 -0.69
N ASP A 84 2.36 -15.50 -0.68
CA ASP A 84 2.03 -16.28 -1.89
C ASP A 84 1.05 -15.55 -2.82
N ARG A 85 0.37 -14.53 -2.30
CA ARG A 85 -0.60 -13.76 -3.10
C ARG A 85 -0.40 -12.26 -2.94
N GLY A 86 -0.70 -11.53 -4.02
CA GLY A 86 -0.61 -10.09 -4.01
C GLY A 86 -1.95 -9.40 -4.07
N PHE A 87 -1.99 -8.24 -3.43
CA PHE A 87 -3.16 -7.38 -3.36
C PHE A 87 -3.24 -6.43 -4.56
N VAL A 88 -4.46 -6.07 -4.94
CA VAL A 88 -4.69 -5.17 -6.08
C VAL A 88 -5.59 -3.99 -5.67
N LEU A 89 -4.99 -2.81 -5.51
CA LEU A 89 -5.74 -1.61 -5.11
C LEU A 89 -5.91 -0.67 -6.32
N HIS A 90 -7.16 -0.26 -6.58
CA HIS A 90 -7.48 0.64 -7.70
C HIS A 90 -8.32 1.85 -7.22
N PRO A 91 -8.48 2.96 -8.05
CA PRO A 91 -9.26 4.14 -7.65
C PRO A 91 -10.72 4.14 -8.18
N SER A 92 -11.24 2.94 -8.45
CA SER A 92 -12.60 2.79 -8.99
C SER A 92 -13.53 2.11 -7.99
N GLY A 93 -14.84 2.31 -8.20
CA GLY A 93 -15.85 1.73 -7.32
C GLY A 93 -16.38 0.40 -7.85
N LEU A 94 -15.57 -0.26 -8.70
CA LEU A 94 -15.94 -1.55 -9.29
C LEU A 94 -15.48 -2.70 -8.40
N SER A 95 -16.22 -3.82 -8.43
CA SER A 95 -15.89 -4.99 -7.61
C SER A 95 -15.82 -6.27 -8.45
N TYR A 96 -15.08 -7.24 -7.90
CA TYR A 96 -14.86 -8.55 -8.53
C TYR A 96 -15.25 -9.68 -7.57
N GLN A 97 -14.60 -10.85 -7.70
CA GLN A 97 -14.87 -12.00 -6.81
C GLN A 97 -14.60 -11.65 -5.34
N SER A 98 -13.45 -11.02 -5.10
CA SER A 98 -13.05 -10.59 -3.76
C SER A 98 -12.56 -9.14 -3.80
N THR A 99 -13.53 -8.21 -3.80
CA THR A 99 -13.21 -6.78 -3.85
C THR A 99 -13.93 -6.00 -2.75
N LEU A 100 -13.12 -5.33 -1.93
CA LEU A 100 -13.62 -4.49 -0.84
C LEU A 100 -13.52 -3.02 -1.24
N GLU A 101 -14.66 -2.32 -1.19
CA GLU A 101 -14.70 -0.90 -1.51
C GLU A 101 -14.30 -0.06 -0.31
N LEU A 102 -13.34 0.82 -0.53
CA LEU A 102 -12.82 1.72 0.50
C LEU A 102 -13.01 3.19 0.12
N GLY A 103 -14.20 3.48 -0.42
CA GLY A 103 -14.56 4.85 -0.83
C GLY A 103 -13.67 5.40 -1.92
N GLU A 104 -12.72 6.24 -1.52
CA GLU A 104 -11.76 6.90 -2.44
C GLU A 104 -10.98 5.88 -3.31
N LEU A 105 -11.03 4.60 -2.92
CA LEU A 105 -10.33 3.53 -3.64
C LEU A 105 -10.94 2.17 -3.28
N ALA A 106 -10.69 1.18 -4.15
CA ALA A 106 -11.21 -0.18 -3.95
C ALA A 106 -10.04 -1.16 -3.84
N MET A 107 -10.29 -2.31 -3.21
CA MET A 107 -9.28 -3.33 -3.00
C MET A 107 -9.76 -4.66 -3.60
N SER A 108 -8.90 -5.35 -4.33
CA SER A 108 -9.25 -6.62 -4.97
C SER A 108 -8.12 -7.62 -4.79
N THR A 109 -8.48 -8.84 -4.39
CA THR A 109 -7.50 -9.89 -4.15
C THR A 109 -7.83 -11.18 -4.91
N SER A 110 -8.66 -11.05 -5.95
CA SER A 110 -9.09 -12.20 -6.76
C SER A 110 -8.15 -12.42 -7.95
N GLN A 111 -7.72 -13.68 -8.12
CA GLN A 111 -6.83 -14.07 -9.23
C GLN A 111 -7.47 -13.74 -10.59
N ASP A 112 -8.83 -13.70 -10.59
CA ASP A 112 -9.61 -13.36 -11.79
C ASP A 112 -9.34 -11.89 -12.18
N VAL A 113 -9.24 -11.01 -11.16
CA VAL A 113 -8.94 -9.60 -11.41
C VAL A 113 -7.48 -9.44 -11.84
N LEU A 114 -6.57 -10.24 -11.23
CA LEU A 114 -5.13 -10.21 -11.58
C LEU A 114 -4.95 -10.48 -13.08
N PHE A 115 -5.60 -11.56 -13.57
CA PHE A 115 -5.55 -11.94 -14.97
C PHE A 115 -6.26 -10.93 -15.86
N ALA A 116 -7.43 -10.43 -15.38
CA ALA A 116 -8.22 -9.44 -16.14
C ALA A 116 -7.44 -8.15 -16.39
N ILE A 117 -6.91 -7.55 -15.32
CA ILE A 117 -6.13 -6.30 -15.42
C ILE A 117 -4.85 -6.51 -16.21
N ALA A 118 -4.14 -7.61 -15.92
CA ALA A 118 -2.91 -7.93 -16.63
C ALA A 118 -3.20 -8.02 -18.14
N ALA A 119 -4.43 -8.45 -18.47
CA ALA A 119 -4.89 -8.52 -19.86
C ALA A 119 -5.43 -7.17 -20.30
N GLY A 120 -5.79 -6.35 -19.32
CA GLY A 120 -6.29 -5.02 -19.56
C GLY A 120 -7.79 -4.89 -19.47
N THR A 121 -8.43 -5.87 -18.85
CA THR A 121 -9.88 -5.88 -18.70
C THR A 121 -10.30 -5.61 -17.24
N GLY A 122 -9.35 -5.25 -16.38
CA GLY A 122 -9.64 -4.97 -14.99
C GLY A 122 -9.91 -3.49 -14.73
N PRO A 123 -9.39 -2.91 -13.60
CA PRO A 123 -9.60 -1.49 -13.25
C PRO A 123 -8.66 -0.53 -13.97
N GLU A 124 -9.01 0.77 -13.90
CA GLU A 124 -8.26 1.87 -14.52
C GLU A 124 -6.77 1.82 -14.15
N LYS A 125 -6.50 1.90 -12.86
CA LYS A 125 -5.13 1.87 -12.32
C LYS A 125 -5.12 1.03 -11.07
N SER A 126 -4.09 0.22 -10.87
CA SER A 126 -4.04 -0.64 -9.69
C SER A 126 -2.65 -0.72 -9.07
N LEU A 127 -2.60 -1.31 -7.87
CA LEU A 127 -1.36 -1.53 -7.13
C LEU A 127 -1.25 -3.00 -6.77
N ILE A 128 -0.23 -3.66 -7.33
CA ILE A 128 0.02 -5.07 -7.06
C ILE A 128 1.11 -5.18 -6.00
N SER A 129 0.69 -5.53 -4.79
CA SER A 129 1.58 -5.62 -3.65
C SER A 129 1.50 -7.00 -3.00
N LEU A 130 2.64 -7.70 -2.94
CA LEU A 130 2.72 -9.05 -2.38
C LEU A 130 2.45 -9.04 -0.86
N GLY A 131 1.33 -9.65 -0.47
CA GLY A 131 0.94 -9.74 0.94
C GLY A 131 0.46 -8.43 1.53
N TYR A 132 -0.09 -8.52 2.75
CA TYR A 132 -0.58 -7.35 3.49
C TYR A 132 0.00 -7.31 4.90
N ALA A 133 -0.36 -6.26 5.62
CA ALA A 133 0.05 -6.06 7.00
C ALA A 133 -1.17 -6.12 7.90
N GLY A 134 -1.07 -6.88 8.97
CA GLY A 134 -2.20 -7.03 9.87
C GLY A 134 -1.84 -6.81 11.33
N TRP A 135 -2.78 -6.21 12.06
CA TRP A 135 -2.61 -5.93 13.48
C TRP A 135 -3.72 -6.58 14.29
N GLU A 136 -3.31 -7.28 15.35
CA GLU A 136 -4.25 -7.97 16.25
C GLU A 136 -4.87 -6.97 17.23
N ALA A 137 -6.03 -7.34 17.80
CA ALA A 137 -6.74 -6.49 18.76
C ALA A 137 -5.82 -6.00 19.88
N GLY A 138 -5.75 -4.67 20.04
CA GLY A 138 -4.89 -4.09 21.07
C GLY A 138 -3.48 -3.75 20.58
N GLN A 139 -2.99 -4.49 19.58
CA GLN A 139 -1.64 -4.29 19.02
C GLN A 139 -1.41 -2.85 18.52
N LEU A 140 -2.35 -2.33 17.72
CA LEU A 140 -2.23 -0.96 17.19
C LEU A 140 -2.34 0.07 18.31
N GLU A 141 -3.37 -0.08 19.17
CA GLU A 141 -3.58 0.83 20.32
C GLU A 141 -2.33 0.85 21.23
N ALA A 142 -1.63 -0.29 21.27
CA ALA A 142 -0.40 -0.46 22.05
C ALA A 142 0.75 0.35 21.45
N GLU A 143 0.96 0.18 20.12
CA GLU A 143 2.03 0.89 19.40
C GLU A 143 1.67 2.39 19.22
N LEU A 144 0.37 2.67 19.21
CA LEU A 144 -0.16 4.03 19.06
C LEU A 144 0.00 4.81 20.38
N SER A 145 -0.22 4.12 21.51
CA SER A 145 -0.08 4.72 22.84
C SER A 145 1.40 4.83 23.23
N ASP A 146 2.19 3.87 22.73
CA ASP A 146 3.63 3.81 22.97
C ASP A 146 4.41 4.76 22.05
N ASN A 147 3.65 5.49 21.20
CA ASN A 147 4.21 6.45 20.21
C ASN A 147 5.17 5.75 19.22
N ALA A 148 4.91 4.46 18.96
CA ALA A 148 5.71 3.65 18.05
C ALA A 148 5.33 3.90 16.59
N TRP A 149 4.02 3.98 16.32
CA TRP A 149 3.53 4.22 14.96
C TRP A 149 2.58 5.43 14.97
N LEU A 150 2.96 6.50 14.27
CA LEU A 150 2.15 7.73 14.21
C LEU A 150 1.07 7.64 13.12
N THR A 151 -0.05 8.34 13.34
CA THR A 151 -1.15 8.36 12.39
C THR A 151 -1.28 9.74 11.75
N CYS A 152 -1.49 9.76 10.43
CA CYS A 152 -1.65 11.01 9.67
C CYS A 152 -2.52 10.78 8.44
N PRO A 153 -3.22 11.85 7.89
CA PRO A 153 -4.06 11.71 6.68
C PRO A 153 -3.23 11.24 5.48
N ALA A 154 -3.88 10.66 4.47
CA ALA A 154 -3.17 10.14 3.31
C ALA A 154 -3.75 10.59 1.98
N ASP A 155 -2.95 10.38 0.93
CA ASP A 155 -3.32 10.70 -0.44
C ASP A 155 -2.94 9.51 -1.33
N PRO A 156 -3.83 9.05 -2.25
CA PRO A 156 -3.57 7.88 -3.10
C PRO A 156 -2.54 8.14 -4.20
N ALA A 157 -2.44 9.40 -4.60
CA ALA A 157 -1.49 9.85 -5.64
C ALA A 157 -0.05 9.39 -5.33
N ILE A 158 0.33 9.48 -4.04
CA ILE A 158 1.66 9.07 -3.57
C ILE A 158 1.78 7.53 -3.58
N LEU A 159 0.65 6.90 -3.27
CA LEU A 159 0.53 5.45 -3.16
C LEU A 159 0.54 4.78 -4.55
N PHE A 160 -0.10 5.45 -5.52
CA PHE A 160 -0.20 4.95 -6.89
C PHE A 160 0.99 5.33 -7.78
N ASP A 161 1.59 6.52 -7.56
CA ASP A 161 2.73 6.96 -8.36
C ASP A 161 4.06 6.43 -7.80
N LEU A 162 4.51 6.98 -6.66
CA LEU A 162 5.77 6.56 -6.04
C LEU A 162 5.69 6.52 -4.53
N PRO A 163 5.47 5.31 -3.96
CA PRO A 163 5.47 5.13 -2.52
C PRO A 163 6.87 4.71 -1.93
N PRO A 164 7.99 4.54 -2.74
CA PRO A 164 9.30 4.11 -2.21
C PRO A 164 10.06 5.18 -1.41
N GLU A 165 10.20 6.34 -2.03
CA GLU A 165 10.90 7.48 -1.47
C GLU A 165 9.98 8.69 -1.41
N GLU A 166 9.04 8.73 -2.38
CA GLU A 166 8.04 9.80 -2.46
C GLU A 166 7.04 9.69 -1.29
N ARG A 167 7.10 8.56 -0.55
CA ARG A 167 6.24 8.34 0.62
C ARG A 167 6.80 9.14 1.81
N LEU A 168 8.14 9.18 1.89
CA LEU A 168 8.83 9.94 2.93
C LEU A 168 8.74 11.44 2.61
N SER A 169 9.08 11.79 1.35
CA SER A 169 9.01 13.19 0.88
C SER A 169 7.58 13.75 1.00
N ALA A 170 6.59 12.96 0.55
CA ALA A 170 5.17 13.35 0.63
C ALA A 170 4.69 13.44 2.07
N ALA A 171 5.11 12.45 2.92
CA ALA A 171 4.74 12.43 4.34
C ALA A 171 5.15 13.74 5.03
N ALA A 172 6.40 14.17 4.76
CA ALA A 172 6.90 15.44 5.28
C ALA A 172 6.10 16.60 4.71
N ALA A 173 5.73 16.47 3.42
CA ALA A 173 4.91 17.46 2.71
C ALA A 173 3.50 17.55 3.32
N ARG A 174 3.03 16.43 3.91
CA ARG A 174 1.71 16.36 4.56
C ARG A 174 1.75 17.03 5.93
N LEU A 175 2.87 16.80 6.65
CA LEU A 175 3.08 17.37 7.99
C LEU A 175 3.34 18.88 7.92
N GLY A 176 3.96 19.33 6.82
CA GLY A 176 4.26 20.74 6.64
C GLY A 176 5.73 21.07 6.82
N VAL A 177 6.57 20.36 6.08
CA VAL A 177 8.03 20.57 6.14
C VAL A 177 8.57 20.79 4.72
N ASN A 178 9.65 21.57 4.62
CA ASN A 178 10.28 21.86 3.33
C ASN A 178 11.32 20.79 2.98
N LEU A 179 10.81 19.66 2.48
CA LEU A 179 11.64 18.51 2.08
C LEU A 179 12.31 18.73 0.72
N SER A 180 11.68 19.56 -0.13
CA SER A 180 12.17 19.88 -1.48
C SER A 180 13.59 20.48 -1.48
N LEU A 181 13.85 21.41 -0.55
CA LEU A 181 15.17 22.07 -0.46
C LEU A 181 16.22 21.17 0.20
N LEU A 182 15.77 20.24 1.06
CA LEU A 182 16.66 19.31 1.77
C LEU A 182 17.13 18.17 0.85
N THR A 183 16.24 17.69 -0.02
CA THR A 183 16.56 16.60 -0.96
C THR A 183 17.01 17.16 -2.31
N ALA A 184 16.22 18.10 -2.86
CA ALA A 184 16.49 18.76 -4.16
C ALA A 184 16.58 17.76 -5.32
N GLN A 185 15.68 17.92 -6.30
CA GLN A 185 15.64 17.05 -7.47
C GLN A 185 16.33 17.70 -8.67
N ALA A 186 17.03 16.87 -9.46
CA ALA A 186 17.76 17.35 -10.63
C ALA A 186 17.31 16.60 -11.89
N GLY A 187 17.33 17.31 -13.02
CA GLY A 187 16.93 16.72 -14.29
C GLY A 187 17.72 17.26 -15.46
N HIS A 188 18.25 16.36 -16.28
CA HIS A 188 19.04 16.72 -17.46
C HIS A 188 18.20 16.68 -18.73
N ALA A 189 17.35 15.66 -18.85
CA ALA A 189 16.48 15.48 -20.01
C ALA A 189 15.06 15.98 -19.71
N MET A 1 -7.00 12.29 4.30
CA MET A 1 -8.40 12.68 3.99
C MET A 1 -9.40 11.71 4.61
N LYS A 2 -10.58 12.23 4.95
CA LYS A 2 -11.64 11.42 5.56
C LYS A 2 -12.65 10.97 4.51
N GLN A 3 -13.29 9.82 4.77
CA GLN A 3 -14.29 9.25 3.85
C GLN A 3 -15.64 9.03 4.54
N SER A 4 -15.62 8.50 5.76
CA SER A 4 -16.84 8.24 6.51
C SER A 4 -16.82 8.92 7.88
N SER A 5 -15.81 8.59 8.70
CA SER A 5 -15.67 9.16 10.05
C SER A 5 -14.21 9.51 10.37
N PRO A 6 -13.94 10.61 11.13
CA PRO A 6 -12.57 11.01 11.50
C PRO A 6 -12.06 10.31 12.76
N THR A 7 -12.85 9.36 13.22
CA THR A 7 -12.56 8.60 14.44
C THR A 7 -11.80 7.29 14.14
N TYR A 8 -12.20 6.64 13.03
CA TYR A 8 -11.58 5.38 12.61
C TYR A 8 -10.40 5.61 11.67
N LEU A 9 -9.47 4.65 11.67
CA LEU A 9 -8.26 4.70 10.84
C LEU A 9 -8.35 3.70 9.69
N LYS A 10 -9.44 3.74 8.94
CA LYS A 10 -9.63 2.80 7.84
C LYS A 10 -9.18 3.40 6.49
N HIS A 11 -8.21 4.35 6.55
CA HIS A 11 -7.66 5.04 5.36
C HIS A 11 -6.65 6.12 5.78
N HIS A 12 -5.68 5.74 6.61
CA HIS A 12 -4.64 6.68 7.08
C HIS A 12 -3.24 6.08 6.99
N PHE A 13 -2.21 6.94 6.97
CA PHE A 13 -0.82 6.48 6.87
C PHE A 13 -0.13 6.42 8.22
N LEU A 14 0.64 5.35 8.41
CA LEU A 14 1.41 5.12 9.63
C LEU A 14 2.89 5.26 9.34
N ILE A 15 3.60 5.97 10.21
CA ILE A 15 5.04 6.19 10.03
C ILE A 15 5.78 5.60 11.22
N ALA A 16 6.82 4.82 10.95
CA ALA A 16 7.62 4.17 12.00
C ALA A 16 8.50 5.18 12.74
N MET A 17 8.39 5.17 14.07
CA MET A 17 9.17 6.09 14.92
C MET A 17 10.21 5.33 15.75
N PRO A 18 11.34 5.97 16.18
CA PRO A 18 12.38 5.32 16.99
C PRO A 18 12.01 5.23 18.48
N HIS A 19 11.06 4.33 18.78
CA HIS A 19 10.59 4.12 20.15
C HIS A 19 10.57 2.63 20.52
N MET A 20 10.63 1.76 19.49
CA MET A 20 10.61 0.32 19.70
C MET A 20 11.96 -0.30 19.28
N ALA A 21 11.98 -1.64 19.12
CA ALA A 21 13.20 -2.35 18.74
C ALA A 21 13.18 -2.78 17.26
N ASP A 22 12.62 -1.91 16.41
CA ASP A 22 12.54 -2.18 14.97
C ASP A 22 13.47 -1.25 14.18
N PRO A 23 14.80 -1.59 14.06
CA PRO A 23 15.78 -0.78 13.32
C PRO A 23 15.65 -0.90 11.79
N ASN A 24 15.04 -2.01 11.34
CA ASN A 24 14.85 -2.28 9.91
C ASN A 24 13.58 -1.60 9.38
N PHE A 25 12.53 -1.61 10.21
CA PHE A 25 11.23 -1.04 9.87
C PHE A 25 11.13 0.44 10.30
N ALA A 26 12.16 0.93 11.01
CA ALA A 26 12.23 2.31 11.54
C ALA A 26 12.10 3.43 10.49
N GLN A 27 11.95 3.09 9.21
CA GLN A 27 11.84 4.10 8.15
C GLN A 27 10.83 3.69 7.07
N THR A 28 9.69 3.16 7.51
CA THR A 28 8.63 2.72 6.59
C THR A 28 7.29 3.35 6.95
N VAL A 29 6.41 3.44 5.94
CA VAL A 29 5.08 4.01 6.09
C VAL A 29 4.03 3.04 5.51
N THR A 30 2.96 2.82 6.29
CA THR A 30 1.90 1.90 5.90
C THR A 30 0.58 2.63 5.68
N TYR A 31 -0.28 2.04 4.85
CA TYR A 31 -1.60 2.58 4.57
C TYR A 31 -2.63 1.68 5.24
N LEU A 32 -3.37 2.24 6.21
CA LEU A 32 -4.38 1.49 6.94
C LEU A 32 -5.65 1.36 6.09
N VAL A 33 -5.87 0.12 5.62
CA VAL A 33 -7.03 -0.26 4.79
C VAL A 33 -8.32 -0.10 5.59
N GLU A 34 -8.42 -0.81 6.73
CA GLU A 34 -9.60 -0.73 7.60
C GLU A 34 -9.21 -0.99 9.06
N HIS A 35 -9.47 0.01 9.90
CA HIS A 35 -9.18 -0.07 11.33
C HIS A 35 -10.42 -0.49 12.11
N ASN A 36 -10.24 -1.52 12.95
CA ASN A 36 -11.32 -2.04 13.77
C ASN A 36 -10.83 -2.37 15.17
N GLU A 37 -11.73 -2.32 16.15
CA GLU A 37 -11.39 -2.62 17.56
C GLU A 37 -10.99 -4.09 17.74
N GLN A 38 -11.38 -4.92 16.75
CA GLN A 38 -11.06 -6.34 16.76
C GLN A 38 -9.80 -6.64 15.94
N GLY A 39 -9.26 -5.62 15.26
CA GLY A 39 -8.08 -5.76 14.43
C GLY A 39 -8.02 -4.71 13.33
N ALA A 40 -6.89 -4.66 12.60
CA ALA A 40 -6.71 -3.68 11.52
C ALA A 40 -5.89 -4.24 10.35
N MET A 41 -6.28 -3.84 9.13
CA MET A 41 -5.58 -4.27 7.91
C MET A 41 -5.04 -3.07 7.16
N GLY A 42 -3.80 -3.22 6.70
CA GLY A 42 -3.14 -2.16 5.94
C GLY A 42 -1.99 -2.68 5.09
N LEU A 43 -1.60 -1.92 4.05
CA LEU A 43 -0.51 -2.34 3.17
C LEU A 43 0.67 -1.37 3.25
N VAL A 44 1.89 -1.93 3.36
CA VAL A 44 3.12 -1.12 3.40
C VAL A 44 3.33 -0.47 2.03
N ILE A 45 3.42 0.85 1.99
CA ILE A 45 3.58 1.56 0.71
C ILE A 45 4.80 2.49 0.72
N ASN A 46 5.96 1.91 1.02
CA ASN A 46 7.23 2.64 1.04
C ASN A 46 8.40 1.72 0.64
N ARG A 47 8.11 0.43 0.40
CA ARG A 47 9.15 -0.54 0.04
C ARG A 47 8.83 -1.40 -1.21
N PRO A 48 9.17 -0.93 -2.46
CA PRO A 48 8.96 -1.75 -3.67
C PRO A 48 9.75 -3.06 -3.61
N SER A 49 9.16 -4.14 -4.15
CA SER A 49 9.80 -5.44 -4.16
C SER A 49 10.58 -5.68 -5.45
N GLY A 50 11.53 -6.61 -5.39
CA GLY A 50 12.36 -6.94 -6.54
C GLY A 50 11.86 -8.16 -7.27
N LEU A 51 10.55 -8.15 -7.57
CA LEU A 51 9.90 -9.26 -8.26
C LEU A 51 9.01 -8.74 -9.39
N ASN A 52 8.70 -9.60 -10.35
CA ASN A 52 7.83 -9.22 -11.47
C ASN A 52 6.51 -9.99 -11.38
N LEU A 53 5.45 -9.45 -12.02
CA LEU A 53 4.12 -10.06 -11.99
C LEU A 53 4.13 -11.51 -12.53
N ALA A 54 4.95 -11.74 -13.58
CA ALA A 54 5.08 -13.06 -14.21
C ALA A 54 5.40 -14.17 -13.21
N GLU A 55 6.24 -13.86 -12.20
CA GLU A 55 6.62 -14.83 -11.18
C GLU A 55 5.42 -15.28 -10.36
N VAL A 56 4.55 -14.31 -9.97
CA VAL A 56 3.33 -14.65 -9.22
C VAL A 56 2.47 -15.54 -10.11
N LEU A 57 2.30 -15.13 -11.38
CA LEU A 57 1.54 -15.90 -12.39
C LEU A 57 2.07 -17.35 -12.48
N GLU A 58 3.39 -17.46 -12.33
CA GLU A 58 4.08 -18.75 -12.40
C GLU A 58 3.92 -19.53 -11.10
N GLN A 59 3.77 -18.80 -10.00
CA GLN A 59 3.60 -19.38 -8.67
C GLN A 59 2.16 -19.88 -8.52
N LEU A 60 1.26 -19.18 -9.22
CA LEU A 60 -0.17 -19.45 -9.25
C LEU A 60 -0.47 -20.65 -10.15
N LYS A 61 0.14 -20.66 -11.34
CA LYS A 61 -0.03 -21.73 -12.30
C LYS A 61 1.34 -22.20 -12.83
N PRO A 62 1.70 -23.48 -12.56
CA PRO A 62 2.99 -24.07 -13.00
C PRO A 62 2.97 -24.46 -14.49
N ASP A 63 1.80 -24.87 -14.97
CA ASP A 63 1.59 -25.28 -16.35
C ASP A 63 1.39 -24.07 -17.27
N ALA A 64 1.13 -22.90 -16.67
CA ALA A 64 0.92 -21.66 -17.43
C ALA A 64 2.24 -20.94 -17.70
N LEU A 65 2.27 -20.24 -18.83
CA LEU A 65 3.44 -19.46 -19.23
C LEU A 65 3.10 -17.98 -19.29
N PRO A 66 3.85 -17.10 -18.54
CA PRO A 66 3.59 -15.65 -18.53
C PRO A 66 4.05 -14.96 -19.82
N PRO A 67 3.35 -13.90 -20.31
CA PRO A 67 3.73 -13.20 -21.55
C PRO A 67 4.65 -12.00 -21.27
N ALA A 68 4.90 -11.20 -22.30
CA ALA A 68 5.74 -10.01 -22.20
C ALA A 68 5.14 -8.96 -21.25
N ARG A 69 3.80 -9.01 -21.08
CA ARG A 69 3.07 -8.04 -20.24
C ARG A 69 3.40 -8.12 -18.74
N CYS A 70 3.28 -9.32 -18.14
CA CYS A 70 3.54 -9.50 -16.69
C CYS A 70 5.03 -9.39 -16.34
N GLN A 71 5.89 -9.68 -17.31
CA GLN A 71 7.35 -9.64 -17.13
C GLN A 71 7.87 -8.22 -16.90
N HIS A 72 7.26 -7.24 -17.58
CA HIS A 72 7.68 -5.83 -17.45
C HIS A 72 6.91 -5.11 -16.33
N ILE A 73 6.39 -5.91 -15.39
CA ILE A 73 5.64 -5.39 -14.24
C ILE A 73 6.35 -5.79 -12.95
N ASP A 74 6.40 -4.85 -12.00
CA ASP A 74 7.09 -5.07 -10.72
C ASP A 74 6.12 -5.26 -9.55
N ILE A 75 6.60 -5.98 -8.52
CA ILE A 75 5.82 -6.25 -7.31
C ILE A 75 6.23 -5.30 -6.18
N TYR A 76 5.28 -5.00 -5.28
CA TYR A 76 5.54 -4.11 -4.14
C TYR A 76 5.38 -4.89 -2.82
N ASN A 77 6.05 -4.43 -1.74
CA ASN A 77 5.94 -5.11 -0.44
C ASN A 77 4.72 -4.58 0.35
N GLY A 78 3.75 -5.46 0.66
CA GLY A 78 2.58 -5.00 1.40
C GLY A 78 2.61 -5.36 2.88
N GLY A 79 3.39 -6.39 3.25
CA GLY A 79 3.51 -6.76 4.64
C GLY A 79 4.01 -8.18 4.83
N PRO A 80 3.94 -8.72 6.07
CA PRO A 80 4.37 -10.08 6.39
C PRO A 80 3.31 -11.16 6.20
N VAL A 81 2.05 -10.75 5.96
CA VAL A 81 0.93 -11.69 5.78
C VAL A 81 0.82 -12.14 4.32
N GLN A 82 0.71 -13.47 4.11
CA GLN A 82 0.58 -14.11 2.78
C GLN A 82 1.56 -13.54 1.73
N THR A 83 2.77 -14.10 1.69
CA THR A 83 3.81 -13.66 0.74
C THR A 83 3.73 -14.42 -0.61
N ASP A 84 2.74 -15.31 -0.74
CA ASP A 84 2.55 -16.10 -1.96
C ASP A 84 1.57 -15.45 -2.95
N ARG A 85 0.93 -14.34 -2.54
CA ARG A 85 -0.04 -13.67 -3.41
C ARG A 85 0.16 -12.16 -3.48
N GLY A 86 -0.30 -11.58 -4.60
CA GLY A 86 -0.24 -10.15 -4.81
C GLY A 86 -1.60 -9.49 -4.72
N PHE A 87 -1.64 -8.39 -3.99
CA PHE A 87 -2.84 -7.58 -3.76
C PHE A 87 -3.04 -6.59 -4.90
N VAL A 88 -4.30 -6.32 -5.25
CA VAL A 88 -4.62 -5.39 -6.34
C VAL A 88 -5.54 -4.26 -5.84
N LEU A 89 -4.96 -3.07 -5.63
CA LEU A 89 -5.73 -1.90 -5.18
C LEU A 89 -5.92 -0.93 -6.35
N HIS A 90 -7.17 -0.51 -6.59
CA HIS A 90 -7.49 0.41 -7.69
C HIS A 90 -8.25 1.67 -7.21
N PRO A 91 -8.41 2.75 -8.06
CA PRO A 91 -9.12 3.98 -7.65
C PRO A 91 -10.60 4.02 -8.10
N SER A 92 -11.12 2.85 -8.51
CA SER A 92 -12.50 2.73 -8.99
C SER A 92 -13.42 2.14 -7.93
N GLY A 93 -14.74 2.36 -8.13
CA GLY A 93 -15.74 1.84 -7.20
C GLY A 93 -16.36 0.55 -7.70
N LEU A 94 -15.67 -0.13 -8.63
CA LEU A 94 -16.14 -1.40 -9.20
C LEU A 94 -15.72 -2.57 -8.30
N SER A 95 -16.47 -3.68 -8.35
CA SER A 95 -16.18 -4.84 -7.52
C SER A 95 -16.07 -6.13 -8.34
N TYR A 96 -15.36 -7.11 -7.75
CA TYR A 96 -15.15 -8.42 -8.36
C TYR A 96 -15.52 -9.53 -7.35
N GLN A 97 -14.87 -10.71 -7.47
CA GLN A 97 -15.13 -11.84 -6.56
C GLN A 97 -14.87 -11.47 -5.09
N SER A 98 -13.75 -10.80 -4.85
CA SER A 98 -13.35 -10.35 -3.51
C SER A 98 -12.77 -8.92 -3.60
N THR A 99 -13.66 -7.94 -3.71
CA THR A 99 -13.25 -6.54 -3.84
C THR A 99 -13.89 -5.62 -2.80
N LEU A 100 -13.02 -4.97 -2.01
CA LEU A 100 -13.40 -3.98 -1.00
C LEU A 100 -13.72 -2.65 -1.67
N GLU A 101 -14.42 -1.79 -0.93
CA GLU A 101 -14.77 -0.47 -1.41
C GLU A 101 -14.51 0.56 -0.33
N LEU A 102 -13.72 1.58 -0.69
CA LEU A 102 -13.36 2.66 0.22
C LEU A 102 -13.47 4.00 -0.50
N GLY A 103 -14.57 4.17 -1.24
CA GLY A 103 -14.84 5.40 -1.98
C GLY A 103 -13.78 5.69 -3.02
N GLU A 104 -12.85 6.60 -2.67
CA GLU A 104 -11.75 7.01 -3.56
C GLU A 104 -10.87 5.85 -4.05
N LEU A 105 -11.03 4.67 -3.41
CA LEU A 105 -10.26 3.48 -3.78
C LEU A 105 -10.93 2.18 -3.33
N ALA A 106 -10.71 1.14 -4.13
CA ALA A 106 -11.24 -0.20 -3.88
C ALA A 106 -10.08 -1.19 -3.76
N MET A 107 -10.32 -2.34 -3.10
CA MET A 107 -9.27 -3.36 -2.92
C MET A 107 -9.73 -4.66 -3.58
N SER A 108 -8.86 -5.29 -4.34
CA SER A 108 -9.20 -6.54 -5.01
C SER A 108 -8.15 -7.59 -4.72
N THR A 109 -8.62 -8.75 -4.25
CA THR A 109 -7.74 -9.85 -3.87
C THR A 109 -8.02 -11.10 -4.70
N SER A 110 -8.83 -10.95 -5.76
CA SER A 110 -9.20 -12.04 -6.64
C SER A 110 -8.15 -12.25 -7.73
N GLN A 111 -7.71 -13.51 -7.90
CA GLN A 111 -6.73 -13.87 -8.92
C GLN A 111 -7.27 -13.56 -10.33
N ASP A 112 -8.61 -13.64 -10.44
CA ASP A 112 -9.32 -13.34 -11.69
C ASP A 112 -9.15 -11.87 -12.08
N VAL A 113 -9.26 -10.96 -11.08
CA VAL A 113 -9.07 -9.52 -11.31
C VAL A 113 -7.60 -9.23 -11.65
N LEU A 114 -6.67 -9.91 -10.94
CA LEU A 114 -5.23 -9.75 -11.18
C LEU A 114 -4.88 -10.06 -12.65
N PHE A 115 -5.38 -11.21 -13.14
CA PHE A 115 -5.15 -11.63 -14.53
C PHE A 115 -5.92 -10.73 -15.50
N ALA A 116 -7.14 -10.32 -15.09
CA ALA A 116 -8.00 -9.47 -15.92
C ALA A 116 -7.33 -8.11 -16.18
N ILE A 117 -6.89 -7.45 -15.09
CA ILE A 117 -6.22 -6.15 -15.19
C ILE A 117 -4.90 -6.26 -15.93
N ALA A 118 -4.13 -7.31 -15.61
CA ALA A 118 -2.86 -7.57 -16.27
C ALA A 118 -3.08 -7.69 -17.78
N ALA A 119 -4.28 -8.20 -18.14
CA ALA A 119 -4.70 -8.32 -19.54
C ALA A 119 -5.31 -7.01 -20.02
N GLY A 120 -5.75 -6.20 -19.05
CA GLY A 120 -6.31 -4.90 -19.32
C GLY A 120 -7.82 -4.85 -19.26
N THR A 121 -8.43 -5.89 -18.71
CA THR A 121 -9.88 -5.98 -18.59
C THR A 121 -10.38 -5.70 -17.16
N GLY A 122 -9.47 -5.25 -16.28
CA GLY A 122 -9.83 -4.95 -14.91
C GLY A 122 -10.11 -3.47 -14.69
N PRO A 123 -9.63 -2.87 -13.56
CA PRO A 123 -9.85 -1.44 -13.25
C PRO A 123 -8.90 -0.49 -14.00
N GLU A 124 -9.16 0.82 -13.85
CA GLU A 124 -8.37 1.90 -14.51
C GLU A 124 -6.88 1.80 -14.16
N LYS A 125 -6.61 1.79 -12.86
CA LYS A 125 -5.25 1.75 -12.32
C LYS A 125 -5.23 0.80 -11.14
N SER A 126 -4.08 0.17 -10.87
CA SER A 126 -3.98 -0.77 -9.75
C SER A 126 -2.59 -0.79 -9.12
N LEU A 127 -2.53 -1.40 -7.92
CA LEU A 127 -1.29 -1.55 -7.18
C LEU A 127 -1.15 -3.03 -6.80
N ILE A 128 -0.09 -3.68 -7.29
CA ILE A 128 0.17 -5.07 -6.97
C ILE A 128 1.20 -5.17 -5.84
N SER A 129 0.69 -5.44 -4.65
CA SER A 129 1.52 -5.52 -3.46
C SER A 129 1.42 -6.90 -2.83
N LEU A 130 2.58 -7.58 -2.71
CA LEU A 130 2.67 -8.92 -2.14
C LEU A 130 2.31 -8.92 -0.66
N GLY A 131 1.20 -9.62 -0.35
CA GLY A 131 0.71 -9.73 1.01
C GLY A 131 0.27 -8.40 1.64
N TYR A 132 -0.30 -8.50 2.84
CA TYR A 132 -0.76 -7.34 3.58
C TYR A 132 -0.19 -7.32 5.01
N ALA A 133 -0.58 -6.28 5.74
CA ALA A 133 -0.18 -6.09 7.12
C ALA A 133 -1.40 -6.13 8.01
N GLY A 134 -1.33 -6.92 9.08
CA GLY A 134 -2.47 -7.06 9.97
C GLY A 134 -2.11 -6.87 11.43
N TRP A 135 -3.09 -6.41 12.20
CA TRP A 135 -2.91 -6.16 13.64
C TRP A 135 -4.07 -6.77 14.43
N GLU A 136 -3.73 -7.38 15.56
CA GLU A 136 -4.71 -8.01 16.45
C GLU A 136 -5.42 -6.96 17.31
N ALA A 137 -6.63 -7.31 17.81
CA ALA A 137 -7.45 -6.42 18.64
C ALA A 137 -6.69 -5.81 19.82
N GLY A 138 -6.11 -4.63 19.59
CA GLY A 138 -5.37 -3.92 20.63
C GLY A 138 -3.91 -3.72 20.30
N GLN A 139 -3.36 -4.56 19.40
CA GLN A 139 -1.95 -4.49 18.99
C GLN A 139 -1.57 -3.12 18.43
N LEU A 140 -2.43 -2.58 17.54
CA LEU A 140 -2.19 -1.26 16.94
C LEU A 140 -2.29 -0.17 18.01
N GLU A 141 -3.36 -0.22 18.82
CA GLU A 141 -3.56 0.73 19.93
C GLU A 141 -2.37 0.72 20.90
N ALA A 142 -1.73 -0.46 20.99
CA ALA A 142 -0.54 -0.66 21.84
C ALA A 142 0.68 0.06 21.26
N GLU A 143 0.93 -0.14 19.94
CA GLU A 143 2.06 0.49 19.25
C GLU A 143 1.79 1.99 19.03
N LEU A 144 0.50 2.34 18.97
CA LEU A 144 0.03 3.70 18.78
C LEU A 144 0.17 4.51 20.08
N SER A 145 -0.10 3.84 21.21
CA SER A 145 0.01 4.45 22.54
C SER A 145 1.49 4.50 22.98
N ASP A 146 2.25 3.51 22.49
CA ASP A 146 3.69 3.39 22.77
C ASP A 146 4.53 4.33 21.89
N ASN A 147 3.83 5.10 21.04
CA ASN A 147 4.45 6.05 20.09
C ASN A 147 5.38 5.33 19.09
N ALA A 148 5.06 4.06 18.79
CA ALA A 148 5.82 3.24 17.87
C ALA A 148 5.41 3.49 16.41
N TRP A 149 4.09 3.61 16.18
CA TRP A 149 3.57 3.86 14.84
C TRP A 149 2.69 5.11 14.85
N LEU A 150 3.15 6.17 14.19
CA LEU A 150 2.41 7.44 14.13
C LEU A 150 1.41 7.44 12.97
N THR A 151 0.16 7.78 13.28
CA THR A 151 -0.92 7.85 12.28
C THR A 151 -1.19 9.28 11.86
N CYS A 152 -1.46 9.47 10.56
CA CYS A 152 -1.73 10.82 10.02
C CYS A 152 -2.61 10.72 8.75
N PRO A 153 -3.38 11.80 8.38
CA PRO A 153 -4.21 11.79 7.15
C PRO A 153 -3.36 11.61 5.91
N ALA A 154 -3.92 10.96 4.88
CA ALA A 154 -3.16 10.67 3.67
C ALA A 154 -3.90 10.95 2.36
N ASP A 155 -3.17 10.73 1.25
CA ASP A 155 -3.67 10.90 -0.11
C ASP A 155 -3.24 9.68 -0.94
N PRO A 156 -4.11 9.17 -1.85
CA PRO A 156 -3.80 7.98 -2.68
C PRO A 156 -2.81 8.25 -3.82
N ALA A 157 -2.79 9.50 -4.28
CA ALA A 157 -1.90 9.94 -5.37
C ALA A 157 -0.43 9.51 -5.16
N ILE A 158 0.04 9.62 -3.90
CA ILE A 158 1.41 9.22 -3.52
C ILE A 158 1.54 7.69 -3.55
N LEU A 159 0.43 7.04 -3.23
CA LEU A 159 0.32 5.59 -3.14
C LEU A 159 0.25 4.95 -4.54
N PHE A 160 -0.46 5.63 -5.46
CA PHE A 160 -0.62 5.15 -6.83
C PHE A 160 0.57 5.52 -7.75
N ASP A 161 1.21 6.68 -7.52
CA ASP A 161 2.35 7.09 -8.35
C ASP A 161 3.67 6.52 -7.83
N LEU A 162 4.18 7.05 -6.70
CA LEU A 162 5.44 6.60 -6.13
C LEU A 162 5.39 6.54 -4.60
N PRO A 163 5.19 5.33 -4.03
CA PRO A 163 5.22 5.15 -2.60
C PRO A 163 6.64 4.77 -2.03
N PRO A 164 7.74 4.61 -2.86
CA PRO A 164 9.08 4.22 -2.35
C PRO A 164 9.83 5.33 -1.60
N GLU A 165 9.98 6.47 -2.29
CA GLU A 165 10.70 7.62 -1.76
C GLU A 165 9.76 8.83 -1.70
N GLU A 166 8.77 8.84 -2.63
CA GLU A 166 7.78 9.91 -2.69
C GLU A 166 6.82 9.81 -1.49
N ARG A 167 6.89 8.68 -0.74
CA ARG A 167 6.08 8.48 0.46
C ARG A 167 6.67 9.30 1.61
N LEU A 168 8.00 9.23 1.76
CA LEU A 168 8.72 9.98 2.78
C LEU A 168 8.66 11.47 2.45
N SER A 169 9.01 11.82 1.19
CA SER A 169 8.96 13.21 0.72
C SER A 169 7.56 13.83 0.87
N ALA A 170 6.54 13.12 0.36
CA ALA A 170 5.13 13.59 0.45
C ALA A 170 4.71 13.71 1.92
N ALA A 171 5.15 12.75 2.75
CA ALA A 171 4.85 12.75 4.19
C ALA A 171 5.32 14.05 4.84
N ALA A 172 6.55 14.47 4.48
CA ALA A 172 7.13 15.72 4.98
C ALA A 172 6.33 16.91 4.42
N ALA A 173 5.90 16.76 3.16
CA ALA A 173 5.09 17.77 2.47
C ALA A 173 3.73 17.98 3.17
N ARG A 174 3.20 16.90 3.78
CA ARG A 174 1.93 16.94 4.51
C ARG A 174 2.13 17.58 5.89
N LEU A 175 3.24 17.19 6.55
CA LEU A 175 3.59 17.69 7.89
C LEU A 175 3.82 19.21 7.88
N GLY A 176 4.40 19.71 6.78
CA GLY A 176 4.66 21.15 6.66
C GLY A 176 6.06 21.46 6.18
N VAL A 177 6.59 20.63 5.28
CA VAL A 177 7.92 20.80 4.72
C VAL A 177 7.84 20.77 3.20
N ASN A 178 8.40 21.80 2.53
CA ASN A 178 8.38 21.90 1.07
C ASN A 178 9.52 21.09 0.44
N LEU A 179 9.27 19.79 0.27
CA LEU A 179 10.22 18.84 -0.33
C LEU A 179 10.26 18.96 -1.85
N SER A 180 9.14 19.41 -2.45
CA SER A 180 9.02 19.57 -3.91
C SER A 180 10.07 20.51 -4.51
N LEU A 181 10.29 21.67 -3.86
CA LEU A 181 11.28 22.65 -4.33
C LEU A 181 12.73 22.24 -3.99
N LEU A 182 12.87 21.45 -2.91
CA LEU A 182 14.19 20.96 -2.47
C LEU A 182 14.68 19.80 -3.35
N THR A 183 13.74 19.02 -3.88
CA THR A 183 14.06 17.88 -4.75
C THR A 183 14.13 18.29 -6.22
N ALA A 184 13.11 19.03 -6.68
CA ALA A 184 13.04 19.49 -8.06
C ALA A 184 12.72 20.99 -8.12
N GLN A 185 13.64 21.75 -8.72
CA GLN A 185 13.48 23.20 -8.86
C GLN A 185 12.92 23.56 -10.23
N ALA A 186 11.99 24.52 -10.24
CA ALA A 186 11.35 24.99 -11.48
C ALA A 186 11.94 26.32 -11.93
N GLY A 187 11.92 26.55 -13.24
CA GLY A 187 12.44 27.79 -13.81
C GLY A 187 11.35 28.81 -14.09
N HIS A 188 11.00 28.95 -15.38
CA HIS A 188 9.97 29.89 -15.81
C HIS A 188 8.63 29.19 -16.02
N ALA A 189 8.68 27.99 -16.62
CA ALA A 189 7.48 27.20 -16.88
C ALA A 189 7.29 26.11 -15.84
N MET A 1 -24.21 18.53 8.72
CA MET A 1 -23.06 19.41 8.39
C MET A 1 -21.93 18.63 7.72
N LYS A 2 -21.66 17.41 8.24
CA LYS A 2 -20.60 16.56 7.71
C LYS A 2 -21.18 15.48 6.80
N GLN A 3 -20.60 15.35 5.61
CA GLN A 3 -21.05 14.35 4.62
C GLN A 3 -20.12 13.13 4.62
N SER A 4 -18.81 13.37 4.73
CA SER A 4 -17.81 12.29 4.73
C SER A 4 -17.39 11.96 6.16
N SER A 5 -16.95 10.72 6.37
CA SER A 5 -16.50 10.24 7.67
C SER A 5 -14.98 10.40 7.83
N PRO A 6 -14.48 11.45 8.56
CA PRO A 6 -13.04 11.68 8.78
C PRO A 6 -12.51 10.93 10.00
N THR A 7 -13.38 10.09 10.54
CA THR A 7 -13.10 9.30 11.74
C THR A 7 -12.55 7.90 11.38
N TYR A 8 -11.99 7.22 12.40
CA TYR A 8 -11.40 5.87 12.25
C TYR A 8 -10.20 5.83 11.30
N LEU A 9 -9.29 4.89 11.54
CA LEU A 9 -8.09 4.71 10.71
C LEU A 9 -8.34 3.67 9.62
N LYS A 10 -9.49 3.79 8.94
CA LYS A 10 -9.89 2.85 7.89
C LYS A 10 -9.42 3.37 6.51
N HIS A 11 -8.43 4.29 6.53
CA HIS A 11 -7.89 4.95 5.32
C HIS A 11 -6.86 6.02 5.76
N HIS A 12 -5.85 5.61 6.53
CA HIS A 12 -4.82 6.55 7.01
C HIS A 12 -3.41 5.95 6.93
N PHE A 13 -2.40 6.83 6.88
CA PHE A 13 -1.00 6.42 6.80
C PHE A 13 -0.33 6.41 8.16
N LEU A 14 0.42 5.32 8.41
CA LEU A 14 1.18 5.16 9.64
C LEU A 14 2.66 5.33 9.34
N ILE A 15 3.35 6.04 10.23
CA ILE A 15 4.79 6.28 10.06
C ILE A 15 5.56 5.63 11.20
N ALA A 16 6.62 4.91 10.86
CA ALA A 16 7.46 4.23 11.85
C ALA A 16 8.41 5.20 12.55
N MET A 17 8.39 5.19 13.89
CA MET A 17 9.24 6.07 14.69
C MET A 17 10.24 5.26 15.55
N PRO A 18 11.43 5.85 15.93
CA PRO A 18 12.42 5.15 16.76
C PRO A 18 12.06 5.14 18.25
N HIS A 19 11.08 4.31 18.60
CA HIS A 19 10.61 4.18 19.98
C HIS A 19 10.49 2.72 20.42
N MET A 20 10.47 1.81 19.43
CA MET A 20 10.36 0.37 19.69
C MET A 20 11.67 -0.34 19.32
N ALA A 21 11.62 -1.67 19.17
CA ALA A 21 12.79 -2.47 18.83
C ALA A 21 12.80 -2.86 17.34
N ASP A 22 12.29 -1.98 16.48
CA ASP A 22 12.24 -2.23 15.05
C ASP A 22 13.20 -1.29 14.28
N PRO A 23 14.53 -1.63 14.22
CA PRO A 23 15.54 -0.82 13.51
C PRO A 23 15.46 -0.93 11.98
N ASN A 24 14.87 -2.04 11.50
CA ASN A 24 14.72 -2.30 10.08
C ASN A 24 13.46 -1.64 9.50
N PHE A 25 12.38 -1.66 10.30
CA PHE A 25 11.09 -1.09 9.91
C PHE A 25 10.98 0.39 10.35
N ALA A 26 11.99 0.89 11.08
CA ALA A 26 12.04 2.27 11.60
C ALA A 26 11.93 3.40 10.55
N GLN A 27 11.79 3.05 9.27
CA GLN A 27 11.68 4.06 8.22
C GLN A 27 10.70 3.65 7.12
N THR A 28 9.55 3.12 7.54
CA THR A 28 8.50 2.69 6.61
C THR A 28 7.16 3.31 6.94
N VAL A 29 6.28 3.36 5.93
CA VAL A 29 4.94 3.91 6.06
C VAL A 29 3.91 2.92 5.50
N THR A 30 2.84 2.71 6.26
CA THR A 30 1.79 1.77 5.88
C THR A 30 0.46 2.49 5.62
N TYR A 31 -0.38 1.86 4.80
CA TYR A 31 -1.70 2.39 4.47
C TYR A 31 -2.74 1.52 5.17
N LEU A 32 -3.48 2.14 6.10
CA LEU A 32 -4.49 1.41 6.86
C LEU A 32 -5.77 1.24 6.06
N VAL A 33 -5.99 -0.01 5.65
CA VAL A 33 -7.14 -0.45 4.86
C VAL A 33 -8.43 -0.38 5.70
N GLU A 34 -8.47 -1.19 6.77
CA GLU A 34 -9.63 -1.23 7.67
C GLU A 34 -9.17 -1.25 9.13
N HIS A 35 -9.63 -0.28 9.91
CA HIS A 35 -9.27 -0.19 11.33
C HIS A 35 -10.43 -0.63 12.21
N ASN A 36 -10.13 -1.56 13.13
CA ASN A 36 -11.12 -2.07 14.06
C ASN A 36 -10.51 -2.24 15.45
N GLU A 37 -11.37 -2.17 16.48
CA GLU A 37 -10.93 -2.32 17.89
C GLU A 37 -10.36 -3.71 18.17
N GLN A 38 -10.73 -4.68 17.32
CA GLN A 38 -10.27 -6.06 17.46
C GLN A 38 -9.04 -6.32 16.57
N GLY A 39 -8.65 -5.32 15.77
CA GLY A 39 -7.50 -5.45 14.88
C GLY A 39 -7.58 -4.51 13.69
N ALA A 40 -6.52 -4.51 12.85
CA ALA A 40 -6.47 -3.63 11.67
C ALA A 40 -5.66 -4.25 10.52
N MET A 41 -6.05 -3.91 9.29
CA MET A 41 -5.36 -4.38 8.08
C MET A 41 -4.91 -3.21 7.25
N GLY A 42 -3.68 -3.30 6.77
CA GLY A 42 -3.10 -2.26 5.94
C GLY A 42 -1.97 -2.77 5.07
N LEU A 43 -1.64 -2.03 4.01
CA LEU A 43 -0.57 -2.44 3.10
C LEU A 43 0.61 -1.48 3.18
N VAL A 44 1.82 -2.04 3.32
CA VAL A 44 3.06 -1.25 3.37
C VAL A 44 3.28 -0.61 1.99
N ILE A 45 3.37 0.71 1.94
CA ILE A 45 3.53 1.41 0.66
C ILE A 45 4.73 2.36 0.66
N ASN A 46 5.90 1.78 0.96
CA ASN A 46 7.15 2.53 0.98
C ASN A 46 8.34 1.64 0.55
N ARG A 47 8.07 0.35 0.30
CA ARG A 47 9.12 -0.61 -0.08
C ARG A 47 8.79 -1.45 -1.35
N PRO A 48 9.12 -0.98 -2.60
CA PRO A 48 8.91 -1.80 -3.81
C PRO A 48 9.69 -3.11 -3.76
N SER A 49 9.10 -4.17 -4.31
CA SER A 49 9.72 -5.50 -4.34
C SER A 49 10.50 -5.73 -5.63
N GLY A 50 11.43 -6.69 -5.58
CA GLY A 50 12.25 -7.04 -6.73
C GLY A 50 11.72 -8.25 -7.44
N LEU A 51 10.42 -8.23 -7.75
CA LEU A 51 9.73 -9.33 -8.42
C LEU A 51 8.86 -8.79 -9.55
N ASN A 52 8.53 -9.65 -10.51
CA ASN A 52 7.69 -9.27 -11.64
C ASN A 52 6.34 -10.01 -11.56
N LEU A 53 5.32 -9.45 -12.22
CA LEU A 53 3.96 -10.05 -12.24
C LEU A 53 3.97 -11.48 -12.81
N ALA A 54 4.96 -11.76 -13.66
CA ALA A 54 5.12 -13.09 -14.28
C ALA A 54 5.45 -14.17 -13.24
N GLU A 55 6.34 -13.83 -12.27
CA GLU A 55 6.75 -14.78 -11.23
C GLU A 55 5.57 -15.17 -10.33
N VAL A 56 4.76 -14.18 -9.91
CA VAL A 56 3.57 -14.47 -9.09
C VAL A 56 2.62 -15.33 -9.90
N LEU A 57 2.43 -14.95 -11.19
CA LEU A 57 1.59 -15.71 -12.13
C LEU A 57 2.08 -17.17 -12.24
N GLU A 58 3.41 -17.32 -12.13
CA GLU A 58 4.05 -18.63 -12.20
C GLU A 58 3.91 -19.39 -10.88
N GLN A 59 3.79 -18.62 -9.79
CA GLN A 59 3.65 -19.17 -8.44
C GLN A 59 2.21 -19.64 -8.24
N LEU A 60 1.30 -18.93 -8.94
CA LEU A 60 -0.13 -19.18 -8.92
C LEU A 60 -0.50 -20.38 -9.79
N LYS A 61 0.08 -20.41 -11.00
CA LYS A 61 -0.15 -21.49 -11.95
C LYS A 61 1.19 -22.01 -12.50
N PRO A 62 1.53 -23.30 -12.22
CA PRO A 62 2.77 -23.94 -12.69
C PRO A 62 2.70 -24.35 -14.17
N ASP A 63 1.50 -24.74 -14.60
CA ASP A 63 1.24 -25.17 -15.97
C ASP A 63 1.05 -23.97 -16.91
N ALA A 64 0.84 -22.79 -16.32
CA ALA A 64 0.65 -21.56 -17.10
C ALA A 64 1.98 -20.88 -17.41
N LEU A 65 2.01 -20.19 -18.56
CA LEU A 65 3.21 -19.47 -18.99
C LEU A 65 2.91 -17.97 -19.09
N PRO A 66 3.70 -17.10 -18.38
CA PRO A 66 3.49 -15.65 -18.42
C PRO A 66 3.99 -15.01 -19.73
N PRO A 67 3.39 -13.89 -20.22
CA PRO A 67 3.81 -13.25 -21.47
C PRO A 67 4.81 -12.11 -21.23
N ALA A 68 5.04 -11.32 -22.28
CA ALA A 68 5.94 -10.16 -22.23
C ALA A 68 5.39 -9.04 -21.35
N ARG A 69 4.05 -9.01 -21.19
CA ARG A 69 3.35 -7.97 -20.42
C ARG A 69 3.65 -8.05 -18.91
N CYS A 70 3.53 -9.26 -18.35
CA CYS A 70 3.75 -9.50 -16.92
C CYS A 70 5.23 -9.43 -16.52
N GLN A 71 6.10 -9.70 -17.49
CA GLN A 71 7.55 -9.68 -17.31
C GLN A 71 8.07 -8.25 -17.13
N HIS A 72 7.32 -7.32 -17.70
CA HIS A 72 7.65 -5.91 -17.66
C HIS A 72 6.88 -5.18 -16.53
N ILE A 73 6.38 -5.96 -15.58
CA ILE A 73 5.62 -5.44 -14.43
C ILE A 73 6.33 -5.84 -13.13
N ASP A 74 6.37 -4.91 -12.17
CA ASP A 74 7.03 -5.11 -10.89
C ASP A 74 6.05 -5.30 -9.73
N ILE A 75 6.51 -6.00 -8.69
CA ILE A 75 5.73 -6.28 -7.48
C ILE A 75 6.16 -5.33 -6.35
N TYR A 76 5.24 -5.05 -5.41
CA TYR A 76 5.52 -4.17 -4.27
C TYR A 76 5.36 -4.96 -2.96
N ASN A 77 6.04 -4.51 -1.88
CA ASN A 77 5.96 -5.20 -0.58
C ASN A 77 4.75 -4.67 0.22
N GLY A 78 3.82 -5.57 0.59
CA GLY A 78 2.64 -5.15 1.35
C GLY A 78 2.70 -5.50 2.83
N GLY A 79 3.49 -6.53 3.17
CA GLY A 79 3.64 -6.92 4.55
C GLY A 79 4.08 -8.37 4.73
N PRO A 80 4.02 -8.91 5.98
CA PRO A 80 4.41 -10.29 6.30
C PRO A 80 3.28 -11.32 6.14
N VAL A 81 2.04 -10.85 6.02
CA VAL A 81 0.86 -11.73 5.89
C VAL A 81 0.66 -12.20 4.44
N GLN A 82 0.51 -13.53 4.27
CA GLN A 82 0.31 -14.20 2.96
C GLN A 82 1.24 -13.67 1.86
N THR A 83 2.44 -14.26 1.78
CA THR A 83 3.46 -13.88 0.79
C THR A 83 3.22 -14.56 -0.56
N ASP A 84 2.36 -15.59 -0.55
CA ASP A 84 2.02 -16.37 -1.76
C ASP A 84 1.04 -15.63 -2.69
N ARG A 85 0.36 -14.60 -2.16
CA ARG A 85 -0.60 -13.83 -2.95
C ARG A 85 -0.41 -12.33 -2.80
N GLY A 86 -0.71 -11.60 -3.87
CA GLY A 86 -0.61 -10.16 -3.86
C GLY A 86 -1.96 -9.46 -3.90
N PHE A 87 -1.92 -8.22 -3.47
CA PHE A 87 -3.09 -7.33 -3.42
C PHE A 87 -3.15 -6.45 -4.66
N VAL A 88 -4.37 -6.05 -5.03
CA VAL A 88 -4.59 -5.20 -6.21
C VAL A 88 -5.47 -3.99 -5.80
N LEU A 89 -4.82 -2.84 -5.64
CA LEU A 89 -5.50 -1.60 -5.23
C LEU A 89 -5.72 -0.68 -6.43
N HIS A 90 -6.96 -0.24 -6.64
CA HIS A 90 -7.28 0.67 -7.76
C HIS A 90 -8.09 1.90 -7.28
N PRO A 91 -8.21 3.02 -8.08
CA PRO A 91 -8.95 4.23 -7.68
C PRO A 91 -10.40 4.28 -8.21
N SER A 92 -10.92 3.11 -8.61
CA SER A 92 -12.28 3.01 -9.17
C SER A 92 -13.26 2.39 -8.17
N GLY A 93 -14.55 2.65 -8.38
CA GLY A 93 -15.59 2.12 -7.53
C GLY A 93 -16.18 0.81 -8.04
N LEU A 94 -15.39 0.10 -8.88
CA LEU A 94 -15.81 -1.18 -9.46
C LEU A 94 -15.38 -2.34 -8.56
N SER A 95 -16.15 -3.42 -8.57
CA SER A 95 -15.86 -4.60 -7.75
C SER A 95 -15.79 -5.88 -8.58
N TYR A 96 -15.06 -6.86 -8.05
CA TYR A 96 -14.86 -8.16 -8.69
C TYR A 96 -15.23 -9.29 -7.71
N GLN A 97 -14.58 -10.47 -7.84
CA GLN A 97 -14.85 -11.62 -6.96
C GLN A 97 -14.60 -11.26 -5.49
N SER A 98 -13.45 -10.63 -5.24
CA SER A 98 -13.07 -10.21 -3.89
C SER A 98 -12.56 -8.76 -3.93
N THR A 99 -13.52 -7.82 -3.93
CA THR A 99 -13.20 -6.40 -3.98
C THR A 99 -13.90 -5.61 -2.86
N LEU A 100 -13.08 -4.98 -2.02
CA LEU A 100 -13.56 -4.15 -0.92
C LEU A 100 -13.43 -2.68 -1.28
N GLU A 101 -14.56 -1.97 -1.24
CA GLU A 101 -14.57 -0.54 -1.53
C GLU A 101 -14.14 0.28 -0.32
N LEU A 102 -13.13 1.11 -0.54
CA LEU A 102 -12.57 1.97 0.51
C LEU A 102 -12.68 3.45 0.11
N GLY A 103 -13.91 3.85 -0.20
CA GLY A 103 -14.23 5.21 -0.57
C GLY A 103 -13.68 5.60 -1.93
N GLU A 104 -12.75 6.55 -1.91
CA GLU A 104 -12.11 7.08 -3.13
C GLU A 104 -11.25 6.03 -3.86
N LEU A 105 -11.13 4.84 -3.27
CA LEU A 105 -10.35 3.74 -3.85
C LEU A 105 -10.96 2.38 -3.50
N ALA A 106 -10.64 1.39 -4.32
CA ALA A 106 -11.14 0.02 -4.14
C ALA A 106 -9.96 -0.94 -3.97
N MET A 107 -10.25 -2.09 -3.37
CA MET A 107 -9.25 -3.13 -3.11
C MET A 107 -9.72 -4.44 -3.73
N SER A 108 -8.85 -5.12 -4.47
CA SER A 108 -9.19 -6.39 -5.11
C SER A 108 -8.08 -7.40 -4.87
N THR A 109 -8.46 -8.59 -4.43
CA THR A 109 -7.50 -9.66 -4.14
C THR A 109 -7.82 -10.93 -4.92
N SER A 110 -8.62 -10.77 -5.98
CA SER A 110 -9.03 -11.89 -6.83
C SER A 110 -8.06 -12.11 -8.00
N GLN A 111 -7.69 -13.38 -8.21
CA GLN A 111 -6.79 -13.75 -9.31
C GLN A 111 -7.44 -13.42 -10.67
N ASP A 112 -8.78 -13.39 -10.68
CA ASP A 112 -9.55 -13.05 -11.87
C ASP A 112 -9.31 -11.59 -12.27
N VAL A 113 -9.27 -10.69 -11.26
CA VAL A 113 -9.00 -9.27 -11.51
C VAL A 113 -7.52 -9.07 -11.90
N LEU A 114 -6.62 -9.85 -11.27
CA LEU A 114 -5.18 -9.79 -11.56
C LEU A 114 -4.92 -10.11 -13.05
N PHE A 115 -5.56 -11.20 -13.52
CA PHE A 115 -5.46 -11.63 -14.92
C PHE A 115 -6.15 -10.64 -15.86
N ALA A 116 -7.33 -10.14 -15.42
CA ALA A 116 -8.11 -9.17 -16.21
C ALA A 116 -7.32 -7.89 -16.45
N ILE A 117 -6.80 -7.29 -15.37
CA ILE A 117 -6.01 -6.04 -15.47
C ILE A 117 -4.73 -6.24 -16.25
N ALA A 118 -4.03 -7.35 -15.94
CA ALA A 118 -2.79 -7.68 -16.63
C ALA A 118 -3.05 -7.77 -18.14
N ALA A 119 -4.27 -8.20 -18.49
CA ALA A 119 -4.73 -8.28 -19.89
C ALA A 119 -5.27 -6.92 -20.34
N GLY A 120 -5.62 -6.11 -19.35
CA GLY A 120 -6.11 -4.77 -19.60
C GLY A 120 -7.62 -4.63 -19.53
N THR A 121 -8.27 -5.63 -18.94
CA THR A 121 -9.73 -5.64 -18.81
C THR A 121 -10.17 -5.38 -17.35
N GLY A 122 -9.21 -5.02 -16.48
CA GLY A 122 -9.53 -4.75 -15.09
C GLY A 122 -9.79 -3.27 -14.82
N PRO A 123 -9.28 -2.71 -13.69
CA PRO A 123 -9.49 -1.29 -13.33
C PRO A 123 -8.52 -0.33 -14.04
N GLU A 124 -8.84 0.98 -13.93
CA GLU A 124 -8.06 2.07 -14.53
C GLU A 124 -6.56 1.97 -14.18
N LYS A 125 -6.27 1.98 -12.88
CA LYS A 125 -4.90 1.89 -12.36
C LYS A 125 -4.91 1.02 -11.12
N SER A 126 -3.89 0.17 -10.95
CA SER A 126 -3.85 -0.71 -9.78
C SER A 126 -2.46 -0.79 -9.17
N LEU A 127 -2.42 -1.38 -7.96
CA LEU A 127 -1.17 -1.59 -7.21
C LEU A 127 -1.08 -3.06 -6.80
N ILE A 128 -0.05 -3.74 -7.31
CA ILE A 128 0.17 -5.15 -6.99
C ILE A 128 1.22 -5.26 -5.89
N SER A 129 0.74 -5.52 -4.68
CA SER A 129 1.60 -5.61 -3.51
C SER A 129 1.49 -6.99 -2.85
N LEU A 130 2.63 -7.70 -2.78
CA LEU A 130 2.70 -9.05 -2.21
C LEU A 130 2.44 -9.03 -0.70
N GLY A 131 1.33 -9.69 -0.31
CA GLY A 131 0.92 -9.79 1.09
C GLY A 131 0.42 -8.49 1.69
N TYR A 132 -0.15 -8.61 2.90
CA TYR A 132 -0.67 -7.46 3.64
C TYR A 132 -0.11 -7.42 5.06
N ALA A 133 -0.41 -6.31 5.74
CA ALA A 133 0.01 -6.10 7.11
C ALA A 133 -1.21 -6.19 8.01
N GLY A 134 -1.10 -6.97 9.08
CA GLY A 134 -2.22 -7.15 9.98
C GLY A 134 -1.85 -6.92 11.43
N TRP A 135 -2.80 -6.31 12.16
CA TRP A 135 -2.61 -6.02 13.58
C TRP A 135 -3.69 -6.71 14.40
N GLU A 136 -3.26 -7.36 15.48
CA GLU A 136 -4.16 -8.06 16.40
C GLU A 136 -4.79 -7.07 17.38
N ALA A 137 -5.93 -7.45 17.98
CA ALA A 137 -6.64 -6.60 18.96
C ALA A 137 -5.69 -6.07 20.04
N GLY A 138 -5.66 -4.74 20.19
CA GLY A 138 -4.79 -4.13 21.19
C GLY A 138 -3.38 -3.80 20.68
N GLN A 139 -2.90 -4.54 19.66
CA GLN A 139 -1.55 -4.34 19.09
C GLN A 139 -1.34 -2.92 18.56
N LEU A 140 -2.29 -2.42 17.75
CA LEU A 140 -2.19 -1.07 17.17
C LEU A 140 -2.29 0.00 18.27
N GLU A 141 -3.30 -0.13 19.15
CA GLU A 141 -3.49 0.80 20.29
C GLU A 141 -2.23 0.81 21.19
N ALA A 142 -1.55 -0.35 21.23
CA ALA A 142 -0.32 -0.52 22.02
C ALA A 142 0.84 0.28 21.42
N GLU A 143 1.04 0.10 20.09
CA GLU A 143 2.10 0.80 19.37
C GLU A 143 1.78 2.29 19.21
N LEU A 144 0.48 2.62 19.23
CA LEU A 144 -0.02 3.99 19.12
C LEU A 144 0.19 4.75 20.44
N SER A 145 -0.02 4.03 21.56
CA SER A 145 0.16 4.61 22.90
C SER A 145 1.64 4.67 23.26
N ASP A 146 2.40 3.72 22.70
CA ASP A 146 3.85 3.62 22.90
C ASP A 146 4.62 4.59 21.98
N ASN A 147 3.86 5.34 21.16
CA ASN A 147 4.43 6.32 20.19
C ASN A 147 5.36 5.63 19.16
N ALA A 148 5.05 4.35 18.87
CA ALA A 148 5.83 3.54 17.93
C ALA A 148 5.41 3.80 16.48
N TRP A 149 4.09 3.91 16.25
CA TRP A 149 3.56 4.15 14.90
C TRP A 149 2.63 5.37 14.94
N LEU A 150 3.00 6.44 14.23
CA LEU A 150 2.20 7.67 14.19
C LEU A 150 1.13 7.60 13.10
N THR A 151 -0.04 8.20 13.37
CA THR A 151 -1.15 8.21 12.44
C THR A 151 -1.30 9.59 11.79
N CYS A 152 -1.54 9.61 10.46
CA CYS A 152 -1.71 10.84 9.71
C CYS A 152 -2.61 10.61 8.49
N PRO A 153 -3.39 11.65 8.02
CA PRO A 153 -4.27 11.52 6.82
C PRO A 153 -3.46 11.10 5.60
N ALA A 154 -4.11 10.53 4.59
CA ALA A 154 -3.41 10.05 3.40
C ALA A 154 -4.02 10.52 2.08
N ASP A 155 -3.25 10.32 1.01
CA ASP A 155 -3.64 10.64 -0.35
C ASP A 155 -3.27 9.44 -1.24
N PRO A 156 -4.19 9.00 -2.15
CA PRO A 156 -3.93 7.82 -3.01
C PRO A 156 -2.93 8.07 -4.13
N ALA A 157 -2.83 9.34 -4.56
CA ALA A 157 -1.90 9.75 -5.62
C ALA A 157 -0.46 9.30 -5.34
N ILE A 158 -0.05 9.41 -4.07
CA ILE A 158 1.29 9.00 -3.62
C ILE A 158 1.41 7.46 -3.63
N LEU A 159 0.28 6.84 -3.32
CA LEU A 159 0.15 5.39 -3.20
C LEU A 159 0.15 4.71 -4.59
N PHE A 160 -0.52 5.35 -5.56
CA PHE A 160 -0.60 4.81 -6.93
C PHE A 160 0.57 5.23 -7.83
N ASP A 161 1.14 6.43 -7.61
CA ASP A 161 2.26 6.89 -8.44
C ASP A 161 3.60 6.38 -7.92
N LEU A 162 4.07 6.92 -6.77
CA LEU A 162 5.34 6.50 -6.18
C LEU A 162 5.29 6.46 -4.66
N PRO A 163 5.09 5.24 -4.09
CA PRO A 163 5.12 5.06 -2.66
C PRO A 163 6.53 4.68 -2.09
N PRO A 164 7.65 4.55 -2.91
CA PRO A 164 8.97 4.15 -2.40
C PRO A 164 9.72 5.26 -1.63
N GLU A 165 9.85 6.41 -2.28
CA GLU A 165 10.55 7.56 -1.74
C GLU A 165 9.61 8.75 -1.67
N GLU A 166 8.63 8.77 -2.60
CA GLU A 166 7.62 9.82 -2.66
C GLU A 166 6.65 9.69 -1.47
N ARG A 167 6.73 8.57 -0.74
CA ARG A 167 5.90 8.34 0.46
C ARG A 167 6.49 9.13 1.63
N LEU A 168 7.83 9.14 1.72
CA LEU A 168 8.54 9.89 2.76
C LEU A 168 8.44 11.38 2.46
N SER A 169 8.77 11.76 1.20
CA SER A 169 8.69 13.16 0.74
C SER A 169 7.26 13.72 0.89
N ALA A 170 6.27 12.95 0.42
CA ALA A 170 4.86 13.36 0.51
C ALA A 170 4.40 13.44 1.97
N ALA A 171 4.82 12.46 2.79
CA ALA A 171 4.47 12.42 4.22
C ALA A 171 4.90 13.73 4.91
N ALA A 172 6.15 14.16 4.62
CA ALA A 172 6.67 15.42 5.15
C ALA A 172 5.85 16.59 4.61
N ALA A 173 5.45 16.46 3.33
CA ALA A 173 4.61 17.45 2.65
C ALA A 173 3.20 17.52 3.27
N ARG A 174 2.74 16.40 3.87
CA ARG A 174 1.43 16.31 4.52
C ARG A 174 1.49 16.97 5.90
N LEU A 175 2.61 16.75 6.61
CA LEU A 175 2.83 17.32 7.94
C LEU A 175 3.12 18.81 7.88
N GLY A 176 3.73 19.25 6.77
CA GLY A 176 4.04 20.67 6.60
C GLY A 176 5.50 20.98 6.86
N VAL A 177 6.39 20.30 6.12
CA VAL A 177 7.84 20.50 6.25
C VAL A 177 8.44 20.81 4.87
N ASN A 178 9.55 21.56 4.87
CA ASN A 178 10.22 21.93 3.62
C ASN A 178 11.21 20.86 3.18
N LEU A 179 10.67 19.79 2.59
CA LEU A 179 11.45 18.64 2.10
C LEU A 179 12.14 18.96 0.77
N SER A 180 11.55 19.89 0.00
CA SER A 180 12.06 20.29 -1.32
C SER A 180 13.49 20.87 -1.25
N LEU A 181 13.76 21.71 -0.24
CA LEU A 181 15.10 22.32 -0.09
C LEU A 181 16.12 21.33 0.51
N LEU A 182 15.62 20.36 1.29
CA LEU A 182 16.47 19.34 1.93
C LEU A 182 16.94 18.28 0.92
N THR A 183 16.05 17.91 -0.01
CA THR A 183 16.37 16.91 -1.03
C THR A 183 16.90 17.56 -2.31
N ALA A 184 16.18 18.61 -2.77
CA ALA A 184 16.52 19.38 -3.99
C ALA A 184 16.59 18.51 -5.25
N GLN A 185 15.73 18.81 -6.22
CA GLN A 185 15.67 18.08 -7.48
C GLN A 185 16.14 18.95 -8.65
N ALA A 186 16.75 18.31 -9.64
CA ALA A 186 17.25 19.00 -10.83
C ALA A 186 16.29 18.87 -12.00
N GLY A 187 16.01 20.00 -12.65
CA GLY A 187 15.10 20.02 -13.78
C GLY A 187 14.42 21.37 -13.97
N HIS A 188 15.16 22.33 -14.52
CA HIS A 188 14.63 23.68 -14.74
C HIS A 188 14.87 24.11 -16.20
N ALA A 189 13.85 24.75 -16.78
CA ALA A 189 13.92 25.22 -18.17
C ALA A 189 14.23 26.72 -18.21
N MET A 1 -6.37 16.74 8.20
CA MET A 1 -7.40 17.18 7.21
C MET A 1 -8.57 16.20 7.17
N LYS A 2 -9.76 16.73 6.86
CA LYS A 2 -10.97 15.93 6.78
C LYS A 2 -11.31 15.59 5.32
N GLN A 3 -11.56 14.31 5.05
CA GLN A 3 -11.90 13.85 3.70
C GLN A 3 -13.18 13.00 3.71
N SER A 4 -13.20 11.95 4.55
CA SER A 4 -14.36 11.06 4.66
C SER A 4 -14.58 10.62 6.11
N SER A 5 -13.54 10.07 6.73
CA SER A 5 -13.62 9.62 8.13
C SER A 5 -12.35 10.01 8.91
N PRO A 6 -12.36 11.17 9.65
CA PRO A 6 -11.21 11.63 10.44
C PRO A 6 -11.22 11.06 11.86
N THR A 7 -12.17 10.15 12.08
CA THR A 7 -12.38 9.51 13.36
C THR A 7 -11.66 8.16 13.47
N TYR A 8 -11.82 7.34 12.43
CA TYR A 8 -11.20 6.01 12.38
C TYR A 8 -10.05 5.97 11.38
N LEU A 9 -9.13 5.03 11.59
CA LEU A 9 -7.95 4.85 10.73
C LEU A 9 -8.24 3.84 9.62
N LYS A 10 -9.39 4.00 8.96
CA LYS A 10 -9.81 3.08 7.91
C LYS A 10 -9.28 3.52 6.52
N HIS A 11 -8.26 4.39 6.51
CA HIS A 11 -7.63 4.94 5.29
C HIS A 11 -6.63 6.05 5.66
N HIS A 12 -5.63 5.70 6.49
CA HIS A 12 -4.61 6.67 6.92
C HIS A 12 -3.20 6.05 6.89
N PHE A 13 -2.17 6.93 6.90
CA PHE A 13 -0.77 6.46 6.85
C PHE A 13 -0.13 6.39 8.22
N LEU A 14 0.60 5.30 8.44
CA LEU A 14 1.35 5.08 9.67
C LEU A 14 2.83 5.23 9.39
N ILE A 15 3.55 5.85 10.31
CA ILE A 15 4.99 6.05 10.14
C ILE A 15 5.76 5.39 11.28
N ALA A 16 6.84 4.70 10.92
CA ALA A 16 7.69 3.99 11.89
C ALA A 16 8.63 4.94 12.64
N MET A 17 8.57 4.89 13.98
CA MET A 17 9.41 5.73 14.83
C MET A 17 10.47 4.90 15.57
N PRO A 18 11.62 5.52 16.02
CA PRO A 18 12.68 4.80 16.74
C PRO A 18 12.38 4.61 18.25
N HIS A 19 11.09 4.51 18.59
CA HIS A 19 10.66 4.35 19.98
C HIS A 19 10.63 2.87 20.41
N MET A 20 10.63 1.95 19.43
CA MET A 20 10.62 0.52 19.72
C MET A 20 11.94 -0.13 19.29
N ALA A 21 11.95 -1.47 19.25
CA ALA A 21 13.16 -2.23 18.87
C ALA A 21 13.05 -2.78 17.44
N ASP A 22 12.50 -1.96 16.54
CA ASP A 22 12.35 -2.35 15.13
C ASP A 22 13.27 -1.51 14.22
N PRO A 23 14.60 -1.87 14.12
CA PRO A 23 15.57 -1.14 13.28
C PRO A 23 15.41 -1.44 11.78
N ASN A 24 14.83 -2.60 11.47
CA ASN A 24 14.61 -3.04 10.09
C ASN A 24 13.32 -2.45 9.50
N PHE A 25 12.30 -2.30 10.36
CA PHE A 25 11.00 -1.76 9.95
C PHE A 25 10.93 -0.24 10.12
N ALA A 26 12.05 0.37 10.52
CA ALA A 26 12.12 1.83 10.70
C ALA A 26 11.99 2.58 9.38
N GLN A 27 11.71 3.89 9.48
CA GLN A 27 11.54 4.81 8.31
C GLN A 27 10.60 4.26 7.22
N THR A 28 9.57 3.49 7.62
CA THR A 28 8.61 2.95 6.66
C THR A 28 7.21 3.48 6.95
N VAL A 29 6.36 3.51 5.91
CA VAL A 29 5.00 4.01 6.05
C VAL A 29 4.00 3.00 5.46
N THR A 30 2.93 2.75 6.23
CA THR A 30 1.88 1.82 5.85
C THR A 30 0.56 2.55 5.62
N TYR A 31 -0.29 1.96 4.78
CA TYR A 31 -1.60 2.50 4.48
C TYR A 31 -2.64 1.63 5.17
N LEU A 32 -3.41 2.24 6.08
CA LEU A 32 -4.41 1.51 6.83
C LEU A 32 -5.70 1.38 6.04
N VAL A 33 -5.95 0.12 5.63
CA VAL A 33 -7.11 -0.28 4.84
C VAL A 33 -8.39 -0.22 5.69
N GLU A 34 -8.46 -1.08 6.72
CA GLU A 34 -9.61 -1.14 7.61
C GLU A 34 -9.17 -1.18 9.07
N HIS A 35 -9.55 -0.16 9.84
CA HIS A 35 -9.18 -0.08 11.25
C HIS A 35 -10.37 -0.46 12.12
N ASN A 36 -10.14 -1.43 13.02
CA ASN A 36 -11.19 -1.89 13.93
C ASN A 36 -10.61 -2.12 15.32
N GLU A 37 -11.47 -1.98 16.35
CA GLU A 37 -11.07 -2.16 17.75
C GLU A 37 -10.68 -3.62 18.05
N GLN A 38 -11.02 -4.52 17.12
CA GLN A 38 -10.71 -5.95 17.25
C GLN A 38 -9.59 -6.37 16.29
N GLY A 39 -9.03 -5.39 15.55
CA GLY A 39 -7.96 -5.66 14.60
C GLY A 39 -7.90 -4.63 13.48
N ALA A 40 -6.80 -4.62 12.73
CA ALA A 40 -6.62 -3.66 11.62
C ALA A 40 -5.79 -4.23 10.48
N MET A 41 -6.14 -3.83 9.23
CA MET A 41 -5.43 -4.26 8.03
C MET A 41 -4.97 -3.08 7.21
N GLY A 42 -3.73 -3.20 6.73
CA GLY A 42 -3.14 -2.16 5.91
C GLY A 42 -2.00 -2.68 5.06
N LEU A 43 -1.67 -1.96 3.97
CA LEU A 43 -0.58 -2.39 3.09
C LEU A 43 0.60 -1.42 3.15
N VAL A 44 1.81 -1.97 3.31
CA VAL A 44 3.05 -1.17 3.34
C VAL A 44 3.27 -0.53 1.98
N ILE A 45 3.39 0.81 1.95
CA ILE A 45 3.56 1.52 0.68
C ILE A 45 4.78 2.44 0.69
N ASN A 46 5.94 1.85 1.01
CA ASN A 46 7.21 2.58 1.02
C ASN A 46 8.39 1.67 0.61
N ARG A 47 8.09 0.38 0.37
CA ARG A 47 9.12 -0.60 0.00
C ARG A 47 8.77 -1.45 -1.26
N PRO A 48 9.08 -0.97 -2.51
CA PRO A 48 8.84 -1.77 -3.73
C PRO A 48 9.61 -3.10 -3.73
N SER A 49 9.01 -4.12 -4.34
CA SER A 49 9.62 -5.45 -4.44
C SER A 49 10.43 -5.59 -5.73
N GLY A 50 11.35 -6.55 -5.76
CA GLY A 50 12.20 -6.77 -6.93
C GLY A 50 11.65 -7.82 -7.89
N LEU A 51 10.52 -8.44 -7.53
CA LEU A 51 9.89 -9.47 -8.35
C LEU A 51 8.89 -8.86 -9.34
N ASN A 52 8.69 -9.56 -10.46
CA ASN A 52 7.77 -9.11 -11.52
C ASN A 52 6.45 -9.88 -11.46
N LEU A 53 5.41 -9.36 -12.16
CA LEU A 53 4.08 -10.00 -12.18
C LEU A 53 4.13 -11.44 -12.74
N ALA A 54 5.11 -11.67 -13.62
CA ALA A 54 5.31 -12.99 -14.24
C ALA A 54 5.65 -14.08 -13.21
N GLU A 55 6.51 -13.74 -12.23
CA GLU A 55 6.93 -14.69 -11.18
C GLU A 55 5.74 -15.13 -10.31
N VAL A 56 4.92 -14.16 -9.86
CA VAL A 56 3.74 -14.48 -9.05
C VAL A 56 2.79 -15.33 -9.89
N LEU A 57 2.60 -14.93 -11.15
CA LEU A 57 1.76 -15.67 -12.12
C LEU A 57 2.27 -17.10 -12.27
N GLU A 58 3.60 -17.25 -12.18
CA GLU A 58 4.26 -18.55 -12.28
C GLU A 58 4.14 -19.34 -10.98
N GLN A 59 4.01 -18.60 -9.87
CA GLN A 59 3.87 -19.19 -8.54
C GLN A 59 2.44 -19.69 -8.34
N LEU A 60 1.53 -18.99 -9.02
CA LEU A 60 0.10 -19.27 -9.00
C LEU A 60 -0.23 -20.45 -9.92
N LYS A 61 0.33 -20.44 -11.12
CA LYS A 61 0.13 -21.49 -12.09
C LYS A 61 1.48 -21.98 -12.67
N PRO A 62 1.84 -23.26 -12.40
CA PRO A 62 3.10 -23.87 -12.88
C PRO A 62 3.05 -24.26 -14.36
N ASP A 63 1.84 -24.66 -14.80
CA ASP A 63 1.60 -25.07 -16.18
C ASP A 63 1.40 -23.86 -17.10
N ALA A 64 1.16 -22.69 -16.49
CA ALA A 64 0.95 -21.45 -17.25
C ALA A 64 2.27 -20.74 -17.54
N LEU A 65 2.30 -20.01 -18.65
CA LEU A 65 3.48 -19.26 -19.06
C LEU A 65 3.14 -17.77 -19.16
N PRO A 66 3.88 -16.88 -18.41
CA PRO A 66 3.62 -15.44 -18.43
C PRO A 66 4.11 -14.77 -19.74
N PRO A 67 3.46 -13.67 -20.22
CA PRO A 67 3.85 -13.01 -21.47
C PRO A 67 4.79 -11.84 -21.24
N ALA A 68 5.06 -11.07 -22.30
CA ALA A 68 5.92 -9.90 -22.26
C ALA A 68 5.33 -8.78 -21.38
N ARG A 69 3.99 -8.80 -21.23
CA ARG A 69 3.26 -7.78 -20.45
C ARG A 69 3.55 -7.85 -18.95
N CYS A 70 3.46 -9.06 -18.37
CA CYS A 70 3.66 -9.30 -16.95
C CYS A 70 5.13 -9.23 -16.55
N GLN A 71 6.00 -9.52 -17.52
CA GLN A 71 7.46 -9.51 -17.33
C GLN A 71 7.99 -8.09 -17.10
N HIS A 72 7.26 -7.13 -17.66
CA HIS A 72 7.60 -5.73 -17.58
C HIS A 72 6.82 -5.03 -16.45
N ILE A 73 6.30 -5.84 -15.52
CA ILE A 73 5.54 -5.32 -14.37
C ILE A 73 6.23 -5.71 -13.06
N ASP A 74 6.23 -4.78 -12.11
CA ASP A 74 6.89 -4.97 -10.81
C ASP A 74 5.89 -5.17 -9.67
N ILE A 75 6.36 -5.87 -8.63
CA ILE A 75 5.56 -6.16 -7.43
C ILE A 75 6.00 -5.20 -6.29
N TYR A 76 5.11 -4.98 -5.31
CA TYR A 76 5.42 -4.10 -4.17
C TYR A 76 5.27 -4.89 -2.85
N ASN A 77 5.97 -4.47 -1.79
CA ASN A 77 5.87 -5.14 -0.48
C ASN A 77 4.68 -4.62 0.32
N GLY A 78 3.73 -5.51 0.68
CA GLY A 78 2.56 -5.07 1.43
C GLY A 78 2.60 -5.43 2.91
N GLY A 79 3.38 -6.46 3.27
CA GLY A 79 3.50 -6.84 4.66
C GLY A 79 3.94 -8.29 4.86
N PRO A 80 3.85 -8.82 6.11
CA PRO A 80 4.25 -10.19 6.43
C PRO A 80 3.13 -11.24 6.25
N VAL A 81 1.88 -10.77 6.10
CA VAL A 81 0.72 -11.67 5.96
C VAL A 81 0.56 -12.13 4.51
N GLN A 82 0.47 -13.46 4.32
CA GLN A 82 0.31 -14.12 2.99
C GLN A 82 1.27 -13.57 1.93
N THR A 83 2.49 -14.11 1.90
CA THR A 83 3.52 -13.69 0.94
C THR A 83 3.41 -14.46 -0.40
N ASP A 84 2.42 -15.35 -0.51
CA ASP A 84 2.21 -16.16 -1.71
C ASP A 84 1.22 -15.50 -2.69
N ARG A 85 0.54 -14.44 -2.23
CA ARG A 85 -0.44 -13.72 -3.05
C ARG A 85 -0.25 -12.21 -2.98
N GLY A 86 -0.62 -11.54 -4.08
CA GLY A 86 -0.55 -10.11 -4.17
C GLY A 86 -1.90 -9.43 -4.18
N PHE A 87 -1.94 -8.28 -3.54
CA PHE A 87 -3.13 -7.43 -3.44
C PHE A 87 -3.25 -6.52 -4.65
N VAL A 88 -4.49 -6.24 -5.06
CA VAL A 88 -4.74 -5.38 -6.21
C VAL A 88 -5.65 -4.20 -5.79
N LEU A 89 -5.05 -3.02 -5.64
CA LEU A 89 -5.80 -1.81 -5.24
C LEU A 89 -5.93 -0.86 -6.43
N HIS A 90 -7.16 -0.43 -6.72
CA HIS A 90 -7.44 0.49 -7.84
C HIS A 90 -8.24 1.73 -7.37
N PRO A 91 -8.39 2.82 -8.22
CA PRO A 91 -9.12 4.04 -7.83
C PRO A 91 -10.58 4.07 -8.33
N SER A 92 -11.10 2.89 -8.70
CA SER A 92 -12.46 2.76 -9.23
C SER A 92 -13.42 2.15 -8.20
N GLY A 93 -14.72 2.39 -8.41
CA GLY A 93 -15.74 1.85 -7.51
C GLY A 93 -16.36 0.55 -8.03
N LEU A 94 -15.64 -0.13 -8.95
CA LEU A 94 -16.10 -1.39 -9.52
C LEU A 94 -15.71 -2.57 -8.63
N SER A 95 -16.47 -3.66 -8.73
CA SER A 95 -16.21 -4.85 -7.92
C SER A 95 -16.05 -6.12 -8.75
N TYR A 96 -15.36 -7.09 -8.16
CA TYR A 96 -15.09 -8.39 -8.78
C TYR A 96 -15.48 -9.52 -7.82
N GLN A 97 -14.78 -10.67 -7.90
CA GLN A 97 -15.04 -11.81 -7.01
C GLN A 97 -14.83 -11.43 -5.54
N SER A 98 -13.72 -10.74 -5.26
CA SER A 98 -13.39 -10.30 -3.91
C SER A 98 -12.86 -8.85 -3.94
N THR A 99 -13.80 -7.89 -3.92
CA THR A 99 -13.44 -6.47 -3.94
C THR A 99 -14.15 -5.69 -2.84
N LEU A 100 -13.35 -4.92 -2.08
CA LEU A 100 -13.84 -4.08 -1.00
C LEU A 100 -13.66 -2.61 -1.37
N GLU A 101 -14.76 -1.87 -1.34
CA GLU A 101 -14.73 -0.43 -1.64
C GLU A 101 -14.25 0.33 -0.39
N LEU A 102 -13.20 1.12 -0.57
CA LEU A 102 -12.61 1.87 0.54
C LEU A 102 -12.30 3.31 0.16
N GLY A 103 -13.37 4.10 0.14
CA GLY A 103 -13.33 5.54 -0.15
C GLY A 103 -12.42 5.95 -1.30
N GLU A 104 -13.04 6.29 -2.44
CA GLU A 104 -12.34 6.69 -3.70
C GLU A 104 -11.42 5.58 -4.27
N LEU A 105 -11.09 4.56 -3.45
CA LEU A 105 -10.25 3.46 -3.91
C LEU A 105 -10.86 2.13 -3.51
N ALA A 106 -10.68 1.13 -4.37
CA ALA A 106 -11.22 -0.21 -4.15
C ALA A 106 -10.07 -1.20 -3.97
N MET A 107 -10.36 -2.31 -3.29
CA MET A 107 -9.37 -3.34 -3.02
C MET A 107 -9.85 -4.66 -3.60
N SER A 108 -9.01 -5.32 -4.38
CA SER A 108 -9.36 -6.59 -5.00
C SER A 108 -8.29 -7.61 -4.72
N THR A 109 -8.72 -8.78 -4.24
CA THR A 109 -7.81 -9.87 -3.89
C THR A 109 -8.09 -11.12 -4.72
N SER A 110 -8.83 -10.94 -5.82
CA SER A 110 -9.20 -12.04 -6.71
C SER A 110 -8.19 -12.24 -7.85
N GLN A 111 -7.78 -13.50 -8.02
CA GLN A 111 -6.83 -13.86 -9.09
C GLN A 111 -7.44 -13.54 -10.47
N ASP A 112 -8.78 -13.58 -10.53
CA ASP A 112 -9.54 -13.26 -11.74
C ASP A 112 -9.33 -11.79 -12.15
N VAL A 113 -9.36 -10.88 -11.15
CA VAL A 113 -9.12 -9.46 -11.42
C VAL A 113 -7.65 -9.24 -11.79
N LEU A 114 -6.74 -10.00 -11.14
CA LEU A 114 -5.29 -9.91 -11.42
C LEU A 114 -5.02 -10.22 -12.91
N PHE A 115 -5.59 -11.33 -13.39
CA PHE A 115 -5.44 -11.76 -14.79
C PHE A 115 -6.18 -10.80 -15.73
N ALA A 116 -7.35 -10.33 -15.29
CA ALA A 116 -8.18 -9.41 -16.07
C ALA A 116 -7.43 -8.10 -16.35
N ILE A 117 -6.93 -7.47 -15.28
CA ILE A 117 -6.20 -6.20 -15.40
C ILE A 117 -4.89 -6.38 -16.16
N ALA A 118 -4.16 -7.45 -15.84
CA ALA A 118 -2.91 -7.76 -16.53
C ALA A 118 -3.17 -7.87 -18.03
N ALA A 119 -4.38 -8.35 -18.37
CA ALA A 119 -4.83 -8.46 -19.77
C ALA A 119 -5.41 -7.14 -20.24
N GLY A 120 -5.79 -6.30 -19.27
CA GLY A 120 -6.33 -4.99 -19.54
C GLY A 120 -7.83 -4.90 -19.47
N THR A 121 -8.46 -5.91 -18.88
CA THR A 121 -9.91 -5.96 -18.75
C THR A 121 -10.36 -5.65 -17.31
N GLY A 122 -9.42 -5.25 -16.44
CA GLY A 122 -9.75 -4.93 -15.07
C GLY A 122 -9.97 -3.44 -14.86
N PRO A 123 -9.46 -2.84 -13.74
CA PRO A 123 -9.63 -1.41 -13.45
C PRO A 123 -8.64 -0.51 -14.18
N GLU A 124 -8.86 0.82 -14.06
CA GLU A 124 -8.03 1.85 -14.71
C GLU A 124 -6.55 1.73 -14.32
N LYS A 125 -6.32 1.75 -13.01
CA LYS A 125 -4.97 1.69 -12.43
C LYS A 125 -5.02 0.84 -11.18
N SER A 126 -4.00 0.00 -10.96
CA SER A 126 -3.98 -0.87 -9.79
C SER A 126 -2.61 -0.93 -9.13
N LEU A 127 -2.58 -1.49 -7.91
CA LEU A 127 -1.37 -1.66 -7.14
C LEU A 127 -1.26 -3.13 -6.74
N ILE A 128 -0.21 -3.79 -7.23
CA ILE A 128 0.05 -5.19 -6.91
C ILE A 128 1.10 -5.28 -5.81
N SER A 129 0.62 -5.54 -4.60
CA SER A 129 1.47 -5.60 -3.42
C SER A 129 1.39 -6.97 -2.76
N LEU A 130 2.54 -7.65 -2.66
CA LEU A 130 2.64 -9.00 -2.08
C LEU A 130 2.35 -8.97 -0.57
N GLY A 131 1.22 -9.60 -0.20
CA GLY A 131 0.80 -9.69 1.19
C GLY A 131 0.28 -8.39 1.78
N TYR A 132 -0.28 -8.50 2.98
CA TYR A 132 -0.81 -7.34 3.72
C TYR A 132 -0.23 -7.30 5.13
N ALA A 133 -0.59 -6.23 5.84
CA ALA A 133 -0.17 -6.02 7.22
C ALA A 133 -1.39 -6.06 8.12
N GLY A 134 -1.29 -6.83 9.20
CA GLY A 134 -2.41 -6.96 10.11
C GLY A 134 -2.04 -6.72 11.56
N TRP A 135 -3.01 -6.22 12.33
CA TRP A 135 -2.82 -5.93 13.74
C TRP A 135 -3.91 -6.60 14.57
N GLU A 136 -3.51 -7.21 15.69
CA GLU A 136 -4.43 -7.90 16.59
C GLU A 136 -5.13 -6.89 17.51
N ALA A 137 -6.30 -7.30 18.05
CA ALA A 137 -7.11 -6.45 18.94
C ALA A 137 -6.31 -5.87 20.12
N GLY A 138 -5.75 -4.68 19.91
CA GLY A 138 -4.98 -4.01 20.95
C GLY A 138 -3.55 -3.71 20.53
N GLN A 139 -3.02 -4.51 19.59
CA GLN A 139 -1.64 -4.35 19.09
C GLN A 139 -1.39 -2.95 18.52
N LEU A 140 -2.33 -2.45 17.70
CA LEU A 140 -2.20 -1.12 17.09
C LEU A 140 -2.31 -0.02 18.15
N GLU A 141 -3.33 -0.12 19.01
CA GLU A 141 -3.53 0.84 20.12
C GLU A 141 -2.30 0.84 21.06
N ALA A 142 -1.64 -0.32 21.13
CA ALA A 142 -0.44 -0.51 21.95
C ALA A 142 0.75 0.25 21.35
N GLU A 143 0.99 0.06 20.04
CA GLU A 143 2.08 0.72 19.32
C GLU A 143 1.79 2.22 19.15
N LEU A 144 0.48 2.57 19.14
CA LEU A 144 0.01 3.94 19.01
C LEU A 144 0.19 4.70 20.33
N SER A 145 -0.06 4.00 21.45
CA SER A 145 0.09 4.57 22.80
C SER A 145 1.57 4.64 23.18
N ASP A 146 2.34 3.69 22.63
CA ASP A 146 3.78 3.58 22.86
C ASP A 146 4.57 4.53 21.94
N ASN A 147 3.84 5.29 21.12
CA ASN A 147 4.41 6.25 20.14
C ASN A 147 5.35 5.54 19.13
N ALA A 148 5.05 4.26 18.86
CA ALA A 148 5.84 3.44 17.94
C ALA A 148 5.45 3.70 16.48
N TRP A 149 4.13 3.81 16.22
CA TRP A 149 3.62 4.04 14.88
C TRP A 149 2.73 5.29 14.88
N LEU A 150 3.17 6.35 14.19
CA LEU A 150 2.41 7.61 14.13
C LEU A 150 1.36 7.57 13.02
N THR A 151 0.17 8.11 13.32
CA THR A 151 -0.94 8.15 12.36
C THR A 151 -1.11 9.55 11.78
N CYS A 152 -1.36 9.62 10.47
CA CYS A 152 -1.55 10.90 9.77
C CYS A 152 -2.47 10.73 8.55
N PRO A 153 -3.19 11.81 8.08
CA PRO A 153 -4.06 11.72 6.90
C PRO A 153 -3.26 11.28 5.66
N ALA A 154 -3.93 10.65 4.69
CA ALA A 154 -3.23 10.16 3.50
C ALA A 154 -3.88 10.60 2.19
N ASP A 155 -3.11 10.40 1.11
CA ASP A 155 -3.54 10.71 -0.24
C ASP A 155 -3.17 9.52 -1.14
N PRO A 156 -4.08 9.08 -2.05
CA PRO A 156 -3.83 7.91 -2.92
C PRO A 156 -2.85 8.19 -4.05
N ALA A 157 -2.76 9.47 -4.45
CA ALA A 157 -1.85 9.91 -5.52
C ALA A 157 -0.40 9.46 -5.27
N ILE A 158 0.02 9.55 -3.99
CA ILE A 158 1.38 9.14 -3.56
C ILE A 158 1.50 7.61 -3.59
N LEU A 159 0.39 6.97 -3.25
CA LEU A 159 0.28 5.52 -3.15
C LEU A 159 0.25 4.86 -4.55
N PHE A 160 -0.40 5.54 -5.49
CA PHE A 160 -0.54 5.07 -6.87
C PHE A 160 0.66 5.42 -7.76
N ASP A 161 1.24 6.63 -7.57
CA ASP A 161 2.39 7.05 -8.41
C ASP A 161 3.71 6.49 -7.86
N LEU A 162 4.19 7.03 -6.73
CA LEU A 162 5.46 6.59 -6.13
C LEU A 162 5.40 6.54 -4.62
N PRO A 163 5.18 5.33 -4.04
CA PRO A 163 5.22 5.16 -2.60
C PRO A 163 6.62 4.75 -2.02
N PRO A 164 7.73 4.59 -2.85
CA PRO A 164 9.05 4.18 -2.34
C PRO A 164 9.83 5.28 -1.59
N GLU A 165 9.93 6.44 -2.26
CA GLU A 165 10.66 7.59 -1.76
C GLU A 165 9.71 8.78 -1.65
N GLU A 166 8.76 8.83 -2.59
CA GLU A 166 7.76 9.89 -2.62
C GLU A 166 6.79 9.78 -1.45
N ARG A 167 6.85 8.65 -0.72
CA ARG A 167 6.03 8.42 0.48
C ARG A 167 6.62 9.22 1.65
N LEU A 168 7.95 9.19 1.75
CA LEU A 168 8.68 9.94 2.79
C LEU A 168 8.59 11.44 2.48
N SER A 169 8.92 11.80 1.23
CA SER A 169 8.85 13.21 0.78
C SER A 169 7.42 13.79 0.93
N ALA A 170 6.42 13.04 0.44
CA ALA A 170 5.01 13.47 0.54
C ALA A 170 4.56 13.55 2.00
N ALA A 171 4.99 12.57 2.82
CA ALA A 171 4.66 12.53 4.25
C ALA A 171 5.09 13.83 4.94
N ALA A 172 6.33 14.26 4.65
CA ALA A 172 6.87 15.53 5.17
C ALA A 172 6.03 16.69 4.63
N ALA A 173 5.63 16.57 3.36
CA ALA A 173 4.78 17.56 2.69
C ALA A 173 3.38 17.62 3.32
N ARG A 174 2.93 16.50 3.92
CA ARG A 174 1.63 16.41 4.58
C ARG A 174 1.70 17.08 5.96
N LEU A 175 2.83 16.85 6.66
CA LEU A 175 3.06 17.41 7.99
C LEU A 175 3.30 18.93 7.93
N GLY A 176 3.89 19.39 6.82
CA GLY A 176 4.16 20.81 6.65
C GLY A 176 5.63 21.15 6.73
N VAL A 177 6.43 20.49 5.90
CA VAL A 177 7.88 20.70 5.84
C VAL A 177 8.30 20.98 4.40
N ASN A 178 9.34 21.82 4.24
CA ASN A 178 9.85 22.18 2.91
C ASN A 178 10.89 21.15 2.44
N LEU A 179 10.39 20.00 1.99
CA LEU A 179 11.21 18.90 1.50
C LEU A 179 11.73 19.16 0.08
N SER A 180 10.99 19.96 -0.69
CA SER A 180 11.34 20.31 -2.07
C SER A 180 12.71 20.98 -2.21
N LEU A 181 13.04 21.90 -1.29
CA LEU A 181 14.33 22.60 -1.31
C LEU A 181 15.48 21.73 -0.77
N LEU A 182 15.15 20.78 0.11
CA LEU A 182 16.14 19.87 0.71
C LEU A 182 16.56 18.77 -0.26
N THR A 183 15.60 18.26 -1.04
CA THR A 183 15.86 17.19 -2.02
C THR A 183 16.15 17.76 -3.41
N ALA A 184 15.27 18.70 -3.85
CA ALA A 184 15.37 19.37 -5.17
C ALA A 184 15.36 18.38 -6.34
N GLN A 185 14.35 18.50 -7.21
CA GLN A 185 14.20 17.64 -8.37
C GLN A 185 14.68 18.34 -9.64
N ALA A 186 15.23 17.56 -10.56
CA ALA A 186 15.75 18.09 -11.83
C ALA A 186 14.75 17.86 -12.96
N GLY A 187 14.62 18.87 -13.83
CA GLY A 187 13.70 18.79 -14.96
C GLY A 187 14.16 19.61 -16.15
N HIS A 188 13.63 20.83 -16.26
CA HIS A 188 13.98 21.74 -17.36
C HIS A 188 15.02 22.77 -16.91
N ALA A 189 14.86 23.28 -15.69
CA ALA A 189 15.76 24.28 -15.13
C ALA A 189 16.76 23.63 -14.16
N MET A 1 -19.03 17.20 4.25
CA MET A 1 -18.19 18.24 4.89
C MET A 1 -16.82 17.68 5.27
N LYS A 2 -16.81 16.45 5.80
CA LYS A 2 -15.56 15.79 6.21
C LYS A 2 -15.11 14.77 5.16
N GLN A 3 -13.82 14.86 4.80
CA GLN A 3 -13.24 13.96 3.80
C GLN A 3 -12.46 12.82 4.47
N SER A 4 -11.71 13.15 5.52
CA SER A 4 -10.92 12.17 6.26
C SER A 4 -11.65 11.73 7.53
N SER A 5 -11.35 10.50 7.98
CA SER A 5 -11.97 9.94 9.17
C SER A 5 -11.09 10.20 10.42
N PRO A 6 -11.48 11.17 11.31
CA PRO A 6 -10.73 11.48 12.54
C PRO A 6 -11.12 10.58 13.72
N THR A 7 -11.96 9.61 13.39
CA THR A 7 -12.48 8.65 14.35
C THR A 7 -11.86 7.26 14.12
N TYR A 8 -11.97 6.77 12.88
CA TYR A 8 -11.44 5.45 12.52
C TYR A 8 -10.29 5.57 11.51
N LEU A 9 -9.37 4.60 11.57
CA LEU A 9 -8.21 4.56 10.69
C LEU A 9 -8.41 3.51 9.58
N LYS A 10 -9.51 3.63 8.85
CA LYS A 10 -9.83 2.67 7.77
C LYS A 10 -9.26 3.13 6.42
N HIS A 11 -8.31 4.08 6.47
CA HIS A 11 -7.67 4.66 5.26
C HIS A 11 -6.69 5.79 5.67
N HIS A 12 -5.70 5.44 6.48
CA HIS A 12 -4.69 6.43 6.96
C HIS A 12 -3.29 5.85 6.91
N PHE A 13 -2.26 6.72 6.88
CA PHE A 13 -0.87 6.28 6.82
C PHE A 13 -0.20 6.27 8.18
N LEU A 14 0.55 5.19 8.43
CA LEU A 14 1.30 5.01 9.67
C LEU A 14 2.78 5.22 9.37
N ILE A 15 3.47 5.90 10.27
CA ILE A 15 4.89 6.18 10.10
C ILE A 15 5.67 5.56 11.26
N ALA A 16 6.75 4.85 10.93
CA ALA A 16 7.61 4.19 11.92
C ALA A 16 8.45 5.20 12.72
N MET A 17 8.27 5.21 14.05
CA MET A 17 9.00 6.12 14.92
C MET A 17 10.14 5.39 15.66
N PRO A 18 11.23 6.11 16.10
CA PRO A 18 12.35 5.49 16.82
C PRO A 18 12.08 5.31 18.33
N HIS A 19 10.80 5.06 18.68
CA HIS A 19 10.39 4.88 20.07
C HIS A 19 10.54 3.43 20.54
N MET A 20 10.74 2.50 19.59
CA MET A 20 10.89 1.08 19.92
C MET A 20 12.25 0.56 19.43
N ALA A 21 12.44 -0.76 19.48
CA ALA A 21 13.69 -1.40 19.07
C ALA A 21 13.56 -2.09 17.70
N ASP A 22 12.89 -1.40 16.77
CA ASP A 22 12.68 -1.92 15.42
C ASP A 22 13.49 -1.09 14.38
N PRO A 23 14.83 -1.35 14.24
CA PRO A 23 15.69 -0.63 13.27
C PRO A 23 15.48 -1.07 11.82
N ASN A 24 14.85 -2.24 11.63
CA ASN A 24 14.58 -2.80 10.30
C ASN A 24 13.29 -2.23 9.69
N PHE A 25 12.28 -2.04 10.54
CA PHE A 25 10.97 -1.52 10.11
C PHE A 25 10.91 0.01 10.23
N ALA A 26 12.03 0.65 10.61
CA ALA A 26 12.10 2.10 10.73
C ALA A 26 11.97 2.80 9.38
N GLN A 27 11.66 4.11 9.43
CA GLN A 27 11.49 4.97 8.24
C GLN A 27 10.55 4.39 7.16
N THR A 28 9.53 3.64 7.59
CA THR A 28 8.56 3.05 6.65
C THR A 28 7.16 3.55 6.94
N VAL A 29 6.31 3.56 5.90
CA VAL A 29 4.92 4.02 6.04
C VAL A 29 3.94 2.98 5.45
N THR A 30 2.88 2.74 6.22
CA THR A 30 1.85 1.78 5.85
C THR A 30 0.50 2.47 5.66
N TYR A 31 -0.37 1.84 4.85
CA TYR A 31 -1.70 2.36 4.58
C TYR A 31 -2.72 1.46 5.26
N LEU A 32 -3.47 2.02 6.21
CA LEU A 32 -4.47 1.28 6.97
C LEU A 32 -5.73 1.09 6.13
N VAL A 33 -5.92 -0.18 5.70
CA VAL A 33 -7.06 -0.63 4.88
C VAL A 33 -8.37 -0.52 5.68
N GLU A 34 -8.42 -1.23 6.82
CA GLU A 34 -9.60 -1.24 7.69
C GLU A 34 -9.18 -1.30 9.16
N HIS A 35 -9.61 -0.31 9.94
CA HIS A 35 -9.29 -0.26 11.36
C HIS A 35 -10.46 -0.76 12.21
N ASN A 36 -10.15 -1.69 13.11
CA ASN A 36 -11.16 -2.25 14.01
C ASN A 36 -10.58 -2.43 15.41
N GLU A 37 -11.46 -2.37 16.43
CA GLU A 37 -11.05 -2.54 17.84
C GLU A 37 -10.47 -3.92 18.11
N GLN A 38 -10.83 -4.89 17.27
CA GLN A 38 -10.34 -6.26 17.38
C GLN A 38 -9.09 -6.50 16.52
N GLY A 39 -8.71 -5.49 15.73
CA GLY A 39 -7.55 -5.59 14.86
C GLY A 39 -7.62 -4.65 13.68
N ALA A 40 -6.55 -4.61 12.86
CA ALA A 40 -6.49 -3.72 11.69
C ALA A 40 -5.66 -4.32 10.55
N MET A 41 -6.06 -4.00 9.32
CA MET A 41 -5.35 -4.45 8.12
C MET A 41 -4.88 -3.28 7.31
N GLY A 42 -3.64 -3.36 6.84
CA GLY A 42 -3.06 -2.32 6.02
C GLY A 42 -1.93 -2.82 5.15
N LEU A 43 -1.60 -2.08 4.08
CA LEU A 43 -0.53 -2.48 3.17
C LEU A 43 0.64 -1.51 3.22
N VAL A 44 1.87 -2.06 3.35
CA VAL A 44 3.10 -1.25 3.39
C VAL A 44 3.31 -0.60 2.01
N ILE A 45 3.38 0.73 1.98
CA ILE A 45 3.54 1.44 0.70
C ILE A 45 4.74 2.39 0.70
N ASN A 46 5.91 1.83 1.02
CA ASN A 46 7.17 2.58 1.03
C ASN A 46 8.35 1.67 0.64
N ARG A 47 8.08 0.37 0.41
CA ARG A 47 9.12 -0.60 0.05
C ARG A 47 8.79 -1.45 -1.20
N PRO A 48 9.12 -1.01 -2.46
CA PRO A 48 8.92 -1.83 -3.66
C PRO A 48 9.68 -3.17 -3.59
N SER A 49 9.08 -4.22 -4.16
CA SER A 49 9.68 -5.56 -4.16
C SER A 49 10.45 -5.80 -5.46
N GLY A 50 11.35 -6.80 -5.42
CA GLY A 50 12.16 -7.15 -6.58
C GLY A 50 11.62 -8.37 -7.29
N LEU A 51 10.32 -8.33 -7.60
CA LEU A 51 9.63 -9.43 -8.27
C LEU A 51 8.78 -8.90 -9.42
N ASN A 52 8.49 -9.74 -10.40
CA ASN A 52 7.66 -9.35 -11.54
C ASN A 52 6.32 -10.12 -11.52
N LEU A 53 5.31 -9.57 -12.22
CA LEU A 53 3.97 -10.20 -12.28
C LEU A 53 4.03 -11.63 -12.87
N ALA A 54 5.02 -11.87 -13.72
CA ALA A 54 5.21 -13.19 -14.35
C ALA A 54 5.55 -14.27 -13.31
N GLU A 55 6.43 -13.94 -12.34
CA GLU A 55 6.85 -14.90 -11.31
C GLU A 55 5.69 -15.28 -10.40
N VAL A 56 4.89 -14.29 -9.96
CA VAL A 56 3.71 -14.57 -9.13
C VAL A 56 2.73 -15.42 -9.93
N LEU A 57 2.52 -15.04 -11.20
CA LEU A 57 1.65 -15.78 -12.14
C LEU A 57 2.13 -17.22 -12.28
N GLU A 58 3.46 -17.39 -12.19
CA GLU A 58 4.10 -18.70 -12.30
C GLU A 58 3.98 -19.47 -10.98
N GLN A 59 3.89 -18.72 -9.88
CA GLN A 59 3.75 -19.28 -8.54
C GLN A 59 2.32 -19.75 -8.32
N LEU A 60 1.41 -19.02 -8.98
CA LEU A 60 -0.03 -19.26 -8.94
C LEU A 60 -0.41 -20.45 -9.83
N LYS A 61 0.14 -20.46 -11.06
CA LYS A 61 -0.11 -21.51 -12.01
C LYS A 61 1.21 -22.05 -12.59
N PRO A 62 1.52 -23.34 -12.32
CA PRO A 62 2.76 -23.99 -12.81
C PRO A 62 2.67 -24.40 -14.29
N ASP A 63 1.45 -24.76 -14.71
CA ASP A 63 1.18 -25.19 -16.07
C ASP A 63 0.99 -23.98 -17.01
N ALA A 64 0.80 -22.79 -16.41
CA ALA A 64 0.62 -21.56 -17.17
C ALA A 64 1.96 -20.89 -17.49
N LEU A 65 2.01 -20.19 -18.62
CA LEU A 65 3.20 -19.47 -19.05
C LEU A 65 2.92 -17.97 -19.16
N PRO A 66 3.69 -17.11 -18.43
CA PRO A 66 3.49 -15.65 -18.46
C PRO A 66 4.00 -15.02 -19.77
N PRO A 67 3.39 -13.89 -20.26
CA PRO A 67 3.82 -13.25 -21.50
C PRO A 67 4.80 -12.10 -21.25
N ALA A 68 5.10 -11.35 -22.32
CA ALA A 68 6.01 -10.20 -22.27
C ALA A 68 5.44 -9.06 -21.41
N ARG A 69 4.11 -9.03 -21.26
CA ARG A 69 3.40 -7.99 -20.51
C ARG A 69 3.65 -8.06 -18.99
N CYS A 70 3.53 -9.28 -18.43
CA CYS A 70 3.71 -9.51 -16.98
C CYS A 70 5.17 -9.47 -16.57
N GLN A 71 6.06 -9.77 -17.52
CA GLN A 71 7.51 -9.78 -17.30
C GLN A 71 8.06 -8.38 -17.08
N HIS A 72 7.34 -7.42 -17.66
CA HIS A 72 7.70 -6.01 -17.60
C HIS A 72 6.92 -5.29 -16.49
N ILE A 73 6.40 -6.06 -15.53
CA ILE A 73 5.65 -5.53 -14.39
C ILE A 73 6.30 -5.93 -13.08
N ASP A 74 6.35 -4.99 -12.13
CA ASP A 74 7.00 -5.21 -10.84
C ASP A 74 5.99 -5.43 -9.69
N ILE A 75 6.50 -5.96 -8.57
CA ILE A 75 5.69 -6.24 -7.38
C ILE A 75 6.15 -5.33 -6.21
N TYR A 76 5.21 -5.04 -5.29
CA TYR A 76 5.50 -4.18 -4.13
C TYR A 76 5.37 -4.98 -2.83
N ASN A 77 6.05 -4.53 -1.75
CA ASN A 77 5.97 -5.22 -0.46
C ASN A 77 4.76 -4.73 0.34
N GLY A 78 3.83 -5.65 0.69
CA GLY A 78 2.64 -5.24 1.44
C GLY A 78 2.70 -5.62 2.92
N GLY A 79 3.52 -6.64 3.26
CA GLY A 79 3.67 -7.03 4.65
C GLY A 79 4.10 -8.48 4.80
N PRO A 80 4.04 -9.04 6.04
CA PRO A 80 4.43 -10.42 6.34
C PRO A 80 3.30 -11.45 6.18
N VAL A 81 2.05 -10.97 6.08
CA VAL A 81 0.87 -11.85 5.96
C VAL A 81 0.66 -12.30 4.50
N GLN A 82 0.47 -13.63 4.34
CA GLN A 82 0.25 -14.27 3.01
C GLN A 82 1.27 -13.82 1.94
N THR A 83 2.44 -14.46 1.95
CA THR A 83 3.51 -14.15 0.99
C THR A 83 3.33 -14.91 -0.35
N ASP A 84 2.26 -15.69 -0.46
CA ASP A 84 1.97 -16.46 -1.67
C ASP A 84 1.03 -15.70 -2.62
N ARG A 85 0.33 -14.69 -2.10
CA ARG A 85 -0.59 -13.88 -2.89
C ARG A 85 -0.40 -12.40 -2.64
N GLY A 86 -0.63 -11.61 -3.69
CA GLY A 86 -0.53 -10.17 -3.60
C GLY A 86 -1.86 -9.48 -3.76
N PHE A 87 -1.95 -8.30 -3.16
CA PHE A 87 -3.14 -7.45 -3.18
C PHE A 87 -3.15 -6.55 -4.41
N VAL A 88 -4.36 -6.14 -4.82
CA VAL A 88 -4.53 -5.28 -5.99
C VAL A 88 -5.40 -4.06 -5.61
N LEU A 89 -4.75 -2.91 -5.44
CA LEU A 89 -5.44 -1.67 -5.06
C LEU A 89 -5.70 -0.80 -6.30
N HIS A 90 -6.96 -0.39 -6.49
CA HIS A 90 -7.31 0.46 -7.63
C HIS A 90 -8.11 1.71 -7.19
N PRO A 91 -8.20 2.82 -8.02
CA PRO A 91 -8.93 4.03 -7.65
C PRO A 91 -10.34 4.12 -8.29
N SER A 92 -10.98 2.97 -8.44
CA SER A 92 -12.31 2.88 -9.07
C SER A 92 -13.36 2.34 -8.11
N GLY A 93 -14.63 2.64 -8.41
CA GLY A 93 -15.74 2.17 -7.59
C GLY A 93 -16.39 0.90 -8.15
N LEU A 94 -15.63 0.16 -8.98
CA LEU A 94 -16.12 -1.08 -9.58
C LEU A 94 -15.82 -2.28 -8.66
N SER A 95 -16.63 -3.34 -8.79
CA SER A 95 -16.45 -4.53 -7.96
C SER A 95 -16.26 -5.79 -8.79
N TYR A 96 -15.57 -6.76 -8.18
CA TYR A 96 -15.28 -8.06 -8.81
C TYR A 96 -15.61 -9.20 -7.85
N GLN A 97 -14.91 -10.34 -7.95
CA GLN A 97 -15.13 -11.50 -7.07
C GLN A 97 -14.83 -11.13 -5.60
N SER A 98 -13.67 -10.52 -5.39
CA SER A 98 -13.23 -10.09 -4.06
C SER A 98 -12.72 -8.65 -4.11
N THR A 99 -13.67 -7.71 -4.13
CA THR A 99 -13.34 -6.28 -4.17
C THR A 99 -14.04 -5.51 -3.05
N LEU A 100 -13.22 -4.95 -2.15
CA LEU A 100 -13.70 -4.15 -1.03
C LEU A 100 -13.56 -2.67 -1.37
N GLU A 101 -14.67 -1.94 -1.30
CA GLU A 101 -14.66 -0.51 -1.57
C GLU A 101 -14.26 0.28 -0.33
N LEU A 102 -13.26 1.14 -0.51
CA LEU A 102 -12.72 1.97 0.55
C LEU A 102 -12.87 3.46 0.21
N GLY A 103 -14.08 3.82 -0.19
CA GLY A 103 -14.42 5.19 -0.55
C GLY A 103 -13.73 5.69 -1.80
N GLU A 104 -12.78 6.59 -1.61
CA GLU A 104 -12.01 7.21 -2.71
C GLU A 104 -11.16 6.18 -3.49
N LEU A 105 -11.12 4.94 -2.99
CA LEU A 105 -10.34 3.86 -3.61
C LEU A 105 -10.96 2.50 -3.32
N ALA A 106 -10.62 1.51 -4.14
CA ALA A 106 -11.12 0.14 -3.98
C ALA A 106 -9.96 -0.84 -3.83
N MET A 107 -10.26 -2.00 -3.26
CA MET A 107 -9.28 -3.06 -3.03
C MET A 107 -9.78 -4.35 -3.68
N SER A 108 -8.89 -5.04 -4.40
CA SER A 108 -9.24 -6.28 -5.08
C SER A 108 -8.15 -7.32 -4.85
N THR A 109 -8.58 -8.52 -4.49
CA THR A 109 -7.64 -9.61 -4.22
C THR A 109 -7.99 -10.86 -5.06
N SER A 110 -8.72 -10.63 -6.16
CA SER A 110 -9.15 -11.70 -7.06
C SER A 110 -8.12 -11.97 -8.17
N GLN A 111 -7.77 -13.25 -8.34
CA GLN A 111 -6.81 -13.66 -9.38
C GLN A 111 -7.36 -13.28 -10.77
N ASP A 112 -8.71 -13.23 -10.83
CA ASP A 112 -9.45 -12.84 -12.02
C ASP A 112 -9.15 -11.38 -12.37
N VAL A 113 -9.15 -10.48 -11.36
CA VAL A 113 -8.80 -9.07 -11.58
C VAL A 113 -7.36 -8.98 -12.07
N LEU A 114 -6.45 -9.77 -11.46
CA LEU A 114 -5.02 -9.78 -11.84
C LEU A 114 -4.84 -10.06 -13.34
N PHE A 115 -5.45 -11.15 -13.82
CA PHE A 115 -5.37 -11.54 -15.24
C PHE A 115 -6.03 -10.50 -16.16
N ALA A 116 -7.24 -10.06 -15.76
CA ALA A 116 -8.02 -9.08 -16.52
C ALA A 116 -7.27 -7.75 -16.68
N ILE A 117 -6.80 -7.17 -15.56
CA ILE A 117 -6.07 -5.90 -15.57
C ILE A 117 -4.74 -6.02 -16.33
N ALA A 118 -4.02 -7.12 -16.07
CA ALA A 118 -2.76 -7.37 -16.74
C ALA A 118 -2.98 -7.41 -18.26
N ALA A 119 -4.20 -7.85 -18.66
CA ALA A 119 -4.61 -7.89 -20.06
C ALA A 119 -5.18 -6.53 -20.46
N GLY A 120 -5.58 -5.76 -19.45
CA GLY A 120 -6.12 -4.43 -19.65
C GLY A 120 -7.63 -4.35 -19.61
N THR A 121 -8.26 -5.36 -19.03
CA THR A 121 -9.71 -5.42 -18.93
C THR A 121 -10.22 -5.26 -17.48
N GLY A 122 -9.30 -4.91 -16.57
CA GLY A 122 -9.66 -4.73 -15.17
C GLY A 122 -9.94 -3.27 -14.82
N PRO A 123 -9.46 -2.77 -13.63
CA PRO A 123 -9.69 -1.38 -13.20
C PRO A 123 -8.77 -0.37 -13.87
N GLU A 124 -9.10 0.92 -13.70
CA GLU A 124 -8.36 2.06 -14.26
C GLU A 124 -6.85 1.96 -13.98
N LYS A 125 -6.52 1.90 -12.69
CA LYS A 125 -5.14 1.80 -12.21
C LYS A 125 -5.11 0.80 -11.06
N SER A 126 -3.96 0.18 -10.81
CA SER A 126 -3.86 -0.81 -9.73
C SER A 126 -2.46 -0.87 -9.11
N LEU A 127 -2.40 -1.49 -7.92
CA LEU A 127 -1.16 -1.69 -7.18
C LEU A 127 -1.07 -3.15 -6.76
N ILE A 128 -0.07 -3.85 -7.30
CA ILE A 128 0.15 -5.26 -6.96
C ILE A 128 1.25 -5.36 -5.90
N SER A 129 0.82 -5.69 -4.70
CA SER A 129 1.72 -5.78 -3.56
C SER A 129 1.60 -7.15 -2.89
N LEU A 130 2.74 -7.85 -2.81
CA LEU A 130 2.81 -9.20 -2.21
C LEU A 130 2.55 -9.16 -0.70
N GLY A 131 1.47 -9.84 -0.29
CA GLY A 131 1.08 -9.93 1.11
C GLY A 131 0.58 -8.62 1.70
N TYR A 132 -0.02 -8.72 2.90
CA TYR A 132 -0.54 -7.56 3.62
C TYR A 132 -0.01 -7.51 5.04
N ALA A 133 -0.35 -6.42 5.73
CA ALA A 133 0.03 -6.20 7.11
C ALA A 133 -1.19 -6.30 8.00
N GLY A 134 -1.07 -7.06 9.08
CA GLY A 134 -2.20 -7.23 9.98
C GLY A 134 -1.85 -7.01 11.44
N TRP A 135 -2.79 -6.43 12.17
CA TRP A 135 -2.63 -6.15 13.59
C TRP A 135 -3.72 -6.83 14.40
N GLU A 136 -3.30 -7.48 15.49
CA GLU A 136 -4.21 -8.18 16.40
C GLU A 136 -4.84 -7.19 17.37
N ALA A 137 -5.99 -7.57 17.97
CA ALA A 137 -6.72 -6.73 18.93
C ALA A 137 -5.78 -6.18 20.02
N GLY A 138 -5.77 -4.86 20.18
CA GLY A 138 -4.93 -4.22 21.19
C GLY A 138 -3.51 -3.89 20.71
N GLN A 139 -3.01 -4.64 19.70
CA GLN A 139 -1.66 -4.43 19.15
C GLN A 139 -1.43 -3.00 18.62
N LEU A 140 -2.37 -2.52 17.79
CA LEU A 140 -2.28 -1.17 17.20
C LEU A 140 -2.39 -0.10 18.29
N GLU A 141 -3.43 -0.22 19.14
CA GLU A 141 -3.64 0.71 20.27
C GLU A 141 -2.41 0.74 21.19
N ALA A 142 -1.72 -0.41 21.27
CA ALA A 142 -0.50 -0.58 22.08
C ALA A 142 0.66 0.22 21.48
N GLU A 143 0.89 0.04 20.17
CA GLU A 143 1.96 0.73 19.45
C GLU A 143 1.65 2.22 19.27
N LEU A 144 0.34 2.54 19.24
CA LEU A 144 -0.16 3.90 19.09
C LEU A 144 0.01 4.68 20.40
N SER A 145 -0.23 3.99 21.53
CA SER A 145 -0.09 4.58 22.88
C SER A 145 1.40 4.65 23.26
N ASP A 146 2.17 3.70 22.74
CA ASP A 146 3.61 3.60 22.97
C ASP A 146 4.40 4.55 22.05
N ASN A 147 3.66 5.29 21.20
CA ASN A 147 4.25 6.25 20.22
C ASN A 147 5.20 5.54 19.24
N ALA A 148 4.91 4.27 18.96
CA ALA A 148 5.72 3.45 18.05
C ALA A 148 5.35 3.68 16.59
N TRP A 149 4.03 3.76 16.32
CA TRP A 149 3.53 3.99 14.96
C TRP A 149 2.62 5.21 14.95
N LEU A 150 3.03 6.27 14.25
CA LEU A 150 2.23 7.51 14.17
C LEU A 150 1.20 7.45 13.05
N THR A 151 -0.01 7.95 13.34
CA THR A 151 -1.10 7.97 12.37
C THR A 151 -1.26 9.37 11.78
N CYS A 152 -1.48 9.44 10.46
CA CYS A 152 -1.65 10.72 9.77
C CYS A 152 -2.57 10.59 8.54
N PRO A 153 -3.40 11.64 8.20
CA PRO A 153 -4.28 11.60 7.01
C PRO A 153 -3.45 11.42 5.74
N ALA A 154 -4.01 10.74 4.73
CA ALA A 154 -3.27 10.45 3.51
C ALA A 154 -4.02 10.72 2.21
N ASP A 155 -3.27 10.53 1.11
CA ASP A 155 -3.77 10.68 -0.25
C ASP A 155 -3.34 9.45 -1.08
N PRO A 156 -4.21 8.94 -2.00
CA PRO A 156 -3.90 7.73 -2.80
C PRO A 156 -2.92 7.98 -3.94
N ALA A 157 -2.88 9.23 -4.43
CA ALA A 157 -1.99 9.64 -5.52
C ALA A 157 -0.53 9.20 -5.29
N ILE A 158 -0.06 9.36 -4.04
CA ILE A 158 1.29 8.98 -3.63
C ILE A 158 1.44 7.45 -3.63
N LEU A 159 0.32 6.81 -3.30
CA LEU A 159 0.20 5.37 -3.17
C LEU A 159 0.17 4.67 -4.54
N PHE A 160 -0.54 5.29 -5.51
CA PHE A 160 -0.65 4.73 -6.86
C PHE A 160 0.50 5.13 -7.78
N ASP A 161 1.10 6.32 -7.58
CA ASP A 161 2.22 6.77 -8.42
C ASP A 161 3.56 6.25 -7.90
N LEU A 162 4.05 6.81 -6.78
CA LEU A 162 5.33 6.41 -6.20
C LEU A 162 5.29 6.39 -4.68
N PRO A 163 5.10 5.18 -4.09
CA PRO A 163 5.15 5.03 -2.64
C PRO A 163 6.56 4.67 -2.07
N PRO A 164 7.66 4.50 -2.91
CA PRO A 164 9.00 4.13 -2.40
C PRO A 164 9.75 5.26 -1.67
N GLU A 165 9.88 6.39 -2.35
CA GLU A 165 10.58 7.56 -1.85
C GLU A 165 9.64 8.75 -1.81
N GLU A 166 8.66 8.75 -2.72
CA GLU A 166 7.65 9.79 -2.81
C GLU A 166 6.68 9.71 -1.60
N ARG A 167 6.77 8.60 -0.84
CA ARG A 167 5.95 8.40 0.36
C ARG A 167 6.55 9.24 1.51
N LEU A 168 7.87 9.19 1.63
CA LEU A 168 8.59 9.96 2.65
C LEU A 168 8.51 11.46 2.29
N SER A 169 8.85 11.79 1.03
CA SER A 169 8.79 13.18 0.53
C SER A 169 7.38 13.77 0.67
N ALA A 170 6.35 13.02 0.20
CA ALA A 170 4.96 13.46 0.30
C ALA A 170 4.51 13.61 1.75
N ALA A 171 4.95 12.66 2.61
CA ALA A 171 4.63 12.68 4.05
C ALA A 171 5.09 14.00 4.68
N ALA A 172 6.33 14.40 4.37
CA ALA A 172 6.89 15.67 4.87
C ALA A 172 6.12 16.85 4.26
N ALA A 173 5.71 16.67 2.98
CA ALA A 173 4.92 17.65 2.25
C ALA A 173 3.55 17.87 2.91
N ARG A 174 3.00 16.80 3.53
CA ARG A 174 1.71 16.86 4.23
C ARG A 174 1.88 17.54 5.60
N LEU A 175 2.97 17.19 6.29
CA LEU A 175 3.29 17.74 7.62
C LEU A 175 3.56 19.25 7.55
N GLY A 176 4.14 19.70 6.44
CA GLY A 176 4.44 21.12 6.27
C GLY A 176 5.90 21.40 6.00
N VAL A 177 6.51 20.60 5.12
CA VAL A 177 7.91 20.74 4.76
C VAL A 177 8.04 20.81 3.24
N ASN A 178 8.92 21.71 2.75
CA ASN A 178 9.13 21.87 1.30
C ASN A 178 10.25 20.94 0.80
N LEU A 179 9.86 19.68 0.59
CA LEU A 179 10.77 18.64 0.10
C LEU A 179 11.04 18.74 -1.40
N SER A 180 10.08 19.33 -2.14
CA SER A 180 10.17 19.49 -3.59
C SER A 180 11.40 20.32 -4.02
N LEU A 181 11.66 21.43 -3.32
CA LEU A 181 12.80 22.31 -3.64
C LEU A 181 14.14 21.73 -3.13
N LEU A 182 14.07 20.90 -2.07
CA LEU A 182 15.26 20.28 -1.47
C LEU A 182 15.77 19.10 -2.31
N THR A 183 14.83 18.34 -2.89
CA THR A 183 15.17 17.18 -3.72
C THR A 183 15.24 17.56 -5.21
N ALA A 184 14.20 18.26 -5.69
CA ALA A 184 14.08 18.72 -7.09
C ALA A 184 14.15 17.57 -8.10
N GLN A 185 13.06 17.40 -8.86
CA GLN A 185 12.98 16.33 -9.87
C GLN A 185 13.07 16.91 -11.30
N ALA A 186 13.48 18.18 -11.39
CA ALA A 186 13.62 18.86 -12.68
C ALA A 186 15.01 19.46 -12.83
N GLY A 187 15.51 19.46 -14.07
CA GLY A 187 16.83 19.99 -14.36
C GLY A 187 17.02 20.34 -15.83
N HIS A 188 16.31 21.38 -16.28
CA HIS A 188 16.38 21.84 -17.67
C HIS A 188 16.69 23.33 -17.74
N ALA A 189 17.51 23.71 -18.72
CA ALA A 189 17.89 25.11 -18.92
C ALA A 189 17.09 25.74 -20.05
N MET A 1 -18.66 18.65 4.33
CA MET A 1 -18.30 17.30 3.79
C MET A 1 -16.94 16.85 4.31
N LYS A 2 -16.89 15.60 4.80
CA LYS A 2 -15.66 15.03 5.35
C LYS A 2 -15.11 13.95 4.42
N GLN A 3 -13.82 14.05 4.10
CA GLN A 3 -13.14 13.09 3.23
C GLN A 3 -12.33 12.08 4.04
N SER A 4 -11.63 12.58 5.07
CA SER A 4 -10.81 11.72 5.93
C SER A 4 -11.54 11.40 7.25
N SER A 5 -11.19 10.27 7.84
CA SER A 5 -11.80 9.82 9.09
C SER A 5 -10.97 10.30 10.31
N PRO A 6 -11.45 11.32 11.09
CA PRO A 6 -10.73 11.84 12.26
C PRO A 6 -11.03 11.03 13.52
N THR A 7 -11.74 9.94 13.32
CA THR A 7 -12.16 9.04 14.38
C THR A 7 -11.51 7.65 14.21
N TYR A 8 -11.68 7.06 13.02
CA TYR A 8 -11.12 5.74 12.72
C TYR A 8 -9.99 5.83 11.70
N LEU A 9 -9.07 4.85 11.79
CA LEU A 9 -7.92 4.77 10.89
C LEU A 9 -8.21 3.79 9.75
N LYS A 10 -9.35 3.98 9.10
CA LYS A 10 -9.81 3.09 8.02
C LYS A 10 -9.34 3.60 6.64
N HIS A 11 -8.32 4.48 6.65
CA HIS A 11 -7.78 5.14 5.43
C HIS A 11 -6.73 6.19 5.82
N HIS A 12 -5.70 5.77 6.57
CA HIS A 12 -4.64 6.70 7.03
C HIS A 12 -3.25 6.07 6.94
N PHE A 13 -2.21 6.92 6.94
CA PHE A 13 -0.82 6.45 6.85
C PHE A 13 -0.15 6.41 8.22
N LEU A 14 0.60 5.31 8.44
CA LEU A 14 1.36 5.11 9.66
C LEU A 14 2.84 5.26 9.37
N ILE A 15 3.57 5.88 10.29
CA ILE A 15 5.00 6.10 10.11
C ILE A 15 5.78 5.49 11.28
N ALA A 16 6.89 4.82 10.95
CA ALA A 16 7.75 4.18 11.95
C ALA A 16 8.56 5.21 12.74
N MET A 17 8.35 5.24 14.06
CA MET A 17 9.05 6.17 14.95
C MET A 17 10.23 5.49 15.67
N PRO A 18 11.24 6.28 16.20
CA PRO A 18 12.41 5.71 16.90
C PRO A 18 12.10 5.25 18.34
N HIS A 19 10.82 5.32 18.73
CA HIS A 19 10.38 4.92 20.08
C HIS A 19 10.29 3.40 20.22
N MET A 20 10.32 2.69 19.07
CA MET A 20 10.27 1.23 19.03
C MET A 20 11.66 0.66 18.75
N ALA A 21 11.88 -0.59 19.18
CA ALA A 21 13.16 -1.26 18.99
C ALA A 21 13.19 -2.09 17.70
N ASP A 22 12.77 -1.46 16.60
CA ASP A 22 12.75 -2.12 15.28
C ASP A 22 13.54 -1.28 14.25
N PRO A 23 14.89 -1.53 14.10
CA PRO A 23 15.74 -0.79 13.14
C PRO A 23 15.52 -1.21 11.69
N ASN A 24 14.89 -2.38 11.50
CA ASN A 24 14.60 -2.92 10.17
C ASN A 24 13.31 -2.35 9.59
N PHE A 25 12.33 -2.12 10.47
CA PHE A 25 11.02 -1.58 10.06
C PHE A 25 10.97 -0.05 10.18
N ALA A 26 12.11 0.57 10.54
CA ALA A 26 12.20 2.03 10.68
C ALA A 26 12.05 2.73 9.32
N GLN A 27 11.77 4.05 9.39
CA GLN A 27 11.58 4.93 8.20
C GLN A 27 10.62 4.36 7.14
N THR A 28 9.61 3.61 7.58
CA THR A 28 8.62 3.03 6.65
C THR A 28 7.22 3.58 6.95
N VAL A 29 6.37 3.57 5.92
CA VAL A 29 4.99 4.06 6.05
C VAL A 29 4.00 3.03 5.49
N THR A 30 2.95 2.79 6.28
CA THR A 30 1.89 1.84 5.91
C THR A 30 0.57 2.57 5.67
N TYR A 31 -0.28 1.96 4.84
CA TYR A 31 -1.59 2.49 4.54
C TYR A 31 -2.63 1.63 5.23
N LEU A 32 -3.39 2.23 6.16
CA LEU A 32 -4.40 1.49 6.91
C LEU A 32 -5.69 1.39 6.11
N VAL A 33 -5.95 0.14 5.68
CA VAL A 33 -7.12 -0.24 4.89
C VAL A 33 -8.39 -0.17 5.75
N GLU A 34 -8.48 -1.05 6.75
CA GLU A 34 -9.63 -1.12 7.64
C GLU A 34 -9.19 -1.17 9.10
N HIS A 35 -9.60 -0.18 9.89
CA HIS A 35 -9.25 -0.12 11.30
C HIS A 35 -10.44 -0.55 12.16
N ASN A 36 -10.20 -1.52 13.04
CA ASN A 36 -11.23 -2.03 13.93
C ASN A 36 -10.66 -2.28 15.32
N GLU A 37 -11.52 -2.18 16.34
CA GLU A 37 -11.12 -2.41 17.74
C GLU A 37 -10.67 -3.85 17.99
N GLN A 38 -11.07 -4.75 17.09
CA GLN A 38 -10.72 -6.17 17.17
C GLN A 38 -9.52 -6.49 16.27
N GLY A 39 -9.04 -5.49 15.51
CA GLY A 39 -7.90 -5.68 14.61
C GLY A 39 -7.89 -4.67 13.48
N ALA A 40 -6.80 -4.65 12.70
CA ALA A 40 -6.66 -3.70 11.56
C ALA A 40 -5.84 -4.28 10.41
N MET A 41 -6.21 -3.89 9.18
CA MET A 41 -5.50 -4.31 7.97
C MET A 41 -5.01 -3.12 7.19
N GLY A 42 -3.76 -3.23 6.73
CA GLY A 42 -3.14 -2.18 5.95
C GLY A 42 -2.00 -2.69 5.11
N LEU A 43 -1.63 -1.95 4.06
CA LEU A 43 -0.53 -2.37 3.16
C LEU A 43 0.63 -1.40 3.23
N VAL A 44 1.86 -1.95 3.36
CA VAL A 44 3.09 -1.16 3.39
C VAL A 44 3.31 -0.51 2.02
N ILE A 45 3.41 0.82 1.98
CA ILE A 45 3.57 1.53 0.70
C ILE A 45 4.80 2.46 0.70
N ASN A 46 5.95 1.88 1.03
CA ASN A 46 7.22 2.61 1.05
C ASN A 46 8.40 1.70 0.65
N ARG A 47 8.12 0.41 0.42
CA ARG A 47 9.16 -0.57 0.08
C ARG A 47 8.83 -1.43 -1.17
N PRO A 48 9.16 -0.97 -2.43
CA PRO A 48 8.95 -1.80 -3.65
C PRO A 48 9.73 -3.12 -3.59
N SER A 49 9.12 -4.18 -4.11
CA SER A 49 9.74 -5.51 -4.12
C SER A 49 10.53 -5.74 -5.41
N GLY A 50 11.48 -6.68 -5.35
CA GLY A 50 12.30 -7.03 -6.50
C GLY A 50 11.79 -8.25 -7.22
N LEU A 51 10.49 -8.23 -7.53
CA LEU A 51 9.83 -9.34 -8.21
C LEU A 51 8.95 -8.81 -9.35
N ASN A 52 8.66 -9.66 -10.33
CA ASN A 52 7.80 -9.27 -11.45
C ASN A 52 6.47 -10.02 -11.39
N LEU A 53 5.44 -9.48 -12.06
CA LEU A 53 4.09 -10.09 -12.07
C LEU A 53 4.11 -11.52 -12.63
N ALA A 54 4.95 -11.76 -13.65
CA ALA A 54 5.08 -13.09 -14.29
C ALA A 54 5.36 -14.21 -13.29
N GLU A 55 6.19 -13.92 -12.28
CA GLU A 55 6.55 -14.91 -11.25
C GLU A 55 5.31 -15.29 -10.43
N VAL A 56 4.46 -14.28 -10.13
CA VAL A 56 3.21 -14.52 -9.40
C VAL A 56 2.34 -15.44 -10.26
N LEU A 57 2.17 -15.05 -11.54
CA LEU A 57 1.40 -15.83 -12.54
C LEU A 57 1.88 -17.28 -12.59
N GLU A 58 3.19 -17.45 -12.43
CA GLU A 58 3.83 -18.76 -12.46
C GLU A 58 3.62 -19.51 -11.15
N GLN A 59 3.49 -18.73 -10.07
CA GLN A 59 3.29 -19.27 -8.72
C GLN A 59 1.82 -19.69 -8.55
N LEU A 60 0.97 -18.93 -9.24
CA LEU A 60 -0.48 -19.12 -9.25
C LEU A 60 -0.88 -20.30 -10.14
N LYS A 61 -0.27 -20.35 -11.33
CA LYS A 61 -0.51 -21.40 -12.29
C LYS A 61 0.82 -21.96 -12.82
N PRO A 62 1.10 -23.27 -12.55
CA PRO A 62 2.34 -23.95 -13.00
C PRO A 62 2.31 -24.32 -14.48
N ASP A 63 1.10 -24.66 -14.96
CA ASP A 63 0.88 -25.06 -16.35
C ASP A 63 0.76 -23.84 -17.27
N ALA A 64 0.57 -22.64 -16.66
CA ALA A 64 0.44 -21.40 -17.42
C ALA A 64 1.80 -20.77 -17.70
N LEU A 65 1.87 -20.06 -18.83
CA LEU A 65 3.09 -19.37 -19.24
C LEU A 65 2.84 -17.85 -19.30
N PRO A 66 3.64 -17.03 -18.56
CA PRO A 66 3.47 -15.56 -18.55
C PRO A 66 3.99 -14.91 -19.85
N PRO A 67 3.33 -13.83 -20.37
CA PRO A 67 3.76 -13.16 -21.60
C PRO A 67 4.71 -12.00 -21.31
N ALA A 68 4.99 -11.20 -22.34
CA ALA A 68 5.86 -10.03 -22.24
C ALA A 68 5.28 -8.96 -21.29
N ARG A 69 3.94 -8.96 -21.14
CA ARG A 69 3.22 -7.97 -20.32
C ARG A 69 3.50 -8.07 -18.81
N CYS A 70 3.37 -9.27 -18.24
CA CYS A 70 3.59 -9.48 -16.79
C CYS A 70 5.07 -9.40 -16.39
N GLN A 71 5.95 -9.69 -17.35
CA GLN A 71 7.40 -9.67 -17.13
C GLN A 71 7.94 -8.26 -16.88
N HIS A 72 7.36 -7.27 -17.56
CA HIS A 72 7.79 -5.88 -17.41
C HIS A 72 7.00 -5.15 -16.29
N ILE A 73 6.45 -5.94 -15.37
CA ILE A 73 5.70 -5.42 -14.23
C ILE A 73 6.37 -5.83 -12.93
N ASP A 74 6.41 -4.89 -11.97
CA ASP A 74 7.07 -5.12 -10.68
C ASP A 74 6.08 -5.32 -9.53
N ILE A 75 6.56 -5.98 -8.47
CA ILE A 75 5.78 -6.27 -7.27
C ILE A 75 6.19 -5.32 -6.13
N TYR A 76 5.25 -5.03 -5.20
CA TYR A 76 5.52 -4.15 -4.07
C TYR A 76 5.36 -4.92 -2.75
N ASN A 77 6.03 -4.48 -1.68
CA ASN A 77 5.94 -5.14 -0.36
C ASN A 77 4.73 -4.62 0.41
N GLY A 78 3.78 -5.51 0.77
CA GLY A 78 2.60 -5.07 1.52
C GLY A 78 2.64 -5.41 2.99
N GLY A 79 3.41 -6.43 3.37
CA GLY A 79 3.54 -6.81 4.76
C GLY A 79 3.99 -8.24 4.96
N PRO A 80 3.90 -8.77 6.21
CA PRO A 80 4.32 -10.15 6.54
C PRO A 80 3.21 -11.20 6.36
N VAL A 81 1.95 -10.75 6.16
CA VAL A 81 0.81 -11.65 5.99
C VAL A 81 0.69 -12.09 4.53
N GLN A 82 0.64 -13.43 4.32
CA GLN A 82 0.53 -14.06 2.97
C GLN A 82 1.57 -13.51 1.98
N THR A 83 2.81 -14.01 2.10
CA THR A 83 3.93 -13.59 1.24
C THR A 83 3.94 -14.34 -0.12
N ASP A 84 2.96 -15.22 -0.33
CA ASP A 84 2.86 -16.01 -1.56
C ASP A 84 1.80 -15.46 -2.52
N ARG A 85 1.16 -14.34 -2.15
CA ARG A 85 0.11 -13.75 -3.01
C ARG A 85 0.27 -12.24 -3.19
N GLY A 86 -0.28 -11.76 -4.32
CA GLY A 86 -0.25 -10.36 -4.65
C GLY A 86 -1.63 -9.71 -4.55
N PHE A 87 -1.66 -8.60 -3.82
CA PHE A 87 -2.86 -7.79 -3.59
C PHE A 87 -3.04 -6.79 -4.73
N VAL A 88 -4.31 -6.52 -5.10
CA VAL A 88 -4.59 -5.60 -6.21
C VAL A 88 -5.51 -4.46 -5.74
N LEU A 89 -4.94 -3.27 -5.58
CA LEU A 89 -5.70 -2.09 -5.15
C LEU A 89 -5.87 -1.12 -6.34
N HIS A 90 -7.12 -0.72 -6.61
CA HIS A 90 -7.41 0.19 -7.73
C HIS A 90 -8.15 1.47 -7.24
N PRO A 91 -8.23 2.57 -8.07
CA PRO A 91 -8.91 3.81 -7.68
C PRO A 91 -10.37 3.90 -8.16
N SER A 92 -10.93 2.76 -8.58
CA SER A 92 -12.29 2.68 -9.10
C SER A 92 -13.26 2.12 -8.06
N GLY A 93 -14.54 2.44 -8.23
CA GLY A 93 -15.58 1.96 -7.32
C GLY A 93 -16.31 0.73 -7.86
N LEU A 94 -15.66 0.02 -8.79
CA LEU A 94 -16.23 -1.19 -9.40
C LEU A 94 -15.91 -2.41 -8.53
N SER A 95 -16.76 -3.45 -8.63
CA SER A 95 -16.58 -4.66 -7.83
C SER A 95 -16.35 -5.90 -8.68
N TYR A 96 -15.62 -6.85 -8.10
CA TYR A 96 -15.28 -8.12 -8.75
C TYR A 96 -15.61 -9.29 -7.79
N GLN A 97 -14.87 -10.41 -7.90
CA GLN A 97 -15.08 -11.57 -7.02
C GLN A 97 -14.82 -11.21 -5.55
N SER A 98 -13.69 -10.54 -5.32
CA SER A 98 -13.29 -10.09 -3.98
C SER A 98 -12.79 -8.65 -4.03
N THR A 99 -13.74 -7.71 -4.03
CA THR A 99 -13.42 -6.29 -4.09
C THR A 99 -14.12 -5.52 -2.96
N LEU A 100 -13.30 -4.88 -2.12
CA LEU A 100 -13.77 -4.07 -1.00
C LEU A 100 -13.61 -2.59 -1.33
N GLU A 101 -14.73 -1.86 -1.29
CA GLU A 101 -14.70 -0.42 -1.55
C GLU A 101 -14.22 0.33 -0.31
N LEU A 102 -13.17 1.12 -0.47
CA LEU A 102 -12.56 1.87 0.63
C LEU A 102 -12.22 3.30 0.23
N GLY A 103 -13.29 4.11 0.22
CA GLY A 103 -13.20 5.55 -0.07
C GLY A 103 -12.33 5.92 -1.25
N GLU A 104 -12.97 6.22 -2.39
CA GLU A 104 -12.30 6.59 -3.67
C GLU A 104 -11.39 5.47 -4.23
N LEU A 105 -11.05 4.47 -3.40
CA LEU A 105 -10.22 3.35 -3.84
C LEU A 105 -10.83 2.03 -3.42
N ALA A 106 -10.65 1.03 -4.27
CA ALA A 106 -11.18 -0.32 -4.02
C ALA A 106 -10.04 -1.31 -3.84
N MET A 107 -10.31 -2.41 -3.14
CA MET A 107 -9.30 -3.43 -2.87
C MET A 107 -9.77 -4.75 -3.45
N SER A 108 -8.97 -5.31 -4.33
CA SER A 108 -9.30 -6.57 -4.99
C SER A 108 -8.24 -7.61 -4.71
N THR A 109 -8.69 -8.77 -4.28
CA THR A 109 -7.81 -9.88 -3.95
C THR A 109 -8.09 -11.11 -4.83
N SER A 110 -8.71 -10.84 -6.00
CA SER A 110 -9.06 -11.89 -6.95
C SER A 110 -7.96 -12.08 -8.00
N GLN A 111 -7.52 -13.34 -8.15
CA GLN A 111 -6.50 -13.69 -9.14
C GLN A 111 -7.01 -13.35 -10.54
N ASP A 112 -8.35 -13.39 -10.67
CA ASP A 112 -9.07 -13.06 -11.90
C ASP A 112 -8.81 -11.58 -12.25
N VAL A 113 -8.98 -10.67 -11.27
CA VAL A 113 -8.70 -9.24 -11.50
C VAL A 113 -7.24 -9.05 -11.90
N LEU A 114 -6.33 -9.80 -11.25
CA LEU A 114 -4.88 -9.73 -11.53
C LEU A 114 -4.59 -10.02 -13.02
N PHE A 115 -5.07 -11.17 -13.50
CA PHE A 115 -4.86 -11.57 -14.91
C PHE A 115 -5.62 -10.64 -15.87
N ALA A 116 -6.87 -10.30 -15.50
CA ALA A 116 -7.72 -9.42 -16.31
C ALA A 116 -7.08 -8.05 -16.52
N ILE A 117 -6.65 -7.41 -15.41
CA ILE A 117 -6.01 -6.09 -15.49
C ILE A 117 -4.69 -6.15 -16.24
N ALA A 118 -3.90 -7.19 -15.95
CA ALA A 118 -2.63 -7.39 -16.63
C ALA A 118 -2.85 -7.49 -18.14
N ALA A 119 -4.05 -8.02 -18.51
CA ALA A 119 -4.47 -8.11 -19.91
C ALA A 119 -5.13 -6.82 -20.35
N GLY A 120 -5.57 -6.04 -19.36
CA GLY A 120 -6.19 -4.76 -19.59
C GLY A 120 -7.70 -4.76 -19.53
N THR A 121 -8.27 -5.82 -18.96
CA THR A 121 -9.71 -5.95 -18.84
C THR A 121 -10.20 -5.77 -17.40
N GLY A 122 -9.30 -5.34 -16.50
CA GLY A 122 -9.67 -5.12 -15.11
C GLY A 122 -9.99 -3.66 -14.81
N PRO A 123 -9.53 -3.10 -13.66
CA PRO A 123 -9.80 -1.70 -13.26
C PRO A 123 -8.90 -0.68 -13.96
N GLU A 124 -9.23 0.61 -13.79
CA GLU A 124 -8.49 1.74 -14.36
C GLU A 124 -6.97 1.65 -14.08
N LYS A 125 -6.65 1.58 -12.80
CA LYS A 125 -5.25 1.49 -12.32
C LYS A 125 -5.21 0.52 -11.16
N SER A 126 -4.05 -0.07 -10.88
CA SER A 126 -3.94 -1.04 -9.78
C SER A 126 -2.56 -1.04 -9.14
N LEU A 127 -2.51 -1.60 -7.92
CA LEU A 127 -1.28 -1.74 -7.15
C LEU A 127 -1.13 -3.20 -6.74
N ILE A 128 -0.09 -3.86 -7.25
CA ILE A 128 0.17 -5.25 -6.91
C ILE A 128 1.21 -5.32 -5.79
N SER A 129 0.71 -5.57 -4.59
CA SER A 129 1.53 -5.63 -3.41
C SER A 129 1.43 -7.01 -2.76
N LEU A 130 2.59 -7.66 -2.62
CA LEU A 130 2.70 -9.00 -2.04
C LEU A 130 2.36 -8.99 -0.55
N GLY A 131 1.24 -9.64 -0.22
CA GLY A 131 0.77 -9.74 1.16
C GLY A 131 0.30 -8.42 1.76
N TYR A 132 -0.26 -8.51 2.96
CA TYR A 132 -0.75 -7.33 3.69
C TYR A 132 -0.18 -7.30 5.11
N ALA A 133 -0.55 -6.24 5.82
CA ALA A 133 -0.15 -6.04 7.20
C ALA A 133 -1.38 -6.11 8.09
N GLY A 134 -1.30 -6.91 9.15
CA GLY A 134 -2.43 -7.07 10.04
C GLY A 134 -2.08 -6.86 11.49
N TRP A 135 -3.04 -6.33 12.26
CA TRP A 135 -2.85 -6.08 13.68
C TRP A 135 -3.96 -6.75 14.47
N GLU A 136 -3.57 -7.39 15.59
CA GLU A 136 -4.50 -8.09 16.47
C GLU A 136 -5.20 -7.10 17.41
N ALA A 137 -6.37 -7.49 17.93
CA ALA A 137 -7.19 -6.66 18.84
C ALA A 137 -6.39 -6.08 20.02
N GLY A 138 -5.82 -4.88 19.80
CA GLY A 138 -5.05 -4.21 20.84
C GLY A 138 -3.62 -3.92 20.43
N GLN A 139 -3.10 -4.72 19.48
CA GLN A 139 -1.71 -4.57 18.98
C GLN A 139 -1.42 -3.15 18.45
N LEU A 140 -2.36 -2.62 17.63
CA LEU A 140 -2.20 -1.27 17.06
C LEU A 140 -2.29 -0.22 18.17
N GLU A 141 -3.32 -0.34 19.04
CA GLU A 141 -3.50 0.57 20.18
C GLU A 141 -2.27 0.57 21.09
N ALA A 142 -1.59 -0.58 21.13
CA ALA A 142 -0.37 -0.77 21.91
C ALA A 142 0.80 0.03 21.32
N GLU A 143 1.01 -0.15 19.99
CA GLU A 143 2.08 0.54 19.27
C GLU A 143 1.76 2.04 19.11
N LEU A 144 0.46 2.34 19.09
CA LEU A 144 -0.07 3.70 18.96
C LEU A 144 0.12 4.49 20.27
N SER A 145 -0.11 3.79 21.40
CA SER A 145 0.04 4.40 22.73
C SER A 145 1.52 4.48 23.12
N ASP A 146 2.30 3.51 22.60
CA ASP A 146 3.74 3.42 22.84
C ASP A 146 4.53 4.38 21.93
N ASN A 147 3.79 5.14 21.10
CA ASN A 147 4.36 6.12 20.14
C ASN A 147 5.30 5.43 19.13
N ALA A 148 5.01 4.15 18.84
CA ALA A 148 5.80 3.35 17.90
C ALA A 148 5.40 3.62 16.45
N TRP A 149 4.08 3.73 16.21
CA TRP A 149 3.56 3.98 14.86
C TRP A 149 2.70 5.24 14.87
N LEU A 150 3.18 6.30 14.20
CA LEU A 150 2.44 7.57 14.13
C LEU A 150 1.39 7.56 13.02
N THR A 151 0.20 8.10 13.32
CA THR A 151 -0.90 8.15 12.36
C THR A 151 -1.08 9.56 11.81
N CYS A 152 -1.35 9.63 10.49
CA CYS A 152 -1.55 10.92 9.81
C CYS A 152 -2.47 10.74 8.58
N PRO A 153 -3.19 11.82 8.11
CA PRO A 153 -4.07 11.73 6.92
C PRO A 153 -3.26 11.32 5.68
N ALA A 154 -3.92 10.68 4.71
CA ALA A 154 -3.23 10.21 3.53
C ALA A 154 -3.87 10.64 2.21
N ASP A 155 -3.12 10.42 1.12
CA ASP A 155 -3.55 10.71 -0.23
C ASP A 155 -3.18 9.51 -1.13
N PRO A 156 -4.10 9.05 -2.02
CA PRO A 156 -3.85 7.88 -2.88
C PRO A 156 -2.86 8.15 -4.02
N ALA A 157 -2.79 9.41 -4.43
CA ALA A 157 -1.89 9.86 -5.52
C ALA A 157 -0.44 9.43 -5.26
N ILE A 158 -0.01 9.53 -3.99
CA ILE A 158 1.35 9.13 -3.57
C ILE A 158 1.49 7.61 -3.59
N LEU A 159 0.38 6.95 -3.24
CA LEU A 159 0.28 5.51 -3.14
C LEU A 159 0.26 4.84 -4.52
N PHE A 160 -0.42 5.50 -5.47
CA PHE A 160 -0.56 5.01 -6.84
C PHE A 160 0.63 5.39 -7.75
N ASP A 161 1.22 6.58 -7.56
CA ASP A 161 2.35 7.00 -8.39
C ASP A 161 3.69 6.46 -7.86
N LEU A 162 4.17 6.99 -6.73
CA LEU A 162 5.43 6.55 -6.14
C LEU A 162 5.38 6.51 -4.62
N PRO A 163 5.18 5.29 -4.06
CA PRO A 163 5.21 5.10 -2.61
C PRO A 163 6.62 4.73 -2.04
N PRO A 164 7.73 4.58 -2.87
CA PRO A 164 9.06 4.19 -2.35
C PRO A 164 9.81 5.30 -1.60
N GLU A 165 9.93 6.44 -2.27
CA GLU A 165 10.65 7.61 -1.74
C GLU A 165 9.70 8.81 -1.68
N GLU A 166 8.73 8.82 -2.62
CA GLU A 166 7.73 9.88 -2.69
C GLU A 166 6.77 9.78 -1.49
N ARG A 167 6.84 8.66 -0.76
CA ARG A 167 6.01 8.45 0.45
C ARG A 167 6.61 9.25 1.61
N LEU A 168 7.94 9.22 1.71
CA LEU A 168 8.67 9.97 2.74
C LEU A 168 8.58 11.47 2.44
N SER A 169 8.89 11.84 1.17
CA SER A 169 8.82 13.24 0.72
C SER A 169 7.41 13.81 0.88
N ALA A 170 6.39 13.06 0.40
CA ALA A 170 4.99 13.48 0.50
C ALA A 170 4.54 13.57 1.96
N ALA A 171 4.99 12.58 2.78
CA ALA A 171 4.66 12.55 4.22
C ALA A 171 5.08 13.86 4.89
N ALA A 172 6.33 14.28 4.60
CA ALA A 172 6.87 15.55 5.13
C ALA A 172 6.03 16.72 4.60
N ALA A 173 5.62 16.59 3.32
CA ALA A 173 4.78 17.59 2.65
C ALA A 173 3.37 17.66 3.29
N ARG A 174 2.92 16.53 3.87
CA ARG A 174 1.61 16.45 4.55
C ARG A 174 1.68 17.10 5.93
N LEU A 175 2.81 16.86 6.62
CA LEU A 175 3.04 17.42 7.96
C LEU A 175 3.33 18.92 7.91
N GLY A 176 3.93 19.38 6.81
CA GLY A 176 4.25 20.78 6.63
C GLY A 176 5.70 21.11 6.93
N VAL A 177 6.61 20.44 6.22
CA VAL A 177 8.05 20.64 6.40
C VAL A 177 8.69 20.96 5.04
N ASN A 178 9.79 21.73 5.08
CA ASN A 178 10.50 22.12 3.85
C ASN A 178 11.47 21.01 3.41
N LEU A 179 10.89 19.99 2.77
CA LEU A 179 11.64 18.84 2.26
C LEU A 179 12.37 19.15 0.96
N SER A 180 11.84 20.13 0.20
CA SER A 180 12.40 20.57 -1.08
C SER A 180 13.87 21.00 -0.98
N LEU A 181 14.23 21.69 0.12
CA LEU A 181 15.61 22.17 0.33
C LEU A 181 16.53 21.02 0.78
N LEU A 182 15.95 20.00 1.44
CA LEU A 182 16.70 18.84 1.92
C LEU A 182 17.04 17.87 0.78
N THR A 183 16.12 17.76 -0.20
CA THR A 183 16.33 16.89 -1.37
C THR A 183 17.11 17.60 -2.47
N ALA A 184 16.68 18.83 -2.80
CA ALA A 184 17.33 19.62 -3.84
C ALA A 184 17.69 21.02 -3.33
N GLN A 185 18.98 21.33 -3.32
CA GLN A 185 19.48 22.62 -2.86
C GLN A 185 19.78 23.54 -4.05
N ALA A 186 19.45 24.83 -3.88
CA ALA A 186 19.69 25.83 -4.93
C ALA A 186 20.94 26.64 -4.64
N GLY A 187 21.69 26.95 -5.71
CA GLY A 187 22.91 27.72 -5.58
C GLY A 187 23.93 27.38 -6.65
N HIS A 188 23.97 28.20 -7.70
CA HIS A 188 24.91 28.00 -8.81
C HIS A 188 26.13 28.91 -8.69
N ALA A 189 25.89 30.16 -8.27
CA ALA A 189 26.96 31.14 -8.10
C ALA A 189 27.36 31.27 -6.63
N MET A 1 -6.35 17.36 6.29
CA MET A 1 -7.41 17.53 5.25
C MET A 1 -8.57 16.58 5.51
N LYS A 2 -9.78 17.02 5.16
CA LYS A 2 -10.99 16.22 5.35
C LYS A 2 -11.81 16.16 4.05
N GLN A 3 -12.53 15.05 3.86
CA GLN A 3 -13.35 14.86 2.68
C GLN A 3 -14.79 14.46 3.05
N SER A 4 -14.92 13.44 3.92
CA SER A 4 -16.23 12.96 4.36
C SER A 4 -16.24 12.65 5.85
N SER A 5 -15.26 11.86 6.31
CA SER A 5 -15.15 11.48 7.73
C SER A 5 -13.70 11.61 8.22
N PRO A 6 -13.42 12.41 9.30
CA PRO A 6 -12.06 12.58 9.84
C PRO A 6 -11.74 11.57 10.95
N THR A 7 -12.69 10.66 11.14
CA THR A 7 -12.58 9.63 12.18
C THR A 7 -12.14 8.28 11.60
N TYR A 8 -11.67 7.39 12.50
CA TYR A 8 -11.19 6.03 12.17
C TYR A 8 -9.99 6.04 11.21
N LEU A 9 -9.13 5.03 11.36
CA LEU A 9 -7.93 4.86 10.53
C LEU A 9 -8.21 3.85 9.41
N LYS A 10 -9.34 4.03 8.73
CA LYS A 10 -9.76 3.09 7.68
C LYS A 10 -9.21 3.52 6.29
N HIS A 11 -8.21 4.42 6.30
CA HIS A 11 -7.57 4.97 5.07
C HIS A 11 -6.57 6.09 5.44
N HIS A 12 -5.61 5.74 6.30
CA HIS A 12 -4.59 6.71 6.75
C HIS A 12 -3.18 6.12 6.74
N PHE A 13 -2.16 6.99 6.75
CA PHE A 13 -0.76 6.53 6.73
C PHE A 13 -0.13 6.50 8.12
N LEU A 14 0.60 5.41 8.36
CA LEU A 14 1.33 5.20 9.61
C LEU A 14 2.82 5.35 9.33
N ILE A 15 3.52 6.04 10.20
CA ILE A 15 4.96 6.28 10.05
C ILE A 15 5.69 5.71 11.26
N ALA A 16 6.74 4.92 10.99
CA ALA A 16 7.55 4.31 12.05
C ALA A 16 8.42 5.33 12.77
N MET A 17 8.29 5.36 14.11
CA MET A 17 9.06 6.29 14.94
C MET A 17 10.06 5.56 15.84
N PRO A 18 11.18 6.22 16.29
CA PRO A 18 12.18 5.57 17.17
C PRO A 18 11.73 5.54 18.65
N HIS A 19 10.81 4.62 18.94
CA HIS A 19 10.28 4.45 20.30
C HIS A 19 10.27 2.98 20.72
N MET A 20 10.31 2.07 19.74
CA MET A 20 10.30 0.63 20.00
C MET A 20 11.68 0.01 19.66
N ALA A 21 11.71 -1.32 19.52
CA ALA A 21 12.96 -2.03 19.22
C ALA A 21 13.01 -2.49 17.75
N ASP A 22 12.46 -1.66 16.86
CA ASP A 22 12.44 -1.97 15.42
C ASP A 22 13.38 -1.01 14.64
N PRO A 23 14.71 -1.30 14.60
CA PRO A 23 15.70 -0.47 13.88
C PRO A 23 15.64 -0.63 12.35
N ASN A 24 15.10 -1.76 11.89
CA ASN A 24 14.98 -2.08 10.47
C ASN A 24 13.70 -1.48 9.87
N PHE A 25 12.62 -1.51 10.67
CA PHE A 25 11.31 -1.00 10.25
C PHE A 25 11.13 0.47 10.65
N ALA A 26 12.13 1.04 11.35
CA ALA A 26 12.11 2.44 11.84
C ALA A 26 12.01 3.53 10.75
N GLN A 27 11.90 3.13 9.48
CA GLN A 27 11.83 4.11 8.38
C GLN A 27 10.85 3.67 7.29
N THR A 28 9.72 3.11 7.71
CA THR A 28 8.69 2.65 6.78
C THR A 28 7.34 3.29 7.08
N VAL A 29 6.49 3.34 6.04
CA VAL A 29 5.15 3.91 6.13
C VAL A 29 4.12 2.93 5.55
N THR A 30 3.04 2.72 6.31
CA THR A 30 1.98 1.81 5.91
C THR A 30 0.67 2.55 5.65
N TYR A 31 -0.17 1.95 4.81
CA TYR A 31 -1.48 2.49 4.47
C TYR A 31 -2.53 1.64 5.14
N LEU A 32 -3.33 2.25 6.02
CA LEU A 32 -4.36 1.53 6.76
C LEU A 32 -5.63 1.40 5.93
N VAL A 33 -5.87 0.15 5.51
CA VAL A 33 -7.01 -0.25 4.69
C VAL A 33 -8.32 -0.21 5.51
N GLU A 34 -8.39 -1.06 6.54
CA GLU A 34 -9.57 -1.12 7.40
C GLU A 34 -9.16 -1.15 8.87
N HIS A 35 -9.58 -0.13 9.63
CA HIS A 35 -9.26 -0.04 11.04
C HIS A 35 -10.47 -0.42 11.89
N ASN A 36 -10.25 -1.38 12.80
CA ASN A 36 -11.31 -1.85 13.69
C ASN A 36 -10.76 -2.08 15.09
N GLU A 37 -11.65 -1.93 16.09
CA GLU A 37 -11.27 -2.12 17.52
C GLU A 37 -10.87 -3.58 17.81
N GLN A 38 -11.21 -4.48 16.89
CA GLN A 38 -10.90 -5.91 17.02
C GLN A 38 -9.71 -6.30 16.12
N GLY A 39 -9.18 -5.32 15.37
CA GLY A 39 -8.06 -5.58 14.47
C GLY A 39 -8.01 -4.57 13.33
N ALA A 40 -6.90 -4.58 12.57
CA ALA A 40 -6.73 -3.64 11.44
C ALA A 40 -5.87 -4.24 10.32
N MET A 41 -6.17 -3.82 9.08
CA MET A 41 -5.42 -4.27 7.90
C MET A 41 -4.93 -3.09 7.10
N GLY A 42 -3.69 -3.22 6.65
CA GLY A 42 -3.05 -2.18 5.85
C GLY A 42 -1.91 -2.71 5.02
N LEU A 43 -1.54 -1.98 3.96
CA LEU A 43 -0.44 -2.41 3.08
C LEU A 43 0.73 -1.45 3.16
N VAL A 44 1.94 -2.00 3.35
CA VAL A 44 3.19 -1.20 3.40
C VAL A 44 3.43 -0.57 2.03
N ILE A 45 3.56 0.76 1.99
CA ILE A 45 3.75 1.45 0.70
C ILE A 45 4.98 2.38 0.73
N ASN A 46 6.11 1.77 1.06
CA ASN A 46 7.40 2.49 1.10
C ASN A 46 8.56 1.57 0.71
N ARG A 47 8.27 0.27 0.47
CA ARG A 47 9.30 -0.71 0.12
C ARG A 47 8.95 -1.58 -1.14
N PRO A 48 9.34 -1.15 -2.39
CA PRO A 48 9.14 -2.00 -3.59
C PRO A 48 9.88 -3.33 -3.45
N SER A 49 9.27 -4.45 -3.89
CA SER A 49 9.91 -5.77 -3.76
C SER A 49 10.99 -6.00 -4.82
N GLY A 50 10.64 -5.81 -6.09
CA GLY A 50 11.61 -6.01 -7.18
C GLY A 50 11.25 -7.16 -8.10
N LEU A 51 10.24 -7.94 -7.72
CA LEU A 51 9.77 -9.09 -8.52
C LEU A 51 8.82 -8.61 -9.62
N ASN A 52 8.49 -9.50 -10.56
CA ASN A 52 7.58 -9.14 -11.65
C ASN A 52 6.26 -9.88 -11.55
N LEU A 53 5.21 -9.30 -12.18
CA LEU A 53 3.85 -9.88 -12.18
C LEU A 53 3.81 -11.30 -12.77
N ALA A 54 4.70 -11.57 -13.73
CA ALA A 54 4.80 -12.88 -14.40
C ALA A 54 5.10 -14.02 -13.41
N GLU A 55 5.92 -13.74 -12.38
CA GLU A 55 6.28 -14.73 -11.36
C GLU A 55 5.05 -15.14 -10.56
N VAL A 56 4.22 -14.15 -10.18
CA VAL A 56 2.97 -14.43 -9.44
C VAL A 56 2.10 -15.31 -10.33
N LEU A 57 1.92 -14.87 -11.59
CA LEU A 57 1.14 -15.59 -12.60
C LEU A 57 1.62 -17.03 -12.75
N GLU A 58 2.93 -17.23 -12.61
CA GLU A 58 3.56 -18.54 -12.72
C GLU A 58 3.36 -19.35 -11.44
N GLN A 59 3.25 -18.63 -10.32
CA GLN A 59 3.06 -19.23 -9.00
C GLN A 59 1.60 -19.65 -8.83
N LEU A 60 0.73 -18.86 -9.49
CA LEU A 60 -0.72 -19.05 -9.48
C LEU A 60 -1.11 -20.19 -10.43
N LYS A 61 -0.52 -20.20 -11.63
CA LYS A 61 -0.77 -21.22 -12.62
C LYS A 61 0.55 -21.76 -13.19
N PRO A 62 0.83 -23.07 -12.97
CA PRO A 62 2.06 -23.74 -13.44
C PRO A 62 2.01 -24.08 -14.94
N ASP A 63 0.78 -24.39 -15.41
CA ASP A 63 0.53 -24.74 -16.81
C ASP A 63 0.41 -23.48 -17.68
N ALA A 64 0.23 -22.32 -17.03
CA ALA A 64 0.11 -21.03 -17.75
C ALA A 64 1.47 -20.43 -18.04
N LEU A 65 1.54 -19.69 -19.15
CA LEU A 65 2.78 -19.01 -19.56
C LEU A 65 2.55 -17.50 -19.59
N PRO A 66 3.36 -16.70 -18.83
CA PRO A 66 3.23 -15.24 -18.80
C PRO A 66 3.76 -14.56 -20.08
N PRO A 67 3.18 -13.42 -20.55
CA PRO A 67 3.62 -12.75 -21.76
C PRO A 67 4.64 -11.63 -21.47
N ALA A 68 4.93 -10.83 -22.49
CA ALA A 68 5.86 -9.71 -22.38
C ALA A 68 5.32 -8.60 -21.47
N ARG A 69 3.98 -8.53 -21.34
CA ARG A 69 3.29 -7.50 -20.55
C ARG A 69 3.52 -7.62 -19.03
N CYS A 70 3.39 -8.84 -18.50
CA CYS A 70 3.55 -9.11 -17.06
C CYS A 70 5.02 -9.10 -16.62
N GLN A 71 5.93 -9.38 -17.56
CA GLN A 71 7.36 -9.41 -17.29
C GLN A 71 7.94 -8.03 -17.00
N HIS A 72 7.35 -6.99 -17.61
CA HIS A 72 7.81 -5.63 -17.42
C HIS A 72 7.01 -4.91 -16.31
N ILE A 73 6.42 -5.71 -15.41
CA ILE A 73 5.64 -5.21 -14.29
C ILE A 73 6.29 -5.65 -12.98
N ASP A 74 6.38 -4.73 -12.03
CA ASP A 74 7.03 -4.98 -10.74
C ASP A 74 6.03 -5.20 -9.59
N ILE A 75 6.52 -5.88 -8.54
CA ILE A 75 5.73 -6.19 -7.34
C ILE A 75 6.20 -5.33 -6.16
N TYR A 76 5.28 -4.99 -5.25
CA TYR A 76 5.60 -4.16 -4.09
C TYR A 76 5.41 -4.96 -2.78
N ASN A 77 6.10 -4.54 -1.70
CA ASN A 77 5.98 -5.22 -0.40
C ASN A 77 4.79 -4.67 0.39
N GLY A 78 3.82 -5.54 0.73
CA GLY A 78 2.65 -5.08 1.47
C GLY A 78 2.68 -5.41 2.96
N GLY A 79 3.45 -6.43 3.33
CA GLY A 79 3.57 -6.79 4.73
C GLY A 79 4.04 -8.23 4.94
N PRO A 80 3.94 -8.74 6.19
CA PRO A 80 4.37 -10.10 6.55
C PRO A 80 3.28 -11.17 6.35
N VAL A 81 2.02 -10.74 6.12
CA VAL A 81 0.89 -11.65 5.95
C VAL A 81 0.78 -12.08 4.47
N GLN A 82 0.74 -13.41 4.25
CA GLN A 82 0.63 -14.03 2.89
C GLN A 82 1.66 -13.44 1.90
N THR A 83 2.92 -13.90 2.05
CA THR A 83 4.03 -13.45 1.19
C THR A 83 4.07 -14.17 -0.17
N ASP A 84 3.09 -15.05 -0.42
CA ASP A 84 3.04 -15.81 -1.67
C ASP A 84 1.96 -15.28 -2.63
N ARG A 85 1.30 -14.17 -2.27
CA ARG A 85 0.25 -13.60 -3.13
C ARG A 85 0.36 -12.09 -3.33
N GLY A 86 -0.20 -11.64 -4.45
CA GLY A 86 -0.21 -10.23 -4.80
C GLY A 86 -1.59 -9.60 -4.70
N PHE A 87 -1.63 -8.50 -3.95
CA PHE A 87 -2.85 -7.71 -3.72
C PHE A 87 -3.05 -6.69 -4.84
N VAL A 88 -4.31 -6.44 -5.21
CA VAL A 88 -4.62 -5.50 -6.29
C VAL A 88 -5.54 -4.36 -5.78
N LEU A 89 -4.95 -3.18 -5.59
CA LEU A 89 -5.71 -2.01 -5.11
C LEU A 89 -5.90 -1.00 -6.26
N HIS A 90 -7.15 -0.57 -6.48
CA HIS A 90 -7.47 0.37 -7.56
C HIS A 90 -8.27 1.59 -7.03
N PRO A 91 -8.47 2.70 -7.83
CA PRO A 91 -9.21 3.90 -7.38
C PRO A 91 -10.68 3.92 -7.82
N SER A 92 -11.18 2.76 -8.28
CA SER A 92 -12.56 2.65 -8.77
C SER A 92 -13.46 1.98 -7.73
N GLY A 93 -14.78 2.18 -7.91
CA GLY A 93 -15.76 1.59 -7.01
C GLY A 93 -16.33 0.28 -7.53
N LEU A 94 -15.57 -0.36 -8.44
CA LEU A 94 -15.98 -1.65 -9.03
C LEU A 94 -15.47 -2.81 -8.18
N SER A 95 -16.19 -3.95 -8.24
CA SER A 95 -15.82 -5.13 -7.46
C SER A 95 -15.80 -6.40 -8.31
N TYR A 96 -15.03 -7.39 -7.83
CA TYR A 96 -14.86 -8.68 -8.50
C TYR A 96 -15.26 -9.82 -7.54
N GLN A 97 -14.65 -11.01 -7.70
CA GLN A 97 -14.94 -12.17 -6.83
C GLN A 97 -14.67 -11.85 -5.35
N SER A 98 -13.51 -11.23 -5.10
CA SER A 98 -13.11 -10.84 -3.75
C SER A 98 -12.59 -9.40 -3.75
N THR A 99 -13.53 -8.45 -3.73
CA THR A 99 -13.19 -7.03 -3.75
C THR A 99 -13.94 -6.26 -2.64
N LEU A 100 -13.16 -5.48 -1.89
CA LEU A 100 -13.67 -4.64 -0.81
C LEU A 100 -13.58 -3.17 -1.20
N GLU A 101 -14.72 -2.49 -1.16
CA GLU A 101 -14.77 -1.06 -1.47
C GLU A 101 -14.36 -0.24 -0.26
N LEU A 102 -13.36 0.61 -0.47
CA LEU A 102 -12.84 1.49 0.58
C LEU A 102 -13.01 2.96 0.19
N GLY A 103 -14.20 3.28 -0.31
CA GLY A 103 -14.54 4.65 -0.71
C GLY A 103 -13.68 5.18 -1.84
N GLU A 104 -12.71 6.02 -1.47
CA GLU A 104 -11.77 6.65 -2.44
C GLU A 104 -11.02 5.63 -3.30
N LEU A 105 -11.07 4.35 -2.89
CA LEU A 105 -10.38 3.26 -3.60
C LEU A 105 -10.98 1.91 -3.21
N ALA A 106 -10.73 0.89 -4.05
CA ALA A 106 -11.22 -0.47 -3.82
C ALA A 106 -10.05 -1.44 -3.71
N MET A 107 -10.27 -2.59 -3.08
CA MET A 107 -9.23 -3.59 -2.89
C MET A 107 -9.71 -4.92 -3.49
N SER A 108 -8.87 -5.54 -4.31
CA SER A 108 -9.22 -6.80 -4.96
C SER A 108 -8.16 -7.85 -4.66
N THR A 109 -8.64 -9.01 -4.21
CA THR A 109 -7.76 -10.12 -3.85
C THR A 109 -8.07 -11.37 -4.68
N SER A 110 -8.73 -11.15 -5.84
CA SER A 110 -9.09 -12.23 -6.75
C SER A 110 -8.03 -12.43 -7.83
N GLN A 111 -7.57 -13.69 -7.97
CA GLN A 111 -6.56 -14.04 -8.98
C GLN A 111 -7.10 -13.73 -10.38
N ASP A 112 -8.43 -13.82 -10.51
CA ASP A 112 -9.16 -13.53 -11.74
C ASP A 112 -8.98 -12.05 -12.12
N VAL A 113 -9.02 -11.14 -11.10
CA VAL A 113 -8.80 -9.72 -11.34
C VAL A 113 -7.33 -9.48 -11.71
N LEU A 114 -6.40 -10.22 -11.07
CA LEU A 114 -4.96 -10.10 -11.37
C LEU A 114 -4.71 -10.37 -12.87
N PHE A 115 -5.31 -11.48 -13.36
CA PHE A 115 -5.20 -11.88 -14.77
C PHE A 115 -5.91 -10.87 -15.68
N ALA A 116 -7.11 -10.42 -15.25
CA ALA A 116 -7.91 -9.46 -16.02
C ALA A 116 -7.17 -8.14 -16.23
N ILE A 117 -6.72 -7.52 -15.13
CA ILE A 117 -5.99 -6.24 -15.20
C ILE A 117 -4.67 -6.38 -15.95
N ALA A 118 -3.95 -7.46 -15.66
CA ALA A 118 -2.68 -7.73 -16.33
C ALA A 118 -2.92 -7.81 -17.85
N ALA A 119 -4.13 -8.29 -18.21
CA ALA A 119 -4.55 -8.36 -19.62
C ALA A 119 -5.13 -7.03 -20.06
N GLY A 120 -5.53 -6.23 -19.08
CA GLY A 120 -6.07 -4.91 -19.32
C GLY A 120 -7.58 -4.84 -19.28
N THR A 121 -8.20 -5.85 -18.69
CA THR A 121 -9.65 -5.92 -18.59
C THR A 121 -10.15 -5.68 -17.16
N GLY A 122 -9.23 -5.28 -16.26
CA GLY A 122 -9.59 -5.02 -14.88
C GLY A 122 -9.90 -3.54 -14.63
N PRO A 123 -9.42 -2.95 -13.49
CA PRO A 123 -9.67 -1.53 -13.16
C PRO A 123 -8.75 -0.55 -13.89
N GLU A 124 -9.05 0.75 -13.74
CA GLU A 124 -8.29 1.85 -14.38
C GLU A 124 -6.81 1.81 -14.03
N LYS A 125 -6.54 1.81 -12.73
CA LYS A 125 -5.18 1.81 -12.17
C LYS A 125 -5.15 0.90 -10.95
N SER A 126 -4.09 0.13 -10.79
CA SER A 126 -3.99 -0.78 -9.65
C SER A 126 -2.59 -0.83 -9.04
N LEU A 127 -2.52 -1.41 -7.84
CA LEU A 127 -1.27 -1.57 -7.11
C LEU A 127 -1.14 -3.04 -6.73
N ILE A 128 -0.10 -3.70 -7.24
CA ILE A 128 0.15 -5.10 -6.91
C ILE A 128 1.18 -5.20 -5.80
N SER A 129 0.67 -5.46 -4.61
CA SER A 129 1.50 -5.54 -3.41
C SER A 129 1.41 -6.93 -2.79
N LEU A 130 2.57 -7.59 -2.68
CA LEU A 130 2.69 -8.93 -2.12
C LEU A 130 2.38 -8.94 -0.62
N GLY A 131 1.26 -9.59 -0.27
CA GLY A 131 0.83 -9.71 1.12
C GLY A 131 0.32 -8.41 1.73
N TYR A 132 -0.23 -8.53 2.94
CA TYR A 132 -0.76 -7.38 3.68
C TYR A 132 -0.17 -7.34 5.10
N ALA A 133 -0.55 -6.27 5.82
CA ALA A 133 -0.15 -6.07 7.20
C ALA A 133 -1.38 -6.10 8.08
N GLY A 134 -1.31 -6.87 9.15
CA GLY A 134 -2.45 -7.00 10.05
C GLY A 134 -2.10 -6.76 11.49
N TRP A 135 -3.08 -6.22 12.24
CA TRP A 135 -2.91 -5.93 13.66
C TRP A 135 -4.03 -6.58 14.46
N GLU A 136 -3.66 -7.19 15.59
CA GLU A 136 -4.61 -7.85 16.49
C GLU A 136 -5.32 -6.83 17.38
N ALA A 137 -6.50 -7.22 17.89
CA ALA A 137 -7.33 -6.36 18.77
C ALA A 137 -6.56 -5.76 19.96
N GLY A 138 -5.99 -4.58 19.74
CA GLY A 138 -5.25 -3.89 20.78
C GLY A 138 -3.80 -3.62 20.40
N GLN A 139 -3.26 -4.41 19.46
CA GLN A 139 -1.87 -4.27 19.00
C GLN A 139 -1.60 -2.87 18.42
N LEU A 140 -2.52 -2.38 17.57
CA LEU A 140 -2.38 -1.05 16.95
C LEU A 140 -2.50 0.06 18.00
N GLU A 141 -3.53 -0.04 18.85
CA GLU A 141 -3.75 0.93 19.94
C GLU A 141 -2.55 0.94 20.90
N ALA A 142 -1.88 -0.23 21.00
CA ALA A 142 -0.71 -0.41 21.84
C ALA A 142 0.50 0.34 21.27
N GLU A 143 0.76 0.13 19.97
CA GLU A 143 1.87 0.79 19.26
C GLU A 143 1.59 2.29 19.09
N LEU A 144 0.29 2.64 19.05
CA LEU A 144 -0.17 4.01 18.92
C LEU A 144 -0.01 4.79 20.24
N SER A 145 -0.29 4.09 21.36
CA SER A 145 -0.16 4.68 22.70
C SER A 145 1.30 4.72 23.13
N ASP A 146 2.07 3.76 22.60
CA ASP A 146 3.50 3.63 22.86
C ASP A 146 4.34 4.58 21.98
N ASN A 147 3.64 5.36 21.15
CA ASN A 147 4.25 6.32 20.20
C ASN A 147 5.19 5.62 19.20
N ALA A 148 4.88 4.35 18.91
CA ALA A 148 5.66 3.53 17.99
C ALA A 148 5.29 3.80 16.53
N TRP A 149 3.98 3.91 16.25
CA TRP A 149 3.49 4.16 14.89
C TRP A 149 2.62 5.43 14.87
N LEU A 150 3.11 6.47 14.18
CA LEU A 150 2.39 7.74 14.08
C LEU A 150 1.34 7.71 12.96
N THR A 151 0.17 8.29 13.24
CA THR A 151 -0.93 8.33 12.27
C THR A 151 -1.09 9.72 11.66
N CYS A 152 -1.32 9.75 10.34
CA CYS A 152 -1.51 11.02 9.62
C CYS A 152 -2.39 10.80 8.37
N PRO A 153 -3.10 11.87 7.85
CA PRO A 153 -3.95 11.75 6.64
C PRO A 153 -3.13 11.28 5.43
N ALA A 154 -3.78 10.69 4.44
CA ALA A 154 -3.06 10.16 3.28
C ALA A 154 -3.66 10.60 1.94
N ASP A 155 -2.89 10.37 0.88
CA ASP A 155 -3.28 10.67 -0.49
C ASP A 155 -2.91 9.46 -1.36
N PRO A 156 -3.82 9.00 -2.28
CA PRO A 156 -3.56 7.81 -3.11
C PRO A 156 -2.55 8.06 -4.23
N ALA A 157 -2.44 9.31 -4.66
CA ALA A 157 -1.50 9.71 -5.72
C ALA A 157 -0.06 9.26 -5.43
N ILE A 158 0.33 9.39 -4.15
CA ILE A 158 1.68 8.97 -3.68
C ILE A 158 1.79 7.44 -3.68
N LEU A 159 0.66 6.81 -3.34
CA LEU A 159 0.54 5.37 -3.22
C LEU A 159 0.53 4.68 -4.60
N PHE A 160 -0.13 5.33 -5.57
CA PHE A 160 -0.24 4.81 -6.93
C PHE A 160 0.95 5.18 -7.83
N ASP A 161 1.56 6.36 -7.62
CA ASP A 161 2.71 6.78 -8.44
C ASP A 161 4.03 6.24 -7.89
N LEU A 162 4.50 6.81 -6.76
CA LEU A 162 5.77 6.38 -6.15
C LEU A 162 5.69 6.37 -4.63
N PRO A 163 5.48 5.17 -4.04
CA PRO A 163 5.49 5.01 -2.60
C PRO A 163 6.88 4.60 -2.01
N PRO A 164 8.00 4.42 -2.83
CA PRO A 164 9.32 3.98 -2.30
C PRO A 164 10.08 5.09 -1.52
N GLU A 165 10.21 6.24 -2.17
CA GLU A 165 10.93 7.38 -1.63
C GLU A 165 10.01 8.60 -1.59
N GLU A 166 9.05 8.61 -2.55
CA GLU A 166 8.05 9.69 -2.64
C GLU A 166 7.06 9.60 -1.46
N ARG A 167 7.11 8.48 -0.71
CA ARG A 167 6.26 8.29 0.47
C ARG A 167 6.84 9.11 1.64
N LEU A 168 8.17 9.07 1.76
CA LEU A 168 8.88 9.83 2.80
C LEU A 168 8.80 11.33 2.47
N SER A 169 9.15 11.68 1.20
CA SER A 169 9.10 13.07 0.74
C SER A 169 7.67 13.66 0.85
N ALA A 170 6.67 12.91 0.36
CA ALA A 170 5.26 13.33 0.43
C ALA A 170 4.79 13.44 1.87
N ALA A 171 5.21 12.47 2.71
CA ALA A 171 4.85 12.45 4.15
C ALA A 171 5.26 13.76 4.82
N ALA A 172 6.52 14.19 4.54
CA ALA A 172 7.04 15.45 5.06
C ALA A 172 6.22 16.62 4.51
N ALA A 173 5.84 16.47 3.22
CA ALA A 173 5.01 17.46 2.52
C ALA A 173 3.60 17.55 3.12
N ARG A 174 3.14 16.42 3.72
CA ARG A 174 1.82 16.37 4.36
C ARG A 174 1.87 17.03 5.74
N LEU A 175 2.98 16.80 6.45
CA LEU A 175 3.19 17.37 7.79
C LEU A 175 3.44 18.89 7.73
N GLY A 176 4.06 19.34 6.62
CA GLY A 176 4.34 20.76 6.44
C GLY A 176 5.81 21.09 6.55
N VAL A 177 6.62 20.41 5.75
CA VAL A 177 8.07 20.62 5.73
C VAL A 177 8.52 20.89 4.29
N ASN A 178 9.58 21.72 4.14
CA ASN A 178 10.12 22.06 2.82
C ASN A 178 11.16 21.02 2.38
N LEU A 179 10.65 19.88 1.92
CA LEU A 179 11.49 18.76 1.46
C LEU A 179 12.04 19.00 0.05
N SER A 180 11.32 19.82 -0.74
CA SER A 180 11.70 20.14 -2.13
C SER A 180 13.08 20.80 -2.23
N LEU A 181 13.39 21.73 -1.31
CA LEU A 181 14.69 22.43 -1.31
C LEU A 181 15.82 21.56 -0.74
N LEU A 182 15.47 20.61 0.15
CA LEU A 182 16.44 19.71 0.77
C LEU A 182 16.88 18.58 -0.18
N THR A 183 15.92 18.07 -0.97
CA THR A 183 16.21 16.99 -1.93
C THR A 183 16.52 17.56 -3.33
N ALA A 184 15.67 18.49 -3.79
CA ALA A 184 15.80 19.15 -5.12
C ALA A 184 15.82 18.16 -6.28
N GLN A 185 14.82 18.26 -7.16
CA GLN A 185 14.70 17.38 -8.32
C GLN A 185 15.12 18.11 -9.60
N ALA A 186 15.74 17.37 -10.51
CA ALA A 186 16.21 17.92 -11.79
C ALA A 186 15.58 17.19 -12.98
N GLY A 187 15.52 15.85 -12.89
CA GLY A 187 14.95 15.05 -13.95
C GLY A 187 16.01 14.42 -14.85
N HIS A 188 16.68 15.26 -15.63
CA HIS A 188 17.74 14.81 -16.55
C HIS A 188 19.12 15.08 -15.96
N ALA A 189 20.00 14.09 -16.06
CA ALA A 189 21.36 14.21 -15.55
C ALA A 189 22.35 14.51 -16.68
#